data_9I1J
#
_entry.id   9I1J
#
_cell.length_a   1.00
_cell.length_b   1.00
_cell.length_c   1.00
_cell.angle_alpha   90.00
_cell.angle_beta   90.00
_cell.angle_gamma   90.00
#
_symmetry.space_group_name_H-M   'P 1'
#
loop_
_entity.id
_entity.type
_entity.pdbx_description
1 polymer 'E3 ubiquitin-protein ligase RNF213'
2 polymer 'Ubiquitin-conjugating enzyme E2 L3'
3 non-polymer "ADENOSINE-5'-TRIPHOSPHATE"
4 non-polymer 'MAGNESIUM ION'
5 non-polymer 'ZINC ION'
6 non-polymer "ADENOSINE-5'-DIPHOSPHATE"
#
loop_
_entity_poly.entity_id
_entity_poly.type
_entity_poly.pdbx_seq_one_letter_code
_entity_poly.pdbx_strand_id
1 'polypeptide(L)'
;MASWSHPQFEKGSTSAFNPRDTVTVYFHAIVSRHFGFNPEEHKVYVRGGEGLGQKGWTDACEMYCTQDLHDLGSLVEGKM
DIPRQSLDKPIPYKYVIHRGGSSKDTVEYEFIYEQAQKKGEHVNRCLRVVSTSLGNGDWHQYDDIICMRSTGFFQQAKNR
ILDSTRKELLKGKKQAAVVMLDRIFSVLQPWSDINLQSFMTQFLQFYSVVREPMIHDGRARKWTSLQYEEKEVWTNLWEH
VKKQMAPFLEGKSGESLPADCPVRSKLTLGLSILFMVEAAEFTVPKKDLDSLCYLLIPSAGSPEALHSDLSPVLRIRQRW
RIYLTNLCLRCIDERCDRWLGILPLLHTCMQKSPPKKNSKSQPEDTWAGLEGISFSEFRDKAPTRSQPLQFMQSKMALLR
VDEYLFRSWLSVVPLESLSSYLENSIDYLSDVPVRVLDCLQGISYRLPGLRKISNQNMKKDVENVFKMLMHLVDIYQHRI
FGENLLQIYLTECLTLHETVCNITANHQFFEIPALSAELICKLLELSPPGHTDEGLPEKSYEDLVTSTLQEALATTRNWL
RSLFKSRMLSISSAYVRLTYSEEMAVWRRLVEIGFPEKHGWKGSLLGDMEGRLKQEPPRLQISFFCSSQCRDGGLHDSVS
RSFEKCVIEAVSSACQSQTSVLEGLSCQDLQKFGTLLSAVITKSWPVHNGEPVFDVDEIFKYLLKWPDVRQLFELCGTNE
KIIDNITEEGRQLMATAESVFQKVAGELENGTIVVGQLELILEHQSQFLDIWNLNRRRLPSQEKACDVRSLLKRRRDDLL
FLKQEKRYVESLLRQLGRVKHLVQVDFGNIEIIHSQDLSNKKLNEAVIKLPNSSSYKRETHYCLSPDIREMASKLDSLKD
SHIFQDFWQETAESLNTLDKDPRELKVSLPEVLEYLYNPCYDNFYTLYENLKSGKITFAEVDAIFKDFVDKYDELKNDLK
FMCTMNPQDQKGWISERVGQIKEYHTLHQAVSSAKVILQVRRALGVTGDFSVLNPLLNFADSFEDFGNEKLDQISPQFIK
AKQLLQDISEPRQRCLEELARQTELVAWLHKALEDINELKVFVDLASISAGENDIDVDRVACFHDAVQGYASLLYKMDER
TNFSDFMNHLQELWRALDNDQHLPDKLKDSARNLEWLKTVKESHGSVELSSLSLATAINSRGVYVIEAPKDGQKISPDTV
LRLLLPDGHGYPEALRTYSTEELKELLNKLMLMSGKKDHNSNTEVEKFSEVFSNMQRLVHVFIKLHCAGNMLFRTWTAKV
YCCPDGGIFMNFGLELLSQLTEKGDVIQLLGALCRQMEDFLDNWKTVVAQKRAEHFYLNFYTAEQLVYLSSELRKPRPSE
AALMMLSFIKGKCTVQDLVQATSACESKADRYCLREVMKKLPQQLLSEPSLMGKLQVIMMQSLVYMSAFLPHCLDLDALG
RCLAHLATMGGTPVERPLPKGLQAGQPNLILCGHSEVLPAALAIYMQAPRQPLPTFDEVLLCTPATTIEEVELLLRRCLT
SGSQGHKVYSLLFADQLSYEVGCQAEEFFQSLCTRAHREDYQLVILCDAAREHCYIPSTFSQYKVPLVPQAPLPNIQAYL
QSHYQVPKRLLSAATVFRDGLCVGIVTSERAGVGKSLYVNTLHTKLKAKLRDETVPLKIIRLTEPHLDENQVLSALLPFL
KEKYQKMPVIFHIDISTSVQTGIPIFLFKLLILQYLMDINGKIWRRSPGHLYLVEIPQGLSVQPKRSSKLNARAPLFKFL
DLFPKVTCRPPKEVIDMELTPERSHTDPAMDPVEFCSEAFQRPYQYLKRFHQQQNLDTFQYEKGSVEGSPEECLQHFLIY
CGLINPSWSELRNFAWFLNCQLKDCEASIFCKSAFTGDTLRGFKNFVVTFMILMARDFATPTLHTSDQSPGRQSVTIGEV
VEEDLAPFSLRKRWESEPHPYVFFNGDHMTMTFIGFHLETNNNGYVDAINPSNGKVIKKDVMTKELFDGLRLQRVPFNID
FDNLPRYEKLERLCLALGIEWPIDPDETYELTTDNMLKILAIEMRFRCGIPVIIMGETGCGKTRLIKFLSDLKRGSVEAE
TMKLVKVHGGTTPSMIYSKVKEAERTAFSNKAQHKLDTILFFDEANTTEAVSCIKEILCDRTVDGEHLHEDSGLHIIAAC
NPYRKHSQEMILRLESAGLGYRVSAEETADRLGSIPLRQLVYRVHALPPSLIPLVWDFGQLNDSAEKLYIQQIVQRLVDS
VSVNPSETCVIADVLSASQMFMRKRENECGFVSLRDVERCVKVFRWFHDHSDMLLKELDKFLHESSDSTHTFERDPVLWS
LVMAIGVCYHASLEEKASYRTAIARCFPKPYNSSRAILDEVTHVQDLFLRGAPIRTNIARNLALKENVFMMVICIELKIP
LFLVGKPGSSKSLAKIIVADAMQGQAAFSELFRCLKQVHLVSFQCSPHSTPQGIISTFKQCARFQQGKDLGQYVSVVVLD
EVGLAEDSPKMPLKTLHPLLEDGCIEDDPAPYKKVGFVGISNWALDPAKMNRGIFVSRGSPNEKELIESAEGICSSDRLV
QDKIRGYFAPFAKAYETVCQKQDKEFFGLRDYYSLIKMVFAKAKASKRGLSPQDITHAVLRNFSGKDNIQALSIFTASLP
EARYKEEVSTVELIKQNIYPGPQASSRGLDGAESRYLLVLTRNYVALQILQQTFFEGQQPEIIFGSSFPQDQEYTQICRN
INRVKICMETGKMVVLLNLQNLYESLYDALNQYYVYLGGQKYVDLGLGTHRVKCRVHTAFRLIVIEEKDVVYKQFPVPLI
NRLEKHYLDMNTVLQPWQKSIVQELQQWAHEFADVKADQFIARHKYSPADVFIGYHSDACASVVLQAVERQGCRDLTEEL
YRKVSEEARSILLDCATPDAVVRLSGSSLGSFTAKQLSQEYYYAQQHNSFVDFLQAHLRMTHHECRAVFTEITTFSRLLT
GNDCDVLASELRGLASKPVVLSLQQYDTEYSFLKDVRSWLTNPGKRKVLVIQADFDDGTRSAQLVASAKYTAINEINKTQ
GTKDFVFVYFVTKLSRMGSGTSYVGFHGGLWRSVHIDDLRRSTIMASDVTKLQNVTISQLFKPEDKPEQEEMEIETSQSK
ELAEEQMEVEDSEEMKKASDPRSCDCSQFLDTTRLVQSCVQGAVGMLRDQNESCARNMRRVTILLDLLNEDNTRNASFLR
ESKMRLHVLLNKQEENQVRSLKEWVTREAANQDALQEAGTFRHTLWKRVQDVVTPILASMIAHIDRDGNLELLAQPDSPA
WVQDLWMFIYSDIKFLNISLVLNNTRSNSEMSFILVQSHMNLLKDAYNAVPFSWRIRDYLEELWVQAQYITDTEGLSKKF
VEIFQKTPLGVFLAQFPVAQQQKLLQSYLKDFLLLTMKVSSREELMFLQMALWSCLRELQEASGTPDETYKFPLSLPWVH
LAFQHFRTRLQNFSRILTIHPQVLSSLSQAAEKHSLAGCEMTLDAFAAMACAEMLKGDLLKPSPKAWLQLVKNLSTPLEL
VCSEGYLCDSGSMTRSVIQEVRALWNRIFSIALFVEHVLLGTESHIPELSPLVTTYVSLLDKCLEEDSNLKTCRPFVAVM
TTLCDCKDKASKKFSRFGIQPCFICHGDAQDPVCLPCDHVYCLRCIQTWLIPGQMMCPYCLTDLPDKFSPTVSQDHRKAI
EKHAQFRHMCNSFFVDLVSTMCFKDNTPPEKSVIDTLLSLLFVQKELLRDASQKHREHTKSLSPFDDVVDQTPVIRSVLL
KLLLKYSFHEVKDYIQNYLTQLEKKAFLTEDKTELYLLFISCLEDSVHQKTSAGCRNLEQVLREEGHFLRTYSPGLQGQE
PVRIASVEYLQEVARVRLCLDLAADFLSELQEGSELAEDKRRFLKHVEEFCTRVNNDWHRVYLVRKLSSQRGMEFVQSFS
KQGHPCQWVFPRKVIAQQKDHVSLMDRYLVHGNEYKAVRDATAKAVLECKTLDIGNALMACRSPKPQQTAYLLLALYTEV
AALYRSPNGSLHPEAKQLEAVNKFIKESKILSDPNIRCFARSLVDNTLPLLKIRSANSILKGTVTEMAVHVATILLCGHN
QILKPLRNLAFYPVNMANAFLPTMPEDLLVHARTWRGLENVTWYTCPRGHPCSVGECGRPMQESTCLDCGLPVGGLNHTP
HEGFSAIRNNEDRTQTGHVLGSPQSSGVAEVSDRGQSPVVFILTRLLTHLAMLVGATHNPQALTVIIKPWVQDPQGFLQQ
HIQRDLEQLTKMLGRSADETIHVVHLILSSLLRVQSHGVLNFNAELSTKGCRNNWEKHFETLLLRELKHLDKNLPAINAL
ISQDERISSNPVTKIIYGDPATFLPHLPQKSIIHCSKIWSCRRKITVEYLQHIVEQKNGKETVPVLWHFLQKEAELRLVK
FLPEILALQRDLVKQFQNVSRVEYSSIRGFIHSHSSDGLRKLLHDRITIFLSTWNALRRSLETNGEIKLPKDYCCSDLDL
DAEFEVILPRRQGLGLCGTALVSYLISLHNNMVYTVQKFSNEDNSYSVDISEVADLHVISYEVERDLNPLILSNCQYQVQ
QGGETSQEFDLEKIQRQISSRFLQGKPRLTLKGIPTLVYRRDWNYEHLFMDIKNKMAQSSLPNLAISTISGQLQSYSDAC
EALSIIEITLGFLSTAGGDPGMDLNVYIEEVLRMCDQTAQVLKAFSRCQLRHIIALWQFLSAHKSEQRLRLNKELFREID
VQYKEELSTQHQRLLGTFLNEAGLDAFLLELHEMIVLKLKGPRAANSFNPNWSLKDTLVSYMETKDSDILSEVESQFPEE
ILMSSCISVWKIAATRKWDRQSRGGGHHHHHHHHHH
;
A
2 'polypeptide(L)'
;GWSHPQFEKPGSMAASRRLMKELEEIRKSGMKNFRNIQVDEANLLTWQGLIVPDNPPYDKGAFRIEINFPAEYPFKPPKI
TFKTKIYHPNIDEKGQVCLPVISAENWKPATKTDQVIQSLIALVNDPQPEHPLRADLAEEYSKDRKKFSKNAEEFTKKYG
EKRPVD
;
B
#
# COMPACT_ATOMS: atom_id res chain seq x y z
N VAL A 179 -90.87 -10.21 -23.77
CA VAL A 179 -91.14 -10.52 -22.38
C VAL A 179 -90.21 -11.63 -21.90
N MET A 180 -89.52 -12.27 -22.85
CA MET A 180 -88.54 -13.29 -22.48
C MET A 180 -87.35 -12.70 -21.74
N LEU A 181 -86.95 -11.47 -22.08
CA LEU A 181 -85.92 -10.78 -21.32
C LEU A 181 -86.36 -10.57 -19.87
N ASP A 182 -87.65 -10.35 -19.66
CA ASP A 182 -88.17 -10.26 -18.29
C ASP A 182 -88.00 -11.58 -17.55
N ARG A 183 -88.26 -12.70 -18.21
CA ARG A 183 -88.05 -14.00 -17.59
C ARG A 183 -86.57 -14.22 -17.28
N ILE A 184 -85.68 -13.83 -18.19
CA ILE A 184 -84.26 -13.96 -17.95
C ILE A 184 -83.83 -13.09 -16.78
N PHE A 185 -84.41 -11.89 -16.64
CA PHE A 185 -84.16 -11.04 -15.49
C PHE A 185 -84.60 -11.72 -14.20
N SER A 186 -85.81 -12.30 -14.21
CA SER A 186 -86.32 -12.97 -13.02
C SER A 186 -85.51 -14.19 -12.65
N VAL A 187 -84.84 -14.82 -13.63
CA VAL A 187 -83.97 -15.96 -13.34
C VAL A 187 -82.82 -15.54 -12.42
N LEU A 188 -82.40 -14.27 -12.48
CA LEU A 188 -81.28 -13.82 -11.68
C LEU A 188 -81.54 -13.91 -10.18
N GLN A 189 -82.80 -14.05 -9.76
CA GLN A 189 -83.09 -14.18 -8.34
C GLN A 189 -83.22 -15.65 -7.96
N PRO A 190 -82.63 -16.08 -6.83
CA PRO A 190 -81.79 -15.32 -5.90
C PRO A 190 -80.36 -15.12 -6.41
N TRP A 191 -79.61 -14.23 -5.76
CA TRP A 191 -78.26 -13.89 -6.18
C TRP A 191 -77.27 -14.99 -5.84
N SER A 192 -76.87 -15.78 -6.83
CA SER A 192 -75.94 -16.88 -6.64
C SER A 192 -75.14 -17.09 -7.92
N ASP A 193 -74.04 -17.84 -7.78
CA ASP A 193 -73.18 -18.10 -8.93
C ASP A 193 -73.89 -18.96 -9.98
N ILE A 194 -74.66 -19.96 -9.54
CA ILE A 194 -75.39 -20.81 -10.47
C ILE A 194 -76.43 -20.01 -11.23
N ASN A 195 -77.16 -19.14 -10.52
CA ASN A 195 -78.16 -18.32 -11.18
C ASN A 195 -77.53 -17.33 -12.13
N LEU A 196 -76.38 -16.77 -11.77
CA LEU A 196 -75.68 -15.87 -12.68
C LEU A 196 -75.23 -16.58 -13.95
N GLN A 197 -74.70 -17.80 -13.80
CA GLN A 197 -74.28 -18.57 -14.97
C GLN A 197 -75.46 -18.92 -15.87
N SER A 198 -76.58 -19.34 -15.26
CA SER A 198 -77.76 -19.64 -16.05
C SER A 198 -78.30 -18.39 -16.74
N PHE A 199 -78.23 -17.24 -16.06
CA PHE A 199 -78.65 -15.98 -16.67
C PHE A 199 -77.79 -15.66 -17.88
N MET A 200 -76.48 -15.81 -17.76
CA MET A 200 -75.59 -15.52 -18.89
C MET A 200 -75.85 -16.47 -20.06
N THR A 201 -76.02 -17.76 -19.77
CA THR A 201 -76.31 -18.71 -20.85
C THR A 201 -77.64 -18.39 -21.52
N GLN A 202 -78.67 -18.09 -20.73
CA GLN A 202 -79.99 -17.79 -21.28
C GLN A 202 -79.95 -16.52 -22.12
N PHE A 203 -79.24 -15.49 -21.66
CA PHE A 203 -79.13 -14.27 -22.44
C PHE A 203 -78.36 -14.50 -23.73
N LEU A 204 -77.30 -15.31 -23.69
CA LEU A 204 -76.56 -15.62 -24.90
C LEU A 204 -77.45 -16.33 -25.92
N GLN A 205 -78.24 -17.31 -25.45
CA GLN A 205 -79.17 -17.99 -26.34
C GLN A 205 -80.24 -17.05 -26.87
N PHE A 206 -80.73 -16.14 -26.01
CA PHE A 206 -81.74 -15.17 -26.43
C PHE A 206 -81.20 -14.26 -27.53
N TYR A 207 -79.96 -13.80 -27.39
CA TYR A 207 -79.37 -12.93 -28.39
C TYR A 207 -79.08 -13.70 -29.68
N SER A 208 -78.68 -14.97 -29.55
CA SER A 208 -78.39 -15.77 -30.74
C SER A 208 -79.65 -16.08 -31.53
N VAL A 209 -80.76 -16.36 -30.83
CA VAL A 209 -81.99 -16.77 -31.51
C VAL A 209 -82.68 -15.56 -32.15
N VAL A 210 -82.92 -14.52 -31.36
CA VAL A 210 -83.62 -13.33 -31.86
C VAL A 210 -82.73 -12.56 -32.83
N GLU A 232 -82.64 -2.72 -34.74
CA GLU A 232 -84.00 -2.47 -34.30
C GLU A 232 -84.33 -3.29 -33.06
N VAL A 233 -83.81 -4.52 -33.02
CA VAL A 233 -84.08 -5.41 -31.89
C VAL A 233 -83.49 -4.82 -30.61
N TRP A 234 -82.22 -4.43 -30.65
CA TRP A 234 -81.56 -3.88 -29.48
C TRP A 234 -82.06 -2.49 -29.13
N THR A 235 -82.57 -1.72 -30.10
CA THR A 235 -83.21 -0.45 -29.78
C THR A 235 -84.43 -0.67 -28.89
N ASN A 236 -85.30 -1.60 -29.29
CA ASN A 236 -86.46 -1.93 -28.46
C ASN A 236 -86.03 -2.53 -27.13
N LEU A 237 -84.96 -3.33 -27.12
CA LEU A 237 -84.45 -3.87 -25.87
C LEU A 237 -84.02 -2.76 -24.92
N TRP A 238 -83.31 -1.75 -25.44
CA TRP A 238 -82.87 -0.64 -24.59
C TRP A 238 -84.06 0.19 -24.11
N GLU A 239 -85.05 0.40 -24.98
CA GLU A 239 -86.25 1.12 -24.54
C GLU A 239 -86.99 0.33 -23.47
N HIS A 240 -86.92 -0.99 -23.51
CA HIS A 240 -87.50 -1.81 -22.45
C HIS A 240 -86.70 -1.69 -21.16
N VAL A 241 -85.37 -1.70 -21.26
CA VAL A 241 -84.54 -1.69 -20.05
C VAL A 241 -84.57 -0.31 -19.39
N LYS A 242 -84.90 0.74 -20.14
CA LYS A 242 -85.00 2.06 -19.53
C LYS A 242 -86.13 2.13 -18.52
N LYS A 243 -87.24 1.44 -18.78
CA LYS A 243 -88.35 1.43 -17.83
C LYS A 243 -88.01 0.64 -16.58
N GLN A 244 -87.10 -0.34 -16.68
CA GLN A 244 -86.58 -1.00 -15.50
C GLN A 244 -85.60 -0.11 -14.76
N MET A 245 -84.82 0.68 -15.48
CA MET A 245 -83.87 1.59 -14.87
C MET A 245 -84.56 2.67 -14.04
N ALA A 246 -85.64 3.25 -14.57
CA ALA A 246 -86.21 4.46 -13.99
C ALA A 246 -86.57 4.36 -12.50
N PRO A 247 -87.25 3.30 -12.02
CA PRO A 247 -87.66 3.29 -10.60
C PRO A 247 -86.49 3.40 -9.64
N PHE A 248 -85.36 2.76 -9.94
CA PHE A 248 -84.19 2.90 -9.08
C PHE A 248 -83.66 4.33 -9.07
N LEU A 249 -83.67 5.00 -10.23
CA LEU A 249 -83.24 6.38 -10.29
C LEU A 249 -84.17 7.29 -9.51
N GLU A 250 -85.46 6.96 -9.43
CA GLU A 250 -86.40 7.70 -8.60
C GLU A 250 -86.22 7.44 -7.11
N GLY A 251 -85.15 6.75 -6.72
CA GLY A 251 -84.86 6.51 -5.32
C GLY A 251 -85.43 5.24 -4.75
N LYS A 252 -86.25 4.51 -5.50
CA LYS A 252 -86.88 3.31 -4.98
C LYS A 252 -85.85 2.20 -4.77
N SER A 253 -85.96 1.50 -3.65
CA SER A 253 -85.08 0.39 -3.34
C SER A 253 -85.76 -0.50 -2.32
N GLY A 254 -85.81 -1.80 -2.61
CA GLY A 254 -86.46 -2.76 -1.72
C GLY A 254 -87.95 -2.87 -1.93
N GLU A 255 -88.72 -2.64 -0.86
CA GLU A 255 -90.16 -2.75 -0.94
C GLU A 255 -90.78 -1.68 -1.81
N SER A 256 -90.19 -0.47 -1.82
CA SER A 256 -90.73 0.64 -2.60
C SER A 256 -90.62 0.41 -4.10
N LEU A 257 -89.86 -0.59 -4.54
CA LEU A 257 -89.73 -0.87 -5.96
C LEU A 257 -91.06 -1.40 -6.52
N PRO A 258 -91.30 -1.23 -7.82
CA PRO A 258 -92.54 -1.74 -8.42
C PRO A 258 -92.66 -3.25 -8.25
N ALA A 259 -93.89 -3.71 -8.06
CA ALA A 259 -94.15 -5.14 -7.89
C ALA A 259 -93.77 -5.96 -9.12
N ASP A 260 -93.80 -5.36 -10.31
CA ASP A 260 -93.46 -6.05 -11.53
C ASP A 260 -91.99 -5.94 -11.89
N CYS A 261 -91.17 -5.35 -11.02
CA CYS A 261 -89.75 -5.28 -11.27
C CYS A 261 -89.10 -6.64 -11.05
N PRO A 262 -88.46 -7.23 -12.06
CA PRO A 262 -87.90 -8.58 -11.89
C PRO A 262 -86.63 -8.61 -11.06
N VAL A 263 -85.99 -7.47 -10.83
CA VAL A 263 -84.72 -7.41 -10.09
C VAL A 263 -84.93 -6.51 -8.88
N ARG A 264 -84.53 -7.01 -7.71
CA ARG A 264 -84.68 -6.28 -6.45
C ARG A 264 -83.43 -5.50 -6.07
N SER A 265 -82.25 -6.12 -6.13
CA SER A 265 -81.01 -5.44 -5.84
C SER A 265 -80.61 -4.59 -7.06
N LYS A 266 -79.76 -3.59 -6.85
CA LYS A 266 -79.37 -2.69 -7.92
C LYS A 266 -78.01 -3.02 -8.53
N LEU A 267 -77.04 -3.47 -7.74
CA LEU A 267 -75.78 -3.93 -8.32
C LEU A 267 -76.00 -5.14 -9.20
N THR A 268 -76.98 -5.98 -8.87
CA THR A 268 -77.29 -7.14 -9.71
C THR A 268 -77.75 -6.72 -11.09
N LEU A 269 -78.67 -5.76 -11.16
CA LEU A 269 -79.16 -5.30 -12.47
C LEU A 269 -78.08 -4.50 -13.19
N GLY A 270 -77.23 -3.80 -12.45
CA GLY A 270 -76.09 -3.15 -13.08
C GLY A 270 -75.16 -4.14 -13.75
N LEU A 271 -74.86 -5.24 -13.05
CA LEU A 271 -74.02 -6.28 -13.65
C LEU A 271 -74.72 -6.93 -14.84
N SER A 272 -76.03 -7.15 -14.73
CA SER A 272 -76.76 -7.78 -15.83
C SER A 272 -76.75 -6.90 -17.08
N ILE A 273 -76.98 -5.59 -16.91
CA ILE A 273 -76.97 -4.70 -18.07
C ILE A 273 -75.55 -4.51 -18.60
N LEU A 274 -74.55 -4.59 -17.72
CA LEU A 274 -73.16 -4.58 -18.18
C LEU A 274 -72.88 -5.81 -19.05
N PHE A 275 -73.38 -6.97 -18.63
CA PHE A 275 -73.24 -8.18 -19.43
C PHE A 275 -73.95 -8.02 -20.77
N MET A 276 -75.15 -7.45 -20.75
CA MET A 276 -75.92 -7.27 -21.98
C MET A 276 -75.22 -6.34 -22.96
N VAL A 277 -74.71 -5.21 -22.46
CA VAL A 277 -74.07 -4.24 -23.35
C VAL A 277 -72.69 -4.74 -23.79
N GLU A 278 -72.05 -5.61 -23.02
CA GLU A 278 -70.78 -6.18 -23.44
C GLU A 278 -70.96 -7.15 -24.61
N ALA A 279 -72.00 -7.99 -24.55
CA ALA A 279 -72.26 -8.97 -25.59
C ALA A 279 -72.97 -8.38 -26.81
N ALA A 280 -73.10 -7.06 -26.88
CA ALA A 280 -73.76 -6.40 -28.00
C ALA A 280 -72.86 -5.43 -28.74
N GLU A 281 -71.87 -4.84 -28.09
CA GLU A 281 -70.91 -3.92 -28.70
C GLU A 281 -71.63 -2.73 -29.35
N PHE A 282 -72.45 -2.05 -28.56
CA PHE A 282 -73.17 -0.87 -29.04
C PHE A 282 -72.85 0.35 -28.17
N THR A 283 -73.55 1.45 -28.40
CA THR A 283 -73.33 2.68 -27.66
C THR A 283 -74.55 2.97 -26.81
N VAL A 284 -74.38 3.84 -25.82
CA VAL A 284 -75.42 4.14 -24.84
C VAL A 284 -75.58 5.65 -24.73
N PRO A 285 -76.81 6.16 -24.61
CA PRO A 285 -77.00 7.61 -24.49
C PRO A 285 -76.36 8.17 -23.24
N LYS A 286 -76.00 9.46 -23.33
CA LYS A 286 -75.29 10.12 -22.24
C LYS A 286 -76.14 10.25 -20.99
N LYS A 287 -77.44 10.51 -21.16
CA LYS A 287 -78.32 10.60 -19.99
C LYS A 287 -78.43 9.27 -19.26
N ASP A 288 -78.17 8.16 -19.97
CA ASP A 288 -78.21 6.86 -19.33
C ASP A 288 -76.96 6.58 -18.52
N LEU A 289 -75.89 7.38 -18.69
CA LEU A 289 -74.68 7.14 -17.93
C LEU A 289 -74.88 7.44 -16.44
N ASP A 290 -75.51 8.57 -16.13
CA ASP A 290 -75.79 8.89 -14.74
C ASP A 290 -76.74 7.88 -14.11
N SER A 291 -77.70 7.37 -14.89
CA SER A 291 -78.64 6.37 -14.40
C SER A 291 -77.96 5.03 -14.14
N LEU A 292 -77.02 4.63 -15.00
CA LEU A 292 -76.33 3.36 -14.81
C LEU A 292 -75.31 3.43 -13.69
N CYS A 293 -74.60 4.56 -13.58
CA CYS A 293 -73.55 4.68 -12.57
C CYS A 293 -74.14 4.84 -11.17
N TYR A 294 -75.37 5.33 -11.07
CA TYR A 294 -76.04 5.36 -9.77
C TYR A 294 -76.35 3.96 -9.26
N LEU A 295 -76.28 2.95 -10.13
CA LEU A 295 -76.73 1.61 -9.77
C LEU A 295 -75.61 0.71 -9.27
N LEU A 296 -74.36 1.15 -9.35
CA LEU A 296 -73.25 0.31 -8.91
C LEU A 296 -72.65 0.75 -7.60
N ILE A 297 -73.04 1.91 -7.08
CA ILE A 297 -72.52 2.39 -5.79
C ILE A 297 -73.05 1.48 -4.69
N PRO A 298 -72.19 0.94 -3.83
CA PRO A 298 -72.67 0.10 -2.73
C PRO A 298 -73.23 0.90 -1.58
N SER A 299 -74.35 1.58 -1.81
CA SER A 299 -74.98 2.36 -0.74
C SER A 299 -75.51 1.43 0.34
N ALA A 300 -75.50 1.92 1.58
CA ALA A 300 -75.88 1.16 2.77
C ALA A 300 -74.98 -0.05 2.98
N GLY A 301 -73.79 -0.03 2.39
CA GLY A 301 -72.85 -1.13 2.51
C GLY A 301 -71.55 -0.74 3.19
N SER A 302 -71.65 0.06 4.24
CA SER A 302 -70.44 0.56 4.90
C SER A 302 -69.54 -0.54 5.45
N PRO A 303 -70.03 -1.54 6.18
CA PRO A 303 -69.12 -2.59 6.68
C PRO A 303 -68.53 -3.41 5.54
N GLU A 304 -67.31 -3.90 5.76
CA GLU A 304 -66.66 -4.77 4.79
C GLU A 304 -67.16 -6.20 4.88
N ALA A 305 -67.85 -6.55 5.97
CA ALA A 305 -68.35 -7.92 6.12
C ALA A 305 -69.37 -8.25 5.05
N LEU A 306 -70.27 -7.31 4.74
CA LEU A 306 -71.26 -7.57 3.69
C LEU A 306 -70.61 -7.65 2.32
N HIS A 307 -69.55 -6.86 2.10
CA HIS A 307 -68.80 -6.97 0.85
C HIS A 307 -68.15 -8.34 0.72
N SER A 308 -67.56 -8.85 1.81
CA SER A 308 -66.96 -10.18 1.75
C SER A 308 -68.02 -11.27 1.63
N ASP A 309 -69.24 -11.01 2.13
CA ASP A 309 -70.32 -11.97 1.96
C ASP A 309 -70.88 -11.98 0.54
N LEU A 310 -70.86 -10.82 -0.13
CA LEU A 310 -71.26 -10.75 -1.53
C LEU A 310 -70.16 -11.21 -2.48
N SER A 311 -68.92 -11.25 -2.02
CA SER A 311 -67.82 -11.72 -2.87
C SER A 311 -68.02 -13.13 -3.41
N PRO A 312 -68.48 -14.13 -2.65
CA PRO A 312 -68.65 -15.48 -3.23
C PRO A 312 -69.67 -15.54 -4.36
N VAL A 313 -70.56 -14.55 -4.47
CA VAL A 313 -71.45 -14.52 -5.62
C VAL A 313 -70.72 -13.99 -6.86
N LEU A 314 -69.59 -13.31 -6.66
CA LEU A 314 -68.80 -12.71 -7.73
C LEU A 314 -67.35 -13.21 -7.65
N ARG A 315 -67.19 -14.53 -7.53
CA ARG A 315 -65.87 -15.11 -7.27
C ARG A 315 -64.89 -14.79 -8.40
N ILE A 316 -65.26 -15.10 -9.64
CA ILE A 316 -64.29 -15.05 -10.73
C ILE A 316 -63.94 -13.60 -11.00
N ARG A 317 -62.66 -13.34 -11.31
CA ARG A 317 -62.03 -12.08 -10.94
C ARG A 317 -61.82 -11.10 -12.08
N GLN A 318 -61.33 -11.54 -13.24
CA GLN A 318 -60.76 -10.61 -14.21
C GLN A 318 -61.69 -10.28 -15.38
N ARG A 319 -62.61 -11.17 -15.76
CA ARG A 319 -63.53 -10.79 -16.83
C ARG A 319 -64.41 -9.62 -16.42
N TRP A 320 -64.94 -9.65 -15.20
CA TRP A 320 -65.62 -8.48 -14.63
C TRP A 320 -64.67 -7.31 -14.43
N ARG A 321 -63.39 -7.56 -14.20
CA ARG A 321 -62.42 -6.46 -14.26
C ARG A 321 -62.41 -5.84 -15.65
N ILE A 322 -62.44 -6.68 -16.68
CA ILE A 322 -62.43 -6.18 -18.06
C ILE A 322 -63.70 -5.37 -18.34
N TYR A 323 -64.86 -5.88 -17.92
CA TYR A 323 -66.10 -5.15 -18.16
C TYR A 323 -66.12 -3.83 -17.40
N LEU A 324 -65.62 -3.82 -16.16
CA LEU A 324 -65.55 -2.56 -15.42
C LEU A 324 -64.58 -1.59 -16.06
N THR A 325 -63.47 -2.10 -16.61
CA THR A 325 -62.51 -1.23 -17.29
C THR A 325 -63.12 -0.61 -18.53
N ASN A 326 -63.84 -1.40 -19.34
CA ASN A 326 -64.44 -0.83 -20.53
C ASN A 326 -65.64 0.05 -20.20
N LEU A 327 -66.28 -0.18 -19.05
CA LEU A 327 -67.30 0.74 -18.57
C LEU A 327 -66.69 2.08 -18.17
N CYS A 328 -65.53 2.03 -17.49
CA CYS A 328 -64.85 3.26 -17.10
C CYS A 328 -64.34 4.02 -18.33
N LEU A 329 -63.81 3.30 -19.32
CA LEU A 329 -63.33 3.96 -20.52
C LEU A 329 -64.47 4.47 -21.38
N ARG A 330 -65.63 3.80 -21.32
CA ARG A 330 -66.80 4.26 -22.05
C ARG A 330 -67.47 5.45 -21.38
N CYS A 331 -67.33 5.57 -20.05
CA CYS A 331 -67.78 6.76 -19.34
C CYS A 331 -66.69 7.82 -19.24
N ILE A 332 -65.67 7.76 -20.09
CA ILE A 332 -64.62 8.78 -20.17
C ILE A 332 -65.22 10.05 -20.75
N ASP A 333 -66.45 9.97 -21.25
CA ASP A 333 -67.13 11.11 -21.83
C ASP A 333 -67.28 12.22 -20.79
N GLU A 334 -67.68 13.40 -21.26
CA GLU A 334 -67.68 14.59 -20.42
C GLU A 334 -68.92 14.68 -19.54
N ARG A 335 -69.23 13.59 -18.83
CA ARG A 335 -70.18 13.64 -17.72
C ARG A 335 -69.48 13.31 -16.41
N CYS A 336 -68.86 12.13 -16.31
CA CYS A 336 -67.96 11.73 -15.23
C CYS A 336 -68.41 12.25 -13.87
N ASP A 337 -69.64 11.90 -13.50
CA ASP A 337 -70.25 12.39 -12.27
C ASP A 337 -70.37 11.29 -11.21
N ARG A 338 -71.03 10.19 -11.53
CA ARG A 338 -71.23 9.10 -10.59
C ARG A 338 -70.24 7.96 -10.81
N TRP A 339 -69.17 8.21 -11.58
CA TRP A 339 -68.15 7.22 -11.89
C TRP A 339 -67.41 6.73 -10.65
N LEU A 340 -67.12 7.61 -9.70
CA LEU A 340 -66.19 7.34 -8.61
C LEU A 340 -66.69 6.24 -7.67
N GLY A 341 -67.95 5.84 -7.75
CA GLY A 341 -68.46 4.79 -6.90
C GLY A 341 -68.13 3.37 -7.31
N ILE A 342 -67.50 3.17 -8.48
CA ILE A 342 -67.16 1.83 -8.95
C ILE A 342 -65.85 1.32 -8.36
N LEU A 343 -64.89 2.20 -8.05
CA LEU A 343 -63.63 1.78 -7.48
C LEU A 343 -63.77 0.96 -6.19
N PRO A 344 -64.71 1.24 -5.29
CA PRO A 344 -64.89 0.32 -4.13
C PRO A 344 -65.07 -1.13 -4.54
N LEU A 345 -65.90 -1.41 -5.54
CA LEU A 345 -66.03 -2.79 -6.02
C LEU A 345 -64.78 -3.23 -6.79
N LEU A 346 -64.11 -2.29 -7.46
CA LEU A 346 -62.89 -2.62 -8.18
C LEU A 346 -61.72 -2.90 -7.23
N HIS A 347 -61.90 -2.66 -5.93
CA HIS A 347 -60.85 -2.90 -4.96
C HIS A 347 -61.24 -3.89 -3.86
N THR A 348 -62.53 -4.16 -3.65
CA THR A 348 -62.94 -5.20 -2.72
C THR A 348 -62.50 -6.59 -3.16
N CYS A 349 -62.28 -6.80 -4.46
CA CYS A 349 -61.73 -8.03 -4.99
C CYS A 349 -60.31 -7.84 -5.49
N MET A 350 -59.52 -7.06 -4.74
CA MET A 350 -58.13 -6.79 -5.10
C MET A 350 -57.27 -6.92 -3.86
N GLN A 351 -55.95 -6.92 -4.08
CA GLN A 351 -54.98 -7.07 -2.99
C GLN A 351 -55.07 -5.89 -2.02
N LYS A 352 -54.72 -6.15 -0.76
CA LYS A 352 -54.74 -5.15 0.29
C LYS A 352 -53.64 -4.11 0.04
N SER A 353 -53.48 -3.17 0.96
CA SER A 353 -52.49 -2.11 0.76
C SER A 353 -51.08 -2.67 0.87
N PRO A 354 -50.26 -2.52 -0.17
CA PRO A 354 -48.85 -2.93 -0.06
C PRO A 354 -48.08 -1.96 0.79
N PRO A 355 -47.27 -2.46 1.73
CA PRO A 355 -46.51 -1.58 2.65
C PRO A 355 -45.16 -1.13 2.13
N LYS A 356 -44.87 -1.28 0.83
CA LYS A 356 -43.56 -0.94 0.32
C LYS A 356 -43.43 0.56 0.08
N LYS A 357 -42.22 0.97 -0.29
CA LYS A 357 -41.90 2.38 -0.46
C LYS A 357 -42.35 2.88 -1.83
N ASN A 358 -42.34 4.20 -1.99
CA ASN A 358 -42.64 4.82 -3.27
C ASN A 358 -41.53 4.52 -4.28
N SER A 359 -41.95 4.33 -5.54
CA SER A 359 -41.11 4.13 -6.72
C SER A 359 -40.26 2.88 -6.64
N LYS A 360 -40.42 2.04 -5.61
CA LYS A 360 -39.76 0.75 -5.57
C LYS A 360 -40.63 -0.34 -6.16
N SER A 361 -41.90 -0.42 -5.72
CA SER A 361 -42.81 -1.43 -6.22
C SER A 361 -43.13 -1.25 -7.70
N GLN A 362 -43.78 -0.14 -8.05
CA GLN A 362 -44.30 0.10 -9.39
C GLN A 362 -44.89 1.51 -9.48
N PRO A 363 -45.22 2.02 -10.68
CA PRO A 363 -45.76 3.38 -10.77
C PRO A 363 -47.14 3.56 -10.13
N GLU A 364 -47.68 4.78 -10.25
CA GLU A 364 -48.88 5.16 -9.51
C GLU A 364 -50.11 4.34 -9.91
N ASP A 365 -50.11 3.76 -11.11
CA ASP A 365 -51.30 3.09 -11.61
C ASP A 365 -51.70 1.93 -10.71
N THR A 366 -50.73 1.13 -10.26
CA THR A 366 -51.05 0.01 -9.39
C THR A 366 -51.18 0.43 -7.93
N TRP A 367 -50.53 1.53 -7.54
CA TRP A 367 -50.70 2.02 -6.18
C TRP A 367 -52.12 2.51 -5.96
N ALA A 368 -52.69 3.18 -6.96
CA ALA A 368 -54.12 3.51 -6.90
C ALA A 368 -54.99 2.28 -7.14
N GLY A 369 -54.44 1.25 -7.78
CA GLY A 369 -55.17 0.03 -8.04
C GLY A 369 -55.99 0.03 -9.30
N LEU A 370 -55.74 0.96 -10.22
CA LEU A 370 -56.53 1.03 -11.46
C LEU A 370 -55.85 0.26 -12.60
N GLU A 371 -54.63 0.68 -12.96
CA GLU A 371 -53.79 0.00 -13.94
C GLU A 371 -54.41 -0.03 -15.34
N GLY A 372 -55.56 0.62 -15.53
CA GLY A 372 -56.21 0.59 -16.82
C GLY A 372 -56.85 1.91 -17.23
N ILE A 373 -56.72 2.93 -16.38
CA ILE A 373 -57.27 4.24 -16.64
C ILE A 373 -56.16 5.27 -16.54
N SER A 374 -56.03 6.09 -17.58
CA SER A 374 -55.03 7.16 -17.62
C SER A 374 -55.70 8.43 -17.10
N PHE A 375 -55.40 8.79 -15.86
CA PHE A 375 -55.93 10.00 -15.25
C PHE A 375 -54.98 11.19 -15.40
N SER A 376 -53.89 11.02 -16.14
CA SER A 376 -52.92 12.11 -16.30
C SER A 376 -53.51 13.30 -17.03
N GLU A 377 -54.37 13.04 -18.03
CA GLU A 377 -54.95 14.15 -18.78
C GLU A 377 -55.98 14.93 -17.97
N PHE A 378 -56.68 14.27 -17.05
CA PHE A 378 -57.66 14.97 -16.23
C PHE A 378 -57.01 15.85 -15.16
N ARG A 379 -55.94 15.37 -14.54
CA ARG A 379 -55.26 16.16 -13.51
C ARG A 379 -54.54 17.35 -14.13
N ASP A 380 -54.22 17.28 -15.42
CA ASP A 380 -53.49 18.35 -16.11
C ASP A 380 -54.34 18.81 -17.30
N LYS A 381 -55.24 19.74 -17.04
CA LYS A 381 -56.11 20.33 -18.06
C LYS A 381 -56.76 21.57 -17.46
N ALA A 382 -57.73 22.12 -18.18
CA ALA A 382 -58.51 23.25 -17.67
C ALA A 382 -59.60 22.71 -16.76
N PRO A 383 -59.60 23.02 -15.47
CA PRO A 383 -60.59 22.43 -14.57
C PRO A 383 -61.94 23.14 -14.63
N THR A 384 -62.75 22.81 -15.64
CA THR A 384 -64.08 23.37 -15.77
C THR A 384 -65.15 22.55 -15.05
N ARG A 385 -64.81 21.36 -14.56
CA ARG A 385 -65.75 20.49 -13.87
C ARG A 385 -65.30 20.36 -12.42
N SER A 386 -66.01 21.05 -11.52
CA SER A 386 -65.72 21.02 -10.09
C SER A 386 -66.58 20.01 -9.34
N GLN A 387 -67.35 19.19 -10.06
CA GLN A 387 -68.25 18.19 -9.49
C GLN A 387 -67.56 17.22 -8.53
N PRO A 388 -66.33 16.77 -8.80
CA PRO A 388 -65.67 15.86 -7.85
C PRO A 388 -65.64 16.36 -6.42
N LEU A 389 -65.46 17.66 -6.19
CA LEU A 389 -65.42 18.16 -4.81
C LEU A 389 -66.77 18.02 -4.12
N GLN A 390 -67.85 18.43 -4.78
CA GLN A 390 -69.18 18.27 -4.18
C GLN A 390 -69.53 16.80 -3.98
N PHE A 391 -69.15 15.94 -4.93
CA PHE A 391 -69.36 14.51 -4.72
C PHE A 391 -68.55 14.00 -3.54
N MET A 392 -67.34 14.54 -3.35
CA MET A 392 -66.50 14.19 -2.21
C MET A 392 -67.19 14.53 -0.89
N GLN A 393 -67.73 15.73 -0.80
CA GLN A 393 -68.47 16.08 0.41
C GLN A 393 -69.86 15.45 0.48
N SER A 394 -70.33 14.80 -0.60
CA SER A 394 -71.63 14.16 -0.55
C SER A 394 -71.52 12.71 -0.09
N LYS A 395 -70.55 11.96 -0.61
CA LYS A 395 -70.38 10.54 -0.29
C LYS A 395 -69.07 10.30 0.46
N MET A 396 -68.77 11.18 1.42
CA MET A 396 -67.50 11.08 2.14
C MET A 396 -67.37 9.79 2.93
N ALA A 397 -68.47 9.29 3.50
CA ALA A 397 -68.44 8.14 4.39
C ALA A 397 -68.33 6.81 3.66
N LEU A 398 -67.94 6.82 2.39
CA LEU A 398 -67.81 5.57 1.64
C LEU A 398 -66.51 4.84 2.00
N LEU A 399 -65.44 5.57 2.27
CA LEU A 399 -64.11 4.99 2.32
C LEU A 399 -63.90 4.04 3.50
N ARG A 400 -64.89 3.88 4.39
CA ARG A 400 -64.78 2.84 5.40
C ARG A 400 -64.91 1.45 4.80
N VAL A 401 -65.47 1.32 3.60
CA VAL A 401 -65.70 -0.01 3.02
C VAL A 401 -64.40 -0.72 2.69
N ASP A 402 -63.37 0.00 2.25
CA ASP A 402 -62.08 -0.61 1.92
C ASP A 402 -61.01 0.47 2.00
N GLU A 403 -59.76 0.07 1.74
CA GLU A 403 -58.61 0.93 1.97
C GLU A 403 -58.01 1.52 0.69
N TYR A 404 -58.12 0.84 -0.45
CA TYR A 404 -57.56 1.35 -1.69
C TYR A 404 -58.25 2.62 -2.18
N LEU A 405 -59.44 2.93 -1.67
CA LEU A 405 -60.19 4.08 -2.17
C LEU A 405 -59.46 5.39 -1.87
N PHE A 406 -58.80 5.48 -0.72
CA PHE A 406 -58.08 6.71 -0.40
C PHE A 406 -56.99 6.99 -1.43
N ARG A 407 -56.22 5.97 -1.80
CA ARG A 407 -55.18 6.13 -2.82
C ARG A 407 -55.79 6.45 -4.18
N SER A 408 -56.78 5.65 -4.59
CA SER A 408 -57.37 5.84 -5.92
C SER A 408 -58.10 7.18 -6.04
N TRP A 409 -58.49 7.77 -4.91
CA TRP A 409 -59.17 9.06 -4.89
C TRP A 409 -58.19 10.23 -4.81
N LEU A 410 -57.09 10.04 -4.08
CA LEU A 410 -56.02 11.04 -4.09
C LEU A 410 -55.36 11.12 -5.46
N SER A 411 -55.37 10.03 -6.21
CA SER A 411 -54.79 10.05 -7.55
C SER A 411 -55.54 11.01 -8.47
N VAL A 412 -56.87 11.02 -8.38
CA VAL A 412 -57.70 11.72 -9.37
C VAL A 412 -58.05 13.16 -8.98
N VAL A 413 -57.87 13.54 -7.72
CA VAL A 413 -58.26 14.90 -7.31
C VAL A 413 -57.27 15.90 -7.90
N PRO A 414 -57.73 17.02 -8.44
CA PRO A 414 -56.80 18.02 -8.99
C PRO A 414 -55.98 18.69 -7.91
N LEU A 415 -54.99 19.45 -8.36
CA LEU A 415 -54.04 20.09 -7.44
C LEU A 415 -54.74 21.16 -6.58
N GLU A 416 -55.55 22.01 -7.19
CA GLU A 416 -56.17 23.11 -6.47
C GLU A 416 -57.14 22.65 -5.41
N SER A 417 -57.76 21.48 -5.59
CA SER A 417 -58.72 20.94 -4.63
C SER A 417 -58.10 19.89 -3.72
N LEU A 418 -56.81 19.59 -3.88
CA LEU A 418 -56.20 18.58 -3.04
C LEU A 418 -56.08 19.04 -1.59
N SER A 419 -55.87 20.34 -1.37
CA SER A 419 -55.83 20.84 0.00
C SER A 419 -57.16 20.65 0.71
N SER A 420 -58.27 20.94 0.01
CA SER A 420 -59.59 20.71 0.59
C SER A 420 -59.83 19.22 0.83
N TYR A 421 -59.53 18.40 -0.17
CA TYR A 421 -59.64 16.95 -0.02
C TYR A 421 -58.79 16.45 1.14
N LEU A 422 -57.74 17.19 1.49
CA LEU A 422 -56.86 16.78 2.58
C LEU A 422 -57.43 17.15 3.94
N GLU A 423 -57.85 18.41 4.16
CA GLU A 423 -58.17 18.76 5.54
C GLU A 423 -59.62 18.42 5.87
N ASN A 424 -60.43 18.06 4.86
CA ASN A 424 -61.72 17.54 5.32
C ASN A 424 -61.74 16.03 5.50
N SER A 425 -60.56 15.39 5.58
CA SER A 425 -60.45 14.01 6.03
C SER A 425 -59.84 13.92 7.43
N ILE A 426 -60.06 14.95 8.25
CA ILE A 426 -59.51 14.96 9.60
C ILE A 426 -60.09 13.83 10.43
N ASP A 427 -61.41 13.61 10.34
CA ASP A 427 -62.03 12.49 11.04
C ASP A 427 -61.49 11.17 10.54
N TYR A 428 -61.26 11.04 9.23
CA TYR A 428 -60.72 9.81 8.67
C TYR A 428 -59.33 9.53 9.21
N LEU A 429 -58.48 10.56 9.28
CA LEU A 429 -57.13 10.35 9.78
C LEU A 429 -57.10 10.19 11.29
N SER A 430 -58.12 10.67 12.00
CA SER A 430 -58.22 10.39 13.43
C SER A 430 -58.69 8.96 13.67
N ASP A 431 -59.51 8.44 12.77
CA ASP A 431 -59.92 7.03 12.87
C ASP A 431 -58.73 6.10 12.69
N VAL A 432 -57.86 6.42 11.74
CA VAL A 432 -56.67 5.62 11.48
C VAL A 432 -55.47 6.55 11.26
N PRO A 433 -54.51 6.60 12.19
CA PRO A 433 -53.34 7.46 12.00
C PRO A 433 -52.26 6.81 11.16
N VAL A 434 -52.64 6.16 10.06
CA VAL A 434 -51.68 5.54 9.16
C VAL A 434 -51.88 5.93 7.71
N ARG A 435 -53.00 6.54 7.33
CA ARG A 435 -53.23 6.96 5.95
C ARG A 435 -52.43 8.20 5.56
N VAL A 436 -51.78 8.87 6.52
CA VAL A 436 -50.84 9.93 6.18
C VAL A 436 -49.69 9.37 5.35
N LEU A 437 -49.29 8.13 5.61
CA LEU A 437 -48.34 7.44 4.74
C LEU A 437 -48.82 7.48 3.30
N ASP A 438 -50.09 7.16 3.07
CA ASP A 438 -50.60 7.09 1.70
C ASP A 438 -50.80 8.48 1.10
N CYS A 439 -51.13 9.47 1.93
CA CYS A 439 -51.17 10.85 1.44
C CYS A 439 -49.79 11.28 0.94
N LEU A 440 -48.75 10.97 1.73
CA LEU A 440 -47.38 11.26 1.31
C LEU A 440 -47.02 10.48 0.05
N GLN A 441 -47.46 9.22 -0.03
CA GLN A 441 -47.23 8.42 -1.23
C GLN A 441 -47.82 9.11 -2.45
N GLY A 442 -49.06 9.57 -2.36
CA GLY A 442 -49.68 10.25 -3.49
C GLY A 442 -48.97 11.54 -3.87
N ILE A 443 -48.59 12.33 -2.86
CA ILE A 443 -47.91 13.59 -3.15
C ILE A 443 -46.58 13.35 -3.84
N SER A 444 -45.77 12.44 -3.31
CA SER A 444 -44.47 12.14 -3.91
C SER A 444 -44.58 11.29 -5.17
N TYR A 445 -45.76 10.73 -5.46
CA TYR A 445 -46.00 10.09 -6.74
C TYR A 445 -46.28 11.12 -7.82
N ARG A 446 -47.17 12.06 -7.54
CA ARG A 446 -47.58 13.05 -8.53
C ARG A 446 -46.59 14.21 -8.66
N LEU A 447 -45.67 14.37 -7.69
CA LEU A 447 -44.81 15.55 -7.72
C LEU A 447 -43.75 15.46 -8.82
N PRO A 448 -42.92 14.42 -8.91
CA PRO A 448 -41.88 14.40 -9.95
C PRO A 448 -42.44 14.45 -11.37
N GLY A 449 -43.63 13.89 -11.60
CA GLY A 449 -44.23 13.98 -12.92
C GLY A 449 -44.51 15.40 -13.35
N LEU A 450 -44.99 16.23 -12.42
CA LEU A 450 -45.21 17.64 -12.72
C LEU A 450 -43.88 18.34 -12.94
N ARG A 451 -43.83 19.17 -13.99
CA ARG A 451 -42.59 19.82 -14.41
C ARG A 451 -42.38 21.10 -13.62
N LYS A 452 -41.46 21.95 -14.09
CA LYS A 452 -41.10 23.17 -13.39
C LYS A 452 -42.33 24.05 -13.17
N ILE A 453 -42.42 24.61 -11.97
CA ILE A 453 -43.54 25.48 -11.59
C ILE A 453 -43.15 26.92 -11.88
N SER A 454 -43.79 27.52 -12.90
CA SER A 454 -43.62 28.94 -13.20
C SER A 454 -45.02 29.55 -13.31
N ASN A 455 -45.60 29.88 -12.16
CA ASN A 455 -46.94 30.47 -12.06
C ASN A 455 -47.26 30.79 -10.61
N GLN A 456 -48.29 31.59 -10.38
CA GLN A 456 -48.75 31.88 -9.03
C GLN A 456 -49.88 30.95 -8.57
N ASN A 457 -50.65 30.40 -9.51
CA ASN A 457 -51.72 29.47 -9.14
C ASN A 457 -51.15 28.20 -8.51
N MET A 458 -50.20 27.56 -9.20
CA MET A 458 -49.56 26.37 -8.64
C MET A 458 -48.79 26.71 -7.38
N LYS A 459 -48.18 27.89 -7.33
CA LYS A 459 -47.47 28.35 -6.13
C LYS A 459 -48.39 28.27 -4.91
N LYS A 460 -49.55 28.93 -4.99
CA LYS A 460 -50.46 28.94 -3.85
C LYS A 460 -51.10 27.58 -3.61
N ASP A 461 -51.35 26.81 -4.67
CA ASP A 461 -51.92 25.48 -4.49
C ASP A 461 -50.99 24.58 -3.69
N VAL A 462 -49.72 24.54 -4.08
CA VAL A 462 -48.75 23.72 -3.37
C VAL A 462 -48.51 24.24 -1.96
N GLU A 463 -48.50 25.57 -1.80
CA GLU A 463 -48.42 26.14 -0.46
C GLU A 463 -49.55 25.63 0.41
N ASN A 464 -50.78 25.69 -0.09
CA ASN A 464 -51.94 25.27 0.69
C ASN A 464 -51.86 23.79 1.05
N VAL A 465 -51.54 22.93 0.08
CA VAL A 465 -51.54 21.50 0.38
C VAL A 465 -50.44 21.15 1.37
N PHE A 466 -49.25 21.76 1.21
CA PHE A 466 -48.18 21.50 2.17
C PHE A 466 -48.54 22.02 3.56
N LYS A 467 -49.19 23.18 3.65
CA LYS A 467 -49.57 23.72 4.95
C LYS A 467 -50.56 22.81 5.65
N MET A 468 -51.55 22.30 4.91
CA MET A 468 -52.49 21.35 5.51
C MET A 468 -51.79 20.04 5.85
N LEU A 469 -50.75 19.68 5.10
CA LEU A 469 -49.99 18.48 5.42
C LEU A 469 -49.27 18.60 6.76
N MET A 470 -48.59 19.73 6.98
CA MET A 470 -47.98 19.98 8.28
C MET A 470 -49.02 20.01 9.39
N HIS A 471 -50.17 20.65 9.15
CA HIS A 471 -51.23 20.68 10.15
C HIS A 471 -51.66 19.26 10.53
N LEU A 472 -51.96 18.43 9.53
CA LEU A 472 -52.48 17.09 9.75
C LEU A 472 -51.43 16.20 10.38
N VAL A 473 -50.15 16.41 10.07
CA VAL A 473 -49.10 15.64 10.73
C VAL A 473 -48.97 16.05 12.19
N ASP A 474 -49.03 17.36 12.46
CA ASP A 474 -48.71 17.86 13.80
C ASP A 474 -49.82 17.54 14.80
N ILE A 475 -51.08 17.76 14.43
CA ILE A 475 -52.11 17.91 15.46
C ILE A 475 -52.30 16.64 16.29
N TYR A 476 -52.25 15.46 15.66
CA TYR A 476 -52.77 14.29 16.35
C TYR A 476 -51.90 13.82 17.51
N GLN A 477 -50.69 13.31 17.21
CA GLN A 477 -49.85 12.68 18.22
C GLN A 477 -48.55 12.17 17.60
N HIS A 478 -47.62 11.71 18.42
CA HIS A 478 -46.48 10.92 17.96
C HIS A 478 -46.88 9.50 17.59
N ARG A 479 -48.12 9.10 17.91
CA ARG A 479 -48.61 7.73 17.72
C ARG A 479 -48.58 7.30 16.26
N ILE A 480 -48.49 8.25 15.32
CA ILE A 480 -48.35 7.90 13.91
C ILE A 480 -47.09 7.07 13.68
N PHE A 481 -46.00 7.41 14.39
CA PHE A 481 -44.71 6.78 14.14
C PHE A 481 -44.49 5.51 14.98
N GLY A 482 -45.55 4.86 15.43
CA GLY A 482 -45.39 3.63 16.18
C GLY A 482 -45.11 2.44 15.29
N GLU A 483 -44.88 1.29 15.94
CA GLU A 483 -44.65 0.01 15.26
C GLU A 483 -43.44 0.09 14.33
N ASN A 484 -42.42 0.83 14.77
CA ASN A 484 -41.15 0.97 14.05
C ASN A 484 -41.37 1.43 12.61
N LEU A 485 -42.28 2.39 12.44
CA LEU A 485 -42.61 2.91 11.13
C LEU A 485 -41.84 4.19 10.79
N LEU A 486 -40.89 4.58 11.64
CA LEU A 486 -40.13 5.80 11.40
C LEU A 486 -39.26 5.69 10.15
N GLN A 487 -38.74 4.49 9.86
CA GLN A 487 -37.85 4.32 8.73
C GLN A 487 -38.55 4.65 7.41
N ILE A 488 -39.75 4.11 7.22
CA ILE A 488 -40.49 4.36 5.98
C ILE A 488 -40.88 5.82 5.87
N TYR A 489 -41.24 6.44 7.00
CA TYR A 489 -41.60 7.86 6.98
C TYR A 489 -40.39 8.72 6.59
N LEU A 490 -39.21 8.38 7.11
CA LEU A 490 -38.00 9.11 6.75
C LEU A 490 -37.67 8.94 5.27
N THR A 491 -37.76 7.71 4.75
CA THR A 491 -37.48 7.49 3.34
C THR A 491 -38.50 8.24 2.47
N GLU A 492 -39.76 8.22 2.87
CA GLU A 492 -40.81 8.91 2.10
C GLU A 492 -40.59 10.42 2.11
N CYS A 493 -40.26 11.00 3.27
CA CYS A 493 -40.02 12.43 3.31
C CYS A 493 -38.76 12.82 2.54
N LEU A 494 -37.74 11.95 2.53
CA LEU A 494 -36.57 12.21 1.70
C LEU A 494 -36.90 12.19 0.22
N THR A 495 -37.68 11.21 -0.23
CA THR A 495 -38.07 11.17 -1.63
C THR A 495 -38.93 12.38 -1.99
N LEU A 496 -39.82 12.77 -1.09
CA LEU A 496 -40.65 13.96 -1.33
C LEU A 496 -39.80 15.22 -1.43
N HIS A 497 -38.81 15.37 -0.54
CA HIS A 497 -37.93 16.52 -0.59
C HIS A 497 -37.11 16.53 -1.88
N GLU A 498 -36.61 15.35 -2.29
CA GLU A 498 -35.83 15.26 -3.52
C GLU A 498 -36.68 15.65 -4.73
N THR A 499 -37.92 15.16 -4.78
CA THR A 499 -38.79 15.46 -5.92
C THR A 499 -39.19 16.93 -5.94
N VAL A 500 -39.52 17.49 -4.78
CA VAL A 500 -39.96 18.89 -4.76
C VAL A 500 -38.80 19.84 -5.03
N CYS A 501 -37.58 19.48 -4.64
CA CYS A 501 -36.44 20.34 -4.90
C CYS A 501 -36.05 20.40 -6.37
N ASN A 502 -36.34 19.35 -7.14
CA ASN A 502 -35.92 19.27 -8.54
C ASN A 502 -36.91 19.92 -9.50
N ILE A 503 -37.98 20.52 -9.01
CA ILE A 503 -39.00 21.13 -9.86
C ILE A 503 -39.11 22.63 -9.63
N THR A 504 -38.12 23.24 -8.98
CA THR A 504 -38.08 24.68 -8.74
C THR A 504 -36.77 25.24 -9.28
N ALA A 505 -36.86 26.11 -10.29
CA ALA A 505 -35.69 26.77 -10.85
C ALA A 505 -35.99 28.24 -11.13
N ASN A 506 -36.71 28.89 -10.20
CA ASN A 506 -37.11 30.27 -10.37
C ASN A 506 -36.68 31.19 -9.24
N HIS A 507 -35.99 30.67 -8.23
CA HIS A 507 -35.42 31.43 -7.11
C HIS A 507 -36.48 32.17 -6.30
N GLN A 508 -37.76 31.96 -6.62
CA GLN A 508 -38.86 32.61 -5.91
C GLN A 508 -39.83 31.61 -5.31
N PHE A 509 -39.65 30.32 -5.57
CA PHE A 509 -40.47 29.26 -4.99
C PHE A 509 -39.72 28.54 -3.88
N PHE A 510 -38.89 29.27 -3.15
CA PHE A 510 -38.08 28.65 -2.09
C PHE A 510 -38.93 28.16 -0.93
N GLU A 511 -40.15 28.71 -0.80
CA GLU A 511 -40.95 28.41 0.38
C GLU A 511 -41.40 26.96 0.39
N ILE A 512 -41.61 26.34 -0.76
CA ILE A 512 -42.01 24.93 -0.82
C ILE A 512 -40.88 24.04 -0.28
N PRO A 513 -39.63 24.19 -0.75
CA PRO A 513 -38.54 23.46 -0.08
C PRO A 513 -38.38 23.83 1.38
N ALA A 514 -38.72 25.07 1.75
CA ALA A 514 -38.67 25.45 3.16
C ALA A 514 -39.65 24.61 3.99
N LEU A 515 -40.88 24.46 3.50
CA LEU A 515 -41.86 23.65 4.21
C LEU A 515 -41.49 22.16 4.17
N SER A 516 -40.83 21.72 3.09
CA SER A 516 -40.34 20.35 3.07
C SER A 516 -39.29 20.12 4.16
N ALA A 517 -38.35 21.07 4.29
CA ALA A 517 -37.35 20.98 5.34
C ALA A 517 -38.00 21.02 6.72
N GLU A 518 -39.01 21.87 6.90
CA GLU A 518 -39.73 21.93 8.17
C GLU A 518 -40.46 20.63 8.45
N LEU A 519 -41.02 19.99 7.41
CA LEU A 519 -41.66 18.70 7.57
C LEU A 519 -40.66 17.66 8.07
N ILE A 520 -39.48 17.61 7.45
CA ILE A 520 -38.46 16.68 7.89
C ILE A 520 -38.03 16.99 9.33
N CYS A 521 -37.89 18.28 9.64
CA CYS A 521 -37.54 18.70 10.98
C CYS A 521 -38.54 18.19 12.02
N LYS A 522 -39.83 18.44 11.78
CA LYS A 522 -40.84 18.02 12.74
C LYS A 522 -40.96 16.49 12.79
N LEU A 523 -40.75 15.82 11.66
CA LEU A 523 -40.78 14.36 11.66
C LEU A 523 -39.66 13.80 12.51
N LEU A 524 -38.47 14.38 12.45
CA LEU A 524 -37.38 13.95 13.31
C LEU A 524 -37.63 14.34 14.76
N GLU A 525 -38.33 15.46 14.98
CA GLU A 525 -38.53 15.95 16.34
C GLU A 525 -39.52 15.08 17.11
N LEU A 526 -40.57 14.60 16.46
CA LEU A 526 -41.57 13.77 17.13
C LEU A 526 -41.15 12.31 17.26
N SER A 527 -39.94 11.97 16.86
CA SER A 527 -39.48 10.59 17.02
C SER A 527 -39.13 10.32 18.49
N PRO A 528 -39.77 9.33 19.10
CA PRO A 528 -39.48 8.99 20.48
C PRO A 528 -38.23 8.14 20.57
N PRO A 529 -37.39 8.37 21.58
CA PRO A 529 -36.16 7.58 21.72
C PRO A 529 -36.47 6.11 21.99
N GLY A 530 -35.60 5.25 21.47
CA GLY A 530 -35.76 3.82 21.63
C GLY A 530 -35.25 3.30 22.96
N GLU A 538 -30.85 0.78 20.42
CA GLU A 538 -29.99 0.28 19.36
C GLU A 538 -29.35 1.41 18.58
N LYS A 539 -28.20 1.13 17.97
CA LYS A 539 -27.48 2.12 17.18
C LYS A 539 -27.97 2.23 15.75
N SER A 540 -28.87 1.34 15.32
CA SER A 540 -29.40 1.42 13.95
C SER A 540 -30.16 2.72 13.73
N TYR A 541 -30.95 3.14 14.72
CA TYR A 541 -31.72 4.37 14.58
C TYR A 541 -30.81 5.59 14.42
N GLU A 542 -29.72 5.63 15.19
CA GLU A 542 -28.80 6.77 15.09
C GLU A 542 -28.09 6.79 13.74
N ASP A 543 -27.69 5.62 13.24
CA ASP A 543 -27.10 5.57 11.91
C ASP A 543 -28.11 6.02 10.85
N LEU A 544 -29.37 5.60 11.01
CA LEU A 544 -30.41 6.03 10.08
C LEU A 544 -30.60 7.54 10.09
N VAL A 545 -30.62 8.14 11.29
CA VAL A 545 -30.86 9.58 11.37
C VAL A 545 -29.66 10.36 10.83
N THR A 546 -28.43 9.90 11.12
CA THR A 546 -27.28 10.56 10.54
C THR A 546 -27.31 10.48 9.02
N SER A 547 -27.64 9.30 8.48
CA SER A 547 -27.71 9.14 7.03
C SER A 547 -28.76 10.05 6.41
N THR A 548 -29.96 10.11 7.01
CA THR A 548 -31.03 10.90 6.41
C THR A 548 -30.71 12.40 6.49
N LEU A 549 -30.11 12.85 7.59
CA LEU A 549 -29.72 14.26 7.67
C LEU A 549 -28.65 14.59 6.63
N GLN A 550 -27.68 13.70 6.46
CA GLN A 550 -26.65 13.93 5.45
C GLN A 550 -27.25 13.98 4.05
N GLU A 551 -28.20 13.09 3.77
CA GLU A 551 -28.83 13.09 2.45
C GLU A 551 -29.65 14.33 2.21
N ALA A 552 -30.37 14.80 3.24
CA ALA A 552 -31.15 16.03 3.09
C ALA A 552 -30.23 17.22 2.80
N LEU A 553 -29.14 17.34 3.55
CA LEU A 553 -28.23 18.45 3.30
C LEU A 553 -27.58 18.34 1.92
N ALA A 554 -27.24 17.12 1.49
CA ALA A 554 -26.66 16.93 0.17
C ALA A 554 -27.65 17.32 -0.93
N THR A 555 -28.91 16.94 -0.77
CA THR A 555 -29.92 17.29 -1.77
C THR A 555 -30.11 18.80 -1.84
N THR A 556 -30.19 19.48 -0.70
CA THR A 556 -30.33 20.93 -0.71
C THR A 556 -29.11 21.59 -1.36
N ARG A 557 -27.91 21.09 -1.02
CA ARG A 557 -26.68 21.65 -1.59
C ARG A 557 -26.67 21.49 -3.10
N ASN A 558 -27.04 20.31 -3.60
CA ASN A 558 -27.04 20.09 -5.04
C ASN A 558 -28.08 20.96 -5.73
N TRP A 559 -29.25 21.11 -5.11
CA TRP A 559 -30.28 21.96 -5.71
C TRP A 559 -29.83 23.41 -5.82
N LEU A 560 -29.24 23.94 -4.73
CA LEU A 560 -28.76 25.32 -4.78
C LEU A 560 -27.58 25.46 -5.72
N ARG A 561 -26.79 24.39 -5.89
CA ARG A 561 -25.77 24.39 -6.93
C ARG A 561 -26.39 24.52 -8.31
N SER A 562 -27.48 23.79 -8.55
CA SER A 562 -28.01 23.68 -9.91
C SER A 562 -28.78 24.92 -10.32
N LEU A 563 -29.75 25.35 -9.51
CA LEU A 563 -30.68 26.38 -9.98
C LEU A 563 -30.05 27.77 -10.00
N PHE A 564 -28.97 28.00 -9.25
CA PHE A 564 -28.33 29.31 -9.19
C PHE A 564 -27.06 29.28 -10.03
N LYS A 565 -27.21 29.59 -11.32
CA LYS A 565 -26.09 29.61 -12.25
C LYS A 565 -25.81 31.06 -12.64
N SER A 566 -25.03 31.75 -11.81
CA SER A 566 -24.63 33.14 -12.02
C SER A 566 -23.71 33.52 -10.86
N ARG A 567 -22.99 34.64 -11.00
CA ARG A 567 -22.21 35.19 -9.91
C ARG A 567 -23.14 35.98 -8.98
N MET A 568 -22.57 36.70 -8.03
CA MET A 568 -23.34 37.48 -7.07
C MET A 568 -22.86 38.92 -7.04
N LEU A 569 -23.79 39.82 -6.73
CA LEU A 569 -23.58 41.27 -6.65
C LEU A 569 -22.68 41.81 -7.75
N SER A 570 -22.98 41.48 -9.00
CA SER A 570 -22.30 42.16 -10.11
C SER A 570 -22.78 43.60 -10.18
N ILE A 571 -21.85 44.53 -10.28
CA ILE A 571 -22.21 45.95 -10.15
C ILE A 571 -22.90 46.44 -11.43
N SER A 572 -22.15 46.58 -12.52
CA SER A 572 -22.66 46.80 -13.87
C SER A 572 -23.37 48.15 -14.04
N SER A 573 -23.53 48.91 -12.95
CA SER A 573 -24.24 50.18 -13.05
C SER A 573 -23.67 51.29 -12.16
N ALA A 574 -22.54 51.07 -11.48
CA ALA A 574 -22.05 51.96 -10.43
C ALA A 574 -23.03 52.09 -9.27
N TYR A 575 -24.03 51.21 -9.23
CA TYR A 575 -25.05 51.16 -8.19
C TYR A 575 -25.24 49.71 -7.76
N VAL A 576 -24.12 49.05 -7.44
CA VAL A 576 -24.00 47.60 -7.34
C VAL A 576 -25.20 46.96 -6.65
N ARG A 577 -25.80 45.96 -7.30
CA ARG A 577 -26.98 45.28 -6.79
C ARG A 577 -26.86 43.79 -7.12
N LEU A 578 -27.59 42.98 -6.35
CA LEU A 578 -27.54 41.54 -6.53
C LEU A 578 -28.11 41.14 -7.89
N THR A 579 -27.47 40.16 -8.53
CA THR A 579 -28.02 39.59 -9.75
C THR A 579 -29.20 38.69 -9.47
N TYR A 580 -29.28 38.13 -8.27
CA TYR A 580 -30.33 37.21 -7.86
C TYR A 580 -31.00 37.74 -6.60
N SER A 581 -31.42 39.01 -6.65
CA SER A 581 -31.79 39.83 -5.50
C SER A 581 -32.51 39.07 -4.38
N GLU A 582 -33.48 38.23 -4.74
CA GLU A 582 -34.18 37.39 -3.76
C GLU A 582 -33.31 36.17 -3.46
N GLU A 583 -32.19 36.42 -2.79
CA GLU A 583 -31.22 35.38 -2.44
C GLU A 583 -30.99 35.28 -0.94
N MET A 584 -30.80 36.41 -0.26
CA MET A 584 -30.50 36.38 1.18
C MET A 584 -31.65 35.78 1.96
N ALA A 585 -32.89 36.09 1.57
CA ALA A 585 -34.04 35.49 2.24
C ALA A 585 -34.05 33.98 2.06
N VAL A 586 -33.63 33.50 0.89
CA VAL A 586 -33.52 32.05 0.67
C VAL A 586 -32.50 31.44 1.62
N TRP A 587 -31.35 32.09 1.76
CA TRP A 587 -30.31 31.56 2.64
C TRP A 587 -30.78 31.54 4.08
N ARG A 588 -31.46 32.61 4.52
CA ARG A 588 -31.99 32.63 5.88
C ARG A 588 -33.04 31.55 6.10
N ARG A 589 -33.96 31.40 5.14
CA ARG A 589 -35.12 30.54 5.35
C ARG A 589 -34.74 29.06 5.35
N LEU A 590 -33.75 28.67 4.55
CA LEU A 590 -33.36 27.28 4.42
C LEU A 590 -32.21 26.89 5.36
N VAL A 591 -31.94 27.70 6.38
CA VAL A 591 -31.01 27.33 7.44
C VAL A 591 -31.61 27.49 8.82
N GLU A 592 -32.70 28.26 8.97
CA GLU A 592 -33.30 28.52 10.27
C GLU A 592 -33.97 27.29 10.88
N ILE A 593 -34.25 26.25 10.09
CA ILE A 593 -34.89 25.07 10.62
C ILE A 593 -33.97 24.38 11.62
N GLY A 594 -34.56 23.59 12.52
CA GLY A 594 -33.80 22.96 13.56
C GLY A 594 -33.34 21.55 13.25
N PHE A 595 -32.03 21.35 13.25
CA PHE A 595 -31.43 20.03 13.07
C PHE A 595 -30.50 19.76 14.24
N PRO A 596 -30.26 18.49 14.57
CA PRO A 596 -29.34 18.18 15.66
C PRO A 596 -27.95 18.73 15.37
N GLU A 597 -27.31 19.25 16.42
CA GLU A 597 -26.01 19.88 16.27
C GLU A 597 -24.85 18.90 16.26
N LYS A 598 -25.10 17.62 16.56
CA LYS A 598 -24.06 16.62 16.43
C LYS A 598 -23.73 16.37 14.96
N HIS A 599 -24.74 16.44 14.10
CA HIS A 599 -24.56 16.32 12.66
C HIS A 599 -24.24 17.70 12.06
N GLY A 600 -24.27 17.79 10.74
CA GLY A 600 -23.95 19.04 10.07
C GLY A 600 -25.09 20.02 10.04
N TRP A 601 -25.35 20.60 8.87
CA TRP A 601 -26.37 21.61 8.62
C TRP A 601 -25.94 22.95 9.23
N LYS A 602 -24.85 22.93 10.00
CA LYS A 602 -24.20 24.13 10.51
C LYS A 602 -22.73 24.21 10.14
N GLY A 603 -22.04 23.07 10.10
CA GLY A 603 -20.68 23.03 9.60
C GLY A 603 -20.56 22.82 8.11
N SER A 604 -21.68 22.71 7.41
CA SER A 604 -21.69 22.48 5.97
C SER A 604 -22.30 23.65 5.20
N LEU A 605 -23.51 24.06 5.56
CA LEU A 605 -24.18 25.13 4.83
C LEU A 605 -23.60 26.50 5.19
N LEU A 606 -23.22 26.70 6.46
CA LEU A 606 -22.48 27.90 6.82
C LEU A 606 -21.13 27.94 6.11
N GLY A 607 -20.49 26.77 5.98
CA GLY A 607 -19.29 26.70 5.15
C GLY A 607 -19.58 27.06 3.71
N ASP A 608 -20.77 26.73 3.22
CA ASP A 608 -21.17 27.15 1.88
C ASP A 608 -21.28 28.68 1.79
N MET A 609 -21.87 29.31 2.81
CA MET A 609 -21.89 30.77 2.85
C MET A 609 -20.47 31.33 2.81
N GLU A 610 -19.59 30.76 3.64
CA GLU A 610 -18.22 31.26 3.73
C GLU A 610 -17.51 31.14 2.40
N GLY A 611 -17.64 29.99 1.74
CA GLY A 611 -17.01 29.78 0.45
C GLY A 611 -17.58 30.64 -0.66
N ARG A 612 -18.90 30.86 -0.67
CA ARG A 612 -19.48 31.75 -1.66
C ARG A 612 -19.00 33.18 -1.45
N LEU A 613 -18.91 33.63 -0.20
CA LEU A 613 -18.53 35.01 0.07
C LEU A 613 -17.04 35.23 -0.07
N LYS A 614 -16.24 34.16 -0.01
CA LYS A 614 -14.82 34.28 -0.27
C LYS A 614 -14.50 34.24 -1.75
N GLN A 615 -15.52 34.06 -2.61
CA GLN A 615 -15.34 34.14 -4.05
C GLN A 615 -15.37 35.57 -4.58
N GLU A 616 -16.05 36.47 -3.89
CA GLU A 616 -16.13 37.86 -4.31
C GLU A 616 -14.89 38.64 -3.88
N PRO A 617 -14.55 39.69 -4.62
CA PRO A 617 -13.45 40.57 -4.19
C PRO A 617 -13.78 41.22 -2.86
N PRO A 618 -12.79 41.41 -1.98
CA PRO A 618 -13.07 42.01 -0.67
C PRO A 618 -13.67 43.41 -0.76
N ARG A 619 -13.17 44.24 -1.68
CA ARG A 619 -13.61 45.64 -1.72
C ARG A 619 -15.06 45.75 -2.20
N LEU A 620 -15.40 45.06 -3.29
CA LEU A 620 -16.76 45.14 -3.81
C LEU A 620 -17.77 44.54 -2.84
N GLN A 621 -17.42 43.41 -2.23
CA GLN A 621 -18.31 42.78 -1.26
C GLN A 621 -18.48 43.67 -0.03
N ILE A 622 -17.40 44.32 0.42
CA ILE A 622 -17.52 45.27 1.52
C ILE A 622 -18.45 46.41 1.14
N SER A 623 -18.29 46.95 -0.07
CA SER A 623 -19.15 48.05 -0.51
C SER A 623 -20.61 47.64 -0.53
N PHE A 624 -20.89 46.40 -0.95
CA PHE A 624 -22.28 45.94 -0.97
C PHE A 624 -22.79 45.62 0.43
N PHE A 625 -21.89 45.26 1.36
CA PHE A 625 -22.31 44.76 2.66
C PHE A 625 -23.23 45.73 3.40
N CYS A 626 -23.10 47.03 3.16
CA CYS A 626 -24.01 48.02 3.72
C CYS A 626 -24.47 48.98 2.63
N SER A 627 -24.90 48.40 1.50
CA SER A 627 -25.41 49.14 0.35
C SER A 627 -26.93 49.30 0.41
N SER A 628 -27.51 49.36 1.60
CA SER A 628 -28.95 49.41 1.85
C SER A 628 -29.66 48.14 1.40
N GLN A 629 -28.93 47.01 1.35
CA GLN A 629 -29.50 45.73 0.99
C GLN A 629 -29.39 44.70 2.11
N CYS A 630 -28.20 44.55 2.71
CA CYS A 630 -28.00 43.59 3.79
C CYS A 630 -28.40 44.23 5.13
N ARG A 631 -29.72 44.37 5.30
CA ARG A 631 -30.30 44.98 6.47
C ARG A 631 -30.87 43.91 7.40
N ASP A 632 -31.62 44.33 8.41
CA ASP A 632 -32.43 43.45 9.26
C ASP A 632 -31.55 42.43 10.00
N GLY A 633 -30.71 42.97 10.88
CA GLY A 633 -29.94 42.14 11.78
C GLY A 633 -30.84 41.22 12.59
N GLY A 634 -30.69 39.91 12.39
CA GLY A 634 -31.63 38.95 12.94
C GLY A 634 -31.36 38.51 14.36
N LEU A 635 -30.82 39.40 15.18
CA LEU A 635 -30.58 39.13 16.61
C LEU A 635 -29.72 37.87 16.77
N HIS A 636 -28.47 38.01 16.31
CA HIS A 636 -27.52 36.90 16.21
C HIS A 636 -27.98 35.87 15.18
N ASP A 637 -28.29 36.34 13.98
CA ASP A 637 -28.58 35.44 12.87
C ASP A 637 -27.29 34.78 12.41
N SER A 638 -27.34 33.47 12.17
CA SER A 638 -26.14 32.73 11.78
C SER A 638 -25.57 33.24 10.47
N VAL A 639 -26.43 33.52 9.50
CA VAL A 639 -25.96 34.09 8.23
C VAL A 639 -25.39 35.49 8.45
N SER A 640 -25.96 36.24 9.40
CA SER A 640 -25.40 37.55 9.74
C SER A 640 -24.01 37.41 10.35
N ARG A 641 -23.81 36.41 11.20
CA ARG A 641 -22.48 36.15 11.76
C ARG A 641 -21.49 35.76 10.67
N SER A 642 -21.93 34.93 9.71
CA SER A 642 -21.07 34.60 8.59
C SER A 642 -20.73 35.83 7.77
N PHE A 643 -21.70 36.73 7.57
CA PHE A 643 -21.44 37.97 6.87
C PHE A 643 -20.41 38.82 7.61
N GLU A 644 -20.54 38.92 8.93
CA GLU A 644 -19.59 39.70 9.70
C GLU A 644 -18.20 39.07 9.64
N LYS A 645 -18.12 37.73 9.65
CA LYS A 645 -16.83 37.07 9.55
C LYS A 645 -16.17 37.34 8.21
N CYS A 646 -16.92 37.20 7.12
CA CYS A 646 -16.30 37.45 5.81
C CYS A 646 -15.99 38.94 5.65
N VAL A 647 -16.76 39.81 6.29
CA VAL A 647 -16.47 41.24 6.26
C VAL A 647 -15.17 41.54 6.98
N ILE A 648 -14.95 40.96 8.16
CA ILE A 648 -13.71 41.22 8.87
C ILE A 648 -12.52 40.63 8.14
N GLU A 649 -12.68 39.44 7.52
CA GLU A 649 -11.60 38.89 6.72
C GLU A 649 -11.30 39.78 5.50
N ALA A 650 -12.34 40.29 4.84
CA ALA A 650 -12.14 41.17 3.71
C ALA A 650 -11.46 42.47 4.12
N VAL A 651 -11.85 43.02 5.27
CA VAL A 651 -11.20 44.22 5.79
C VAL A 651 -9.74 43.95 6.11
N SER A 652 -9.46 42.77 6.69
CA SER A 652 -8.09 42.40 6.99
C SER A 652 -7.26 42.30 5.72
N SER A 653 -7.85 41.72 4.67
CA SER A 653 -7.14 41.60 3.39
C SER A 653 -6.90 42.98 2.78
N ALA A 654 -7.91 43.84 2.79
CA ALA A 654 -7.78 45.16 2.18
C ALA A 654 -6.77 46.02 2.94
N CYS A 655 -6.79 45.97 4.27
CA CYS A 655 -5.86 46.73 5.09
C CYS A 655 -4.46 46.13 5.06
N GLN A 656 -4.36 44.83 4.79
CA GLN A 656 -3.05 44.20 4.61
C GLN A 656 -2.34 44.74 3.38
N SER A 657 -3.08 44.99 2.31
CA SER A 657 -2.55 45.77 1.20
C SER A 657 -2.55 47.25 1.56
N GLN A 658 -1.84 48.04 0.76
CA GLN A 658 -1.64 49.46 1.03
C GLN A 658 -2.60 50.34 0.23
N THR A 659 -3.84 49.88 0.03
CA THR A 659 -4.86 50.62 -0.69
C THR A 659 -5.93 51.10 0.27
N SER A 660 -6.31 52.36 0.16
CA SER A 660 -7.36 52.93 1.00
C SER A 660 -8.68 52.20 0.77
N VAL A 661 -9.46 52.05 1.84
CA VAL A 661 -10.62 51.17 1.87
C VAL A 661 -11.93 51.94 2.04
N LEU A 662 -11.94 52.99 2.87
CA LEU A 662 -13.16 53.73 3.17
C LEU A 662 -13.03 55.15 2.64
N GLU A 663 -13.81 55.49 1.60
CA GLU A 663 -13.84 56.84 1.08
C GLU A 663 -15.24 57.41 0.86
N GLY A 664 -16.23 56.61 0.47
CA GLY A 664 -17.51 57.13 0.05
C GLY A 664 -18.73 56.38 0.55
N LEU A 665 -18.64 55.84 1.77
CA LEU A 665 -19.69 54.95 2.27
C LEU A 665 -20.93 55.76 2.64
N SER A 666 -22.01 55.59 1.86
CA SER A 666 -23.34 56.04 2.25
C SER A 666 -23.99 54.90 3.04
N CYS A 667 -23.52 54.76 4.28
CA CYS A 667 -23.67 53.55 5.08
C CYS A 667 -24.30 53.87 6.44
N GLN A 668 -25.45 54.56 6.41
CA GLN A 668 -26.02 55.15 7.61
C GLN A 668 -26.35 54.14 8.71
N ASP A 669 -26.45 52.85 8.39
CA ASP A 669 -26.60 51.82 9.42
C ASP A 669 -25.35 51.80 10.28
N LEU A 670 -25.54 52.00 11.60
CA LEU A 670 -24.40 52.31 12.47
C LEU A 670 -23.74 51.07 13.05
N GLN A 671 -24.49 49.97 13.22
CA GLN A 671 -23.91 48.77 13.81
C GLN A 671 -22.80 48.21 12.92
N LYS A 672 -23.03 48.19 11.62
CA LYS A 672 -22.00 47.71 10.70
C LYS A 672 -20.89 48.72 10.50
N PHE A 673 -21.14 50.02 10.67
CA PHE A 673 -20.02 50.96 10.78
C PHE A 673 -19.15 50.63 11.97
N GLY A 674 -19.77 50.31 13.11
CA GLY A 674 -18.98 49.94 14.28
C GLY A 674 -18.17 48.68 14.05
N THR A 675 -18.78 47.68 13.41
CA THR A 675 -18.06 46.46 13.10
C THR A 675 -16.90 46.72 12.13
N LEU A 676 -17.14 47.55 11.11
CA LEU A 676 -16.10 47.89 10.15
C LEU A 676 -14.94 48.61 10.84
N LEU A 677 -15.26 49.56 11.73
CA LEU A 677 -14.20 50.28 12.43
C LEU A 677 -13.42 49.36 13.35
N SER A 678 -14.11 48.50 14.09
CA SER A 678 -13.39 47.56 14.95
C SER A 678 -12.48 46.66 14.12
N ALA A 679 -12.96 46.20 12.97
CA ALA A 679 -12.14 45.37 12.10
C ALA A 679 -10.92 46.12 11.61
N VAL A 680 -11.09 47.38 11.17
CA VAL A 680 -9.95 48.10 10.60
C VAL A 680 -8.91 48.41 11.68
N ILE A 681 -9.35 48.77 12.89
CA ILE A 681 -8.37 48.98 13.97
C ILE A 681 -7.67 47.67 14.32
N THR A 682 -8.43 46.59 14.49
CA THR A 682 -7.83 45.35 14.96
C THR A 682 -6.99 44.65 13.90
N LYS A 683 -7.13 45.01 12.63
CA LYS A 683 -6.37 44.37 11.57
C LYS A 683 -5.37 45.29 10.90
N SER A 684 -5.40 46.59 11.18
CA SER A 684 -4.44 47.53 10.62
C SER A 684 -3.34 47.88 11.61
N TRP A 685 -3.35 47.32 12.80
CA TRP A 685 -2.30 47.57 13.77
C TRP A 685 -0.97 47.04 13.23
N PRO A 686 0.16 47.68 13.55
CA PRO A 686 1.45 47.21 13.03
C PRO A 686 1.93 45.93 13.69
N VAL A 687 1.45 44.79 13.20
CA VAL A 687 1.85 43.51 13.76
C VAL A 687 3.33 43.26 13.51
N HIS A 688 4.03 42.81 14.54
CA HIS A 688 5.48 42.65 14.54
C HIS A 688 5.86 41.30 15.14
N ASN A 689 5.24 40.23 14.60
CA ASN A 689 5.21 38.85 15.11
C ASN A 689 4.16 38.65 16.19
N GLY A 690 3.21 39.57 16.29
CA GLY A 690 2.06 39.45 17.17
C GLY A 690 2.06 40.48 18.29
N GLU A 691 1.35 41.58 18.03
CA GLU A 691 1.08 42.74 18.88
C GLU A 691 2.19 43.12 19.87
N PRO A 692 3.45 43.31 19.44
CA PRO A 692 4.40 44.01 20.33
C PRO A 692 4.48 45.49 20.00
N VAL A 693 4.43 46.36 21.00
CA VAL A 693 4.64 47.78 20.75
C VAL A 693 5.77 48.30 21.63
N PHE A 694 5.53 48.34 22.94
CA PHE A 694 6.52 48.74 23.94
C PHE A 694 7.21 50.07 23.61
N ASP A 695 6.57 50.93 22.83
CA ASP A 695 7.15 52.22 22.45
C ASP A 695 6.02 53.12 21.95
N VAL A 696 6.40 54.29 21.41
CA VAL A 696 5.42 55.24 20.91
C VAL A 696 5.73 55.75 19.51
N ASP A 697 6.95 55.60 18.99
CA ASP A 697 7.28 56.18 17.69
C ASP A 697 6.65 55.40 16.55
N GLU A 698 6.63 54.06 16.65
CA GLU A 698 6.03 53.26 15.59
C GLU A 698 4.54 53.52 15.46
N ILE A 699 3.84 53.69 16.59
CA ILE A 699 2.42 54.01 16.54
C ILE A 699 2.21 55.37 15.92
N PHE A 700 3.07 56.34 16.24
CA PHE A 700 2.97 57.67 15.62
C PHE A 700 3.16 57.57 14.11
N LYS A 701 4.13 56.79 13.66
CA LYS A 701 4.32 56.58 12.23
C LYS A 701 3.08 55.94 11.61
N TYR A 702 2.48 54.96 12.29
CA TYR A 702 1.28 54.32 11.76
C TYR A 702 0.13 55.30 11.62
N LEU A 703 -0.09 56.16 12.62
CA LEU A 703 -1.15 57.15 12.52
C LEU A 703 -0.87 58.16 11.41
N LEU A 704 0.39 58.57 11.26
CA LEU A 704 0.72 59.57 10.26
C LEU A 704 0.63 59.04 8.84
N LYS A 705 1.08 57.81 8.59
CA LYS A 705 1.20 57.32 7.23
C LYS A 705 -0.09 56.71 6.69
N TRP A 706 -0.87 56.03 7.52
CA TRP A 706 -2.04 55.33 7.03
C TRP A 706 -3.13 56.34 6.65
N PRO A 707 -3.59 56.35 5.40
CA PRO A 707 -4.57 57.37 5.00
C PRO A 707 -5.99 57.04 5.42
N ASP A 708 -6.16 55.95 6.18
CA ASP A 708 -7.47 55.55 6.67
C ASP A 708 -7.70 55.81 8.14
N VAL A 709 -6.64 56.00 8.92
CA VAL A 709 -6.80 56.49 10.28
C VAL A 709 -7.38 57.90 10.27
N ARG A 710 -6.95 58.73 9.30
CA ARG A 710 -7.49 60.08 9.17
C ARG A 710 -9.00 60.06 8.98
N GLN A 711 -9.48 59.29 8.00
CA GLN A 711 -10.90 59.24 7.73
C GLN A 711 -11.67 58.58 8.88
N LEU A 712 -11.09 57.56 9.51
CA LEU A 712 -11.75 56.92 10.65
C LEU A 712 -11.94 57.91 11.80
N PHE A 713 -10.88 58.65 12.15
CA PHE A 713 -10.98 59.64 13.21
C PHE A 713 -11.95 60.75 12.85
N GLU A 714 -11.92 61.22 11.60
CA GLU A 714 -12.84 62.28 11.20
C GLU A 714 -14.29 61.81 11.24
N LEU A 715 -14.55 60.57 10.83
CA LEU A 715 -15.90 60.05 10.86
C LEU A 715 -16.38 59.83 12.29
N CYS A 716 -15.48 59.39 13.17
CA CYS A 716 -15.85 59.21 14.58
C CYS A 716 -16.11 60.56 15.25
N GLY A 717 -15.32 61.57 14.91
CA GLY A 717 -15.50 62.89 15.50
C GLY A 717 -16.66 63.68 14.95
N THR A 718 -17.08 63.42 13.71
CA THR A 718 -18.23 64.14 13.16
C THR A 718 -19.50 63.84 13.95
N ASN A 719 -19.72 62.57 14.28
CA ASN A 719 -20.88 62.16 15.06
C ASN A 719 -20.44 61.15 16.11
N GLU A 720 -20.87 61.39 17.35
CA GLU A 720 -20.49 60.53 18.46
C GLU A 720 -21.36 59.30 18.59
N LYS A 721 -22.35 59.12 17.70
CA LYS A 721 -23.18 57.92 17.69
C LYS A 721 -22.46 56.72 17.07
N ILE A 722 -21.20 56.88 16.66
CA ILE A 722 -20.41 55.76 16.18
C ILE A 722 -19.34 55.34 17.20
N ILE A 723 -18.75 56.28 17.94
CA ILE A 723 -17.77 55.94 18.97
C ILE A 723 -18.38 55.13 20.10
N ASP A 724 -19.70 55.17 20.26
CA ASP A 724 -20.33 54.49 21.39
C ASP A 724 -20.48 52.99 21.16
N ASN A 725 -20.38 52.53 19.91
CA ASN A 725 -20.54 51.12 19.57
C ASN A 725 -19.46 50.71 18.57
N ILE A 726 -18.31 50.28 19.09
CA ILE A 726 -17.29 49.70 18.22
C ILE A 726 -16.94 48.29 18.71
N THR A 727 -16.30 48.21 19.88
CA THR A 727 -15.87 46.98 20.56
C THR A 727 -15.31 47.32 21.94
N GLU A 728 -14.78 46.31 22.62
CA GLU A 728 -14.07 46.52 23.89
C GLU A 728 -12.57 46.60 23.72
N GLU A 729 -12.02 46.00 22.65
CA GLU A 729 -10.59 46.08 22.40
C GLU A 729 -10.25 47.14 21.37
N GLY A 730 -11.13 47.32 20.37
CA GLY A 730 -10.92 48.37 19.40
C GLY A 730 -10.93 49.75 20.03
N ARG A 731 -11.84 49.99 20.98
CA ARG A 731 -11.85 51.27 21.66
C ARG A 731 -10.61 51.45 22.53
N GLN A 732 -10.10 50.38 23.14
CA GLN A 732 -8.90 50.52 23.95
C GLN A 732 -7.68 50.82 23.09
N LEU A 733 -7.58 50.21 21.90
CA LEU A 733 -6.47 50.53 21.02
C LEU A 733 -6.61 51.93 20.45
N MET A 734 -7.85 52.35 20.17
CA MET A 734 -8.07 53.73 19.74
C MET A 734 -7.66 54.71 20.83
N ALA A 735 -7.95 54.37 22.09
CA ALA A 735 -7.53 55.21 23.21
C ALA A 735 -6.02 55.27 23.33
N THR A 736 -5.34 54.13 23.12
CA THR A 736 -3.88 54.13 23.15
C THR A 736 -3.30 55.02 22.06
N ALA A 737 -3.83 54.90 20.84
CA ALA A 737 -3.37 55.76 19.74
C ALA A 737 -3.66 57.22 20.03
N GLU A 738 -4.84 57.51 20.59
CA GLU A 738 -5.20 58.88 20.95
C GLU A 738 -4.25 59.44 22.00
N SER A 739 -3.89 58.64 23.00
CA SER A 739 -2.96 59.11 24.02
C SER A 739 -1.57 59.36 23.43
N VAL A 740 -1.13 58.49 22.52
CA VAL A 740 0.17 58.69 21.87
C VAL A 740 0.17 59.99 21.08
N PHE A 741 -0.90 60.23 20.31
CA PHE A 741 -0.96 61.44 19.51
C PHE A 741 -1.07 62.68 20.40
N GLN A 742 -1.81 62.57 21.51
CA GLN A 742 -1.88 63.68 22.47
C GLN A 742 -0.50 63.98 23.04
N LYS A 743 0.25 62.94 23.40
CA LYS A 743 1.59 63.14 23.95
C LYS A 743 2.50 63.85 22.95
N VAL A 744 2.46 63.41 21.69
CA VAL A 744 3.33 64.01 20.69
C VAL A 744 2.90 65.44 20.39
N ALA A 745 1.58 65.69 20.33
CA ALA A 745 1.08 67.03 20.10
C ALA A 745 1.48 67.98 21.23
N GLY A 746 1.41 67.50 22.47
CA GLY A 746 1.88 68.30 23.59
C GLY A 746 3.37 68.55 23.53
N GLU A 747 4.14 67.56 23.10
CA GLU A 747 5.57 67.78 22.88
C GLU A 747 5.83 68.84 21.80
N LEU A 748 4.95 68.92 20.80
CA LEU A 748 5.16 69.88 19.72
C LEU A 748 5.17 71.32 20.21
N GLU A 749 4.26 71.68 21.11
CA GLU A 749 4.16 73.07 21.57
C GLU A 749 5.42 73.52 22.28
N ASN A 750 5.98 72.66 23.13
CA ASN A 750 7.24 72.98 23.79
C ASN A 750 8.40 72.41 22.95
N GLY A 751 9.60 72.46 23.50
CA GLY A 751 10.78 72.04 22.76
C GLY A 751 11.19 70.59 22.94
N THR A 752 10.50 69.82 23.78
CA THR A 752 10.92 68.45 24.06
C THR A 752 10.61 67.48 22.92
N ILE A 753 9.89 67.91 21.90
CA ILE A 753 9.56 67.03 20.77
C ILE A 753 10.86 66.59 20.09
N VAL A 754 11.05 65.28 19.96
CA VAL A 754 12.27 64.77 19.35
C VAL A 754 12.34 65.17 17.88
N VAL A 755 13.56 65.39 17.39
CA VAL A 755 13.75 65.88 16.03
C VAL A 755 13.29 64.87 14.99
N GLY A 756 13.46 63.57 15.26
CA GLY A 756 13.05 62.57 14.29
C GLY A 756 11.57 62.60 14.00
N GLN A 757 10.74 62.63 15.05
CA GLN A 757 9.30 62.74 14.85
C GLN A 757 8.94 64.08 14.22
N LEU A 758 9.72 65.12 14.51
CA LEU A 758 9.50 66.42 13.86
C LEU A 758 9.71 66.32 12.36
N GLU A 759 10.74 65.58 11.94
CA GLU A 759 10.97 65.42 10.51
C GLU A 759 9.92 64.50 9.88
N LEU A 760 9.39 63.54 10.65
CA LEU A 760 8.24 62.78 10.16
C LEU A 760 7.05 63.69 9.91
N ILE A 761 6.81 64.64 10.81
CA ILE A 761 5.75 65.62 10.60
C ILE A 761 6.07 66.50 9.40
N LEU A 762 7.33 66.86 9.22
CA LEU A 762 7.70 67.68 8.07
C LEU A 762 7.55 66.90 6.76
N GLU A 763 7.55 65.57 6.84
CA GLU A 763 7.28 64.75 5.66
C GLU A 763 5.79 64.55 5.42
N HIS A 764 4.98 64.46 6.47
CA HIS A 764 3.54 64.26 6.36
C HIS A 764 2.79 65.49 6.87
N GLN A 765 3.29 66.66 6.50
CA GLN A 765 2.64 67.93 6.81
C GLN A 765 1.13 67.88 6.56
N SER A 766 0.71 67.40 5.39
CA SER A 766 -0.71 67.47 5.04
C SER A 766 -1.55 66.64 6.00
N GLN A 767 -1.15 65.38 6.21
CA GLN A 767 -1.92 64.49 7.10
C GLN A 767 -1.91 65.01 8.52
N PHE A 768 -0.75 65.47 9.01
CA PHE A 768 -0.68 65.96 10.37
C PHE A 768 -1.51 67.23 10.56
N LEU A 769 -1.49 68.14 9.58
CA LEU A 769 -2.31 69.34 9.67
C LEU A 769 -3.79 69.00 9.68
N ASP A 770 -4.21 68.07 8.83
CA ASP A 770 -5.61 67.67 8.80
C ASP A 770 -6.03 67.04 10.13
N ILE A 771 -5.19 66.16 10.67
CA ILE A 771 -5.53 65.48 11.92
C ILE A 771 -5.54 66.48 13.07
N TRP A 772 -4.62 67.44 13.06
CA TRP A 772 -4.59 68.46 14.11
C TRP A 772 -5.82 69.34 14.04
N ASN A 773 -6.25 69.73 12.83
CA ASN A 773 -7.47 70.50 12.69
C ASN A 773 -8.68 69.72 13.17
N LEU A 774 -8.72 68.41 12.86
CA LEU A 774 -9.81 67.57 13.34
C LEU A 774 -9.83 67.48 14.87
N ASN A 775 -8.66 67.30 15.47
CA ASN A 775 -8.53 67.13 16.92
C ASN A 775 -8.60 68.43 17.68
N ARG A 776 -8.58 69.57 16.99
CA ARG A 776 -8.80 70.85 17.66
C ARG A 776 -10.15 70.89 18.35
N ARG A 777 -11.14 70.16 17.83
CA ARG A 777 -12.46 70.05 18.43
C ARG A 777 -12.50 69.07 19.59
N ARG A 778 -11.39 68.40 19.88
CA ARG A 778 -11.29 67.41 20.96
C ARG A 778 -12.28 66.28 20.77
N ASP A 787 -4.17 79.74 16.07
CA ASP A 787 -3.53 79.70 14.77
C ASP A 787 -2.49 78.59 14.68
N VAL A 788 -2.47 77.89 13.54
CA VAL A 788 -1.50 76.83 13.32
C VAL A 788 -0.66 77.03 12.07
N ARG A 789 -1.14 77.78 11.06
CA ARG A 789 -0.34 77.99 9.85
C ARG A 789 0.91 78.79 10.16
N SER A 790 0.80 79.83 11.00
CA SER A 790 1.97 80.61 11.38
C SER A 790 2.96 79.75 12.17
N LEU A 791 2.45 78.92 13.08
CA LEU A 791 3.32 78.03 13.84
C LEU A 791 4.05 77.07 12.92
N LEU A 792 3.33 76.47 11.96
CA LEU A 792 3.96 75.53 11.03
C LEU A 792 5.00 76.21 10.15
N LYS A 793 4.69 77.42 9.66
CA LYS A 793 5.64 78.13 8.82
C LYS A 793 6.89 78.52 9.60
N ARG A 794 6.72 79.02 10.83
CA ARG A 794 7.87 79.34 11.66
C ARG A 794 8.69 78.09 11.97
N ARG A 795 8.01 76.97 12.22
CA ARG A 795 8.69 75.73 12.51
C ARG A 795 9.51 75.26 11.32
N ARG A 796 8.94 75.34 10.11
CA ARG A 796 9.69 74.96 8.92
C ARG A 796 10.87 75.90 8.68
N ASP A 797 10.69 77.19 8.94
CA ASP A 797 11.79 78.14 8.79
C ASP A 797 12.93 77.82 9.76
N ASP A 798 12.59 77.57 11.02
CA ASP A 798 13.63 77.30 12.01
C ASP A 798 14.27 75.94 11.78
N LEU A 799 13.51 74.96 11.26
CA LEU A 799 14.13 73.69 10.89
C LEU A 799 15.07 73.84 9.71
N LEU A 800 14.70 74.68 8.74
CA LEU A 800 15.63 74.99 7.65
C LEU A 800 16.90 75.63 8.18
N PHE A 801 16.76 76.55 9.13
CA PHE A 801 17.94 77.15 9.75
C PHE A 801 18.79 76.10 10.47
N LEU A 802 18.14 75.19 11.20
CA LEU A 802 18.86 74.15 11.92
C LEU A 802 19.62 73.24 10.96
N LYS A 803 18.97 72.82 9.87
CA LYS A 803 19.60 71.89 8.95
C LYS A 803 20.68 72.58 8.13
N GLN A 804 20.51 73.88 7.83
CA GLN A 804 21.56 74.60 7.13
C GLN A 804 22.77 74.84 8.02
N GLU A 805 22.56 75.10 9.31
CA GLU A 805 23.69 75.15 10.23
C GLU A 805 24.37 73.79 10.34
N LYS A 806 23.56 72.73 10.34
CA LYS A 806 24.12 71.37 10.39
C LYS A 806 24.99 71.09 9.16
N ARG A 807 24.52 71.47 7.98
CA ARG A 807 25.31 71.33 6.77
C ARG A 807 26.56 72.19 6.83
N TYR A 808 26.46 73.39 7.40
CA TYR A 808 27.61 74.28 7.50
C TYR A 808 28.69 73.70 8.40
N VAL A 809 28.30 73.17 9.55
CA VAL A 809 29.30 72.61 10.46
C VAL A 809 29.87 71.31 9.87
N GLU A 810 29.05 70.54 9.15
CA GLU A 810 29.59 69.37 8.46
C GLU A 810 30.64 69.79 7.43
N SER A 811 30.36 70.84 6.66
CA SER A 811 31.31 71.33 5.67
C SER A 811 32.59 71.82 6.35
N LEU A 812 32.44 72.52 7.47
CA LEU A 812 33.62 72.98 8.23
C LEU A 812 34.48 71.80 8.66
N LEU A 813 33.84 70.74 9.18
CA LEU A 813 34.58 69.56 9.59
C LEU A 813 35.27 68.92 8.39
N ARG A 814 34.59 68.89 7.23
CA ARG A 814 35.21 68.34 6.04
C ARG A 814 36.46 69.12 5.65
N GLN A 815 36.35 70.45 5.60
CA GLN A 815 37.51 71.26 5.23
C GLN A 815 38.66 71.06 6.22
N LEU A 816 38.37 71.04 7.51
CA LEU A 816 39.46 70.96 8.49
C LEU A 816 39.98 69.54 8.67
N GLY A 817 39.27 68.53 8.17
CA GLY A 817 39.79 67.18 8.19
C GLY A 817 40.38 66.71 6.87
N ARG A 818 40.19 67.47 5.80
CA ARG A 818 40.80 67.11 4.52
C ARG A 818 42.31 67.15 4.58
N VAL A 819 42.88 68.12 5.29
CA VAL A 819 44.32 68.28 5.42
C VAL A 819 44.80 67.80 6.80
N LYS A 820 44.05 66.86 7.38
CA LYS A 820 44.29 66.40 8.74
C LYS A 820 45.74 65.92 8.95
N HIS A 821 46.35 65.34 7.92
CA HIS A 821 47.71 64.83 8.07
C HIS A 821 48.72 65.96 8.22
N LEU A 822 48.39 67.16 7.77
CA LEU A 822 49.30 68.31 7.88
C LEU A 822 49.10 69.04 9.19
N VAL A 823 47.87 69.48 9.47
CA VAL A 823 47.55 70.21 10.69
C VAL A 823 46.40 69.50 11.40
N GLN A 824 46.53 69.35 12.71
CA GLN A 824 45.52 68.71 13.55
C GLN A 824 44.76 69.78 14.33
N VAL A 825 43.45 69.61 14.41
CA VAL A 825 42.55 70.61 14.99
C VAL A 825 41.74 69.98 16.11
N ASP A 826 41.59 70.72 17.21
CA ASP A 826 40.65 70.36 18.26
C ASP A 826 39.38 71.19 18.07
N PHE A 827 38.30 70.52 17.68
CA PHE A 827 37.07 71.22 17.25
C PHE A 827 36.17 71.54 18.43
N GLY A 828 36.72 72.17 19.47
CA GLY A 828 35.94 72.58 20.62
C GLY A 828 35.14 71.45 21.23
N ASN A 829 33.82 71.51 21.10
CA ASN A 829 32.94 70.42 21.48
C ASN A 829 32.20 69.81 20.30
N ILE A 830 32.28 70.42 19.11
CA ILE A 830 31.49 69.97 17.97
C ILE A 830 31.97 68.63 17.45
N GLU A 831 33.20 68.24 17.77
CA GLU A 831 33.74 66.97 17.29
C GLU A 831 33.00 65.78 17.87
N ILE A 832 32.34 65.94 19.01
CA ILE A 832 31.55 64.87 19.61
C ILE A 832 30.06 65.17 19.53
N ILE A 833 29.68 66.44 19.46
CA ILE A 833 28.27 66.80 19.37
C ILE A 833 27.73 66.47 17.98
N HIS A 834 28.56 66.66 16.94
CA HIS A 834 28.11 66.32 15.59
C HIS A 834 28.12 64.81 15.35
N SER A 835 28.90 64.06 16.12
CA SER A 835 29.01 62.62 15.88
C SER A 835 27.75 61.88 16.33
N GLN A 836 27.11 62.34 17.40
CA GLN A 836 25.93 61.65 17.90
C GLN A 836 24.76 61.81 16.94
N ASP A 837 23.97 60.75 16.83
CA ASP A 837 22.82 60.73 15.93
C ASP A 837 21.76 61.72 16.40
N LEU A 838 20.86 62.06 15.49
CA LEU A 838 19.80 63.03 15.78
C LEU A 838 18.61 62.38 16.49
N SER A 839 18.89 61.66 17.56
CA SER A 839 17.87 61.21 18.49
C SER A 839 17.85 62.08 19.76
N ASN A 840 18.68 63.10 19.80
CA ASN A 840 18.71 64.01 20.94
C ASN A 840 17.47 64.88 20.97
N LYS A 841 17.19 65.45 22.14
CA LYS A 841 16.03 66.32 22.29
C LYS A 841 16.24 67.62 21.52
N LYS A 842 15.12 68.17 21.04
CA LYS A 842 15.10 69.44 20.31
C LYS A 842 15.38 70.64 21.19
N LEU A 843 14.97 70.60 22.47
CA LEU A 843 14.92 71.80 23.29
C LEU A 843 16.29 72.44 23.45
N ASN A 844 17.36 71.69 23.20
CA ASN A 844 18.73 72.19 23.26
C ASN A 844 19.03 73.22 22.16
N GLU A 845 18.07 73.54 21.29
CA GLU A 845 18.29 74.47 20.19
C GLU A 845 18.02 75.92 20.57
N ALA A 846 17.53 76.17 21.78
CA ALA A 846 17.49 77.49 22.43
C ALA A 846 17.10 78.60 21.45
N VAL A 847 15.90 78.46 20.89
CA VAL A 847 15.36 79.48 19.98
C VAL A 847 14.83 80.60 20.87
N ILE A 848 15.64 81.67 21.00
CA ILE A 848 15.32 82.77 21.90
C ILE A 848 15.35 84.08 21.10
N LYS A 849 14.69 85.09 21.65
CA LYS A 849 14.59 86.40 21.04
C LYS A 849 15.57 87.37 21.72
N LEU A 850 15.47 88.64 21.35
CA LEU A 850 16.32 89.70 21.88
C LEU A 850 17.80 89.41 21.64
N SER A 855 15.78 86.44 17.57
CA SER A 855 17.02 87.01 17.07
C SER A 855 18.10 85.95 16.93
N TYR A 856 19.12 86.02 17.79
CA TYR A 856 20.20 85.04 17.76
C TYR A 856 19.70 83.70 18.28
N LYS A 857 20.02 82.63 17.56
CA LYS A 857 19.56 81.28 17.88
C LYS A 857 20.78 80.38 18.09
N ARG A 858 21.11 80.13 19.35
CA ARG A 858 22.23 79.26 19.68
C ARG A 858 21.81 77.80 19.67
N GLU A 859 22.60 76.97 18.99
CA GLU A 859 22.35 75.54 18.88
C GLU A 859 23.38 74.77 19.70
N THR A 860 23.21 73.45 19.75
CA THR A 860 24.11 72.61 20.54
C THR A 860 25.53 72.63 20.00
N HIS A 861 25.72 72.93 18.71
CA HIS A 861 27.05 73.14 18.15
C HIS A 861 27.52 74.51 18.62
N TYR A 862 28.39 74.52 19.62
CA TYR A 862 28.82 75.78 20.23
C TYR A 862 29.87 76.48 19.36
N CYS A 863 29.42 77.23 18.36
CA CYS A 863 30.32 78.03 17.56
C CYS A 863 30.93 79.14 18.40
N LEU A 864 32.22 79.39 18.20
CA LEU A 864 32.92 80.39 19.00
C LEU A 864 32.35 81.79 18.77
N SER A 865 32.03 82.11 17.53
CA SER A 865 31.63 83.46 17.15
C SER A 865 30.81 83.38 15.86
N PRO A 866 30.02 84.42 15.55
CA PRO A 866 29.40 84.47 14.22
C PRO A 866 30.42 84.49 13.09
N ASP A 867 31.66 84.91 13.35
CA ASP A 867 32.69 84.90 12.33
C ASP A 867 32.98 83.48 11.85
N ILE A 868 33.10 82.53 12.78
CA ILE A 868 33.36 81.15 12.38
C ILE A 868 32.14 80.56 11.69
N ARG A 869 30.94 80.98 12.10
CA ARG A 869 29.73 80.55 11.39
C ARG A 869 29.76 81.02 9.94
N GLU A 870 30.13 82.29 9.71
CA GLU A 870 30.20 82.80 8.37
C GLU A 870 31.30 82.14 7.55
N MET A 871 32.46 81.86 8.16
CA MET A 871 33.52 81.18 7.42
C MET A 871 33.09 79.76 7.06
N ALA A 872 32.36 79.07 7.94
CA ALA A 872 31.84 77.75 7.60
C ALA A 872 30.82 77.84 6.49
N SER A 873 29.97 78.88 6.51
CA SER A 873 28.98 79.05 5.45
C SER A 873 29.66 79.28 4.10
N LYS A 874 30.74 80.07 4.09
CA LYS A 874 31.41 80.35 2.84
C LYS A 874 32.24 79.16 2.36
N LEU A 875 32.78 78.37 3.30
CA LEU A 875 33.39 77.10 2.91
C LEU A 875 32.36 76.12 2.38
N ASP A 876 31.10 76.27 2.80
CA ASP A 876 30.04 75.47 2.21
C ASP A 876 29.70 75.97 0.81
N SER A 877 29.69 77.28 0.60
CA SER A 877 29.38 77.84 -0.70
C SER A 877 30.49 77.61 -1.72
N LEU A 878 31.74 77.50 -1.25
CA LEU A 878 32.88 77.23 -2.12
C LEU A 878 33.46 75.84 -1.88
N LYS A 879 32.63 74.91 -1.41
CA LYS A 879 33.09 73.56 -1.10
C LYS A 879 33.50 72.79 -2.35
N ASP A 880 32.99 73.20 -3.52
CA ASP A 880 33.10 72.41 -4.74
C ASP A 880 33.94 73.10 -5.82
N SER A 881 35.09 73.66 -5.46
CA SER A 881 36.02 74.25 -6.41
C SER A 881 37.36 73.55 -6.31
N HIS A 882 37.87 73.05 -7.44
CA HIS A 882 39.18 72.43 -7.46
C HIS A 882 40.27 73.44 -7.14
N ILE A 883 40.16 74.65 -7.69
CA ILE A 883 41.16 75.69 -7.42
C ILE A 883 41.12 76.07 -5.94
N PHE A 884 39.94 76.08 -5.33
CA PHE A 884 39.85 76.32 -3.89
C PHE A 884 40.55 75.21 -3.11
N GLN A 885 40.40 73.96 -3.58
CA GLN A 885 41.08 72.85 -2.92
C GLN A 885 42.59 73.02 -2.99
N ASP A 886 43.11 73.41 -4.17
CA ASP A 886 44.53 73.63 -4.31
C ASP A 886 45.01 74.78 -3.44
N PHE A 887 44.22 75.86 -3.38
CA PHE A 887 44.58 76.98 -2.52
C PHE A 887 44.61 76.57 -1.06
N TRP A 888 43.63 75.79 -0.62
CA TRP A 888 43.60 75.33 0.76
C TRP A 888 44.81 74.47 1.08
N GLN A 889 45.18 73.59 0.14
CA GLN A 889 46.36 72.74 0.35
C GLN A 889 47.64 73.57 0.40
N GLU A 890 47.76 74.57 -0.47
CA GLU A 890 49.01 75.33 -0.53
C GLU A 890 49.14 76.27 0.66
N THR A 891 48.02 76.75 1.20
CA THR A 891 48.08 77.52 2.45
C THR A 891 48.31 76.61 3.65
N ALA A 892 47.82 75.37 3.62
CA ALA A 892 48.04 74.46 4.74
C ALA A 892 49.47 73.95 4.78
N GLU A 893 50.11 73.80 3.62
CA GLU A 893 51.51 73.37 3.61
C GLU A 893 52.46 74.45 4.09
N SER A 894 52.01 75.69 4.22
CA SER A 894 52.83 76.80 4.68
C SER A 894 52.98 76.85 6.19
N LEU A 895 52.66 75.74 6.89
CA LEU A 895 52.76 75.68 8.34
C LEU A 895 53.91 74.82 8.83
N ASN A 896 54.35 73.84 8.05
CA ASN A 896 55.39 72.92 8.52
C ASN A 896 56.56 72.88 7.54
N GLU A 904 52.00 68.31 12.70
CA GLU A 904 52.66 68.20 14.00
C GLU A 904 52.46 69.45 14.84
N LEU A 905 51.34 70.14 14.59
CA LEU A 905 50.97 71.34 15.33
C LEU A 905 49.49 71.26 15.70
N LYS A 906 49.21 71.24 16.99
CA LYS A 906 47.83 71.23 17.49
C LYS A 906 47.30 72.65 17.40
N VAL A 907 46.47 72.91 16.39
CA VAL A 907 46.04 74.25 16.03
C VAL A 907 44.52 74.33 16.19
N SER A 908 44.06 75.26 17.01
CA SER A 908 42.65 75.39 17.34
C SER A 908 41.94 76.32 16.35
N LEU A 909 40.61 76.34 16.44
CA LEU A 909 39.80 77.11 15.50
C LEU A 909 40.10 78.61 15.49
N PRO A 910 40.26 79.30 16.63
CA PRO A 910 40.55 80.75 16.56
C PRO A 910 41.78 81.07 15.73
N GLU A 911 42.84 80.28 15.82
CA GLU A 911 44.00 80.50 14.97
C GLU A 911 43.95 79.73 13.66
N VAL A 912 43.00 78.80 13.51
CA VAL A 912 42.71 78.24 12.19
C VAL A 912 42.12 79.31 11.29
N LEU A 913 41.24 80.15 11.85
CA LEU A 913 40.60 81.21 11.07
C LEU A 913 41.60 82.21 10.53
N GLU A 914 42.69 82.46 11.26
CA GLU A 914 43.67 83.47 10.87
C GLU A 914 44.85 82.87 10.11
N TYR A 915 45.42 81.77 10.62
CA TYR A 915 46.63 81.21 10.01
C TYR A 915 46.32 80.46 8.72
N LEU A 916 45.17 79.80 8.65
CA LEU A 916 44.83 78.95 7.51
C LEU A 916 43.81 79.57 6.58
N TYR A 917 42.65 79.96 7.10
CA TYR A 917 41.58 80.48 6.27
C TYR A 917 41.91 81.84 5.67
N ASN A 918 42.43 82.77 6.48
CA ASN A 918 42.57 84.15 6.01
C ASN A 918 43.56 84.31 4.87
N PRO A 919 44.78 83.74 4.91
CA PRO A 919 45.65 83.83 3.72
C PRO A 919 45.03 83.19 2.50
N CYS A 920 44.34 82.07 2.68
CA CYS A 920 43.66 81.42 1.56
C CYS A 920 42.63 82.35 0.95
N TYR A 921 41.86 83.04 1.79
CA TYR A 921 40.81 83.92 1.29
C TYR A 921 41.39 85.17 0.64
N ASP A 922 42.47 85.73 1.19
CA ASP A 922 43.08 86.90 0.56
C ASP A 922 43.67 86.53 -0.80
N ASN A 923 44.36 85.39 -0.88
CA ASN A 923 44.87 84.91 -2.16
C ASN A 923 43.73 84.63 -3.12
N PHE A 924 42.63 84.08 -2.61
CA PHE A 924 41.46 83.79 -3.43
C PHE A 924 40.87 85.07 -4.01
N TYR A 925 40.77 86.11 -3.19
CA TYR A 925 40.24 87.39 -3.64
C TYR A 925 41.16 88.03 -4.67
N THR A 926 42.47 87.99 -4.43
CA THR A 926 43.41 88.57 -5.39
C THR A 926 43.35 87.83 -6.72
N LEU A 927 43.26 86.49 -6.68
CA LEU A 927 43.14 85.73 -7.92
C LEU A 927 41.82 86.02 -8.63
N TYR A 928 40.74 86.18 -7.88
CA TYR A 928 39.46 86.51 -8.50
C TYR A 928 39.52 87.87 -9.18
N GLU A 929 40.14 88.85 -8.52
CA GLU A 929 40.29 90.16 -9.15
C GLU A 929 41.19 90.09 -10.38
N ASN A 930 42.25 89.29 -10.32
CA ASN A 930 43.12 89.12 -11.48
C ASN A 930 42.39 88.47 -12.64
N LEU A 931 41.53 87.50 -12.35
CA LEU A 931 40.72 86.87 -13.40
C LEU A 931 39.66 87.82 -13.96
N LYS A 932 39.04 88.63 -13.11
CA LYS A 932 38.07 89.61 -13.59
C LYS A 932 38.74 90.64 -14.49
N SER A 933 39.93 91.10 -14.12
CA SER A 933 40.68 92.02 -14.96
C SER A 933 41.25 91.35 -16.20
N GLY A 934 41.64 90.09 -16.11
CA GLY A 934 42.26 89.40 -17.22
C GLY A 934 43.75 89.66 -17.33
N LYS A 935 44.36 90.10 -16.23
CA LYS A 935 45.77 90.46 -16.21
C LYS A 935 46.66 89.29 -15.79
N ILE A 936 46.13 88.07 -15.75
CA ILE A 936 46.92 86.92 -15.34
C ILE A 936 47.97 86.61 -16.39
N THR A 937 48.95 85.80 -15.99
CA THR A 937 49.99 85.32 -16.91
C THR A 937 49.86 83.81 -17.09
N PHE A 938 50.48 83.31 -18.16
CA PHE A 938 50.31 81.91 -18.53
C PHE A 938 51.11 80.96 -17.64
N ALA A 939 52.11 81.46 -16.92
CA ALA A 939 52.82 80.60 -15.98
C ALA A 939 51.89 80.11 -14.88
N GLU A 940 51.18 81.02 -14.24
CA GLU A 940 50.17 80.62 -13.26
C GLU A 940 49.10 79.76 -13.91
N VAL A 941 48.73 80.06 -15.16
CA VAL A 941 47.65 79.35 -15.82
C VAL A 941 48.00 77.88 -16.01
N ASP A 942 49.17 77.60 -16.59
CA ASP A 942 49.55 76.20 -16.78
C ASP A 942 50.06 75.57 -15.49
N ALA A 943 50.30 76.37 -14.43
CA ALA A 943 50.56 75.80 -13.13
C ALA A 943 49.30 75.28 -12.44
N ILE A 944 48.19 76.01 -12.52
CA ILE A 944 47.00 75.69 -11.73
C ILE A 944 45.92 75.02 -12.57
N PHE A 945 45.59 75.55 -13.75
CA PHE A 945 44.55 74.96 -14.59
C PHE A 945 45.02 73.73 -15.35
N LYS A 946 46.15 73.13 -14.97
CA LYS A 946 46.65 71.95 -15.67
C LYS A 946 45.69 70.78 -15.60
N ASP A 947 44.76 70.79 -14.63
CA ASP A 947 43.81 69.72 -14.43
C ASP A 947 42.45 70.03 -15.06
N PHE A 948 42.42 70.83 -16.10
CA PHE A 948 41.18 71.20 -16.79
C PHE A 948 41.34 71.03 -18.29
N VAL A 949 41.87 69.87 -18.70
CA VAL A 949 42.20 69.61 -20.09
C VAL A 949 40.94 69.08 -20.79
N ASP A 950 40.36 69.90 -21.67
CA ASP A 950 39.26 69.49 -22.53
C ASP A 950 38.05 69.02 -21.75
N LYS A 951 37.90 69.54 -20.53
CA LYS A 951 36.70 69.35 -19.70
C LYS A 951 36.26 70.74 -19.27
N TYR A 952 35.47 71.39 -20.13
CA TYR A 952 35.19 72.81 -20.00
C TYR A 952 33.79 73.14 -19.53
N ASP A 953 32.84 72.19 -19.60
CA ASP A 953 31.53 72.42 -18.99
C ASP A 953 31.66 72.55 -17.48
N GLU A 954 32.38 71.60 -16.86
CA GLU A 954 32.62 71.67 -15.42
C GLU A 954 33.50 72.87 -15.06
N LEU A 955 34.43 73.24 -15.95
CA LEU A 955 35.19 74.47 -15.73
C LEU A 955 34.28 75.69 -15.74
N LYS A 956 33.33 75.75 -16.68
CA LYS A 956 32.39 76.87 -16.73
C LYS A 956 31.53 76.91 -15.48
N ASN A 957 31.08 75.76 -15.00
CA ASN A 957 30.30 75.72 -13.76
C ASN A 957 31.14 76.14 -12.56
N ASP A 958 32.42 75.79 -12.56
CA ASP A 958 33.30 76.23 -11.48
C ASP A 958 33.52 77.73 -11.51
N LEU A 959 33.63 78.31 -12.71
CA LEU A 959 33.70 79.77 -12.80
C LEU A 959 32.39 80.43 -12.38
N LYS A 960 31.26 79.77 -12.63
CA LYS A 960 29.99 80.28 -12.13
C LYS A 960 29.96 80.26 -10.60
N PHE A 961 30.47 79.18 -10.00
CA PHE A 961 30.59 79.14 -8.55
C PHE A 961 31.56 80.20 -8.05
N MET A 962 32.58 80.50 -8.84
CA MET A 962 33.49 81.61 -8.56
C MET A 962 32.72 82.93 -8.48
N CYS A 963 31.93 83.21 -9.52
CA CYS A 963 31.24 84.49 -9.62
C CYS A 963 30.06 84.60 -8.68
N THR A 964 29.57 83.48 -8.14
CA THR A 964 28.53 83.56 -7.12
C THR A 964 29.09 83.94 -5.75
N MET A 965 30.39 83.77 -5.53
CA MET A 965 31.00 84.17 -4.26
C MET A 965 30.87 85.68 -4.04
N ASN A 966 31.29 86.47 -5.02
CA ASN A 966 31.08 87.91 -4.98
C ASN A 966 29.83 88.22 -5.78
N PRO A 967 28.76 88.74 -5.17
CA PRO A 967 27.49 88.87 -5.89
C PRO A 967 27.48 90.00 -6.91
N GLN A 968 28.02 89.74 -8.10
CA GLN A 968 27.94 90.65 -9.25
C GLN A 968 27.48 89.85 -10.46
N ASP A 969 27.28 90.54 -11.56
CA ASP A 969 26.73 89.91 -12.77
C ASP A 969 27.78 89.04 -13.45
N GLN A 970 27.30 88.15 -14.33
CA GLN A 970 28.16 87.25 -15.10
C GLN A 970 27.55 87.11 -16.50
N LYS A 971 27.91 88.02 -17.41
CA LYS A 971 27.39 87.97 -18.77
C LYS A 971 28.47 87.82 -19.82
N GLY A 972 29.53 88.61 -19.77
CA GLY A 972 30.50 88.64 -20.83
C GLY A 972 31.95 88.41 -20.40
N TRP A 973 32.16 87.50 -19.46
CA TRP A 973 33.51 87.21 -18.99
C TRP A 973 33.87 85.73 -19.07
N ILE A 974 32.92 84.84 -18.81
CA ILE A 974 33.22 83.41 -18.76
C ILE A 974 33.54 82.87 -20.15
N SER A 975 32.77 83.27 -21.16
CA SER A 975 32.90 82.65 -22.48
C SER A 975 34.27 82.92 -23.10
N GLU A 976 34.68 84.19 -23.17
CA GLU A 976 35.94 84.51 -23.83
C GLU A 976 37.13 83.98 -23.04
N ARG A 977 37.05 84.00 -21.71
CA ARG A 977 38.16 83.52 -20.90
C ARG A 977 38.31 82.01 -21.01
N VAL A 978 37.21 81.27 -20.98
CA VAL A 978 37.29 79.82 -21.17
C VAL A 978 37.74 79.49 -22.59
N GLY A 979 37.34 80.29 -23.57
CA GLY A 979 37.83 80.08 -24.93
C GLY A 979 39.32 80.34 -25.04
N GLN A 980 39.81 81.36 -24.32
CA GLN A 980 41.24 81.62 -24.29
C GLN A 980 42.01 80.47 -23.65
N ILE A 981 41.46 79.91 -22.56
CA ILE A 981 42.09 78.75 -21.93
C ILE A 981 42.13 77.57 -22.89
N LYS A 982 41.02 77.32 -23.59
CA LYS A 982 40.97 76.23 -24.56
C LYS A 982 41.96 76.45 -25.70
N GLU A 983 42.08 77.70 -26.18
CA GLU A 983 43.03 77.99 -27.24
C GLU A 983 44.46 77.79 -26.79
N TYR A 984 44.77 78.19 -25.55
CA TYR A 984 46.11 77.96 -25.01
C TYR A 984 46.41 76.47 -24.91
N HIS A 985 45.44 75.68 -24.43
CA HIS A 985 45.63 74.25 -24.33
C HIS A 985 45.83 73.62 -25.70
N THR A 986 45.04 74.03 -26.69
CA THR A 986 45.19 73.48 -28.03
C THR A 986 46.52 73.90 -28.66
N LEU A 987 47.00 75.11 -28.37
CA LEU A 987 48.31 75.52 -28.86
C LEU A 987 49.41 74.66 -28.25
N HIS A 988 49.33 74.38 -26.95
CA HIS A 988 50.32 73.50 -26.34
C HIS A 988 50.25 72.09 -26.92
N GLN A 989 49.04 71.60 -27.16
CA GLN A 989 48.87 70.28 -27.78
C GLN A 989 49.47 70.25 -29.18
N ALA A 990 49.24 71.30 -29.96
CA ALA A 990 49.82 71.39 -31.30
C ALA A 990 51.35 71.43 -31.23
N VAL A 991 51.89 72.13 -30.24
CA VAL A 991 53.34 72.16 -30.07
C VAL A 991 53.87 70.76 -29.80
N SER A 992 53.21 70.03 -28.91
CA SER A 992 53.65 68.66 -28.60
C SER A 992 53.54 67.75 -29.82
N SER A 993 52.44 67.85 -30.57
CA SER A 993 52.24 67.01 -31.73
C SER A 993 53.28 67.33 -32.83
N ALA A 994 53.57 68.61 -33.03
CA ALA A 994 54.58 68.99 -34.01
C ALA A 994 55.97 68.53 -33.58
N LYS A 995 56.25 68.56 -32.27
CA LYS A 995 57.52 68.03 -31.79
C LYS A 995 57.62 66.54 -32.06
N VAL A 996 56.53 65.80 -31.86
CA VAL A 996 56.54 64.37 -32.15
C VAL A 996 56.71 64.12 -33.65
N ILE A 997 56.09 64.97 -34.49
CA ILE A 997 56.24 64.83 -35.93
C ILE A 997 57.68 65.10 -36.36
N LEU A 998 58.32 66.12 -35.79
CA LEU A 998 59.72 66.36 -36.09
C LEU A 998 60.60 65.20 -35.60
N GLN A 999 60.24 64.61 -34.45
CA GLN A 999 60.97 63.45 -33.96
C GLN A 999 60.89 62.29 -34.95
N VAL A 1000 59.69 62.00 -35.46
CA VAL A 1000 59.56 60.90 -36.40
C VAL A 1000 60.24 61.23 -37.73
N ARG A 1001 60.21 62.49 -38.15
CA ARG A 1001 60.94 62.86 -39.35
C ARG A 1001 62.44 62.67 -39.19
N ARG A 1002 62.98 62.98 -38.02
CA ARG A 1002 64.41 62.77 -37.78
C ARG A 1002 64.77 61.29 -37.69
N ALA A 1003 63.92 60.49 -37.03
CA ALA A 1003 64.31 59.14 -36.64
C ALA A 1003 63.81 58.05 -37.58
N LEU A 1004 62.63 58.22 -38.21
CA LEU A 1004 62.07 57.17 -39.03
C LEU A 1004 62.95 56.87 -40.24
N GLY A 1005 63.49 57.90 -40.88
CA GLY A 1005 64.38 57.76 -42.01
C GLY A 1005 64.10 58.68 -43.17
N VAL A 1006 62.84 59.01 -43.43
CA VAL A 1006 62.48 59.88 -44.54
C VAL A 1006 62.78 61.32 -44.15
N THR A 1007 63.36 62.08 -45.08
CA THR A 1007 63.67 63.47 -44.80
C THR A 1007 62.43 64.35 -44.88
N GLY A 1008 61.58 64.11 -45.89
CA GLY A 1008 60.39 64.90 -46.12
C GLY A 1008 60.69 66.39 -46.30
N ASP A 1009 59.61 67.18 -46.31
CA ASP A 1009 59.75 68.63 -46.36
C ASP A 1009 58.45 69.24 -45.87
N PHE A 1010 58.47 69.88 -44.70
CA PHE A 1010 57.31 70.55 -44.16
C PHE A 1010 57.47 72.07 -44.15
N SER A 1011 58.52 72.57 -43.50
CA SER A 1011 58.89 73.98 -43.55
C SER A 1011 57.73 74.91 -43.20
N VAL A 1012 56.84 74.44 -42.32
CA VAL A 1012 55.69 75.23 -41.91
C VAL A 1012 55.64 75.48 -40.41
N LEU A 1013 56.14 74.56 -39.58
CA LEU A 1013 56.05 74.70 -38.12
C LEU A 1013 57.34 75.23 -37.50
N ASN A 1014 58.29 75.68 -38.31
CA ASN A 1014 59.52 76.27 -37.76
C ASN A 1014 59.25 77.49 -36.90
N PRO A 1015 58.43 78.47 -37.30
CA PRO A 1015 58.10 79.56 -36.35
C PRO A 1015 57.41 79.07 -35.09
N LEU A 1016 56.60 78.02 -35.19
CA LEU A 1016 55.98 77.45 -34.01
C LEU A 1016 57.04 76.90 -33.04
N LEU A 1017 58.04 76.21 -33.58
CA LEU A 1017 59.12 75.69 -32.75
C LEU A 1017 59.95 76.82 -32.15
N ASN A 1018 60.18 77.89 -32.92
CA ASN A 1018 60.89 79.04 -32.39
C ASN A 1018 60.13 79.68 -31.25
N PHE A 1019 58.80 79.77 -31.38
CA PHE A 1019 57.97 80.26 -30.28
C PHE A 1019 58.02 79.31 -29.08
N ALA A 1020 58.09 78.00 -29.31
CA ALA A 1020 58.04 77.04 -28.23
C ALA A 1020 59.23 77.18 -27.28
N ASP A 1021 60.42 77.38 -27.81
CA ASP A 1021 61.63 77.48 -26.99
C ASP A 1021 61.73 78.79 -26.22
N SER A 1022 60.93 79.79 -26.59
CA SER A 1022 60.95 81.10 -25.92
C SER A 1022 59.80 81.20 -24.93
N PHE A 1023 59.90 82.19 -24.05
CA PHE A 1023 58.91 82.41 -23.00
C PHE A 1023 58.43 83.85 -23.07
N GLU A 1024 57.10 84.03 -23.05
CA GLU A 1024 56.48 85.34 -23.02
C GLU A 1024 55.47 85.40 -21.89
N ASP A 1025 55.37 86.58 -21.27
CA ASP A 1025 54.54 86.76 -20.08
C ASP A 1025 53.42 87.76 -20.38
N PHE A 1026 52.30 87.25 -20.91
CA PHE A 1026 51.09 88.04 -21.05
C PHE A 1026 49.91 87.09 -21.14
N GLY A 1027 48.73 87.56 -20.72
CA GLY A 1027 47.54 86.75 -20.69
C GLY A 1027 46.52 87.01 -21.77
N ASN A 1028 46.82 87.87 -22.74
CA ASN A 1028 45.86 88.22 -23.78
C ASN A 1028 45.86 87.13 -24.86
N GLU A 1029 45.19 87.42 -25.98
CA GLU A 1029 45.08 86.47 -27.08
C GLU A 1029 46.40 86.31 -27.83
N SER A 1035 49.13 89.07 -32.09
CA SER A 1035 48.09 88.15 -31.62
C SER A 1035 47.21 87.58 -32.76
N PRO A 1036 46.68 88.43 -33.66
CA PRO A 1036 45.84 87.90 -34.72
C PRO A 1036 46.60 87.31 -35.90
N GLN A 1037 47.92 87.51 -35.98
CA GLN A 1037 48.68 87.05 -37.13
C GLN A 1037 48.85 85.54 -37.17
N PHE A 1038 48.64 84.85 -36.05
CA PHE A 1038 48.79 83.41 -36.00
C PHE A 1038 47.46 82.66 -36.20
N ILE A 1039 46.33 83.37 -36.23
CA ILE A 1039 45.04 82.69 -36.33
C ILE A 1039 44.89 82.00 -37.68
N LYS A 1040 45.29 82.67 -38.76
CA LYS A 1040 45.20 82.06 -40.09
C LYS A 1040 46.10 80.83 -40.19
N ALA A 1041 47.29 80.89 -39.60
CA ALA A 1041 48.16 79.72 -39.59
C ALA A 1041 47.55 78.58 -38.77
N LYS A 1042 46.93 78.91 -37.64
CA LYS A 1042 46.30 77.91 -36.79
C LYS A 1042 45.01 77.35 -37.38
N GLN A 1043 44.45 78.02 -38.39
CA GLN A 1043 43.17 77.59 -38.96
C GLN A 1043 43.19 76.13 -39.39
N LEU A 1044 44.31 75.64 -39.91
CA LEU A 1044 44.35 74.28 -40.45
C LEU A 1044 44.12 73.21 -39.39
N LEU A 1045 44.35 73.53 -38.11
CA LEU A 1045 44.12 72.59 -37.01
C LEU A 1045 43.19 73.21 -35.97
N GLN A 1046 42.14 73.89 -36.43
CA GLN A 1046 41.23 74.58 -35.52
C GLN A 1046 40.51 73.60 -34.59
N ASP A 1047 40.03 72.49 -35.14
CA ASP A 1047 39.17 71.56 -34.41
C ASP A 1047 39.65 70.12 -34.62
N ILE A 1048 40.95 69.89 -34.43
CA ILE A 1048 41.52 68.59 -34.75
C ILE A 1048 40.96 67.46 -33.89
N SER A 1049 41.31 67.45 -32.60
CA SER A 1049 40.77 66.56 -31.57
C SER A 1049 41.52 66.78 -30.28
N GLU A 1050 40.97 66.34 -29.15
CA GLU A 1050 41.84 66.10 -27.99
C GLU A 1050 42.50 64.71 -28.04
N PRO A 1051 41.82 63.63 -28.45
CA PRO A 1051 42.52 62.35 -28.58
C PRO A 1051 43.32 62.31 -29.87
N ARG A 1052 43.81 61.11 -30.19
CA ARG A 1052 44.36 60.65 -31.46
C ARG A 1052 45.72 61.28 -31.76
N GLN A 1053 46.14 62.26 -30.97
CA GLN A 1053 47.56 62.61 -30.99
C GLN A 1053 48.38 61.53 -30.31
N ARG A 1054 47.76 60.75 -29.43
CA ARG A 1054 48.37 59.51 -28.97
C ARG A 1054 48.63 58.57 -30.13
N CYS A 1055 47.74 58.55 -31.12
CA CYS A 1055 47.92 57.71 -32.30
C CYS A 1055 49.20 58.08 -33.06
N LEU A 1056 49.30 59.34 -33.50
CA LEU A 1056 50.49 59.74 -34.24
C LEU A 1056 51.74 59.67 -33.38
N GLU A 1057 51.63 59.97 -32.08
CA GLU A 1057 52.85 59.92 -31.27
C GLU A 1057 53.29 58.48 -30.99
N GLU A 1058 52.35 57.53 -30.97
CA GLU A 1058 52.74 56.13 -30.84
C GLU A 1058 53.36 55.62 -32.15
N LEU A 1059 52.82 56.07 -33.28
CA LEU A 1059 53.44 55.72 -34.56
C LEU A 1059 54.83 56.36 -34.67
N ALA A 1060 54.97 57.57 -34.15
CA ALA A 1060 56.21 58.33 -34.28
C ALA A 1060 57.30 57.79 -33.36
N ARG A 1061 56.94 57.47 -32.11
CA ARG A 1061 57.93 56.98 -31.17
C ARG A 1061 58.39 55.57 -31.50
N GLN A 1062 57.71 54.91 -32.44
CA GLN A 1062 58.13 53.61 -32.93
C GLN A 1062 58.58 53.77 -34.38
N THR A 1063 59.85 54.15 -34.55
CA THR A 1063 60.47 54.21 -35.88
C THR A 1063 61.09 52.89 -36.29
N GLU A 1064 61.25 51.95 -35.36
CA GLU A 1064 61.78 50.65 -35.71
C GLU A 1064 60.75 49.80 -36.43
N LEU A 1065 59.49 49.89 -35.99
CA LEU A 1065 58.43 49.08 -36.60
C LEU A 1065 58.19 49.48 -38.05
N VAL A 1066 58.04 50.78 -38.31
CA VAL A 1066 57.78 51.24 -39.67
C VAL A 1066 58.97 50.96 -40.58
N ALA A 1067 60.19 51.20 -40.10
CA ALA A 1067 61.37 50.92 -40.89
C ALA A 1067 61.47 49.44 -41.23
N TRP A 1068 61.20 48.58 -40.25
CA TRP A 1068 61.25 47.14 -40.51
C TRP A 1068 60.13 46.70 -41.45
N LEU A 1069 58.95 47.30 -41.35
CA LEU A 1069 57.84 46.94 -42.24
C LEU A 1069 58.13 47.36 -43.67
N HIS A 1070 58.75 48.53 -43.85
CA HIS A 1070 59.16 48.93 -45.19
C HIS A 1070 60.33 48.10 -45.70
N LYS A 1071 61.21 47.64 -44.82
CA LYS A 1071 62.33 46.81 -45.24
C LYS A 1071 61.87 45.41 -45.64
N ALA A 1072 60.87 44.87 -44.95
CA ALA A 1072 60.48 43.47 -45.12
C ALA A 1072 59.30 43.26 -46.05
N LEU A 1073 58.28 44.12 -45.96
CA LEU A 1073 57.04 43.92 -46.71
C LEU A 1073 57.09 44.60 -48.07
N GLU A 1074 57.39 45.91 -48.10
CA GLU A 1074 57.61 46.69 -49.31
C GLU A 1074 56.33 46.91 -50.12
N ASP A 1075 55.21 46.32 -49.69
CA ASP A 1075 53.96 46.48 -50.44
C ASP A 1075 52.79 46.07 -49.56
N ILE A 1076 51.60 46.43 -50.01
CA ILE A 1076 50.37 46.13 -49.28
C ILE A 1076 49.78 44.77 -49.64
N ASN A 1077 50.19 44.17 -50.75
CA ASN A 1077 49.58 42.92 -51.21
C ASN A 1077 50.12 41.70 -50.48
N GLU A 1078 51.30 41.80 -49.86
CA GLU A 1078 51.91 40.66 -49.18
C GLU A 1078 51.31 40.42 -47.79
N LEU A 1079 50.51 41.35 -47.28
CA LEU A 1079 49.97 41.23 -45.93
C LEU A 1079 49.05 40.03 -45.79
N LYS A 1080 48.25 39.74 -46.83
CA LYS A 1080 47.26 38.67 -46.72
C LYS A 1080 47.91 37.30 -46.64
N VAL A 1081 48.99 37.09 -47.39
CA VAL A 1081 49.77 35.87 -47.20
C VAL A 1081 50.51 35.90 -45.87
N PHE A 1082 50.99 37.08 -45.47
CA PHE A 1082 51.84 37.19 -44.29
C PHE A 1082 51.06 36.84 -43.02
N VAL A 1083 49.80 37.28 -42.92
CA VAL A 1083 49.02 36.99 -41.72
C VAL A 1083 48.79 35.48 -41.59
N ASP A 1084 48.50 34.81 -42.71
CA ASP A 1084 48.35 33.35 -42.67
C ASP A 1084 49.65 32.68 -42.27
N LEU A 1085 50.78 33.14 -42.82
CA LEU A 1085 52.06 32.55 -42.43
C LEU A 1085 52.37 32.78 -40.95
N ALA A 1086 51.94 33.92 -40.40
CA ALA A 1086 52.17 34.20 -38.99
C ALA A 1086 51.22 33.41 -38.09
N SER A 1087 50.03 33.06 -38.58
CA SER A 1087 49.07 32.34 -37.75
C SER A 1087 49.62 30.98 -37.32
N ILE A 1088 50.27 30.26 -38.24
CA ILE A 1088 50.82 28.95 -37.88
C ILE A 1088 51.99 29.10 -36.92
N SER A 1089 52.79 30.15 -37.09
CA SER A 1089 53.92 30.38 -36.20
C SER A 1089 53.50 30.94 -34.86
N ALA A 1090 52.28 31.46 -34.75
CA ALA A 1090 51.80 32.02 -33.49
C ALA A 1090 51.51 30.90 -32.50
N GLY A 1091 50.93 31.26 -31.37
CA GLY A 1091 50.67 30.30 -30.32
C GLY A 1091 49.29 29.68 -30.42
N GLU A 1092 48.78 29.24 -29.29
CA GLU A 1092 47.56 28.46 -29.23
C GLU A 1092 46.52 29.13 -28.34
N ASN A 1093 46.97 29.98 -27.41
CA ASN A 1093 46.08 30.60 -26.45
C ASN A 1093 45.53 31.91 -27.02
N ASP A 1094 44.81 32.65 -26.17
CA ASP A 1094 44.06 33.80 -26.65
C ASP A 1094 44.98 34.97 -27.00
N ILE A 1095 45.95 35.27 -26.14
CA ILE A 1095 46.88 36.38 -26.41
C ILE A 1095 47.68 36.10 -27.68
N ASP A 1096 48.21 34.88 -27.80
CA ASP A 1096 49.04 34.53 -28.94
C ASP A 1096 48.24 34.56 -30.24
N VAL A 1097 47.00 34.06 -30.22
CA VAL A 1097 46.18 34.08 -31.42
C VAL A 1097 45.79 35.51 -31.79
N ASP A 1098 45.45 36.33 -30.80
CA ASP A 1098 45.04 37.71 -31.08
C ASP A 1098 46.21 38.61 -31.44
N ARG A 1099 47.45 38.16 -31.23
CA ARG A 1099 48.60 38.93 -31.70
C ARG A 1099 48.52 39.20 -33.20
N VAL A 1100 48.23 38.16 -33.98
CA VAL A 1100 48.17 38.32 -35.43
C VAL A 1100 47.00 39.22 -35.82
N ALA A 1101 45.88 39.13 -35.08
CA ALA A 1101 44.73 39.97 -35.38
C ALA A 1101 45.02 41.44 -35.11
N CYS A 1102 45.69 41.74 -33.98
CA CYS A 1102 45.98 43.13 -33.69
C CYS A 1102 47.02 43.68 -34.65
N PHE A 1103 48.00 42.86 -35.05
CA PHE A 1103 48.91 43.28 -36.12
C PHE A 1103 48.14 43.62 -37.40
N HIS A 1104 47.26 42.71 -37.84
CA HIS A 1104 46.56 42.92 -39.10
C HIS A 1104 45.72 44.18 -39.05
N ASP A 1105 44.99 44.39 -37.94
CA ASP A 1105 44.18 45.59 -37.81
C ASP A 1105 45.04 46.84 -37.75
N ALA A 1106 46.17 46.77 -37.05
CA ALA A 1106 47.05 47.93 -36.94
C ALA A 1106 47.56 48.36 -38.31
N VAL A 1107 48.05 47.41 -39.11
CA VAL A 1107 48.57 47.79 -40.42
C VAL A 1107 47.44 48.18 -41.36
N GLN A 1108 46.26 47.56 -41.22
CA GLN A 1108 45.13 47.96 -42.05
C GLN A 1108 44.73 49.41 -41.78
N GLY A 1109 44.77 49.82 -40.51
CA GLY A 1109 44.45 51.19 -40.16
C GLY A 1109 45.57 52.19 -40.32
N TYR A 1110 46.82 51.73 -40.46
CA TYR A 1110 47.96 52.62 -40.57
C TYR A 1110 48.62 52.61 -41.94
N ALA A 1111 48.16 51.78 -42.88
CA ALA A 1111 48.77 51.75 -44.20
C ALA A 1111 48.46 53.02 -45.00
N SER A 1112 47.45 53.78 -44.57
CA SER A 1112 47.13 55.01 -45.26
C SER A 1112 48.22 56.06 -45.09
N LEU A 1113 48.71 56.25 -43.86
CA LEU A 1113 49.81 57.16 -43.60
C LEU A 1113 51.14 56.43 -43.48
N LEU A 1114 51.17 55.14 -43.79
CA LEU A 1114 52.40 54.36 -43.80
C LEU A 1114 52.85 53.96 -45.18
N TYR A 1115 51.91 53.75 -46.12
CA TYR A 1115 52.23 53.25 -47.45
C TYR A 1115 51.88 54.22 -48.57
N LYS A 1116 51.08 55.26 -48.32
CA LYS A 1116 50.59 56.15 -49.36
C LYS A 1116 51.21 57.55 -49.26
N MET A 1117 52.51 57.63 -48.94
CA MET A 1117 53.17 58.91 -48.71
C MET A 1117 54.26 59.12 -49.74
N ASP A 1118 54.56 60.38 -50.03
CA ASP A 1118 55.64 60.76 -50.91
C ASP A 1118 56.71 61.55 -50.14
N GLU A 1119 57.96 61.42 -50.60
CA GLU A 1119 59.05 62.14 -49.97
C GLU A 1119 58.93 63.66 -50.10
N ARG A 1120 58.09 64.14 -51.02
CA ARG A 1120 57.77 65.56 -51.16
C ARG A 1120 56.25 65.66 -51.12
N THR A 1121 55.71 66.18 -50.03
CA THR A 1121 54.27 66.29 -49.83
C THR A 1121 53.86 67.74 -49.64
N ASN A 1122 52.69 68.07 -50.17
CA ASN A 1122 52.09 69.39 -50.03
C ASN A 1122 51.05 69.34 -48.91
N PHE A 1123 50.97 70.44 -48.16
CA PHE A 1123 50.18 70.46 -46.92
C PHE A 1123 48.74 70.01 -47.15
N SER A 1124 48.16 70.37 -48.31
CA SER A 1124 46.78 70.03 -48.58
C SER A 1124 46.57 68.52 -48.68
N ASP A 1125 47.41 67.84 -49.46
CA ASP A 1125 47.25 66.40 -49.62
C ASP A 1125 47.57 65.65 -48.33
N PHE A 1126 48.53 66.17 -47.54
CA PHE A 1126 48.82 65.57 -46.25
C PHE A 1126 47.64 65.71 -45.30
N MET A 1127 46.98 66.88 -45.30
CA MET A 1127 45.81 67.06 -44.47
C MET A 1127 44.67 66.16 -44.90
N ASN A 1128 44.49 66.00 -46.23
CA ASN A 1128 43.45 65.08 -46.72
C ASN A 1128 43.74 63.64 -46.29
N HIS A 1129 45.00 63.21 -46.42
CA HIS A 1129 45.37 61.86 -46.01
C HIS A 1129 45.15 61.66 -44.52
N LEU A 1130 45.50 62.68 -43.71
CA LEU A 1130 45.28 62.59 -42.27
C LEU A 1130 43.79 62.55 -41.94
N GLN A 1131 42.97 63.31 -42.68
CA GLN A 1131 41.53 63.26 -42.48
C GLN A 1131 40.99 61.86 -42.75
N GLU A 1132 41.45 61.24 -43.83
CA GLU A 1132 41.03 59.87 -44.11
C GLU A 1132 41.53 58.92 -43.04
N LEU A 1133 42.73 59.17 -42.51
CA LEU A 1133 43.26 58.35 -41.42
C LEU A 1133 42.37 58.43 -40.18
N TRP A 1134 41.93 59.63 -39.82
CA TRP A 1134 41.04 59.78 -38.68
C TRP A 1134 39.70 59.10 -38.94
N ARG A 1135 39.19 59.22 -40.17
CA ARG A 1135 37.96 58.54 -40.54
C ARG A 1135 38.10 57.03 -40.36
N ALA A 1136 39.22 56.47 -40.78
CA ALA A 1136 39.44 55.03 -40.63
C ALA A 1136 39.65 54.64 -39.18
N LEU A 1137 40.32 55.49 -38.39
CA LEU A 1137 40.57 55.15 -36.98
C LEU A 1137 39.28 55.23 -36.16
N ASP A 1138 38.31 56.01 -36.61
CA ASP A 1138 37.08 56.16 -35.84
C ASP A 1138 36.32 54.85 -35.63
N ASN A 1139 36.53 53.85 -36.50
CA ASN A 1139 35.88 52.56 -36.28
C ASN A 1139 36.66 51.65 -35.35
N ASP A 1140 37.86 52.04 -34.93
CA ASP A 1140 38.61 51.30 -33.93
C ASP A 1140 39.42 52.33 -33.12
N GLN A 1141 38.87 52.76 -31.99
CA GLN A 1141 39.53 53.78 -31.19
C GLN A 1141 40.68 53.21 -30.36
N HIS A 1142 40.85 51.89 -30.36
CA HIS A 1142 41.98 51.25 -29.68
C HIS A 1142 43.09 50.87 -30.65
N LEU A 1143 43.03 51.38 -31.88
CA LEU A 1143 44.07 51.08 -32.87
C LEU A 1143 45.47 51.49 -32.44
N PRO A 1144 45.70 52.66 -31.83
CA PRO A 1144 47.07 52.95 -31.36
C PRO A 1144 47.60 51.93 -30.37
N ASP A 1145 46.73 51.43 -29.49
CA ASP A 1145 47.14 50.34 -28.61
C ASP A 1145 47.53 49.11 -29.41
N LYS A 1146 46.76 48.79 -30.45
CA LYS A 1146 47.08 47.64 -31.29
C LYS A 1146 48.43 47.82 -31.97
N LEU A 1147 48.70 49.02 -32.47
CA LEU A 1147 50.00 49.28 -33.11
C LEU A 1147 51.14 49.12 -32.12
N LYS A 1148 50.99 49.67 -30.91
CA LYS A 1148 52.05 49.53 -29.93
C LYS A 1148 52.25 48.06 -29.53
N ASP A 1149 51.15 47.33 -29.37
CA ASP A 1149 51.24 45.93 -28.93
C ASP A 1149 51.84 45.05 -30.03
N SER A 1150 51.60 45.39 -31.30
CA SER A 1150 52.26 44.65 -32.37
C SER A 1150 53.73 45.03 -32.47
N ALA A 1151 54.04 46.32 -32.27
CA ALA A 1151 55.42 46.79 -32.36
C ALA A 1151 56.29 46.14 -31.29
N ARG A 1152 55.76 46.01 -30.07
CA ARG A 1152 56.55 45.41 -29.01
C ARG A 1152 56.81 43.93 -29.21
N ASN A 1153 56.12 43.27 -30.13
CA ASN A 1153 56.35 41.87 -30.46
C ASN A 1153 57.31 41.75 -31.65
N LEU A 1154 58.23 42.71 -31.76
CA LEU A 1154 59.16 42.73 -32.88
C LEU A 1154 60.04 41.50 -32.93
N GLU A 1155 60.34 40.88 -31.78
CA GLU A 1155 61.16 39.66 -31.80
C GLU A 1155 60.41 38.49 -32.43
N TRP A 1156 59.19 38.21 -31.93
CA TRP A 1156 58.35 37.20 -32.54
C TRP A 1156 58.07 37.50 -34.00
N LEU A 1157 58.12 38.79 -34.35
CA LEU A 1157 57.68 39.23 -35.67
C LEU A 1157 58.83 39.29 -36.67
N LYS A 1158 60.07 39.33 -36.18
CA LYS A 1158 61.27 39.12 -36.98
C LYS A 1158 61.64 37.64 -37.07
N THR A 1159 61.18 36.83 -36.13
CA THR A 1159 61.40 35.38 -36.21
C THR A 1159 60.28 34.67 -36.95
N VAL A 1160 59.49 35.40 -37.73
CA VAL A 1160 58.36 34.79 -38.43
C VAL A 1160 58.71 34.53 -39.90
N LYS A 1161 59.38 35.48 -40.55
CA LYS A 1161 59.80 35.29 -41.94
C LYS A 1161 60.94 34.29 -42.02
N GLU A 1162 61.91 34.41 -41.12
CA GLU A 1162 63.07 33.54 -41.06
C GLU A 1162 62.85 32.32 -40.17
N SER A 1163 61.60 31.97 -39.90
CA SER A 1163 61.31 30.82 -39.05
C SER A 1163 61.60 29.52 -39.79
N HIS A 1164 62.36 28.64 -39.13
CA HIS A 1164 62.64 27.33 -39.67
C HIS A 1164 61.52 26.36 -39.27
N GLY A 1165 61.74 25.06 -39.48
CA GLY A 1165 60.77 24.08 -39.06
C GLY A 1165 60.59 24.05 -37.56
N SER A 1166 59.45 24.55 -37.09
CA SER A 1166 59.18 24.65 -35.66
C SER A 1166 58.55 23.34 -35.18
N VAL A 1167 59.13 22.77 -34.13
CA VAL A 1167 58.61 21.51 -33.55
C VAL A 1167 57.60 21.92 -32.50
N GLU A 1168 56.37 22.16 -32.95
CA GLU A 1168 55.23 22.43 -32.07
C GLU A 1168 53.97 22.19 -32.90
N LEU A 1169 53.38 21.02 -32.74
CA LEU A 1169 52.33 20.59 -33.66
C LEU A 1169 51.12 21.52 -33.60
N SER A 1170 50.37 21.46 -32.51
CA SER A 1170 49.26 22.36 -32.20
C SER A 1170 48.63 21.88 -30.91
N SER A 1171 47.65 22.64 -30.42
CA SER A 1171 46.73 22.12 -29.41
C SER A 1171 45.45 21.58 -30.03
N LEU A 1172 45.18 21.91 -31.29
CA LEU A 1172 43.98 21.45 -31.99
C LEU A 1172 44.26 20.46 -33.10
N SER A 1173 45.34 20.67 -33.88
CA SER A 1173 45.75 19.64 -34.83
C SER A 1173 46.16 18.37 -34.10
N LEU A 1174 46.64 18.49 -32.87
CA LEU A 1174 46.86 17.30 -32.05
C LEU A 1174 45.55 16.61 -31.71
N ALA A 1175 44.50 17.39 -31.43
CA ALA A 1175 43.17 16.81 -31.27
C ALA A 1175 42.72 16.14 -32.56
N THR A 1176 43.06 16.73 -33.70
CA THR A 1176 42.81 16.07 -34.97
C THR A 1176 43.51 14.72 -35.03
N ALA A 1177 44.75 14.66 -34.53
CA ALA A 1177 45.50 13.41 -34.54
C ALA A 1177 44.83 12.36 -33.65
N ILE A 1178 44.37 12.76 -32.46
CA ILE A 1178 43.67 11.83 -31.60
C ILE A 1178 42.39 11.33 -32.25
N ASN A 1179 41.65 12.22 -32.90
CA ASN A 1179 40.42 11.81 -33.56
C ASN A 1179 40.68 10.91 -34.75
N SER A 1180 41.78 11.14 -35.47
CA SER A 1180 42.06 10.38 -36.70
C SER A 1180 42.64 9.01 -36.40
N ARG A 1181 43.59 8.91 -35.47
CA ARG A 1181 44.28 7.64 -35.27
C ARG A 1181 44.54 7.34 -33.79
N GLY A 1182 43.96 8.10 -32.87
CA GLY A 1182 44.18 7.85 -31.46
C GLY A 1182 43.58 6.53 -31.00
N VAL A 1183 44.39 5.71 -30.33
CA VAL A 1183 43.93 4.41 -29.81
C VAL A 1183 44.02 4.47 -28.29
N TYR A 1184 42.85 4.52 -27.66
CA TYR A 1184 42.77 4.46 -26.20
C TYR A 1184 43.01 3.03 -25.76
N VAL A 1185 44.09 2.77 -25.05
CA VAL A 1185 44.52 1.42 -24.72
C VAL A 1185 44.47 1.24 -23.21
N ILE A 1186 43.56 0.38 -22.75
CA ILE A 1186 43.49 -0.06 -21.36
C ILE A 1186 44.19 -1.40 -21.28
N GLU A 1187 45.16 -1.52 -20.37
CA GLU A 1187 45.97 -2.71 -20.23
C GLU A 1187 45.94 -3.32 -18.84
N ALA A 1188 45.79 -2.51 -17.78
CA ALA A 1188 46.02 -2.93 -16.41
C ALA A 1188 47.41 -3.55 -16.33
N PRO A 1189 48.47 -2.74 -16.37
CA PRO A 1189 49.83 -3.29 -16.47
C PRO A 1189 50.17 -4.19 -15.28
N LYS A 1190 50.96 -5.23 -15.57
CA LYS A 1190 51.28 -6.27 -14.59
C LYS A 1190 52.66 -6.08 -13.98
N ASP A 1191 53.28 -4.91 -14.16
CA ASP A 1191 54.59 -4.65 -13.58
C ASP A 1191 54.45 -4.28 -12.11
N GLY A 1192 55.55 -3.79 -11.53
CA GLY A 1192 55.56 -3.45 -10.12
C GLY A 1192 54.86 -2.17 -9.76
N GLN A 1193 54.35 -1.43 -10.75
CA GLN A 1193 53.64 -0.20 -10.47
C GLN A 1193 52.26 -0.49 -9.88
N LYS A 1194 51.57 0.58 -9.47
CA LYS A 1194 50.27 0.45 -8.84
C LYS A 1194 49.17 0.40 -9.90
N ILE A 1195 47.92 0.53 -9.46
CA ILE A 1195 46.76 0.26 -10.30
C ILE A 1195 45.85 1.49 -10.36
N SER A 1196 46.42 2.65 -10.09
CA SER A 1196 45.65 3.89 -10.06
C SER A 1196 45.08 4.19 -11.44
N PRO A 1197 44.01 4.99 -11.51
CA PRO A 1197 43.42 5.33 -12.83
C PRO A 1197 44.33 6.15 -13.72
N ASP A 1198 45.56 6.44 -13.29
CA ASP A 1198 46.52 7.13 -14.13
C ASP A 1198 47.43 6.17 -14.89
N THR A 1199 47.74 5.01 -14.31
CA THR A 1199 48.73 4.10 -14.87
C THR A 1199 48.10 2.91 -15.61
N VAL A 1200 46.78 2.91 -15.78
CA VAL A 1200 46.12 1.82 -16.48
C VAL A 1200 45.65 2.21 -17.88
N LEU A 1201 45.53 3.50 -18.20
CA LEU A 1201 45.08 3.96 -19.51
C LEU A 1201 46.23 4.67 -20.21
N ARG A 1202 46.41 4.37 -21.49
CA ARG A 1202 47.42 5.00 -22.31
C ARG A 1202 46.79 5.41 -23.64
N LEU A 1203 47.44 6.32 -24.35
CA LEU A 1203 46.95 6.75 -25.65
C LEU A 1203 48.10 6.75 -26.63
N LEU A 1204 48.11 5.81 -27.55
CA LEU A 1204 49.18 5.69 -28.54
C LEU A 1204 48.80 6.48 -29.79
N LEU A 1205 49.73 7.30 -30.26
CA LEU A 1205 49.51 8.12 -31.45
C LEU A 1205 50.54 7.80 -32.51
N PRO A 1206 50.18 7.05 -33.55
CA PRO A 1206 51.15 6.75 -34.61
C PRO A 1206 51.28 7.90 -35.60
N ASP A 1207 52.02 7.69 -36.68
CA ASP A 1207 52.16 8.70 -37.72
C ASP A 1207 51.43 8.28 -38.99
N PRO A 1212 56.36 8.18 -40.99
CA PRO A 1212 57.31 7.29 -40.33
C PRO A 1212 56.63 6.26 -39.43
N GLU A 1213 57.41 5.64 -38.53
CA GLU A 1213 56.89 4.60 -37.65
C GLU A 1213 57.15 4.88 -36.18
N ALA A 1214 57.44 6.12 -35.81
CA ALA A 1214 57.62 6.47 -34.41
C ALA A 1214 56.28 6.45 -33.67
N LEU A 1215 56.35 6.27 -32.36
CA LEU A 1215 55.16 6.20 -31.53
C LEU A 1215 55.31 7.14 -30.34
N ARG A 1216 54.20 7.80 -30.00
CA ARG A 1216 54.11 8.66 -28.83
C ARG A 1216 53.00 8.15 -27.93
N THR A 1217 53.27 8.10 -26.63
CA THR A 1217 52.36 7.49 -25.66
C THR A 1217 51.94 8.54 -24.64
N TYR A 1218 50.77 9.11 -24.85
CA TYR A 1218 50.18 10.03 -23.89
C TYR A 1218 49.64 9.28 -22.68
N SER A 1219 49.87 9.85 -21.50
CA SER A 1219 49.29 9.30 -20.29
C SER A 1219 48.00 10.04 -19.96
N THR A 1220 47.29 9.61 -18.92
CA THR A 1220 46.09 10.32 -18.52
C THR A 1220 46.43 11.71 -17.97
N GLU A 1221 47.59 11.83 -17.32
CA GLU A 1221 48.03 13.14 -16.85
C GLU A 1221 48.29 14.09 -18.02
N GLU A 1222 49.01 13.62 -19.03
CA GLU A 1222 49.29 14.47 -20.19
C GLU A 1222 48.02 14.74 -20.99
N LEU A 1223 47.13 13.75 -21.09
CA LEU A 1223 45.85 13.96 -21.76
C LEU A 1223 45.03 15.00 -21.02
N LYS A 1224 45.05 14.96 -19.68
CA LYS A 1224 44.37 15.98 -18.88
C LYS A 1224 44.98 17.36 -19.10
N GLU A 1225 46.32 17.44 -19.15
CA GLU A 1225 46.97 18.71 -19.40
C GLU A 1225 46.56 19.29 -20.75
N LEU A 1226 46.55 18.46 -21.79
CA LEU A 1226 46.08 18.91 -23.10
C LEU A 1226 44.60 19.27 -23.05
N LEU A 1227 43.81 18.57 -22.25
CA LEU A 1227 42.39 18.88 -22.12
C LEU A 1227 42.21 20.28 -21.55
N ASN A 1228 42.94 20.58 -20.48
CA ASN A 1228 42.91 21.92 -19.89
C ASN A 1228 43.40 22.94 -20.91
N LYS A 1229 44.39 22.56 -21.71
CA LYS A 1229 44.96 23.46 -22.71
C LYS A 1229 43.94 23.83 -23.78
N LEU A 1230 43.13 22.86 -24.23
CA LEU A 1230 42.31 23.11 -25.40
C LEU A 1230 40.83 23.36 -25.09
N MET A 1231 40.42 23.30 -23.81
CA MET A 1231 39.20 24.02 -23.47
C MET A 1231 39.44 25.51 -23.25
N LEU A 1232 40.69 25.93 -23.11
CA LEU A 1232 41.01 27.34 -22.90
C LEU A 1232 41.61 28.00 -24.13
N MET A 1233 41.83 27.24 -25.20
CA MET A 1233 42.38 27.78 -26.42
C MET A 1233 41.37 28.69 -27.11
N SER A 1234 41.85 29.45 -28.09
CA SER A 1234 41.03 30.41 -28.80
C SER A 1234 39.96 29.70 -29.64
N GLY A 1235 38.93 30.45 -30.03
CA GLY A 1235 37.91 29.95 -30.92
C GLY A 1235 37.95 30.67 -32.25
N LYS A 1236 37.99 29.91 -33.33
CA LYS A 1236 38.03 30.47 -34.68
C LYS A 1236 36.64 30.78 -35.22
N LYS A 1237 35.60 30.65 -34.39
CA LYS A 1237 34.21 30.82 -34.81
C LYS A 1237 33.85 29.81 -35.91
N ASP A 1238 34.57 28.69 -35.92
CA ASP A 1238 34.38 27.63 -36.91
C ASP A 1238 33.85 26.39 -36.22
N HIS A 1239 32.82 25.78 -36.82
CA HIS A 1239 32.17 24.66 -36.17
C HIS A 1239 33.04 23.41 -36.14
N ASN A 1240 34.03 23.31 -37.04
CA ASN A 1240 34.86 22.12 -37.10
C ASN A 1240 35.73 21.98 -35.86
N SER A 1241 36.39 23.06 -35.45
CA SER A 1241 37.23 23.03 -34.25
C SER A 1241 36.48 22.50 -33.06
N ASN A 1242 35.30 23.07 -32.81
CA ASN A 1242 34.54 22.84 -31.59
C ASN A 1242 33.81 21.49 -31.63
N THR A 1243 33.37 21.06 -32.81
CA THR A 1243 32.91 19.68 -32.95
C THR A 1243 34.03 18.70 -32.63
N GLU A 1244 35.22 18.89 -33.23
CA GLU A 1244 36.30 17.94 -33.04
C GLU A 1244 36.74 17.90 -31.58
N VAL A 1245 36.87 19.07 -30.94
CA VAL A 1245 37.26 19.07 -29.54
C VAL A 1245 36.17 18.47 -28.68
N GLU A 1246 34.90 18.69 -29.02
CA GLU A 1246 33.84 18.07 -28.25
C GLU A 1246 33.87 16.56 -28.39
N LYS A 1247 34.12 16.05 -29.60
CA LYS A 1247 34.23 14.62 -29.79
C LYS A 1247 35.41 14.04 -29.02
N PHE A 1248 36.56 14.70 -29.06
CA PHE A 1248 37.71 14.23 -28.29
C PHE A 1248 37.39 14.21 -26.80
N SER A 1249 36.77 15.27 -26.30
CA SER A 1249 36.47 15.37 -24.88
C SER A 1249 35.48 14.28 -24.46
N GLU A 1250 34.49 13.99 -25.30
CA GLU A 1250 33.52 12.96 -24.95
C GLU A 1250 34.10 11.56 -25.02
N VAL A 1251 34.90 11.26 -26.05
CA VAL A 1251 35.54 9.95 -26.10
C VAL A 1251 36.48 9.78 -24.91
N PHE A 1252 37.21 10.84 -24.56
CA PHE A 1252 38.08 10.75 -23.38
C PHE A 1252 37.28 10.65 -22.09
N SER A 1253 36.11 11.29 -22.01
CA SER A 1253 35.30 11.21 -20.80
C SER A 1253 34.73 9.80 -20.63
N ASN A 1254 34.20 9.24 -21.71
CA ASN A 1254 33.71 7.86 -21.65
C ASN A 1254 34.85 6.88 -21.41
N MET A 1255 36.06 7.18 -21.91
CA MET A 1255 37.19 6.30 -21.66
C MET A 1255 37.66 6.42 -20.21
N GLN A 1256 37.62 7.63 -19.66
CA GLN A 1256 37.93 7.84 -18.25
C GLN A 1256 36.91 7.13 -17.36
N ARG A 1257 35.64 7.14 -17.76
CA ARG A 1257 34.63 6.44 -16.98
C ARG A 1257 34.75 4.93 -17.16
N LEU A 1258 35.19 4.47 -18.32
CA LEU A 1258 35.53 3.05 -18.48
C LEU A 1258 36.69 2.67 -17.57
N VAL A 1259 37.69 3.53 -17.46
CA VAL A 1259 38.80 3.30 -16.54
C VAL A 1259 38.30 3.28 -15.10
N HIS A 1260 37.41 4.22 -14.76
CA HIS A 1260 36.79 4.25 -13.45
C HIS A 1260 36.09 2.94 -13.13
N VAL A 1261 35.23 2.48 -14.03
CA VAL A 1261 34.49 1.25 -13.82
C VAL A 1261 35.42 0.05 -13.80
N PHE A 1262 36.47 0.08 -14.63
CA PHE A 1262 37.40 -1.03 -14.72
C PHE A 1262 38.18 -1.21 -13.42
N ILE A 1263 38.69 -0.11 -12.85
CA ILE A 1263 39.36 -0.22 -11.56
C ILE A 1263 38.36 -0.50 -10.45
N LYS A 1264 37.13 0.01 -10.56
CA LYS A 1264 36.10 -0.34 -9.60
C LYS A 1264 35.87 -1.85 -9.59
N LEU A 1265 35.86 -2.46 -10.78
CA LEU A 1265 35.64 -3.90 -10.90
C LEU A 1265 36.87 -4.69 -10.46
N HIS A 1266 38.06 -4.16 -10.75
CA HIS A 1266 39.29 -4.84 -10.35
C HIS A 1266 39.46 -4.82 -8.83
N CYS A 1267 39.30 -3.65 -8.20
CA CYS A 1267 39.40 -3.53 -6.76
C CYS A 1267 38.23 -4.20 -6.05
N ALA A 1268 37.04 -4.20 -6.66
CA ALA A 1268 35.94 -5.02 -6.19
C ALA A 1268 36.18 -6.50 -6.41
N GLY A 1269 37.12 -6.84 -7.30
CA GLY A 1269 37.63 -8.19 -7.41
C GLY A 1269 36.88 -9.02 -8.43
N ASN A 1270 37.45 -9.19 -9.62
CA ASN A 1270 36.75 -9.94 -10.66
C ASN A 1270 37.51 -11.19 -11.07
N MET A 1271 38.83 -11.18 -10.86
CA MET A 1271 39.75 -12.26 -11.24
C MET A 1271 39.49 -12.76 -12.66
N LEU A 1272 38.88 -11.93 -13.50
CA LEU A 1272 38.62 -12.27 -14.89
C LEU A 1272 38.93 -11.09 -15.79
N PHE A 1273 38.90 -9.89 -15.22
CA PHE A 1273 39.33 -8.67 -15.88
C PHE A 1273 40.72 -8.23 -15.46
N ARG A 1274 41.46 -9.10 -14.77
CA ARG A 1274 42.84 -8.79 -14.43
C ARG A 1274 43.69 -8.58 -15.68
N THR A 1275 43.50 -9.44 -16.69
CA THR A 1275 44.25 -9.37 -17.93
C THR A 1275 43.42 -8.78 -19.07
N TRP A 1276 42.29 -8.16 -18.75
CA TRP A 1276 41.49 -7.50 -19.76
C TRP A 1276 42.25 -6.35 -20.40
N THR A 1277 42.08 -6.20 -21.71
CA THR A 1277 42.69 -5.10 -22.43
C THR A 1277 41.75 -4.65 -23.53
N ALA A 1278 41.85 -3.37 -23.89
CA ALA A 1278 40.94 -2.79 -24.87
C ALA A 1278 41.66 -1.70 -25.63
N LYS A 1279 41.56 -1.72 -26.96
CA LYS A 1279 42.15 -0.71 -27.83
C LYS A 1279 41.03 -0.05 -28.64
N VAL A 1280 40.47 1.01 -28.08
CA VAL A 1280 39.43 1.79 -28.75
C VAL A 1280 40.08 2.60 -29.86
N TYR A 1281 39.54 2.50 -31.08
CA TYR A 1281 39.98 3.31 -32.21
C TYR A 1281 39.00 4.46 -32.38
N CYS A 1282 39.40 5.65 -31.93
CA CYS A 1282 38.51 6.80 -31.92
C CYS A 1282 38.13 7.28 -33.31
N CYS A 1283 38.82 6.81 -34.34
CA CYS A 1283 38.49 7.22 -35.70
C CYS A 1283 37.07 6.81 -36.06
N PRO A 1284 36.38 7.58 -36.89
CA PRO A 1284 35.01 7.21 -37.30
C PRO A 1284 34.98 5.84 -37.96
N ASP A 1285 34.11 4.98 -37.43
CA ASP A 1285 34.00 3.59 -37.87
C ASP A 1285 35.35 2.89 -37.79
N GLY A 1286 36.10 3.20 -36.73
CA GLY A 1286 37.37 2.55 -36.48
C GLY A 1286 37.18 1.24 -35.74
N GLY A 1287 36.40 1.27 -34.67
CA GLY A 1287 36.04 0.07 -33.97
C GLY A 1287 36.67 -0.02 -32.59
N ILE A 1288 36.03 -0.78 -31.72
CA ILE A 1288 36.56 -1.04 -30.39
C ILE A 1288 36.97 -2.51 -30.32
N PHE A 1289 38.20 -2.75 -29.88
CA PHE A 1289 38.82 -4.07 -29.98
C PHE A 1289 39.18 -4.54 -28.57
N MET A 1290 38.47 -5.55 -28.07
CA MET A 1290 38.72 -6.07 -26.74
C MET A 1290 39.58 -7.33 -26.82
N ASN A 1291 40.16 -7.70 -25.68
CA ASN A 1291 40.89 -8.94 -25.56
C ASN A 1291 40.97 -9.37 -24.10
N PHE A 1292 40.82 -10.67 -23.86
CA PHE A 1292 41.01 -11.25 -22.54
C PHE A 1292 42.31 -12.04 -22.54
N GLY A 1293 42.97 -12.09 -21.40
CA GLY A 1293 44.22 -12.81 -21.28
C GLY A 1293 44.03 -14.31 -21.19
N LEU A 1294 43.57 -14.92 -22.28
CA LEU A 1294 43.25 -16.35 -22.29
C LEU A 1294 43.58 -16.94 -23.63
N GLU A 1295 43.71 -18.27 -23.68
CA GLU A 1295 43.89 -18.99 -24.93
C GLU A 1295 42.59 -19.52 -25.51
N LEU A 1296 41.47 -19.36 -24.81
CA LEU A 1296 40.20 -19.92 -25.24
C LEU A 1296 39.16 -18.88 -25.63
N LEU A 1297 39.40 -17.60 -25.34
CA LEU A 1297 38.45 -16.55 -25.65
C LEU A 1297 38.96 -15.72 -26.84
N SER A 1298 38.09 -15.56 -27.84
CA SER A 1298 38.46 -14.89 -29.07
C SER A 1298 38.43 -13.38 -28.88
N GLN A 1299 38.87 -12.66 -29.90
CA GLN A 1299 38.84 -11.20 -29.92
C GLN A 1299 37.44 -10.71 -30.24
N LEU A 1300 37.04 -9.63 -29.58
CA LEU A 1300 35.72 -9.04 -29.76
C LEU A 1300 35.88 -7.65 -30.35
N THR A 1301 35.47 -7.49 -31.60
CA THR A 1301 35.63 -6.21 -32.28
C THR A 1301 34.32 -5.82 -32.93
N GLU A 1302 34.00 -4.52 -32.88
CA GLU A 1302 32.84 -3.99 -33.57
C GLU A 1302 33.15 -2.56 -33.98
N LYS A 1303 32.81 -2.22 -35.22
CA LYS A 1303 33.03 -0.89 -35.77
C LYS A 1303 31.81 -0.01 -35.51
N GLY A 1304 31.76 1.14 -36.17
CA GLY A 1304 30.66 2.08 -36.03
C GLY A 1304 31.03 3.24 -35.12
N ASP A 1305 29.98 3.95 -34.69
CA ASP A 1305 30.16 5.08 -33.80
C ASP A 1305 30.79 4.62 -32.48
N VAL A 1306 31.79 5.36 -32.01
CA VAL A 1306 32.51 4.95 -30.81
C VAL A 1306 31.82 5.47 -29.56
N ILE A 1307 31.19 6.64 -29.63
CA ILE A 1307 30.68 7.30 -28.43
C ILE A 1307 29.49 6.54 -27.85
N GLN A 1308 28.42 6.40 -28.63
CA GLN A 1308 27.22 5.75 -28.14
C GLN A 1308 27.46 4.29 -27.77
N LEU A 1309 28.19 3.56 -28.62
CA LEU A 1309 28.45 2.16 -28.34
C LEU A 1309 29.37 2.00 -27.14
N LEU A 1310 30.32 2.91 -26.96
CA LEU A 1310 31.15 2.91 -25.76
C LEU A 1310 30.31 3.17 -24.51
N GLY A 1311 29.36 4.10 -24.61
CA GLY A 1311 28.48 4.35 -23.48
C GLY A 1311 27.63 3.14 -23.12
N ALA A 1312 27.12 2.45 -24.15
CA ALA A 1312 26.36 1.22 -23.89
C ALA A 1312 27.25 0.15 -23.28
N LEU A 1313 28.50 0.07 -23.74
CA LEU A 1313 29.45 -0.88 -23.16
C LEU A 1313 29.69 -0.58 -21.69
N CYS A 1314 29.81 0.71 -21.36
CA CYS A 1314 29.98 1.09 -19.95
C CYS A 1314 28.72 0.80 -19.15
N ARG A 1315 27.55 0.94 -19.77
CA ARG A 1315 26.30 0.52 -19.15
C ARG A 1315 26.36 -0.96 -18.75
N GLN A 1316 26.71 -1.82 -19.70
CA GLN A 1316 26.79 -3.24 -19.40
C GLN A 1316 27.89 -3.53 -18.38
N MET A 1317 28.99 -2.78 -18.43
CA MET A 1317 30.06 -2.98 -17.45
C MET A 1317 29.59 -2.65 -16.04
N GLU A 1318 28.86 -1.55 -15.89
CA GLU A 1318 28.36 -1.17 -14.57
C GLU A 1318 27.25 -2.11 -14.08
N ASP A 1319 26.37 -2.56 -14.98
CA ASP A 1319 25.38 -3.54 -14.59
C ASP A 1319 26.03 -4.85 -14.17
N PHE A 1320 27.08 -5.25 -14.88
CA PHE A 1320 27.83 -6.45 -14.50
C PHE A 1320 28.52 -6.24 -13.15
N LEU A 1321 29.01 -5.03 -12.90
CA LEU A 1321 29.60 -4.73 -11.59
C LEU A 1321 28.57 -4.85 -10.49
N ASP A 1322 27.36 -4.34 -10.73
CA ASP A 1322 26.30 -4.44 -9.73
C ASP A 1322 25.93 -5.90 -9.45
N ASN A 1323 25.68 -6.66 -10.52
CA ASN A 1323 25.35 -8.08 -10.35
C ASN A 1323 26.50 -8.85 -9.73
N TRP A 1324 27.74 -8.41 -10.00
CA TRP A 1324 28.90 -9.07 -9.41
C TRP A 1324 28.99 -8.80 -7.92
N LYS A 1325 28.73 -7.56 -7.51
CA LYS A 1325 28.68 -7.27 -6.08
C LYS A 1325 27.58 -8.08 -5.41
N THR A 1326 26.44 -8.22 -6.09
CA THR A 1326 25.35 -9.04 -5.55
C THR A 1326 25.80 -10.48 -5.36
N VAL A 1327 26.41 -11.08 -6.39
CA VAL A 1327 26.76 -12.50 -6.28
C VAL A 1327 27.89 -12.71 -5.30
N VAL A 1328 28.86 -11.78 -5.21
CA VAL A 1328 29.92 -11.94 -4.23
C VAL A 1328 29.37 -11.78 -2.82
N ALA A 1329 28.40 -10.89 -2.63
CA ALA A 1329 27.74 -10.80 -1.33
C ALA A 1329 27.04 -12.10 -0.96
N GLN A 1330 26.33 -12.69 -1.93
CA GLN A 1330 25.68 -13.98 -1.68
C GLN A 1330 26.70 -15.06 -1.33
N LYS A 1331 27.80 -15.12 -2.08
CA LYS A 1331 28.79 -16.16 -1.86
C LYS A 1331 29.46 -16.01 -0.50
N ARG A 1332 29.75 -14.77 -0.09
CA ARG A 1332 30.30 -14.53 1.24
C ARG A 1332 29.28 -14.86 2.32
N ALA A 1333 28.00 -14.51 2.12
CA ALA A 1333 26.98 -14.82 3.10
C ALA A 1333 26.80 -16.33 3.24
N GLU A 1334 27.12 -17.08 2.19
CA GLU A 1334 27.02 -18.53 2.27
C GLU A 1334 28.25 -19.16 2.94
N HIS A 1335 29.44 -18.91 2.36
CA HIS A 1335 30.63 -19.64 2.81
C HIS A 1335 31.18 -19.12 4.12
N PHE A 1336 31.09 -17.81 4.36
CA PHE A 1336 31.51 -17.14 5.58
C PHE A 1336 33.03 -17.02 5.72
N TYR A 1337 33.79 -17.72 4.87
CA TYR A 1337 35.23 -17.62 4.93
C TYR A 1337 35.83 -16.80 3.80
N LEU A 1338 35.06 -16.52 2.75
CA LEU A 1338 35.38 -15.38 1.91
C LEU A 1338 35.20 -14.06 2.65
N ASN A 1339 34.72 -14.14 3.88
CA ASN A 1339 34.54 -13.01 4.79
C ASN A 1339 35.68 -12.86 5.77
N PHE A 1340 36.89 -13.31 5.40
CA PHE A 1340 38.09 -12.98 6.16
C PHE A 1340 39.01 -12.09 5.35
N TYR A 1341 38.73 -11.93 4.06
CA TYR A 1341 39.53 -11.14 3.16
C TYR A 1341 38.62 -10.26 2.31
N THR A 1342 39.02 -9.02 2.12
CA THR A 1342 38.26 -8.14 1.23
C THR A 1342 38.56 -8.53 -0.21
N ALA A 1343 38.08 -7.73 -1.16
CA ALA A 1343 38.09 -8.16 -2.56
C ALA A 1343 39.49 -8.39 -3.08
N GLU A 1344 40.43 -7.48 -2.80
CA GLU A 1344 41.78 -7.63 -3.34
C GLU A 1344 42.51 -8.84 -2.80
N GLN A 1345 42.40 -9.09 -1.49
CA GLN A 1345 42.98 -10.31 -0.94
C GLN A 1345 42.30 -11.57 -1.46
N LEU A 1346 40.98 -11.51 -1.72
CA LEU A 1346 40.30 -12.63 -2.33
C LEU A 1346 40.85 -12.92 -3.73
N VAL A 1347 41.07 -11.86 -4.52
CA VAL A 1347 41.62 -12.03 -5.85
C VAL A 1347 43.03 -12.61 -5.78
N TYR A 1348 43.85 -12.09 -4.87
CA TYR A 1348 45.20 -12.61 -4.71
C TYR A 1348 45.17 -14.09 -4.35
N LEU A 1349 44.32 -14.46 -3.40
CA LEU A 1349 44.23 -15.87 -2.99
C LEU A 1349 43.76 -16.76 -4.14
N SER A 1350 42.73 -16.32 -4.87
CA SER A 1350 42.22 -17.11 -5.97
C SER A 1350 43.28 -17.30 -7.06
N SER A 1351 43.99 -16.23 -7.41
CA SER A 1351 45.03 -16.31 -8.42
C SER A 1351 46.19 -17.20 -7.97
N GLU A 1352 46.59 -17.12 -6.71
CA GLU A 1352 47.74 -17.85 -6.21
C GLU A 1352 47.41 -19.23 -5.67
N LEU A 1353 46.14 -19.62 -5.65
CA LEU A 1353 45.75 -20.94 -5.17
C LEU A 1353 45.81 -22.02 -6.23
N ARG A 1354 45.46 -21.70 -7.48
CA ARG A 1354 45.51 -22.69 -8.55
C ARG A 1354 46.93 -23.10 -8.90
N LYS A 1355 47.91 -22.25 -8.64
CA LYS A 1355 49.30 -22.60 -8.91
C LYS A 1355 49.73 -23.78 -8.03
N PRO A 1356 50.60 -24.64 -8.56
CA PRO A 1356 51.07 -25.78 -7.74
C PRO A 1356 51.77 -25.36 -6.47
N ARG A 1357 52.52 -24.26 -6.49
CA ARG A 1357 53.14 -23.70 -5.29
C ARG A 1357 52.63 -22.28 -5.06
N PRO A 1358 51.66 -22.10 -4.17
CA PRO A 1358 51.21 -20.74 -3.84
C PRO A 1358 52.32 -19.94 -3.18
N SER A 1359 52.27 -18.62 -3.40
CA SER A 1359 53.26 -17.74 -2.82
C SER A 1359 53.18 -17.75 -1.30
N GLU A 1360 54.32 -17.50 -0.64
CA GLU A 1360 54.35 -17.51 0.82
C GLU A 1360 53.42 -16.46 1.40
N ALA A 1361 53.20 -15.36 0.67
CA ALA A 1361 52.24 -14.37 1.13
C ALA A 1361 50.85 -14.96 1.25
N ALA A 1362 50.43 -15.74 0.24
CA ALA A 1362 49.09 -16.34 0.28
C ALA A 1362 48.95 -17.32 1.43
N LEU A 1363 49.98 -18.15 1.67
CA LEU A 1363 49.91 -19.08 2.79
C LEU A 1363 49.90 -18.35 4.14
N MET A 1364 50.69 -17.29 4.28
CA MET A 1364 50.67 -16.55 5.54
C MET A 1364 49.32 -15.87 5.76
N MET A 1365 48.69 -15.36 4.69
CA MET A 1365 47.33 -14.87 4.83
C MET A 1365 46.36 -15.98 5.23
N LEU A 1366 46.44 -17.14 4.58
CA LEU A 1366 45.56 -18.26 4.89
C LEU A 1366 45.79 -18.83 6.27
N SER A 1367 46.94 -18.53 6.89
CA SER A 1367 47.17 -18.95 8.26
C SER A 1367 46.18 -18.34 9.24
N PHE A 1368 45.48 -17.28 8.85
CA PHE A 1368 44.46 -16.71 9.73
C PHE A 1368 43.20 -17.57 9.80
N ILE A 1369 42.92 -18.35 8.76
CA ILE A 1369 41.77 -19.25 8.77
C ILE A 1369 42.18 -20.59 9.39
N LYS A 1370 43.29 -21.14 8.90
CA LYS A 1370 43.73 -22.46 9.34
C LYS A 1370 44.71 -22.39 10.51
N GLY A 1371 45.84 -21.71 10.30
CA GLY A 1371 46.89 -21.68 11.31
C GLY A 1371 47.97 -22.70 11.02
N LYS A 1372 49.22 -22.25 10.96
CA LYS A 1372 50.35 -23.10 10.58
C LYS A 1372 50.11 -23.75 9.22
N CYS A 1373 49.60 -22.95 8.29
CA CYS A 1373 49.21 -23.44 6.98
C CYS A 1373 50.41 -23.97 6.20
N THR A 1374 50.18 -25.00 5.39
CA THR A 1374 51.22 -25.64 4.60
C THR A 1374 50.68 -25.90 3.20
N VAL A 1375 51.60 -26.02 2.24
CA VAL A 1375 51.20 -26.27 0.85
C VAL A 1375 50.55 -27.63 0.72
N GLN A 1376 51.02 -28.62 1.48
CA GLN A 1376 50.45 -29.96 1.41
C GLN A 1376 48.99 -29.97 1.83
N ASP A 1377 48.69 -29.31 2.96
CA ASP A 1377 47.31 -29.18 3.40
C ASP A 1377 46.48 -28.42 2.37
N LEU A 1378 47.09 -27.41 1.74
CA LEU A 1378 46.36 -26.61 0.77
C LEU A 1378 45.96 -27.45 -0.45
N VAL A 1379 46.88 -28.25 -0.98
CA VAL A 1379 46.54 -29.10 -2.12
C VAL A 1379 45.58 -30.19 -1.71
N GLN A 1380 45.74 -30.73 -0.50
CA GLN A 1380 44.82 -31.75 -0.01
C GLN A 1380 43.39 -31.21 0.09
N ALA A 1381 43.25 -29.95 0.50
CA ALA A 1381 41.93 -29.34 0.54
C ALA A 1381 41.41 -29.00 -0.84
N THR A 1382 42.26 -28.47 -1.73
CA THR A 1382 41.80 -28.05 -3.04
C THR A 1382 41.50 -29.23 -3.97
N SER A 1383 41.98 -30.43 -3.63
CA SER A 1383 41.62 -31.61 -4.41
C SER A 1383 40.22 -32.13 -4.12
N ALA A 1384 39.59 -31.69 -3.04
CA ALA A 1384 38.29 -32.17 -2.61
C ALA A 1384 37.22 -31.09 -2.75
N CYS A 1385 37.51 -30.05 -3.52
CA CYS A 1385 36.58 -28.93 -3.68
C CYS A 1385 35.91 -28.86 -5.04
N GLU A 1386 36.01 -29.91 -5.85
CA GLU A 1386 35.28 -29.95 -7.11
C GLU A 1386 35.18 -31.39 -7.57
N SER A 1387 33.99 -31.77 -8.00
CA SER A 1387 33.73 -33.09 -8.56
C SER A 1387 33.74 -33.02 -10.08
N LYS A 1388 33.70 -34.20 -10.71
CA LYS A 1388 33.75 -34.26 -12.16
C LYS A 1388 32.50 -33.67 -12.81
N ALA A 1389 31.42 -33.52 -12.05
CA ALA A 1389 30.23 -32.85 -12.57
C ALA A 1389 30.53 -31.40 -12.93
N ASP A 1390 31.35 -30.73 -12.11
CA ASP A 1390 31.75 -29.36 -12.43
C ASP A 1390 32.56 -29.31 -13.72
N ARG A 1391 33.47 -30.28 -13.92
CA ARG A 1391 34.24 -30.32 -15.15
C ARG A 1391 33.32 -30.54 -16.35
N TYR A 1392 32.34 -31.44 -16.21
CA TYR A 1392 31.38 -31.65 -17.29
C TYR A 1392 30.60 -30.38 -17.58
N CYS A 1393 30.19 -29.66 -16.54
CA CYS A 1393 29.45 -28.41 -16.74
C CYS A 1393 30.29 -27.39 -17.50
N LEU A 1394 31.55 -27.23 -17.10
CA LEU A 1394 32.42 -26.28 -17.80
C LEU A 1394 32.66 -26.69 -19.24
N ARG A 1395 32.82 -27.99 -19.50
CA ARG A 1395 32.96 -28.44 -20.89
C ARG A 1395 31.71 -28.14 -21.71
N GLU A 1396 30.53 -28.36 -21.12
CA GLU A 1396 29.29 -28.05 -21.82
C GLU A 1396 29.19 -26.56 -22.13
N VAL A 1397 29.60 -25.71 -21.18
CA VAL A 1397 29.60 -24.27 -21.44
C VAL A 1397 30.54 -23.94 -22.58
N MET A 1398 31.75 -24.54 -22.57
CA MET A 1398 32.70 -24.25 -23.63
C MET A 1398 32.16 -24.65 -24.99
N LYS A 1399 31.48 -25.80 -25.07
CA LYS A 1399 30.89 -26.22 -26.34
C LYS A 1399 29.77 -25.28 -26.77
N LYS A 1400 28.86 -24.93 -25.86
CA LYS A 1400 27.70 -24.13 -26.26
C LYS A 1400 28.05 -22.68 -26.53
N LEU A 1401 29.17 -22.20 -25.99
CA LEU A 1401 29.44 -20.76 -25.97
C LEU A 1401 29.54 -20.13 -27.36
N PRO A 1402 30.37 -20.63 -28.29
CA PRO A 1402 30.49 -19.92 -29.59
C PRO A 1402 29.21 -19.90 -30.39
N GLN A 1403 28.40 -20.95 -30.30
CA GLN A 1403 27.14 -20.99 -31.04
C GLN A 1403 26.21 -19.88 -30.58
N GLN A 1404 26.15 -19.62 -29.28
CA GLN A 1404 25.34 -18.51 -28.79
C GLN A 1404 25.99 -17.16 -29.07
N LEU A 1405 27.32 -17.11 -29.12
CA LEU A 1405 27.98 -15.87 -29.53
C LEU A 1405 27.61 -15.48 -30.95
N LEU A 1406 27.56 -16.45 -31.87
CA LEU A 1406 27.25 -16.15 -33.26
C LEU A 1406 25.80 -15.74 -33.48
N SER A 1407 24.98 -15.69 -32.42
CA SER A 1407 23.57 -15.37 -32.58
C SER A 1407 23.28 -13.88 -32.62
N GLU A 1408 24.23 -13.03 -32.21
CA GLU A 1408 23.97 -11.59 -32.15
C GLU A 1408 24.94 -10.88 -33.09
N PRO A 1409 24.46 -9.94 -33.91
CA PRO A 1409 25.38 -9.22 -34.80
C PRO A 1409 26.25 -8.20 -34.08
N SER A 1410 25.67 -7.44 -33.16
CA SER A 1410 26.40 -6.40 -32.44
C SER A 1410 27.22 -7.00 -31.30
N LEU A 1411 28.21 -6.23 -30.86
CA LEU A 1411 29.02 -6.65 -29.71
C LEU A 1411 28.30 -6.45 -28.39
N MET A 1412 27.23 -5.65 -28.36
CA MET A 1412 26.49 -5.44 -27.12
C MET A 1412 25.91 -6.75 -26.60
N GLY A 1413 25.18 -7.47 -27.46
CA GLY A 1413 24.55 -8.71 -27.04
C GLY A 1413 25.57 -9.79 -26.71
N LYS A 1414 26.62 -9.88 -27.52
CA LYS A 1414 27.66 -10.88 -27.26
C LYS A 1414 28.38 -10.60 -25.96
N LEU A 1415 28.68 -9.33 -25.68
CA LEU A 1415 29.29 -8.96 -24.40
C LEU A 1415 28.34 -9.27 -23.24
N GLN A 1416 27.05 -8.99 -23.42
CA GLN A 1416 26.08 -9.28 -22.38
C GLN A 1416 26.04 -10.78 -22.08
N VAL A 1417 26.01 -11.61 -23.12
CA VAL A 1417 25.94 -13.05 -22.90
C VAL A 1417 27.25 -13.57 -22.30
N ILE A 1418 28.38 -13.01 -22.72
CA ILE A 1418 29.67 -13.49 -22.21
C ILE A 1418 29.82 -13.10 -20.74
N MET A 1419 29.33 -11.91 -20.36
CA MET A 1419 29.41 -11.50 -18.96
C MET A 1419 28.41 -12.27 -18.10
N MET A 1420 27.24 -12.60 -18.63
CA MET A 1420 26.32 -13.43 -17.87
C MET A 1420 26.89 -14.84 -17.65
N GLN A 1421 27.54 -15.40 -18.68
CA GLN A 1421 28.16 -16.70 -18.52
C GLN A 1421 29.32 -16.67 -17.55
N SER A 1422 30.12 -15.60 -17.55
CA SER A 1422 31.17 -15.48 -16.55
C SER A 1422 30.60 -15.32 -15.16
N LEU A 1423 29.49 -14.60 -15.03
CA LEU A 1423 28.86 -14.45 -13.72
C LEU A 1423 28.39 -15.79 -13.17
N VAL A 1424 27.63 -16.55 -13.97
CA VAL A 1424 27.07 -17.79 -13.44
C VAL A 1424 28.13 -18.88 -13.38
N TYR A 1425 28.84 -19.12 -14.49
CA TYR A 1425 29.83 -20.19 -14.60
C TYR A 1425 31.18 -19.55 -14.91
N MET A 1426 31.96 -19.24 -13.88
CA MET A 1426 33.19 -18.49 -14.07
C MET A 1426 34.43 -19.36 -14.24
N SER A 1427 34.45 -20.55 -13.63
CA SER A 1427 35.64 -21.39 -13.72
C SER A 1427 35.96 -21.80 -15.16
N ALA A 1428 34.95 -21.91 -16.01
CA ALA A 1428 35.21 -22.22 -17.42
C ALA A 1428 35.96 -21.09 -18.11
N PHE A 1429 35.64 -19.85 -17.75
CA PHE A 1429 36.23 -18.69 -18.44
C PHE A 1429 37.72 -18.56 -18.13
N LEU A 1430 38.09 -18.70 -16.86
CA LEU A 1430 39.45 -18.48 -16.38
C LEU A 1430 39.93 -19.76 -15.71
N PRO A 1431 40.51 -20.70 -16.47
CA PRO A 1431 40.95 -21.98 -15.90
C PRO A 1431 42.34 -21.92 -15.26
N HIS A 1432 42.64 -20.80 -14.62
CA HIS A 1432 43.83 -20.73 -13.78
C HIS A 1432 43.60 -19.97 -12.48
N CYS A 1433 42.36 -19.62 -12.16
CA CYS A 1433 42.03 -18.96 -10.91
C CYS A 1433 40.69 -19.48 -10.41
N LEU A 1434 40.63 -19.77 -9.11
CA LEU A 1434 39.42 -20.32 -8.51
C LEU A 1434 38.33 -19.26 -8.46
N ASP A 1435 37.12 -19.68 -8.82
CA ASP A 1435 35.95 -18.84 -8.64
C ASP A 1435 35.60 -18.73 -7.16
N LEU A 1436 34.71 -17.78 -6.84
CA LEU A 1436 34.37 -17.55 -5.44
C LEU A 1436 33.79 -18.79 -4.77
N ASP A 1437 33.08 -19.63 -5.52
CA ASP A 1437 32.49 -20.83 -4.93
C ASP A 1437 33.57 -21.83 -4.53
N ALA A 1438 34.52 -22.10 -5.44
CA ALA A 1438 35.63 -22.98 -5.12
C ALA A 1438 36.51 -22.38 -4.03
N LEU A 1439 36.70 -21.06 -4.06
CA LEU A 1439 37.40 -20.37 -2.98
C LEU A 1439 36.73 -20.65 -1.64
N GLY A 1440 35.40 -20.51 -1.59
CA GLY A 1440 34.69 -20.76 -0.35
C GLY A 1440 34.80 -22.19 0.12
N ARG A 1441 34.69 -23.15 -0.81
CA ARG A 1441 34.86 -24.56 -0.43
C ARG A 1441 36.26 -24.82 0.10
N CYS A 1442 37.28 -24.27 -0.55
CA CYS A 1442 38.65 -24.47 -0.08
C CYS A 1442 38.84 -23.89 1.32
N LEU A 1443 38.38 -22.66 1.53
CA LEU A 1443 38.54 -22.01 2.83
C LEU A 1443 37.76 -22.74 3.91
N ALA A 1444 36.54 -23.16 3.60
CA ALA A 1444 35.74 -23.89 4.58
C ALA A 1444 36.36 -25.23 4.93
N HIS A 1445 36.88 -25.96 3.93
CA HIS A 1445 37.50 -27.25 4.22
C HIS A 1445 38.76 -27.08 5.03
N LEU A 1446 39.56 -26.05 4.73
CA LEU A 1446 40.72 -25.76 5.55
C LEU A 1446 40.32 -25.43 6.98
N ALA A 1447 39.23 -24.66 7.15
CA ALA A 1447 38.76 -24.32 8.49
C ALA A 1447 38.33 -25.55 9.26
N THR A 1448 37.56 -26.45 8.62
CA THR A 1448 37.13 -27.67 9.29
C THR A 1448 38.32 -28.56 9.63
N MET A 1449 39.33 -28.61 8.77
CA MET A 1449 40.54 -29.37 9.07
C MET A 1449 41.27 -28.82 10.28
N GLY A 1450 41.22 -27.51 10.53
CA GLY A 1450 41.88 -26.94 11.68
C GLY A 1450 41.12 -27.24 12.97
N GLY A 1451 41.71 -28.09 13.80
CA GLY A 1451 41.04 -28.55 15.01
C GLY A 1451 41.06 -27.57 16.16
N THR A 1452 40.39 -27.93 17.24
CA THR A 1452 40.29 -27.14 18.48
C THR A 1452 39.79 -25.72 18.19
N PRO A 1453 38.52 -25.55 17.84
CA PRO A 1453 37.98 -24.20 17.69
C PRO A 1453 38.01 -23.45 19.00
N VAL A 1454 38.21 -22.14 18.90
CA VAL A 1454 38.30 -21.27 20.07
C VAL A 1454 36.90 -21.00 20.60
N GLU A 1455 36.80 -20.78 21.91
CA GLU A 1455 35.53 -20.50 22.57
C GLU A 1455 35.73 -19.36 23.55
N ARG A 1456 35.14 -18.21 23.24
CA ARG A 1456 35.29 -17.01 24.07
C ARG A 1456 33.94 -16.59 24.62
N PRO A 1457 33.70 -16.69 25.93
CA PRO A 1457 32.42 -16.29 26.50
C PRO A 1457 32.37 -14.81 26.87
N LEU A 1458 31.18 -14.24 26.72
CA LEU A 1458 30.98 -12.84 27.05
C LEU A 1458 31.02 -12.62 28.56
N PRO A 1459 31.43 -11.44 29.00
CA PRO A 1459 31.47 -11.15 30.44
C PRO A 1459 30.08 -11.00 31.03
N LYS A 1460 30.05 -10.75 32.34
CA LYS A 1460 28.80 -10.54 33.04
C LYS A 1460 28.17 -9.22 32.61
N GLY A 1461 26.84 -9.24 32.47
CA GLY A 1461 26.09 -8.05 32.12
C GLY A 1461 26.11 -7.68 30.66
N LEU A 1462 26.80 -8.43 29.82
CA LEU A 1462 26.81 -8.22 28.38
C LEU A 1462 26.15 -9.42 27.72
N GLN A 1463 25.11 -9.16 26.93
CA GLN A 1463 24.29 -10.24 26.40
C GLN A 1463 24.84 -10.73 25.06
N ALA A 1464 24.77 -12.05 24.87
CA ALA A 1464 25.31 -12.71 23.68
C ALA A 1464 24.28 -12.80 22.55
N GLY A 1465 23.25 -11.97 22.57
CA GLY A 1465 22.26 -11.96 21.50
C GLY A 1465 21.94 -10.57 21.04
N GLN A 1466 22.48 -9.57 21.72
CA GLN A 1466 22.30 -8.18 21.35
C GLN A 1466 23.66 -7.49 21.43
N PRO A 1467 23.93 -6.57 20.51
CA PRO A 1467 25.20 -5.84 20.55
C PRO A 1467 25.37 -5.06 21.85
N ASN A 1468 26.61 -4.95 22.30
CA ASN A 1468 26.94 -4.35 23.59
C ASN A 1468 27.84 -3.13 23.38
N LEU A 1469 27.25 -1.93 23.47
CA LEU A 1469 28.02 -0.70 23.36
C LEU A 1469 28.60 -0.33 24.72
N ILE A 1470 29.89 -0.04 24.76
CA ILE A 1470 30.60 0.35 25.97
C ILE A 1470 31.29 1.67 25.75
N LEU A 1471 31.18 2.57 26.73
CA LEU A 1471 31.89 3.84 26.74
C LEU A 1471 32.90 3.80 27.88
N CYS A 1472 34.18 3.95 27.55
CA CYS A 1472 35.24 3.80 28.54
C CYS A 1472 36.18 4.99 28.64
N GLY A 1473 36.33 5.81 27.60
CA GLY A 1473 37.34 6.83 27.59
C GLY A 1473 38.55 6.38 26.80
N HIS A 1474 39.26 7.34 26.19
CA HIS A 1474 40.34 6.98 25.27
C HIS A 1474 41.45 6.21 25.98
N SER A 1475 41.69 6.50 27.26
CA SER A 1475 42.78 5.87 27.98
C SER A 1475 42.47 4.44 28.43
N GLU A 1476 41.20 4.01 28.37
CA GLU A 1476 40.81 2.72 28.92
C GLU A 1476 40.22 1.79 27.86
N VAL A 1477 40.10 2.24 26.61
CA VAL A 1477 39.47 1.40 25.59
C VAL A 1477 40.30 0.14 25.34
N LEU A 1478 41.61 0.29 25.17
CA LEU A 1478 42.47 -0.87 24.94
C LEU A 1478 42.50 -1.82 26.13
N PRO A 1479 42.67 -1.37 27.38
CA PRO A 1479 42.61 -2.33 28.50
C PRO A 1479 41.24 -2.95 28.70
N ALA A 1480 40.17 -2.15 28.62
CA ALA A 1480 38.83 -2.69 28.83
C ALA A 1480 38.50 -3.77 27.81
N ALA A 1481 38.85 -3.54 26.54
CA ALA A 1481 38.69 -4.58 25.53
C ALA A 1481 39.44 -5.84 25.92
N LEU A 1482 40.63 -5.68 26.49
CA LEU A 1482 41.38 -6.84 26.97
C LEU A 1482 40.62 -7.54 28.09
N ALA A 1483 39.93 -6.78 28.94
CA ALA A 1483 39.12 -7.39 29.99
C ALA A 1483 38.02 -8.25 29.40
N ILE A 1484 37.65 -7.98 28.14
CA ILE A 1484 36.67 -8.83 27.46
C ILE A 1484 37.30 -10.15 27.05
N TYR A 1485 38.58 -10.11 26.66
CA TYR A 1485 39.20 -11.25 25.99
C TYR A 1485 40.03 -12.15 26.90
N MET A 1486 40.32 -11.76 28.14
CA MET A 1486 40.99 -12.70 29.03
C MET A 1486 40.04 -13.42 29.98
N GLN A 1487 38.73 -13.28 29.77
CA GLN A 1487 37.79 -14.09 30.54
C GLN A 1487 37.82 -15.54 30.11
N ALA A 1488 38.56 -15.85 29.05
CA ALA A 1488 38.85 -17.22 28.64
C ALA A 1488 40.35 -17.39 28.54
N PRO A 1489 41.06 -17.60 29.66
CA PRO A 1489 42.51 -17.74 29.60
C PRO A 1489 42.95 -19.02 28.90
N ARG A 1490 44.25 -19.28 28.90
CA ARG A 1490 44.89 -20.41 28.19
C ARG A 1490 44.36 -20.59 26.78
N GLN A 1491 44.03 -19.48 26.08
CA GLN A 1491 43.62 -19.52 24.69
C GLN A 1491 44.47 -18.56 23.85
N PRO A 1492 44.68 -18.86 22.57
CA PRO A 1492 45.45 -17.94 21.73
C PRO A 1492 44.77 -16.59 21.61
N LEU A 1493 45.59 -15.56 21.40
CA LEU A 1493 45.09 -14.19 21.35
C LEU A 1493 44.21 -13.99 20.11
N PRO A 1494 43.33 -13.00 20.12
CA PRO A 1494 42.57 -12.67 18.91
C PRO A 1494 43.47 -12.12 17.80
N THR A 1495 42.89 -11.85 16.64
CA THR A 1495 43.64 -11.36 15.49
C THR A 1495 42.79 -10.26 14.85
N PHE A 1496 43.12 -9.85 13.63
CA PHE A 1496 42.34 -8.83 12.96
C PHE A 1496 40.88 -9.25 12.75
N ASP A 1497 40.62 -10.55 12.60
CA ASP A 1497 39.26 -11.04 12.69
C ASP A 1497 38.77 -10.93 14.12
N GLU A 1498 37.52 -10.51 14.28
CA GLU A 1498 36.83 -10.38 15.56
C GLU A 1498 37.37 -9.22 16.40
N VAL A 1499 38.43 -8.56 15.96
CA VAL A 1499 38.92 -7.35 16.61
C VAL A 1499 39.27 -6.33 15.53
N LEU A 1500 38.50 -5.24 15.47
CA LEU A 1500 38.80 -4.16 14.54
C LEU A 1500 39.23 -2.94 15.34
N LEU A 1501 40.53 -2.66 15.33
CA LEU A 1501 41.08 -1.46 15.95
C LEU A 1501 40.82 -0.30 15.00
N CYS A 1502 39.60 0.22 15.07
CA CYS A 1502 39.15 1.18 14.07
C CYS A 1502 39.90 2.50 14.22
N THR A 1503 40.19 3.12 13.08
CA THR A 1503 40.95 4.35 12.96
C THR A 1503 40.17 5.32 12.07
N PRO A 1504 40.49 6.61 12.10
CA PRO A 1504 39.85 7.53 11.16
C PRO A 1504 40.10 7.10 9.72
N ALA A 1505 39.06 7.22 8.89
CA ALA A 1505 39.11 6.87 7.47
C ALA A 1505 39.52 5.41 7.27
N THR A 1506 38.78 4.51 7.92
CA THR A 1506 38.89 3.08 7.68
C THR A 1506 37.86 2.67 6.64
N THR A 1507 38.28 1.82 5.71
CA THR A 1507 37.41 1.44 4.60
C THR A 1507 36.14 0.77 5.11
N ILE A 1508 35.01 1.16 4.51
CA ILE A 1508 33.72 0.57 4.87
C ILE A 1508 33.72 -0.93 4.64
N GLU A 1509 34.49 -1.40 3.66
CA GLU A 1509 34.51 -2.82 3.35
C GLU A 1509 35.08 -3.64 4.50
N GLU A 1510 36.06 -3.09 5.23
CA GLU A 1510 36.65 -3.83 6.34
C GLU A 1510 35.66 -4.01 7.49
N VAL A 1511 34.95 -2.95 7.87
CA VAL A 1511 33.98 -3.06 8.94
C VAL A 1511 32.78 -3.91 8.50
N GLU A 1512 32.41 -3.82 7.22
CA GLU A 1512 31.36 -4.69 6.69
C GLU A 1512 31.79 -6.15 6.77
N LEU A 1513 33.06 -6.42 6.46
CA LEU A 1513 33.61 -7.75 6.60
C LEU A 1513 33.57 -8.23 8.05
N LEU A 1514 33.92 -7.35 8.99
CA LEU A 1514 33.83 -7.72 10.41
C LEU A 1514 32.41 -8.08 10.80
N LEU A 1515 31.44 -7.24 10.40
CA LEU A 1515 30.04 -7.51 10.72
C LEU A 1515 29.58 -8.81 10.08
N ARG A 1516 30.06 -9.11 8.86
CA ARG A 1516 29.71 -10.36 8.20
C ARG A 1516 30.25 -11.56 8.97
N ARG A 1517 31.53 -11.53 9.36
CA ARG A 1517 32.05 -12.66 10.12
C ARG A 1517 31.43 -12.74 11.51
N CYS A 1518 30.81 -11.65 11.97
CA CYS A 1518 30.04 -11.72 13.21
C CYS A 1518 28.72 -12.46 13.02
N LEU A 1519 28.08 -12.29 11.87
CA LEU A 1519 26.70 -12.74 11.71
C LEU A 1519 26.50 -13.69 10.53
N THR A 1520 27.33 -14.73 10.43
CA THR A 1520 27.06 -15.85 9.54
C THR A 1520 27.06 -17.14 10.36
N SER A 1521 26.11 -18.02 10.06
CA SER A 1521 25.85 -19.16 10.94
C SER A 1521 26.98 -20.18 10.92
N GLY A 1522 27.53 -20.47 9.74
CA GLY A 1522 28.52 -21.53 9.65
C GLY A 1522 29.92 -21.07 9.93
N SER A 1523 30.38 -21.25 11.17
CA SER A 1523 31.70 -20.82 11.58
C SER A 1523 32.44 -21.83 12.45
N GLN A 1524 31.74 -22.76 13.09
CA GLN A 1524 32.34 -23.75 13.99
C GLN A 1524 33.09 -23.08 15.14
N GLY A 1525 32.33 -22.36 15.94
CA GLY A 1525 32.87 -21.77 17.16
C GLY A 1525 32.23 -20.43 17.46
N HIS A 1526 31.95 -20.21 18.74
CA HIS A 1526 31.46 -18.93 19.24
C HIS A 1526 32.65 -18.02 19.48
N LYS A 1527 32.55 -16.77 19.02
CA LYS A 1527 33.64 -15.82 19.19
C LYS A 1527 33.06 -14.46 19.57
N VAL A 1528 33.85 -13.69 20.30
CA VAL A 1528 33.51 -12.33 20.68
C VAL A 1528 34.16 -11.38 19.69
N TYR A 1529 33.35 -10.53 19.07
CA TYR A 1529 33.81 -9.62 18.02
C TYR A 1529 33.76 -8.20 18.57
N SER A 1530 34.94 -7.63 18.81
CA SER A 1530 35.07 -6.29 19.37
C SER A 1530 35.43 -5.30 18.27
N LEU A 1531 34.63 -4.23 18.20
CA LEU A 1531 34.88 -3.08 17.34
C LEU A 1531 35.41 -1.98 18.26
N LEU A 1532 36.73 -1.81 18.26
CA LEU A 1532 37.37 -0.87 19.17
C LEU A 1532 37.46 0.50 18.52
N PHE A 1533 37.32 1.54 19.35
CA PHE A 1533 37.40 2.93 18.88
C PHE A 1533 36.43 3.18 17.72
N ALA A 1534 35.19 2.72 17.87
CA ALA A 1534 34.20 2.89 16.82
C ALA A 1534 33.86 4.35 16.58
N ASP A 1535 34.22 5.25 17.50
CA ASP A 1535 33.81 6.65 17.39
C ASP A 1535 34.64 7.42 16.37
N GLN A 1536 35.88 7.01 16.09
CA GLN A 1536 36.68 7.76 15.13
C GLN A 1536 36.38 7.40 13.68
N LEU A 1537 35.43 6.50 13.44
CA LEU A 1537 34.97 6.23 12.09
C LEU A 1537 34.26 7.46 11.53
N SER A 1538 34.38 7.64 10.21
CA SER A 1538 33.83 8.80 9.55
C SER A 1538 32.30 8.75 9.57
N TYR A 1539 31.69 9.90 9.31
CA TYR A 1539 30.23 9.97 9.25
C TYR A 1539 29.67 9.02 8.22
N GLU A 1540 30.23 9.03 7.01
CA GLU A 1540 29.75 8.16 5.94
C GLU A 1540 30.08 6.70 6.21
N VAL A 1541 31.31 6.42 6.68
CA VAL A 1541 31.68 5.04 6.96
C VAL A 1541 30.78 4.46 8.03
N GLY A 1542 30.53 5.23 9.09
CA GLY A 1542 29.62 4.77 10.13
C GLY A 1542 28.20 4.60 9.65
N CYS A 1543 27.72 5.52 8.81
CA CYS A 1543 26.37 5.41 8.29
C CYS A 1543 26.21 4.14 7.45
N GLN A 1544 27.16 3.89 6.54
CA GLN A 1544 27.07 2.69 5.73
C GLN A 1544 27.25 1.42 6.57
N ALA A 1545 28.08 1.48 7.61
CA ALA A 1545 28.22 0.33 8.49
C ALA A 1545 26.92 0.03 9.23
N GLU A 1546 26.22 1.08 9.68
CA GLU A 1546 24.95 0.88 10.36
C GLU A 1546 23.89 0.32 9.42
N GLU A 1547 23.79 0.89 8.20
CA GLU A 1547 22.85 0.36 7.23
C GLU A 1547 23.18 -1.10 6.89
N PHE A 1548 24.46 -1.42 6.78
CA PHE A 1548 24.89 -2.78 6.49
C PHE A 1548 24.53 -3.72 7.63
N PHE A 1549 24.72 -3.29 8.88
CA PHE A 1549 24.33 -4.12 10.02
C PHE A 1549 22.83 -4.37 10.02
N GLN A 1550 22.04 -3.33 9.74
CA GLN A 1550 20.59 -3.51 9.69
C GLN A 1550 20.19 -4.49 8.60
N SER A 1551 20.77 -4.34 7.40
CA SER A 1551 20.44 -5.25 6.31
C SER A 1551 20.87 -6.68 6.62
N LEU A 1552 22.05 -6.86 7.21
CA LEU A 1552 22.58 -8.19 7.42
C LEU A 1552 21.87 -8.89 8.57
N CYS A 1553 21.34 -8.13 9.53
CA CYS A 1553 20.50 -8.76 10.55
C CYS A 1553 19.07 -8.95 10.04
N THR A 1554 18.68 -8.20 9.01
CA THR A 1554 17.37 -8.43 8.39
C THR A 1554 17.36 -9.72 7.60
N ARG A 1555 18.38 -9.96 6.78
CA ARG A 1555 18.38 -11.13 5.91
C ARG A 1555 18.38 -12.43 6.71
N ALA A 1556 19.49 -12.72 7.39
CA ALA A 1556 19.63 -13.93 8.18
C ALA A 1556 20.96 -13.92 8.90
N HIS A 1557 21.04 -14.62 10.02
CA HIS A 1557 22.27 -14.76 10.78
C HIS A 1557 22.05 -15.79 11.87
N ARG A 1558 23.06 -15.96 12.72
CA ARG A 1558 22.93 -16.79 13.91
C ARG A 1558 22.64 -15.91 15.11
N GLU A 1559 21.64 -16.30 15.89
CA GLU A 1559 21.18 -15.49 17.02
C GLU A 1559 21.92 -15.83 18.30
N ASP A 1560 23.25 -15.82 18.22
CA ASP A 1560 24.10 -16.04 19.39
C ASP A 1560 25.42 -15.29 19.26
N TYR A 1561 25.46 -14.24 18.44
CA TYR A 1561 26.70 -13.50 18.22
C TYR A 1561 27.02 -12.61 19.41
N GLN A 1562 28.31 -12.57 19.77
CA GLN A 1562 28.79 -11.76 20.89
C GLN A 1562 29.51 -10.54 20.31
N LEU A 1563 28.74 -9.52 19.92
CA LEU A 1563 29.29 -8.33 19.30
C LEU A 1563 29.39 -7.22 20.34
N VAL A 1564 30.61 -6.71 20.53
CA VAL A 1564 30.89 -5.65 21.49
C VAL A 1564 31.47 -4.47 20.73
N ILE A 1565 31.08 -3.26 21.11
CA ILE A 1565 31.48 -2.04 20.44
C ILE A 1565 32.02 -1.10 21.50
N LEU A 1566 33.35 -0.98 21.58
CA LEU A 1566 33.99 -0.10 22.54
C LEU A 1566 34.21 1.27 21.90
N CYS A 1567 33.95 2.33 22.66
CA CYS A 1567 34.00 3.67 22.09
C CYS A 1567 34.63 4.63 23.09
N ASP A 1568 35.06 5.77 22.57
CA ASP A 1568 35.56 6.84 23.42
C ASP A 1568 34.39 7.47 24.18
N ALA A 1569 34.51 7.49 25.51
CA ALA A 1569 33.42 8.00 26.35
C ALA A 1569 33.16 9.47 26.09
N ALA A 1570 34.17 10.21 25.68
CA ALA A 1570 34.03 11.64 25.43
C ALA A 1570 33.62 11.96 24.01
N ARG A 1571 33.37 10.96 23.18
CA ARG A 1571 33.05 11.15 21.76
C ARG A 1571 31.73 10.49 21.40
N GLU A 1572 30.70 10.72 22.22
CA GLU A 1572 29.39 10.14 21.93
C GLU A 1572 28.63 10.91 20.85
N HIS A 1573 29.15 12.03 20.37
CA HIS A 1573 28.39 12.89 19.48
C HIS A 1573 28.37 12.39 18.03
N CYS A 1574 29.24 11.47 17.65
CA CYS A 1574 29.33 11.04 16.27
C CYS A 1574 28.16 10.09 15.94
N TYR A 1575 28.17 9.54 14.73
CA TYR A 1575 27.00 8.83 14.21
C TYR A 1575 26.77 7.50 14.93
N ILE A 1576 27.77 6.62 14.90
CA ILE A 1576 27.56 5.25 15.40
C ILE A 1576 27.14 5.22 16.87
N PRO A 1577 27.78 5.93 17.80
CA PRO A 1577 27.31 5.84 19.20
C PRO A 1577 25.99 6.55 19.43
N SER A 1578 25.73 7.67 18.74
CA SER A 1578 24.47 8.37 18.91
C SER A 1578 23.30 7.52 18.44
N THR A 1579 23.48 6.77 17.34
CA THR A 1579 22.44 5.88 16.86
C THR A 1579 22.43 4.55 17.61
N PHE A 1580 23.37 4.34 18.54
CA PHE A 1580 23.52 3.08 19.25
C PHE A 1580 23.23 3.24 20.74
N SER A 1581 22.54 4.31 21.13
CA SER A 1581 22.35 4.62 22.54
C SER A 1581 21.54 3.55 23.25
N GLN A 1582 20.54 2.98 22.56
CA GLN A 1582 19.67 2.00 23.18
C GLN A 1582 20.39 0.73 23.59
N TYR A 1583 21.32 0.24 22.78
CA TYR A 1583 22.02 -1.02 23.08
C TYR A 1583 23.31 -0.77 23.85
N LYS A 1584 23.22 -0.05 24.98
CA LYS A 1584 24.38 0.30 25.78
C LYS A 1584 24.37 -0.51 27.08
N VAL A 1585 25.52 -1.11 27.39
CA VAL A 1585 25.71 -1.80 28.66
C VAL A 1585 26.37 -0.81 29.62
N PRO A 1586 25.73 -0.46 30.75
CA PRO A 1586 26.29 0.54 31.67
C PRO A 1586 27.23 -0.06 32.73
N LEU A 1587 28.18 -0.87 32.29
CA LEU A 1587 29.13 -1.50 33.19
C LEU A 1587 30.56 -1.06 33.00
N VAL A 1588 30.99 -0.84 31.75
CA VAL A 1588 32.38 -0.51 31.42
C VAL A 1588 33.30 -1.56 32.02
N PRO A 1589 33.32 -2.78 31.48
CA PRO A 1589 34.12 -3.84 32.10
C PRO A 1589 35.59 -3.51 32.12
N GLN A 1590 36.26 -3.96 33.18
CA GLN A 1590 37.68 -3.69 33.37
C GLN A 1590 38.24 -4.67 34.39
N ALA A 1591 39.40 -5.23 34.08
CA ALA A 1591 40.13 -6.12 34.96
C ALA A 1591 41.35 -5.41 35.52
N PRO A 1592 41.82 -5.82 36.70
CA PRO A 1592 42.98 -5.14 37.30
C PRO A 1592 44.21 -5.20 36.40
N LEU A 1593 45.01 -4.14 36.46
CA LEU A 1593 46.17 -4.03 35.58
C LEU A 1593 47.16 -5.18 35.71
N PRO A 1594 47.54 -5.64 36.91
CA PRO A 1594 48.42 -6.81 36.97
C PRO A 1594 47.84 -8.05 36.31
N ASN A 1595 46.51 -8.19 36.31
CA ASN A 1595 45.89 -9.31 35.61
C ASN A 1595 46.14 -9.21 34.10
N ILE A 1596 45.99 -8.01 33.54
CA ILE A 1596 46.29 -7.81 32.12
C ILE A 1596 47.76 -8.09 31.84
N GLN A 1597 48.65 -7.60 32.71
CA GLN A 1597 50.07 -7.83 32.53
C GLN A 1597 50.38 -9.33 32.51
N ALA A 1598 49.87 -10.07 33.50
CA ALA A 1598 50.14 -11.50 33.57
C ALA A 1598 49.53 -12.24 32.38
N TYR A 1599 48.32 -11.85 31.97
CA TYR A 1599 47.67 -12.48 30.83
C TYR A 1599 48.51 -12.31 29.56
N LEU A 1600 48.88 -11.07 29.25
CA LEU A 1600 49.64 -10.82 28.03
C LEU A 1600 51.03 -11.44 28.11
N GLN A 1601 51.64 -11.44 29.31
CA GLN A 1601 52.97 -12.02 29.45
C GLN A 1601 52.95 -13.53 29.25
N SER A 1602 52.04 -14.23 29.93
CA SER A 1602 51.98 -15.68 29.83
C SER A 1602 51.40 -16.15 28.50
N HIS A 1603 50.69 -15.29 27.79
CA HIS A 1603 50.24 -15.63 26.44
C HIS A 1603 51.26 -15.25 25.37
N TYR A 1604 52.20 -14.36 25.69
CA TYR A 1604 53.34 -14.08 24.82
C TYR A 1604 54.44 -15.12 24.95
N GLN A 1605 54.39 -15.95 25.98
CA GLN A 1605 55.41 -16.97 26.21
C GLN A 1605 55.48 -17.94 25.04
N VAL A 1606 56.61 -17.92 24.33
CA VAL A 1606 56.86 -18.89 23.27
C VAL A 1606 57.25 -20.20 23.94
N PRO A 1607 56.56 -21.30 23.65
CA PRO A 1607 56.86 -22.56 24.34
C PRO A 1607 58.22 -23.11 23.97
N LYS A 1608 58.67 -24.06 24.77
CA LYS A 1608 59.97 -24.69 24.59
C LYS A 1608 60.00 -25.48 23.28
N ARG A 1609 61.18 -26.02 22.96
CA ARG A 1609 61.42 -26.83 21.75
C ARG A 1609 60.84 -26.18 20.50
N LEU A 1610 60.85 -24.85 20.45
CA LEU A 1610 60.37 -24.11 19.31
C LEU A 1610 61.48 -23.47 18.48
N LEU A 1611 62.69 -23.36 19.04
CA LEU A 1611 63.84 -22.77 18.35
C LEU A 1611 63.52 -21.34 17.90
N SER A 1612 63.32 -20.50 18.90
CA SER A 1612 62.89 -19.12 18.72
C SER A 1612 64.01 -18.17 19.12
N ALA A 1613 63.87 -16.90 18.71
CA ALA A 1613 64.77 -15.86 19.20
C ALA A 1613 64.43 -15.44 20.62
N ALA A 1614 63.17 -15.61 21.03
CA ALA A 1614 62.71 -15.15 22.34
C ALA A 1614 63.46 -15.80 23.49
N THR A 1615 64.20 -16.88 23.22
CA THR A 1615 65.02 -17.48 24.27
C THR A 1615 66.01 -16.47 24.85
N VAL A 1616 66.42 -15.47 24.07
CA VAL A 1616 67.30 -14.45 24.60
C VAL A 1616 66.57 -13.49 25.54
N PHE A 1617 65.26 -13.42 25.45
CA PHE A 1617 64.47 -12.50 26.27
C PHE A 1617 64.32 -13.08 27.68
N ARG A 1618 63.50 -12.41 28.50
CA ARG A 1618 63.20 -12.87 29.85
C ARG A 1618 62.21 -14.02 29.75
N ASP A 1619 62.72 -15.25 29.67
CA ASP A 1619 61.92 -16.46 29.60
C ASP A 1619 61.00 -16.46 28.38
N GLY A 1620 61.44 -15.87 27.27
CA GLY A 1620 60.76 -16.03 26.00
C GLY A 1620 59.43 -15.32 25.82
N LEU A 1621 59.40 -14.01 26.07
CA LEU A 1621 58.17 -13.25 25.83
C LEU A 1621 57.95 -12.90 24.37
N CYS A 1622 59.01 -12.86 23.57
CA CYS A 1622 58.93 -12.68 22.12
C CYS A 1622 58.42 -11.30 21.71
N VAL A 1623 58.06 -10.48 22.70
CA VAL A 1623 57.65 -9.09 22.47
C VAL A 1623 58.08 -8.29 23.70
N GLY A 1624 58.77 -7.17 23.48
CA GLY A 1624 59.23 -6.36 24.58
C GLY A 1624 59.34 -4.90 24.20
N ILE A 1625 59.18 -4.06 25.20
CA ILE A 1625 59.27 -2.61 25.04
C ILE A 1625 60.43 -2.09 25.87
N VAL A 1626 61.38 -1.43 25.22
CA VAL A 1626 62.50 -0.78 25.89
C VAL A 1626 62.25 0.72 25.86
N THR A 1627 62.30 1.36 27.03
CA THR A 1627 61.92 2.76 27.13
C THR A 1627 62.74 3.44 28.21
N SER A 1628 62.63 4.78 28.24
CA SER A 1628 63.19 5.59 29.30
C SER A 1628 62.49 6.94 29.30
N GLU A 1629 62.30 7.49 30.49
CA GLU A 1629 61.60 8.77 30.62
C GLU A 1629 62.38 9.90 29.94
N ARG A 1630 63.70 9.89 30.09
CA ARG A 1630 64.59 10.75 29.32
C ARG A 1630 65.45 9.86 28.44
N ALA A 1631 65.80 10.34 27.26
CA ALA A 1631 66.43 9.48 26.25
C ALA A 1631 67.95 9.57 26.33
N GLY A 1632 68.62 8.88 25.41
CA GLY A 1632 70.08 8.78 25.43
C GLY A 1632 70.62 7.95 26.56
N VAL A 1633 70.04 6.77 26.81
CA VAL A 1633 70.35 6.00 28.01
C VAL A 1633 70.86 4.60 27.71
N GLY A 1634 70.51 4.04 26.55
CA GLY A 1634 70.88 2.66 26.32
C GLY A 1634 69.78 1.76 25.80
N LYS A 1635 68.70 2.34 25.27
CA LYS A 1635 67.64 1.54 24.67
C LYS A 1635 68.17 0.68 23.51
N SER A 1636 68.69 1.33 22.48
CA SER A 1636 69.26 0.60 21.35
C SER A 1636 70.45 -0.23 21.78
N LEU A 1637 71.22 0.25 22.76
CA LEU A 1637 72.31 -0.55 23.29
C LEU A 1637 71.78 -1.82 23.95
N TYR A 1638 70.65 -1.72 24.67
CA TYR A 1638 70.04 -2.91 25.25
C TYR A 1638 69.59 -3.88 24.17
N VAL A 1639 69.00 -3.36 23.09
CA VAL A 1639 68.61 -4.23 21.99
C VAL A 1639 69.81 -4.94 21.40
N ASN A 1640 70.91 -4.21 21.19
CA ASN A 1640 72.10 -4.82 20.63
C ASN A 1640 72.75 -5.81 21.58
N THR A 1641 72.66 -5.57 22.89
CA THR A 1641 73.20 -6.55 23.83
C THR A 1641 72.34 -7.82 23.87
N LEU A 1642 71.02 -7.68 23.75
CA LEU A 1642 70.20 -8.87 23.57
C LEU A 1642 70.55 -9.58 22.27
N HIS A 1643 70.83 -8.82 21.21
CA HIS A 1643 71.25 -9.42 19.95
C HIS A 1643 72.52 -10.24 20.12
N THR A 1644 73.54 -9.67 20.76
CA THR A 1644 74.79 -10.38 20.94
C THR A 1644 74.66 -11.53 21.95
N LYS A 1645 73.73 -11.41 22.90
CA LYS A 1645 73.46 -12.53 23.81
C LYS A 1645 72.83 -13.69 23.06
N LEU A 1646 71.92 -13.39 22.13
CA LEU A 1646 71.40 -14.43 21.25
C LEU A 1646 72.49 -15.01 20.37
N LYS A 1647 73.42 -14.17 19.89
CA LYS A 1647 74.53 -14.68 19.11
C LYS A 1647 75.43 -15.59 19.95
N ALA A 1648 75.48 -15.37 21.26
CA ALA A 1648 76.24 -16.26 22.13
C ALA A 1648 75.69 -17.68 22.07
N LYS A 1649 74.37 -17.81 22.07
CA LYS A 1649 73.73 -19.09 21.82
C LYS A 1649 73.52 -19.29 20.33
N LEU A 1650 73.02 -20.47 19.97
CA LEU A 1650 72.69 -20.81 18.58
C LEU A 1650 73.84 -20.42 17.63
N ARG A 1651 74.96 -21.12 17.83
CA ARG A 1651 76.18 -20.88 17.06
C ARG A 1651 75.92 -21.01 15.57
N ASP A 1652 76.76 -20.37 14.75
CA ASP A 1652 76.48 -20.15 13.33
C ASP A 1652 75.16 -19.39 13.18
N GLU A 1653 75.20 -18.15 13.69
CA GLU A 1653 73.99 -17.39 13.95
C GLU A 1653 73.33 -16.87 12.67
N THR A 1654 74.07 -16.09 11.86
CA THR A 1654 73.59 -15.40 10.65
C THR A 1654 72.18 -14.84 10.84
N VAL A 1655 71.91 -14.26 12.00
CA VAL A 1655 70.58 -13.75 12.33
C VAL A 1655 70.50 -12.31 11.84
N PRO A 1656 69.47 -11.94 11.08
CA PRO A 1656 69.34 -10.55 10.63
C PRO A 1656 68.66 -9.69 11.67
N LEU A 1657 68.91 -8.38 11.56
CA LEU A 1657 68.36 -7.38 12.49
C LEU A 1657 67.72 -6.27 11.66
N LYS A 1658 66.46 -6.46 11.27
CA LYS A 1658 65.73 -5.40 10.60
C LYS A 1658 65.46 -4.27 11.58
N ILE A 1659 65.62 -3.03 11.14
CA ILE A 1659 65.47 -1.86 11.99
C ILE A 1659 64.64 -0.85 11.21
N ILE A 1660 63.34 -0.79 11.52
CA ILE A 1660 62.45 0.18 10.88
C ILE A 1660 62.45 1.45 11.70
N ARG A 1661 62.78 2.57 11.06
CA ARG A 1661 62.78 3.88 11.72
C ARG A 1661 61.44 4.56 11.44
N LEU A 1662 60.60 4.62 12.47
CA LEU A 1662 59.29 5.25 12.39
C LEU A 1662 59.42 6.68 12.91
N THR A 1663 59.52 7.63 11.98
CA THR A 1663 59.84 9.01 12.34
C THR A 1663 58.80 10.02 11.87
N GLU A 1664 57.60 9.62 11.54
CA GLU A 1664 56.79 10.62 10.90
C GLU A 1664 55.55 10.96 11.75
N PRO A 1665 55.02 12.17 11.62
CA PRO A 1665 53.74 12.48 12.26
C PRO A 1665 52.61 11.68 11.63
N HIS A 1666 51.58 11.43 12.41
CA HIS A 1666 50.49 10.54 12.02
C HIS A 1666 51.05 9.18 11.59
N LEU A 1667 51.63 8.50 12.57
CA LEU A 1667 52.30 7.23 12.36
C LEU A 1667 51.43 6.29 11.53
N ASP A 1668 52.00 5.79 10.44
CA ASP A 1668 51.29 5.09 9.38
C ASP A 1668 51.67 3.61 9.35
N GLU A 1669 50.68 2.76 9.10
CA GLU A 1669 50.89 1.31 9.09
C GLU A 1669 51.63 0.81 7.86
N ASN A 1670 51.37 1.37 6.67
CA ASN A 1670 51.91 0.77 5.45
C ASN A 1670 53.42 0.85 5.39
N GLN A 1671 54.02 1.89 5.98
CA GLN A 1671 55.48 2.02 5.98
C GLN A 1671 56.13 0.84 6.68
N VAL A 1672 55.64 0.52 7.87
CA VAL A 1672 56.18 -0.62 8.60
C VAL A 1672 55.85 -1.92 7.87
N LEU A 1673 54.65 -2.00 7.28
CA LEU A 1673 54.29 -3.21 6.54
C LEU A 1673 55.20 -3.42 5.33
N SER A 1674 55.49 -2.35 4.58
CA SER A 1674 56.39 -2.43 3.44
C SER A 1674 57.80 -2.78 3.87
N ALA A 1675 58.26 -2.21 4.99
CA ALA A 1675 59.58 -2.58 5.51
C ALA A 1675 59.61 -4.03 5.95
N LEU A 1676 58.48 -4.59 6.40
CA LEU A 1676 58.39 -5.97 6.82
C LEU A 1676 58.23 -6.95 5.66
N LEU A 1677 57.66 -6.50 4.54
CA LEU A 1677 57.19 -7.44 3.51
C LEU A 1677 58.28 -8.36 2.97
N PRO A 1678 59.45 -7.89 2.53
CA PRO A 1678 60.42 -8.79 1.93
C PRO A 1678 61.26 -9.57 2.94
N PHE A 1679 60.87 -9.63 4.20
CA PHE A 1679 61.72 -10.22 5.22
C PHE A 1679 61.38 -11.68 5.51
N LEU A 1680 60.10 -12.03 5.54
CA LEU A 1680 59.68 -13.38 5.90
C LEU A 1680 58.63 -13.94 4.93
N LYS A 1681 58.88 -13.81 3.64
CA LYS A 1681 58.11 -14.50 2.61
C LYS A 1681 58.95 -15.57 1.90
N GLU A 1682 59.97 -16.10 2.58
CA GLU A 1682 60.95 -16.94 1.91
C GLU A 1682 61.18 -18.26 2.66
N LYS A 1683 60.90 -18.27 3.96
CA LYS A 1683 61.00 -19.43 4.84
C LYS A 1683 62.45 -19.77 5.21
N TYR A 1684 63.44 -19.16 4.56
CA TYR A 1684 64.82 -19.47 4.92
C TYR A 1684 65.31 -18.62 6.10
N GLN A 1685 64.58 -17.58 6.49
CA GLN A 1685 64.88 -16.83 7.70
C GLN A 1685 63.94 -17.16 8.84
N LYS A 1686 63.21 -18.28 8.77
CA LYS A 1686 62.45 -18.73 9.93
C LYS A 1686 63.35 -19.17 11.07
N MET A 1687 64.65 -19.33 10.82
CA MET A 1687 65.63 -19.39 11.89
C MET A 1687 65.52 -18.13 12.74
N PRO A 1688 65.61 -18.22 14.09
CA PRO A 1688 65.30 -17.08 14.96
C PRO A 1688 65.80 -15.72 14.48
N VAL A 1689 64.88 -14.76 14.43
CA VAL A 1689 65.13 -13.43 13.89
C VAL A 1689 64.74 -12.40 14.94
N ILE A 1690 65.58 -11.39 15.12
CA ILE A 1690 65.32 -10.29 16.03
C ILE A 1690 65.01 -9.05 15.22
N PHE A 1691 63.75 -8.64 15.23
CA PHE A 1691 63.40 -7.35 14.67
C PHE A 1691 63.75 -6.24 15.64
N HIS A 1692 63.67 -5.00 15.17
CA HIS A 1692 63.95 -3.84 16.03
C HIS A 1692 63.13 -2.68 15.50
N ILE A 1693 61.96 -2.47 16.08
CA ILE A 1693 61.15 -1.29 15.75
C ILE A 1693 61.67 -0.10 16.54
N ASP A 1694 62.05 0.95 15.82
CA ASP A 1694 62.57 2.17 16.44
C ASP A 1694 61.64 3.32 16.12
N ILE A 1695 61.43 4.19 17.10
CA ILE A 1695 60.38 5.20 17.03
C ILE A 1695 60.96 6.54 17.44
N SER A 1696 60.50 7.60 16.77
CA SER A 1696 60.99 8.95 17.00
C SER A 1696 60.13 9.64 18.06
N THR A 1697 60.32 10.94 18.24
CA THR A 1697 59.55 11.72 19.20
C THR A 1697 58.69 12.78 18.49
N SER A 1698 58.21 12.46 17.30
CA SER A 1698 57.25 13.26 16.55
C SER A 1698 56.13 12.37 16.03
N VAL A 1699 55.75 11.39 16.85
CA VAL A 1699 54.87 10.30 16.45
C VAL A 1699 53.70 10.17 17.42
N GLN A 1700 53.28 11.30 17.99
CA GLN A 1700 52.38 11.30 19.13
C GLN A 1700 51.01 10.69 18.84
N THR A 1701 50.62 10.60 17.58
CA THR A 1701 49.22 10.37 17.22
C THR A 1701 48.97 9.00 16.59
N GLY A 1702 49.91 8.06 16.70
CA GLY A 1702 49.67 6.75 16.13
C GLY A 1702 50.22 5.58 16.91
N ILE A 1703 50.80 5.86 18.07
CA ILE A 1703 51.55 4.83 18.80
C ILE A 1703 50.65 3.72 19.33
N PRO A 1704 49.54 3.99 20.04
CA PRO A 1704 48.84 2.89 20.71
C PRO A 1704 48.13 1.94 19.75
N ILE A 1705 47.44 2.48 18.75
CA ILE A 1705 46.74 1.62 17.80
C ILE A 1705 47.73 0.71 17.09
N PHE A 1706 48.86 1.27 16.64
CA PHE A 1706 49.86 0.48 15.95
C PHE A 1706 50.44 -0.59 16.86
N LEU A 1707 50.76 -0.24 18.11
CA LEU A 1707 51.34 -1.23 19.01
C LEU A 1707 50.37 -2.37 19.29
N PHE A 1708 49.10 -2.04 19.54
CA PHE A 1708 48.11 -3.07 19.78
C PHE A 1708 47.92 -3.95 18.54
N LYS A 1709 47.90 -3.33 17.36
CA LYS A 1709 47.72 -4.07 16.11
C LYS A 1709 48.86 -5.06 15.90
N LEU A 1710 50.10 -4.60 16.00
CA LEU A 1710 51.23 -5.46 15.69
C LEU A 1710 51.43 -6.52 16.78
N LEU A 1711 51.39 -6.11 18.05
CA LEU A 1711 51.76 -7.01 19.13
C LEU A 1711 50.60 -7.87 19.65
N ILE A 1712 49.45 -7.27 19.92
CA ILE A 1712 48.29 -8.00 20.44
C ILE A 1712 47.54 -8.72 19.33
N LEU A 1713 47.10 -7.98 18.31
CA LEU A 1713 46.38 -8.57 17.19
C LEU A 1713 47.29 -9.41 16.30
N GLN A 1714 48.60 -9.22 16.39
CA GLN A 1714 49.59 -10.03 15.67
C GLN A 1714 49.38 -9.96 14.15
N TYR A 1715 49.00 -8.78 13.68
CA TYR A 1715 48.72 -8.64 12.26
C TYR A 1715 49.05 -7.24 11.79
N LEU A 1716 49.29 -7.12 10.48
CA LEU A 1716 49.35 -5.85 9.77
C LEU A 1716 48.92 -6.09 8.33
N MET A 1717 47.84 -5.43 7.92
CA MET A 1717 47.21 -5.76 6.65
C MET A 1717 47.06 -4.52 5.79
N ASP A 1718 47.36 -4.67 4.51
CA ASP A 1718 47.02 -3.69 3.48
C ASP A 1718 45.68 -4.10 2.87
N ILE A 1719 44.73 -3.18 2.86
CA ILE A 1719 43.38 -3.50 2.41
C ILE A 1719 43.39 -3.94 0.94
N ASN A 1720 44.35 -3.42 0.17
CA ASN A 1720 44.57 -3.85 -1.21
C ASN A 1720 45.91 -4.57 -1.36
N GLY A 1721 46.30 -5.33 -0.35
CA GLY A 1721 47.59 -6.00 -0.38
C GLY A 1721 47.63 -7.17 0.55
N LYS A 1722 48.83 -7.72 0.72
CA LYS A 1722 49.03 -8.93 1.50
C LYS A 1722 48.91 -8.65 2.99
N ILE A 1723 49.20 -9.68 3.79
CA ILE A 1723 49.03 -9.66 5.24
C ILE A 1723 50.32 -10.11 5.91
N TRP A 1724 50.72 -9.39 6.94
CA TRP A 1724 51.80 -9.80 7.83
C TRP A 1724 51.20 -10.34 9.12
N ARG A 1725 51.69 -11.48 9.56
CA ARG A 1725 51.33 -12.06 10.85
C ARG A 1725 52.58 -12.10 11.72
N ARG A 1726 52.48 -11.54 12.92
CA ARG A 1726 53.61 -11.61 13.85
C ARG A 1726 53.87 -13.07 14.21
N SER A 1727 55.14 -13.47 14.11
CA SER A 1727 55.26 -14.91 14.28
C SER A 1727 55.52 -15.26 15.74
N PRO A 1728 54.85 -16.29 16.24
CA PRO A 1728 55.15 -16.78 17.59
C PRO A 1728 56.44 -17.57 17.61
N GLY A 1729 57.56 -16.89 17.76
CA GLY A 1729 58.86 -17.53 17.63
C GLY A 1729 59.93 -16.62 17.04
N HIS A 1730 59.55 -15.42 16.62
CA HIS A 1730 60.50 -14.42 16.16
C HIS A 1730 60.39 -13.20 17.06
N LEU A 1731 61.53 -12.78 17.62
CA LEU A 1731 61.54 -11.76 18.64
C LEU A 1731 61.24 -10.38 18.06
N TYR A 1732 60.64 -9.53 18.89
CA TYR A 1732 60.39 -8.13 18.55
C TYR A 1732 60.89 -7.24 19.68
N LEU A 1733 61.33 -6.04 19.32
CA LEU A 1733 61.81 -5.05 20.29
C LEU A 1733 61.41 -3.67 19.80
N VAL A 1734 60.29 -3.16 20.30
CA VAL A 1734 59.77 -1.85 19.91
C VAL A 1734 60.20 -0.85 20.97
N GLU A 1735 60.94 0.17 20.55
CA GLU A 1735 61.25 1.28 21.44
C GLU A 1735 60.01 2.15 21.62
N ILE A 1736 60.11 3.08 22.56
CA ILE A 1736 59.03 4.03 22.80
C ILE A 1736 59.60 5.23 23.56
N PRO A 1737 59.25 6.45 23.18
CA PRO A 1737 59.66 7.63 23.95
C PRO A 1737 58.58 8.06 24.93
N GLN A 1738 59.01 8.80 25.95
CA GLN A 1738 58.08 9.32 26.94
C GLN A 1738 58.37 10.78 27.23
N PRO A 1755 47.52 9.20 28.47
CA PRO A 1755 48.24 9.03 27.21
C PRO A 1755 48.98 7.70 27.12
N LEU A 1756 50.21 7.72 26.60
CA LEU A 1756 50.97 6.50 26.40
C LEU A 1756 51.56 5.96 27.70
N PHE A 1757 51.64 6.77 28.75
CA PHE A 1757 52.29 6.34 29.99
C PHE A 1757 51.59 5.12 30.58
N LYS A 1758 50.26 5.12 30.61
CA LYS A 1758 49.52 3.97 31.13
C LYS A 1758 49.52 2.82 30.12
N PHE A 1759 49.28 3.11 28.85
CA PHE A 1759 49.13 2.06 27.85
C PHE A 1759 50.41 1.26 27.68
N LEU A 1760 51.57 1.90 27.83
CA LEU A 1760 52.86 1.23 27.72
C LEU A 1760 53.04 0.11 28.74
N ASP A 1761 52.31 0.16 29.85
CA ASP A 1761 52.57 -0.77 30.95
C ASP A 1761 52.05 -2.18 30.65
N LEU A 1762 51.06 -2.31 29.76
CA LEU A 1762 50.44 -3.61 29.52
C LEU A 1762 51.45 -4.62 28.98
N PHE A 1763 52.26 -4.21 28.01
CA PHE A 1763 53.21 -5.12 27.41
C PHE A 1763 54.36 -5.41 28.39
N PRO A 1764 55.03 -6.55 28.26
CA PRO A 1764 56.23 -6.79 29.07
C PRO A 1764 57.32 -5.78 28.72
N LYS A 1765 57.63 -4.89 29.65
CA LYS A 1765 58.50 -3.76 29.41
C LYS A 1765 59.75 -3.85 30.28
N VAL A 1766 60.90 -3.63 29.66
CA VAL A 1766 62.19 -3.55 30.34
C VAL A 1766 62.74 -2.15 30.11
N THR A 1767 63.06 -1.46 31.20
CA THR A 1767 63.44 -0.05 31.14
C THR A 1767 64.89 0.13 31.57
N CYS A 1768 65.46 1.26 31.13
CA CYS A 1768 66.82 1.65 31.48
C CYS A 1768 66.82 3.12 31.86
N ARG A 1769 67.56 3.45 32.92
CA ARG A 1769 67.57 4.80 33.46
C ARG A 1769 69.00 5.32 33.52
N PRO A 1770 69.18 6.64 33.51
CA PRO A 1770 70.53 7.22 33.48
C PRO A 1770 71.36 6.79 34.69
N PRO A 1771 72.68 6.91 34.61
CA PRO A 1771 73.54 6.40 35.70
C PRO A 1771 73.22 6.97 37.07
N LYS A 1772 72.86 8.25 37.15
CA LYS A 1772 72.60 8.86 38.46
C LYS A 1772 71.31 8.33 39.06
N GLU A 1773 70.45 7.72 38.24
CA GLU A 1773 69.21 7.15 38.72
C GLU A 1773 69.30 5.65 38.97
N VAL A 1774 70.42 5.01 38.61
CA VAL A 1774 70.58 3.57 38.78
C VAL A 1774 71.76 3.27 39.70
N ILE A 1775 72.30 4.31 40.33
CA ILE A 1775 73.44 4.15 41.22
C ILE A 1775 73.05 4.12 42.69
N ASP A 1776 71.77 4.33 43.00
CA ASP A 1776 71.29 4.31 44.37
C ASP A 1776 70.45 3.09 44.71
N MET A 1777 69.70 2.54 43.76
CA MET A 1777 68.91 1.34 44.01
C MET A 1777 69.55 0.06 43.53
N GLU A 1778 70.61 0.14 42.72
CA GLU A 1778 71.25 -1.06 42.19
C GLU A 1778 72.77 -0.98 42.36
N PRO A 1788 74.14 -4.98 35.80
CA PRO A 1788 73.89 -3.65 36.36
C PRO A 1788 73.37 -2.68 35.30
N ALA A 1789 74.05 -1.56 35.13
CA ALA A 1789 73.80 -0.62 34.04
C ALA A 1789 75.02 -0.47 33.14
N MET A 1790 75.82 -1.53 33.05
CA MET A 1790 77.04 -1.57 32.27
C MET A 1790 76.98 -2.68 31.23
N ASP A 1791 77.85 -2.57 30.23
CA ASP A 1791 77.88 -3.50 29.11
C ASP A 1791 79.31 -3.94 28.83
N PRO A 1792 79.56 -5.23 28.59
CA PRO A 1792 80.92 -5.67 28.27
C PRO A 1792 81.51 -5.04 27.02
N VAL A 1793 80.67 -4.74 26.01
CA VAL A 1793 81.19 -4.30 24.73
C VAL A 1793 81.81 -2.91 24.81
N GLU A 1794 81.12 -1.96 25.44
CA GLU A 1794 81.62 -0.60 25.53
C GLU A 1794 82.81 -0.48 26.47
N PHE A 1795 82.84 -1.28 27.54
CA PHE A 1795 83.96 -1.24 28.48
C PHE A 1795 85.19 -1.94 27.91
N CYS A 1796 84.98 -3.02 27.15
CA CYS A 1796 86.11 -3.74 26.58
C CYS A 1796 86.80 -2.94 25.49
N SER A 1797 86.07 -2.02 24.85
CA SER A 1797 86.68 -1.16 23.85
C SER A 1797 87.62 -0.16 24.52
N GLU A 1798 88.68 0.20 23.81
CA GLU A 1798 89.73 1.03 24.39
C GLU A 1798 89.37 2.51 24.44
N ALA A 1799 88.23 2.91 23.88
CA ALA A 1799 87.79 4.29 24.02
C ALA A 1799 87.38 4.59 25.46
N PHE A 1800 86.60 3.69 26.07
CA PHE A 1800 86.22 3.82 27.47
C PHE A 1800 87.31 3.34 28.42
N GLN A 1801 88.30 2.60 27.93
CA GLN A 1801 89.30 1.97 28.77
C GLN A 1801 90.42 2.94 29.18
N ARG A 1802 91.07 3.58 28.21
CA ARG A 1802 92.25 4.38 28.51
C ARG A 1802 91.96 5.55 29.45
N PRO A 1803 90.94 6.38 29.24
CA PRO A 1803 90.61 7.39 30.26
C PRO A 1803 90.27 6.79 31.60
N TYR A 1804 89.63 5.62 31.63
CA TYR A 1804 89.41 4.94 32.90
C TYR A 1804 90.73 4.57 33.56
N GLN A 1805 91.67 4.02 32.78
CA GLN A 1805 92.96 3.62 33.34
C GLN A 1805 93.70 4.82 33.91
N TYR A 1806 93.58 5.98 33.26
CA TYR A 1806 94.29 7.15 33.76
C TYR A 1806 93.58 7.75 34.97
N LEU A 1807 92.25 7.86 34.92
CA LEU A 1807 91.52 8.55 35.97
C LEU A 1807 91.37 7.72 37.23
N LYS A 1808 91.39 6.39 37.13
CA LYS A 1808 91.37 5.56 38.33
C LYS A 1808 92.62 5.80 39.17
N ARG A 1809 93.78 5.88 38.53
CA ARG A 1809 95.00 6.24 39.22
C ARG A 1809 95.05 7.73 39.56
N PHE A 1810 94.33 8.57 38.83
CA PHE A 1810 94.25 9.99 39.18
C PHE A 1810 93.39 10.22 40.40
N HIS A 1811 92.49 9.28 40.72
CA HIS A 1811 91.63 9.42 41.90
C HIS A 1811 92.46 9.48 43.18
N GLN A 1812 93.34 8.50 43.36
CA GLN A 1812 94.28 8.49 44.48
C GLN A 1812 95.62 9.01 43.99
N GLN A 1813 96.10 10.10 44.58
CA GLN A 1813 97.26 10.81 44.06
C GLN A 1813 98.46 9.88 44.02
N GLN A 1814 98.91 9.56 42.81
CA GLN A 1814 99.99 8.62 42.59
C GLN A 1814 100.76 9.04 41.34
N ASN A 1815 102.05 8.72 41.32
CA ASN A 1815 102.88 8.97 40.15
C ASN A 1815 102.45 8.06 39.01
N LEU A 1816 102.65 8.54 37.78
CA LEU A 1816 102.27 7.81 36.58
C LEU A 1816 103.40 7.70 35.56
N ASP A 1817 104.65 7.72 36.02
CA ASP A 1817 105.78 7.61 35.10
C ASP A 1817 105.87 6.24 34.46
N THR A 1818 105.24 5.23 35.02
CA THR A 1818 105.22 3.91 34.40
C THR A 1818 104.31 3.94 33.17
N PHE A 1819 104.69 3.18 32.14
CA PHE A 1819 103.95 3.19 30.89
C PHE A 1819 102.56 2.59 31.09
N GLN A 1820 101.60 3.13 30.34
CA GLN A 1820 100.20 2.70 30.38
C GLN A 1820 99.81 2.17 29.00
N TYR A 1821 98.51 1.92 28.82
CA TYR A 1821 97.97 1.32 27.61
C TYR A 1821 98.63 -0.04 27.35
N GLU A 1822 98.40 -0.96 28.28
CA GLU A 1822 98.97 -2.30 28.21
C GLU A 1822 98.21 -3.23 27.28
N LYS A 1823 97.13 -2.74 26.66
CA LYS A 1823 96.29 -3.43 25.68
C LYS A 1823 95.49 -4.57 26.30
N GLY A 1824 95.70 -4.88 27.57
CA GLY A 1824 94.94 -5.90 28.26
C GLY A 1824 94.14 -5.29 29.39
N SER A 1825 93.01 -5.92 29.73
CA SER A 1825 92.12 -5.36 30.73
C SER A 1825 92.68 -5.65 32.13
N VAL A 1826 93.07 -4.59 32.83
CA VAL A 1826 93.41 -4.70 34.25
C VAL A 1826 92.12 -4.88 35.06
N GLU A 1827 92.28 -5.25 36.33
CA GLU A 1827 91.12 -5.42 37.19
C GLU A 1827 90.32 -4.13 37.27
N GLY A 1828 89.02 -4.24 37.07
CA GLY A 1828 88.16 -3.08 37.11
C GLY A 1828 86.72 -3.52 37.22
N SER A 1829 85.96 -2.76 38.00
CA SER A 1829 84.57 -3.07 38.28
C SER A 1829 83.67 -2.05 37.60
N PRO A 1830 82.44 -2.45 37.28
CA PRO A 1830 81.53 -1.51 36.59
C PRO A 1830 81.19 -0.27 37.40
N GLU A 1831 80.69 -0.44 38.63
CA GLU A 1831 80.11 0.67 39.37
C GLU A 1831 81.16 1.69 39.76
N GLU A 1832 82.38 1.24 40.08
CA GLU A 1832 83.41 2.19 40.49
C GLU A 1832 83.76 3.15 39.36
N CYS A 1833 83.97 2.63 38.16
CA CYS A 1833 84.29 3.49 37.02
C CYS A 1833 83.09 4.34 36.64
N LEU A 1834 81.89 3.78 36.72
CA LEU A 1834 80.69 4.58 36.45
C LEU A 1834 80.60 5.78 37.39
N GLN A 1835 80.78 5.54 38.69
CA GLN A 1835 80.72 6.63 39.66
C GLN A 1835 81.84 7.63 39.46
N HIS A 1836 83.04 7.14 39.15
CA HIS A 1836 84.17 8.03 38.92
C HIS A 1836 83.93 8.94 37.72
N PHE A 1837 83.34 8.39 36.65
CA PHE A 1837 83.00 9.23 35.51
C PHE A 1837 81.88 10.19 35.84
N LEU A 1838 80.95 9.78 36.70
CA LEU A 1838 79.84 10.65 37.09
C LEU A 1838 80.33 11.86 37.89
N ILE A 1839 81.21 11.64 38.87
CA ILE A 1839 81.58 12.70 39.79
C ILE A 1839 82.42 13.80 39.12
N TYR A 1840 83.32 13.44 38.21
CA TYR A 1840 84.30 14.37 37.67
C TYR A 1840 83.81 15.06 36.40
N CYS A 1841 82.54 14.88 36.04
CA CYS A 1841 81.99 15.47 34.83
C CYS A 1841 81.29 16.80 35.06
N GLY A 1842 80.86 17.08 36.29
CA GLY A 1842 80.17 18.33 36.59
C GLY A 1842 78.65 18.23 36.63
N LEU A 1843 78.09 17.39 35.76
CA LEU A 1843 76.65 17.20 35.74
C LEU A 1843 76.17 16.50 36.99
N ILE A 1844 75.05 16.99 37.54
CA ILE A 1844 74.43 16.35 38.69
C ILE A 1844 73.45 15.25 38.27
N ASN A 1845 72.76 15.41 37.14
CA ASN A 1845 71.89 14.38 36.58
C ASN A 1845 72.23 14.21 35.11
N PRO A 1846 73.30 13.50 34.80
CA PRO A 1846 73.69 13.31 33.39
C PRO A 1846 72.97 12.12 32.76
N SER A 1847 72.91 12.15 31.44
CA SER A 1847 72.41 11.02 30.68
C SER A 1847 73.53 9.99 30.50
N TRP A 1848 73.27 8.97 29.68
CA TRP A 1848 74.35 8.07 29.28
C TRP A 1848 75.11 8.62 28.09
N SER A 1849 74.43 9.36 27.22
CA SER A 1849 75.10 9.95 26.06
C SER A 1849 76.14 10.98 26.50
N GLU A 1850 75.85 11.74 27.56
CA GLU A 1850 76.82 12.71 28.04
C GLU A 1850 78.07 12.02 28.57
N LEU A 1851 77.90 10.94 29.32
CA LEU A 1851 79.05 10.19 29.82
C LEU A 1851 79.84 9.58 28.67
N ARG A 1852 79.14 9.07 27.65
CA ARG A 1852 79.81 8.55 26.47
C ARG A 1852 80.61 9.65 25.76
N ASN A 1853 80.04 10.84 25.67
CA ASN A 1853 80.72 11.96 25.02
C ASN A 1853 81.97 12.36 25.79
N PHE A 1854 81.86 12.44 27.11
CA PHE A 1854 83.04 12.75 27.92
C PHE A 1854 84.10 11.66 27.77
N ALA A 1855 83.67 10.39 27.73
CA ALA A 1855 84.60 9.29 27.53
C ALA A 1855 85.35 9.43 26.23
N TRP A 1856 84.63 9.68 25.13
CA TRP A 1856 85.31 9.80 23.84
C TRP A 1856 86.20 11.04 23.78
N PHE A 1857 85.79 12.13 24.44
CA PHE A 1857 86.63 13.32 24.46
C PHE A 1857 87.93 13.06 25.20
N LEU A 1858 87.86 12.44 26.37
CA LEU A 1858 89.08 12.08 27.09
C LEU A 1858 89.91 11.08 26.30
N ASN A 1859 89.25 10.14 25.62
CA ASN A 1859 89.96 9.19 24.77
C ASN A 1859 90.77 9.91 23.69
N CYS A 1860 90.12 10.82 22.96
CA CYS A 1860 90.80 11.50 21.87
C CYS A 1860 91.90 12.42 22.38
N GLN A 1861 91.67 13.08 23.52
CA GLN A 1861 92.68 13.96 24.08
C GLN A 1861 93.91 13.18 24.56
N LEU A 1862 93.69 12.06 25.25
CA LEU A 1862 94.84 11.23 25.65
C LEU A 1862 95.52 10.61 24.45
N LYS A 1863 94.76 10.29 23.40
CA LYS A 1863 95.36 9.77 22.18
C LYS A 1863 96.24 10.82 21.51
N ASP A 1864 95.80 12.07 21.51
CA ASP A 1864 96.64 13.16 21.03
C ASP A 1864 97.89 13.29 21.90
N CYS A 1865 97.73 13.14 23.22
CA CYS A 1865 98.89 13.25 24.10
C CYS A 1865 99.93 12.18 23.80
N GLU A 1866 99.50 10.92 23.63
CA GLU A 1866 100.47 9.87 23.32
C GLU A 1866 100.98 10.00 21.89
N ALA A 1867 100.21 10.64 21.01
CA ALA A 1867 100.68 10.88 19.66
C ALA A 1867 101.91 11.78 19.66
N SER A 1868 101.93 12.81 20.50
CA SER A 1868 103.10 13.65 20.65
C SER A 1868 104.17 12.91 21.45
N ILE A 1869 105.33 13.55 21.59
CA ILE A 1869 106.49 12.91 22.21
C ILE A 1869 106.73 13.48 23.60
N PHE A 1870 105.65 13.92 24.25
CA PHE A 1870 105.78 14.55 25.57
C PHE A 1870 106.26 13.55 26.61
N CYS A 1871 105.73 12.32 26.60
CA CYS A 1871 106.17 11.32 27.57
C CYS A 1871 107.63 10.94 27.33
N LYS A 1872 108.04 10.79 26.07
CA LYS A 1872 109.42 10.47 25.77
C LYS A 1872 110.36 11.59 26.18
N SER A 1873 109.95 12.85 25.94
CA SER A 1873 110.76 13.98 26.38
C SER A 1873 110.85 14.04 27.90
N ALA A 1874 109.77 13.69 28.59
CA ALA A 1874 109.82 13.61 30.06
C ALA A 1874 110.80 12.54 30.51
N PHE A 1875 110.81 11.39 29.82
CA PHE A 1875 111.76 10.34 30.17
C PHE A 1875 113.20 10.78 29.93
N THR A 1876 113.47 11.44 28.80
CA THR A 1876 114.83 11.79 28.42
C THR A 1876 115.35 13.06 29.10
N GLY A 1877 114.47 13.89 29.64
CA GLY A 1877 114.90 15.09 30.34
C GLY A 1877 114.90 14.89 31.83
N ASP A 1878 114.09 13.94 32.29
CA ASP A 1878 114.09 13.41 33.65
C ASP A 1878 113.49 14.38 34.67
N THR A 1879 113.19 15.61 34.26
CA THR A 1879 112.44 16.55 35.11
C THR A 1879 111.32 17.17 34.28
N LEU A 1880 110.21 16.43 34.15
CA LEU A 1880 109.02 17.00 33.54
C LEU A 1880 107.73 16.47 34.16
N ARG A 1881 107.80 15.68 35.23
CA ARG A 1881 106.61 15.01 35.72
C ARG A 1881 105.72 15.99 36.50
N GLY A 1882 104.53 15.52 36.85
CA GLY A 1882 103.49 16.39 37.32
C GLY A 1882 102.78 17.15 36.23
N PHE A 1883 103.32 17.15 35.02
CA PHE A 1883 102.67 17.79 33.88
C PHE A 1883 101.32 17.14 33.59
N LYS A 1884 101.27 15.80 33.64
CA LYS A 1884 100.03 15.09 33.33
C LYS A 1884 98.90 15.47 34.27
N ASN A 1885 99.22 15.88 35.50
CA ASN A 1885 98.17 16.36 36.40
C ASN A 1885 97.54 17.63 35.86
N PHE A 1886 98.36 18.59 35.41
CA PHE A 1886 97.83 19.79 34.79
C PHE A 1886 97.05 19.44 33.53
N VAL A 1887 97.58 18.50 32.74
CA VAL A 1887 96.84 18.04 31.57
C VAL A 1887 95.44 17.62 31.97
N VAL A 1888 95.34 16.60 32.84
CA VAL A 1888 94.04 16.02 33.16
C VAL A 1888 93.10 17.07 33.77
N THR A 1889 93.61 17.98 34.60
CA THR A 1889 92.77 19.05 35.12
C THR A 1889 92.21 19.90 33.97
N PHE A 1890 93.07 20.27 33.01
CA PHE A 1890 92.59 21.07 31.90
C PHE A 1890 91.59 20.29 31.04
N MET A 1891 91.74 18.97 30.94
CA MET A 1891 90.79 18.18 30.16
C MET A 1891 89.42 18.18 30.83
N ILE A 1892 89.39 18.08 32.17
CA ILE A 1892 88.12 18.28 32.87
C ILE A 1892 87.56 19.66 32.54
N LEU A 1893 88.42 20.68 32.51
CA LEU A 1893 87.95 22.03 32.24
C LEU A 1893 87.32 22.14 30.85
N MET A 1894 87.98 21.61 29.82
CA MET A 1894 87.41 21.73 28.48
C MET A 1894 86.23 20.80 28.27
N ALA A 1895 86.18 19.67 28.97
CA ALA A 1895 84.98 18.84 28.93
C ALA A 1895 83.80 19.58 29.55
N ARG A 1896 84.03 20.32 30.63
CA ARG A 1896 82.99 21.16 31.20
C ARG A 1896 82.62 22.30 30.24
N ASP A 1897 83.57 22.76 29.44
CA ASP A 1897 83.24 23.75 28.42
C ASP A 1897 82.47 23.13 27.26
N PHE A 1898 82.61 21.82 27.06
CA PHE A 1898 82.06 21.15 25.88
C PHE A 1898 80.67 20.56 26.11
N ALA A 1899 80.54 19.63 27.05
CA ALA A 1899 79.38 18.74 27.08
C ALA A 1899 78.75 18.62 28.46
N THR A 1900 78.46 19.73 29.11
CA THR A 1900 77.60 19.75 30.29
C THR A 1900 76.57 20.89 30.17
N PRO A 1901 75.55 20.70 29.34
CA PRO A 1901 74.47 21.68 29.28
C PRO A 1901 73.68 21.74 30.58
N THR A 1902 73.12 22.92 30.84
CA THR A 1902 72.33 23.19 32.04
C THR A 1902 73.02 22.73 33.32
N GLU A 1922 59.56 29.82 28.54
CA GLU A 1922 58.24 29.22 28.64
C GLU A 1922 58.35 27.82 29.21
N GLU A 1923 57.24 27.30 29.74
CA GLU A 1923 57.24 25.99 30.37
C GLU A 1923 57.37 24.84 29.38
N ASP A 1924 57.25 25.12 28.08
CA ASP A 1924 57.42 24.10 27.05
C ASP A 1924 58.74 24.22 26.30
N LEU A 1925 59.31 25.42 26.24
CA LEU A 1925 60.65 25.60 25.69
C LEU A 1925 61.74 25.58 26.75
N ALA A 1926 61.44 25.07 27.95
CA ALA A 1926 62.47 24.95 28.97
C ALA A 1926 63.63 24.07 28.56
N PRO A 1927 63.43 22.87 27.98
CA PRO A 1927 64.60 22.08 27.53
C PRO A 1927 65.31 22.66 26.33
N PHE A 1928 64.61 23.38 25.46
CA PHE A 1928 65.17 23.80 24.17
C PHE A 1928 65.65 25.25 24.18
N SER A 1929 64.74 26.19 24.45
CA SER A 1929 65.10 27.61 24.41
C SER A 1929 66.08 27.99 25.51
N LEU A 1930 65.88 27.48 26.72
CA LEU A 1930 66.73 27.87 27.84
C LEU A 1930 68.13 27.33 27.60
N ARG A 1931 69.04 28.21 27.23
CA ARG A 1931 70.41 27.86 26.89
C ARG A 1931 71.31 28.47 27.95
N LYS A 1932 71.73 27.63 28.91
CA LYS A 1932 72.50 28.12 30.06
C LYS A 1932 73.85 28.70 29.66
N ARG A 1933 74.35 28.36 28.48
CA ARG A 1933 75.67 28.79 28.04
C ARG A 1933 75.62 29.32 26.62
N TRP A 1934 76.35 30.40 26.38
CA TRP A 1934 76.45 31.00 25.05
C TRP A 1934 77.91 31.13 24.64
N GLU A 1935 78.17 31.87 23.57
CA GLU A 1935 79.56 32.14 23.18
C GLU A 1935 80.19 33.17 24.11
N SER A 1936 79.39 33.89 24.89
CA SER A 1936 79.92 34.84 25.86
C SER A 1936 80.35 34.13 27.13
N GLU A 1937 81.15 33.08 26.96
CA GLU A 1937 81.71 32.28 28.03
C GLU A 1937 83.14 31.93 27.64
N PRO A 1938 83.98 31.54 28.59
CA PRO A 1938 85.37 31.21 28.23
C PRO A 1938 85.47 29.99 27.34
N HIS A 1939 86.47 29.99 26.46
CA HIS A 1939 86.81 28.82 25.64
C HIS A 1939 88.31 28.56 25.73
N PRO A 1940 88.78 28.05 26.86
CA PRO A 1940 90.21 27.69 26.96
C PRO A 1940 90.52 26.44 26.15
N TYR A 1941 91.20 26.62 25.01
CA TYR A 1941 91.39 25.53 24.06
C TYR A 1941 92.88 25.22 23.91
N VAL A 1942 93.26 24.00 24.28
CA VAL A 1942 94.63 23.52 24.12
C VAL A 1942 94.61 22.22 23.36
N PHE A 1943 95.42 22.13 22.30
CA PHE A 1943 95.48 20.94 21.48
C PHE A 1943 96.92 20.46 21.37
N PHE A 1944 97.08 19.13 21.45
CA PHE A 1944 98.31 18.45 21.07
C PHE A 1944 98.19 18.07 19.60
N ASN A 1945 98.87 18.81 18.73
CA ASN A 1945 98.73 18.58 17.30
C ASN A 1945 99.31 17.22 16.93
N GLY A 1946 98.68 16.57 15.95
CA GLY A 1946 99.12 15.26 15.51
C GLY A 1946 100.25 15.32 14.49
N ASP A 1947 100.25 16.35 13.64
CA ASP A 1947 101.28 16.47 12.62
C ASP A 1947 102.63 16.88 13.20
N HIS A 1948 102.63 17.66 14.27
CA HIS A 1948 103.85 18.13 14.90
C HIS A 1948 103.95 17.57 16.32
N MET A 1949 104.98 18.01 17.04
CA MET A 1949 105.23 17.55 18.40
C MET A 1949 105.14 18.67 19.42
N THR A 1950 104.22 19.60 19.23
CA THR A 1950 104.04 20.74 20.12
C THR A 1950 102.61 20.74 20.68
N MET A 1951 102.26 21.84 21.35
CA MET A 1951 100.88 22.08 21.77
C MET A 1951 100.55 23.54 21.47
N THR A 1952 99.27 23.80 21.22
CA THR A 1952 98.80 25.14 20.89
C THR A 1952 97.63 25.54 21.78
N PHE A 1953 97.55 26.83 22.08
CA PHE A 1953 96.56 27.39 22.99
C PHE A 1953 95.88 28.58 22.36
N ILE A 1954 94.55 28.60 22.39
CA ILE A 1954 93.75 29.72 21.94
C ILE A 1954 92.58 29.90 22.90
N GLY A 1955 92.23 31.16 23.16
CA GLY A 1955 91.02 31.49 23.89
C GLY A 1955 91.17 31.70 25.38
N PHE A 1956 92.39 31.75 25.91
CA PHE A 1956 92.58 31.98 27.33
C PHE A 1956 93.98 32.50 27.57
N HIS A 1957 94.18 33.06 28.77
CA HIS A 1957 95.45 33.62 29.19
C HIS A 1957 95.85 33.02 30.54
N LEU A 1958 97.15 33.01 30.82
CA LEU A 1958 97.68 32.48 32.06
C LEU A 1958 98.34 33.61 32.84
N GLU A 1959 98.10 33.64 34.16
CA GLU A 1959 98.70 34.64 35.03
C GLU A 1959 99.09 34.00 36.36
N THR A 1960 100.28 34.33 36.85
CA THR A 1960 100.76 33.74 38.09
C THR A 1960 100.02 34.32 39.30
N ASN A 1961 99.97 33.55 40.37
CA ASN A 1961 99.27 33.91 41.60
C ASN A 1961 100.26 34.08 42.74
N ASN A 1962 99.71 34.41 43.92
CA ASN A 1962 100.51 34.66 45.10
C ASN A 1962 100.83 33.40 45.90
N ASN A 1963 100.32 32.24 45.48
CA ASN A 1963 100.60 30.98 46.16
C ASN A 1963 101.51 30.07 45.34
N GLY A 1964 102.28 30.63 44.42
CA GLY A 1964 103.24 29.86 43.64
C GLY A 1964 102.66 29.13 42.44
N TYR A 1965 101.37 29.29 42.16
CA TYR A 1965 100.70 28.58 41.09
C TYR A 1965 100.22 29.58 40.04
N VAL A 1966 99.68 29.06 38.95
CA VAL A 1966 99.24 29.87 37.81
C VAL A 1966 97.75 29.65 37.60
N ASP A 1967 97.01 30.74 37.43
CA ASP A 1967 95.58 30.72 37.19
C ASP A 1967 95.29 31.11 35.75
N ALA A 1968 94.05 30.83 35.33
CA ALA A 1968 93.59 31.14 33.98
C ALA A 1968 92.63 32.32 34.01
N ILE A 1969 92.87 33.28 33.12
CA ILE A 1969 92.04 34.46 33.00
C ILE A 1969 91.57 34.57 31.55
N ASN A 1970 90.47 35.28 31.35
CA ASN A 1970 89.81 35.38 30.06
C ASN A 1970 89.83 36.81 29.53
N PRO A 1971 89.76 37.00 28.22
CA PRO A 1971 89.77 38.35 27.66
C PRO A 1971 88.49 39.10 27.97
N SER A 1972 88.62 40.44 27.99
CA SER A 1972 87.54 41.41 28.15
C SER A 1972 86.99 41.46 29.56
N ASN A 1973 87.39 40.51 30.41
CA ASN A 1973 86.93 40.37 31.79
C ASN A 1973 88.08 39.76 32.60
N GLY A 1974 87.75 39.29 33.81
CA GLY A 1974 88.68 38.54 34.62
C GLY A 1974 87.97 37.36 35.29
N LYS A 1975 88.71 36.28 35.46
CA LYS A 1975 88.14 35.08 36.02
C LYS A 1975 89.24 34.27 36.70
N VAL A 1976 88.85 33.52 37.74
CA VAL A 1976 89.80 32.85 38.61
C VAL A 1976 89.65 31.33 38.53
N ILE A 1977 89.31 30.82 37.35
CA ILE A 1977 89.08 29.38 37.19
C ILE A 1977 90.35 28.58 37.47
N LYS A 1978 90.16 27.34 37.92
CA LYS A 1978 91.21 26.32 38.10
C LYS A 1978 92.41 26.86 38.90
N LYS A 1979 92.15 27.17 40.16
CA LYS A 1979 93.22 27.46 41.10
C LYS A 1979 94.00 26.19 41.43
N ASP A 1980 95.28 26.36 41.77
CA ASP A 1980 96.15 25.28 42.26
C ASP A 1980 96.27 24.15 41.23
N VAL A 1981 96.93 24.48 40.11
CA VAL A 1981 97.10 23.54 39.02
C VAL A 1981 98.43 22.77 39.08
N MET A 1982 99.56 23.46 39.00
CA MET A 1982 100.84 22.78 39.09
C MET A 1982 101.91 23.75 39.60
N THR A 1983 103.11 23.21 39.80
CA THR A 1983 104.24 23.99 40.29
C THR A 1983 104.99 24.63 39.13
N LYS A 1984 106.18 25.15 39.40
CA LYS A 1984 106.92 25.96 38.43
C LYS A 1984 107.85 25.13 37.54
N GLU A 1985 108.16 23.89 37.93
CA GLU A 1985 109.07 23.08 37.13
C GLU A 1985 108.51 22.80 35.74
N LEU A 1986 107.20 22.56 35.63
CA LEU A 1986 106.60 22.35 34.32
C LEU A 1986 106.70 23.61 33.47
N PHE A 1987 106.46 24.78 34.09
CA PHE A 1987 106.54 26.04 33.34
C PHE A 1987 107.97 26.27 32.83
N ASP A 1988 108.97 25.98 33.68
CA ASP A 1988 110.35 26.10 33.24
C ASP A 1988 110.67 25.15 32.09
N GLY A 1989 110.20 23.90 32.20
CA GLY A 1989 110.46 22.94 31.14
C GLY A 1989 109.84 23.35 29.81
N LEU A 1990 108.58 23.79 29.84
CA LEU A 1990 107.93 24.20 28.59
C LEU A 1990 108.52 25.48 28.03
N ARG A 1991 108.99 26.39 28.90
CA ARG A 1991 109.65 27.59 28.41
C ARG A 1991 110.98 27.24 27.78
N LEU A 1992 111.66 26.20 28.29
CA LEU A 1992 112.81 25.66 27.60
C LEU A 1992 112.43 25.09 26.24
N GLN A 1993 111.29 24.40 26.18
CA GLN A 1993 110.84 23.82 24.91
C GLN A 1993 110.29 24.87 23.95
N ARG A 1994 110.05 26.09 24.42
CA ARG A 1994 109.61 27.23 23.60
C ARG A 1994 108.30 26.90 22.87
N VAL A 1995 107.26 26.72 23.67
CA VAL A 1995 105.90 26.48 23.21
C VAL A 1995 105.11 27.77 23.37
N PRO A 1996 104.25 28.16 22.40
CA PRO A 1996 103.56 29.47 22.49
C PRO A 1996 102.44 29.57 23.53
N PHE A 1997 102.85 29.80 24.77
CA PHE A 1997 101.93 30.11 25.85
C PHE A 1997 101.56 31.58 25.88
N ASN A 1998 100.27 31.84 26.10
CA ASN A 1998 99.71 33.19 26.23
C ASN A 1998 100.08 34.03 25.00
N ILE A 1999 99.57 33.59 23.86
CA ILE A 1999 99.70 34.31 22.60
C ILE A 1999 98.36 34.96 22.31
N ASP A 2000 98.35 36.29 22.22
CA ASP A 2000 97.12 37.02 21.99
C ASP A 2000 96.91 37.17 20.48
N PHE A 2001 95.78 36.66 20.01
CA PHE A 2001 95.49 36.60 18.59
C PHE A 2001 94.75 37.83 18.08
N ASP A 2002 94.48 38.81 18.94
CA ASP A 2002 93.88 40.06 18.49
C ASP A 2002 94.89 41.03 17.91
N ASN A 2003 96.19 40.74 18.01
CA ASN A 2003 97.22 41.59 17.43
C ASN A 2003 98.24 40.75 16.67
N LEU A 2004 97.77 39.71 15.99
CA LEU A 2004 98.66 38.86 15.22
C LEU A 2004 98.33 38.97 13.72
N PRO A 2005 99.33 38.92 12.86
CA PRO A 2005 99.09 39.05 11.42
C PRO A 2005 98.47 37.79 10.83
N ARG A 2006 98.04 37.92 9.57
CA ARG A 2006 97.29 36.85 8.92
C ARG A 2006 98.15 35.61 8.72
N TYR A 2007 99.40 35.78 8.31
CA TYR A 2007 100.24 34.62 8.02
C TYR A 2007 100.46 33.78 9.27
N GLU A 2008 100.76 34.43 10.40
CA GLU A 2008 101.01 33.68 11.63
C GLU A 2008 99.76 33.00 12.16
N LYS A 2009 98.61 33.68 12.08
CA LYS A 2009 97.36 33.07 12.54
C LYS A 2009 97.00 31.87 11.66
N LEU A 2010 97.19 31.97 10.34
CA LEU A 2010 96.94 30.83 9.47
C LEU A 2010 97.91 29.70 9.75
N GLU A 2011 99.18 30.02 10.02
CA GLU A 2011 100.16 28.99 10.35
C GLU A 2011 99.76 28.26 11.63
N ARG A 2012 99.33 29.00 12.64
CA ARG A 2012 98.89 28.38 13.89
C ARG A 2012 97.66 27.51 13.66
N LEU A 2013 96.71 28.00 12.86
CA LEU A 2013 95.51 27.22 12.58
C LEU A 2013 95.84 25.92 11.87
N CYS A 2014 96.72 25.98 10.86
CA CYS A 2014 97.06 24.78 10.11
C CYS A 2014 97.92 23.84 10.94
N LEU A 2015 98.71 24.39 11.87
CA LEU A 2015 99.41 23.57 12.84
C LEU A 2015 98.43 22.81 13.72
N ALA A 2016 97.34 23.49 14.14
CA ALA A 2016 96.39 22.88 15.06
C ALA A 2016 95.54 21.82 14.36
N LEU A 2017 95.03 22.12 13.17
CA LEU A 2017 94.19 21.15 12.46
C LEU A 2017 94.99 20.01 11.82
N GLY A 2018 96.28 19.90 12.10
CA GLY A 2018 97.09 18.84 11.52
C GLY A 2018 97.20 18.95 10.02
N ILE A 2019 97.11 20.16 9.48
CA ILE A 2019 97.16 20.39 8.04
C ILE A 2019 98.59 20.75 7.65
N GLU A 2020 99.13 20.06 6.66
CA GLU A 2020 100.47 20.30 6.18
C GLU A 2020 100.43 21.19 4.94
N TRP A 2021 101.52 21.93 4.71
CA TRP A 2021 101.64 22.89 3.62
C TRP A 2021 100.48 23.88 3.66
N PRO A 2022 100.48 24.82 4.60
CA PRO A 2022 99.40 25.82 4.68
C PRO A 2022 99.34 26.69 3.44
N ILE A 2023 98.20 26.66 2.75
CA ILE A 2023 97.95 27.49 1.58
C ILE A 2023 96.67 28.26 1.79
N ASP A 2024 96.71 29.57 1.50
CA ASP A 2024 95.57 30.45 1.69
C ASP A 2024 94.50 30.14 0.65
N PRO A 2025 93.30 29.71 1.07
CA PRO A 2025 92.22 29.47 0.10
C PRO A 2025 91.52 30.77 -0.27
N ASP A 2026 91.39 31.67 0.70
CA ASP A 2026 90.66 32.92 0.50
C ASP A 2026 91.16 33.93 1.53
N GLU A 2027 91.97 34.89 1.07
CA GLU A 2027 92.52 35.90 1.96
C GLU A 2027 91.45 36.79 2.58
N THR A 2028 90.32 36.98 1.91
CA THR A 2028 89.26 37.86 2.37
C THR A 2028 88.54 37.33 3.62
N TYR A 2029 88.80 36.09 4.03
CA TYR A 2029 88.11 35.49 5.16
C TYR A 2029 88.83 35.86 6.45
N GLU A 2030 88.50 37.03 7.00
CA GLU A 2030 89.10 37.44 8.26
C GLU A 2030 88.82 36.41 9.33
N LEU A 2031 89.86 36.06 10.09
CA LEU A 2031 89.89 34.90 10.97
C LEU A 2031 90.21 35.34 12.40
N THR A 2032 89.16 35.69 13.15
CA THR A 2032 89.26 36.26 14.48
C THR A 2032 89.57 35.16 15.51
N THR A 2033 89.77 35.56 16.77
CA THR A 2033 90.00 34.60 17.83
C THR A 2033 88.79 33.68 18.03
N ASP A 2034 87.58 34.25 18.05
CA ASP A 2034 86.40 33.41 18.17
C ASP A 2034 86.29 32.46 16.98
N ASN A 2035 86.82 32.87 15.82
CA ASN A 2035 86.86 31.96 14.68
C ASN A 2035 87.81 30.79 14.92
N MET A 2036 88.98 31.04 15.52
CA MET A 2036 89.79 29.94 16.02
C MET A 2036 88.96 29.03 16.90
N LEU A 2037 88.25 29.61 17.88
CA LEU A 2037 87.56 28.79 18.86
C LEU A 2037 86.50 27.91 18.21
N LYS A 2038 85.68 28.48 17.33
CA LYS A 2038 84.59 27.70 16.75
C LYS A 2038 85.10 26.70 15.71
N ILE A 2039 86.06 27.10 14.87
CA ILE A 2039 86.60 26.17 13.88
C ILE A 2039 87.24 24.98 14.57
N LEU A 2040 88.07 25.25 15.59
CA LEU A 2040 88.77 24.16 16.26
C LEU A 2040 87.82 23.34 17.10
N ALA A 2041 86.76 23.95 17.63
CA ALA A 2041 85.75 23.18 18.34
C ALA A 2041 85.04 22.21 17.39
N ILE A 2042 84.71 22.68 16.18
CA ILE A 2042 84.06 21.79 15.20
C ILE A 2042 84.99 20.64 14.83
N GLU A 2043 86.25 20.97 14.52
CA GLU A 2043 87.19 19.93 14.12
C GLU A 2043 87.42 18.95 15.26
N MET A 2044 87.53 19.45 16.50
CA MET A 2044 87.70 18.57 17.64
C MET A 2044 86.49 17.69 17.82
N ARG A 2045 85.29 18.27 17.62
CA ARG A 2045 84.05 17.55 17.82
C ARG A 2045 83.94 16.35 16.88
N PHE A 2046 84.24 16.55 15.60
CA PHE A 2046 84.17 15.39 14.72
C PHE A 2046 85.49 14.65 14.58
N ARG A 2047 86.51 15.04 15.35
CA ARG A 2047 87.68 14.17 15.52
C ARG A 2047 87.46 13.15 16.64
N CYS A 2048 86.91 13.60 17.77
CA CYS A 2048 86.68 12.69 18.89
C CYS A 2048 85.43 11.86 18.72
N GLY A 2049 84.64 12.12 17.67
CA GLY A 2049 83.45 11.34 17.39
C GLY A 2049 82.17 11.92 17.96
N ILE A 2050 82.22 13.00 18.74
CA ILE A 2050 81.00 13.63 19.24
C ILE A 2050 80.19 14.15 18.05
N PRO A 2051 78.90 13.86 17.98
CA PRO A 2051 78.04 14.45 16.96
C PRO A 2051 78.16 15.97 16.94
N VAL A 2052 78.21 16.53 15.74
CA VAL A 2052 78.39 17.96 15.55
C VAL A 2052 77.03 18.55 15.19
N ILE A 2053 76.39 19.15 16.19
CA ILE A 2053 75.19 19.96 15.99
C ILE A 2053 75.56 21.38 16.43
N ILE A 2054 75.40 22.33 15.53
CA ILE A 2054 75.77 23.72 15.77
C ILE A 2054 74.49 24.51 16.01
N MET A 2055 74.26 24.92 17.26
CA MET A 2055 73.10 25.72 17.60
C MET A 2055 73.45 27.19 17.45
N GLY A 2056 73.52 27.65 16.20
CA GLY A 2056 73.71 29.05 15.92
C GLY A 2056 72.59 29.55 15.05
N GLU A 2057 72.20 30.80 15.28
CA GLU A 2057 71.14 31.40 14.49
C GLU A 2057 71.60 31.53 13.03
N THR A 2058 70.62 31.68 12.13
CA THR A 2058 70.95 31.88 10.73
C THR A 2058 71.79 33.13 10.53
N GLY A 2059 71.75 34.06 11.48
CA GLY A 2059 72.62 35.22 11.40
C GLY A 2059 74.10 34.87 11.45
N CYS A 2060 74.49 33.99 12.38
CA CYS A 2060 75.88 33.61 12.51
C CYS A 2060 76.37 32.93 11.23
N GLY A 2061 77.63 33.20 10.88
CA GLY A 2061 78.20 32.62 9.69
C GLY A 2061 78.66 31.20 9.91
N LYS A 2062 77.89 30.24 9.39
CA LYS A 2062 78.17 28.82 9.59
C LYS A 2062 78.62 28.12 8.32
N THR A 2063 77.89 28.30 7.21
CA THR A 2063 78.27 27.61 5.98
C THR A 2063 79.66 27.99 5.53
N ARG A 2064 79.97 29.29 5.59
CA ARG A 2064 81.30 29.77 5.23
C ARG A 2064 82.36 29.19 6.15
N LEU A 2065 82.02 29.01 7.43
CA LEU A 2065 82.98 28.52 8.41
C LEU A 2065 83.50 27.13 8.05
N ILE A 2066 82.58 26.17 7.86
CA ILE A 2066 83.05 24.82 7.57
C ILE A 2066 83.45 24.70 6.10
N LYS A 2067 82.97 25.59 5.23
CA LYS A 2067 83.52 25.63 3.87
C LYS A 2067 84.99 26.00 3.90
N PHE A 2068 85.36 27.00 4.70
CA PHE A 2068 86.76 27.35 4.91
C PHE A 2068 87.52 26.20 5.54
N LEU A 2069 86.92 25.53 6.53
CA LEU A 2069 87.58 24.40 7.17
C LEU A 2069 87.90 23.31 6.14
N SER A 2070 86.93 22.96 5.30
CA SER A 2070 87.14 21.91 4.30
C SER A 2070 88.14 22.35 3.24
N ASP A 2071 88.12 23.64 2.87
CA ASP A 2071 89.06 24.14 1.88
C ASP A 2071 90.49 24.04 2.39
N LEU A 2072 90.71 24.37 3.66
CA LEU A 2072 92.02 24.13 4.26
C LEU A 2072 92.34 22.64 4.32
N LYS A 2073 91.36 21.82 4.70
CA LYS A 2073 91.61 20.40 4.90
C LYS A 2073 92.05 19.73 3.61
N ARG A 2074 91.41 20.06 2.50
CA ARG A 2074 91.78 19.45 1.22
C ARG A 2074 93.11 19.99 0.70
N GLY A 2075 93.41 21.25 0.98
CA GLY A 2075 94.68 21.83 0.60
C GLY A 2075 94.75 22.33 -0.83
N SER A 2076 94.93 21.43 -1.79
CA SER A 2076 95.12 21.83 -3.17
C SER A 2076 94.33 21.00 -4.18
N VAL A 2077 93.59 19.98 -3.75
CA VAL A 2077 92.83 19.14 -4.67
C VAL A 2077 91.57 19.86 -5.10
N GLU A 2078 91.05 19.54 -6.28
CA GLU A 2078 89.86 20.18 -6.82
C GLU A 2078 88.64 19.27 -6.79
N ALA A 2079 88.68 18.21 -5.98
CA ALA A 2079 87.54 17.31 -5.86
C ALA A 2079 86.44 17.97 -5.02
N GLU A 2080 85.32 17.27 -4.89
CA GLU A 2080 84.21 17.74 -4.07
C GLU A 2080 84.37 17.18 -2.66
N THR A 2081 84.58 18.07 -1.69
CA THR A 2081 84.88 17.66 -0.33
C THR A 2081 83.82 18.16 0.64
N MET A 2082 83.11 19.23 0.28
CA MET A 2082 82.01 19.75 1.08
C MET A 2082 80.71 19.50 0.33
N LYS A 2083 79.84 18.66 0.90
CA LYS A 2083 78.52 18.43 0.33
C LYS A 2083 77.51 19.14 1.22
N LEU A 2084 76.90 20.20 0.68
CA LEU A 2084 75.94 21.00 1.42
C LEU A 2084 74.53 20.53 1.12
N VAL A 2085 73.89 19.92 2.11
CA VAL A 2085 72.51 19.46 2.00
C VAL A 2085 71.62 20.44 2.75
N LYS A 2086 70.74 21.13 2.03
CA LYS A 2086 69.76 22.00 2.66
C LYS A 2086 68.66 21.14 3.26
N VAL A 2087 68.56 21.14 4.59
CA VAL A 2087 67.46 20.47 5.27
C VAL A 2087 66.31 21.45 5.33
N HIS A 2088 65.09 20.93 5.40
CA HIS A 2088 63.93 21.74 5.10
C HIS A 2088 62.69 20.98 5.57
N GLY A 2089 61.56 21.69 5.64
CA GLY A 2089 60.35 21.08 6.17
C GLY A 2089 59.88 19.89 5.36
N GLY A 2090 60.17 19.89 4.06
CA GLY A 2090 59.74 18.82 3.19
C GLY A 2090 60.68 17.64 3.12
N THR A 2091 61.75 17.65 3.92
CA THR A 2091 62.75 16.59 3.87
C THR A 2091 62.17 15.31 4.46
N THR A 2092 61.62 14.50 3.56
CA THR A 2092 61.21 13.16 3.94
C THR A 2092 62.46 12.35 4.30
N PRO A 2093 62.31 11.35 5.16
CA PRO A 2093 63.50 10.55 5.54
C PRO A 2093 64.22 9.94 4.35
N SER A 2094 63.50 9.54 3.31
CA SER A 2094 64.14 8.93 2.14
C SER A 2094 65.11 9.90 1.49
N MET A 2095 64.76 11.19 1.45
CA MET A 2095 65.69 12.22 1.02
C MET A 2095 67.01 12.12 1.77
N ILE A 2096 66.92 12.03 3.10
CA ILE A 2096 68.12 12.07 3.93
C ILE A 2096 68.96 10.82 3.73
N TYR A 2097 68.31 9.65 3.70
CA TYR A 2097 69.09 8.44 3.48
C TYR A 2097 69.75 8.45 2.10
N SER A 2098 69.04 8.94 1.08
CA SER A 2098 69.65 8.99 -0.25
C SER A 2098 70.86 9.91 -0.28
N LYS A 2099 70.74 11.11 0.31
CA LYS A 2099 71.86 12.03 0.31
C LYS A 2099 73.03 11.48 1.12
N VAL A 2100 72.76 10.88 2.29
CA VAL A 2100 73.84 10.35 3.11
C VAL A 2100 74.51 9.17 2.42
N LYS A 2101 73.74 8.30 1.77
CA LYS A 2101 74.34 7.16 1.08
C LYS A 2101 75.19 7.62 -0.10
N GLU A 2102 74.71 8.59 -0.88
CA GLU A 2102 75.49 9.08 -2.01
C GLU A 2102 76.77 9.77 -1.53
N ALA A 2103 76.67 10.57 -0.46
CA ALA A 2103 77.87 11.20 0.08
C ALA A 2103 78.78 10.18 0.74
N GLU A 2104 78.24 9.04 1.16
CA GLU A 2104 79.05 8.00 1.78
C GLU A 2104 79.84 7.24 0.71
N ARG A 2105 79.22 6.99 -0.44
CA ARG A 2105 79.99 6.47 -1.57
C ARG A 2105 81.05 7.46 -2.03
N THR A 2106 80.70 8.75 -2.07
CA THR A 2106 81.69 9.76 -2.39
C THR A 2106 82.82 9.77 -1.35
N ALA A 2107 82.48 9.50 -0.09
CA ALA A 2107 83.49 9.39 0.96
C ALA A 2107 84.42 8.22 0.71
N PHE A 2108 83.88 7.07 0.34
CA PHE A 2108 84.72 5.95 -0.11
C PHE A 2108 85.68 6.39 -1.20
N SER A 2109 85.15 7.06 -2.24
CA SER A 2109 85.99 7.44 -3.37
C SER A 2109 87.11 8.38 -2.92
N ASN A 2110 86.77 9.40 -2.14
CA ASN A 2110 87.77 10.39 -1.74
C ASN A 2110 88.81 9.80 -0.80
N LYS A 2111 88.39 8.99 0.17
CA LYS A 2111 89.35 8.38 1.08
C LYS A 2111 90.27 7.41 0.35
N ALA A 2112 89.71 6.64 -0.59
CA ALA A 2112 90.52 5.67 -1.31
C ALA A 2112 91.51 6.36 -2.25
N GLN A 2113 91.11 7.46 -2.89
CA GLN A 2113 91.95 8.05 -3.91
C GLN A 2113 92.92 9.11 -3.39
N HIS A 2114 92.56 9.84 -2.33
CA HIS A 2114 93.38 10.95 -1.86
C HIS A 2114 93.79 10.86 -0.40
N LYS A 2115 93.38 9.82 0.33
CA LYS A 2115 93.53 9.77 1.78
C LYS A 2115 92.92 11.03 2.42
N LEU A 2116 91.80 11.47 1.86
CA LEU A 2116 91.19 12.74 2.20
C LEU A 2116 89.79 12.51 2.72
N ASP A 2117 89.40 13.32 3.71
CA ASP A 2117 88.12 13.16 4.39
C ASP A 2117 87.14 14.23 3.92
N THR A 2118 85.95 13.79 3.52
CA THR A 2118 84.90 14.69 3.05
C THR A 2118 83.99 15.05 4.23
N ILE A 2119 83.18 16.08 4.03
CA ILE A 2119 82.25 16.55 5.07
C ILE A 2119 80.87 16.74 4.45
N LEU A 2120 79.86 16.23 5.14
CA LEU A 2120 78.45 16.37 4.78
C LEU A 2120 77.82 17.34 5.76
N PHE A 2121 77.51 18.55 5.29
CA PHE A 2121 76.97 19.58 6.15
C PHE A 2121 75.49 19.78 5.88
N PHE A 2122 74.68 19.66 6.93
CA PHE A 2122 73.23 19.83 6.85
C PHE A 2122 72.89 21.24 7.33
N ASP A 2123 72.26 22.01 6.45
CA ASP A 2123 71.85 23.38 6.77
C ASP A 2123 70.44 23.39 7.36
N GLU A 2124 70.26 24.19 8.40
CA GLU A 2124 69.00 24.29 9.17
C GLU A 2124 68.35 22.92 9.33
N ALA A 2125 69.10 22.02 9.96
CA ALA A 2125 68.66 20.65 10.14
C ALA A 2125 67.71 20.53 11.32
N ASN A 2126 66.70 21.38 11.35
CA ASN A 2126 65.68 21.36 12.38
C ASN A 2126 64.26 21.54 11.86
N THR A 2127 64.07 22.11 10.67
CA THR A 2127 62.73 22.36 10.16
C THR A 2127 62.06 21.08 9.68
N THR A 2128 62.84 20.03 9.42
CA THR A 2128 62.28 18.76 8.98
C THR A 2128 61.61 18.04 10.15
N GLU A 2129 60.66 17.16 9.81
CA GLU A 2129 60.12 16.21 10.77
C GLU A 2129 61.03 15.02 10.99
N ALA A 2130 62.11 14.91 10.20
CA ALA A 2130 63.06 13.82 10.30
C ALA A 2130 64.31 14.19 11.08
N VAL A 2131 64.18 15.01 12.14
CA VAL A 2131 65.34 15.33 12.96
C VAL A 2131 65.89 14.07 13.61
N SER A 2132 65.03 13.09 13.86
CA SER A 2132 65.50 11.80 14.36
C SER A 2132 66.37 11.09 13.32
N CYS A 2133 66.06 11.29 12.04
CA CYS A 2133 66.93 10.78 10.98
C CYS A 2133 68.28 11.50 11.00
N ILE A 2134 68.25 12.81 11.27
CA ILE A 2134 69.48 13.57 11.41
C ILE A 2134 70.23 13.21 12.67
N LYS A 2135 69.58 12.53 13.61
CA LYS A 2135 70.19 12.09 14.86
C LYS A 2135 70.76 10.69 14.77
N GLU A 2136 70.10 9.77 14.07
CA GLU A 2136 70.57 8.40 14.01
C GLU A 2136 71.83 8.25 13.17
N ILE A 2137 72.02 9.11 12.18
CA ILE A 2137 73.15 8.95 11.25
C ILE A 2137 74.48 9.11 11.99
N LEU A 2138 74.48 9.82 13.11
CA LEU A 2138 75.72 10.15 13.80
C LEU A 2138 75.72 9.86 15.30
N CYS A 2139 74.56 9.88 15.97
CA CYS A 2139 74.56 9.57 17.40
C CYS A 2139 74.78 8.09 17.65
N ASP A 2140 74.10 7.22 16.89
CA ASP A 2140 74.32 5.78 17.01
C ASP A 2140 74.77 5.17 15.69
N ARG A 2141 75.18 5.98 14.71
CA ARG A 2141 75.87 5.51 13.51
C ARG A 2141 75.01 4.53 12.71
N THR A 2142 73.87 4.99 12.23
CA THR A 2142 72.94 4.15 11.48
C THR A 2142 72.12 5.02 10.54
N VAL A 2143 71.96 4.56 9.31
CA VAL A 2143 71.10 5.22 8.32
C VAL A 2143 70.06 4.22 7.83
N ASP A 2144 68.79 4.53 8.09
CA ASP A 2144 67.67 3.68 7.67
C ASP A 2144 67.81 2.24 8.16
N GLY A 2145 68.42 2.07 9.33
CA GLY A 2145 68.46 0.77 9.96
C GLY A 2145 69.63 -0.12 9.61
N GLU A 2146 70.66 0.41 8.94
CA GLU A 2146 71.86 -0.36 8.64
C GLU A 2146 73.06 0.36 9.24
N HIS A 2147 73.93 -0.41 9.91
CA HIS A 2147 75.05 0.15 10.64
C HIS A 2147 76.06 0.77 9.69
N LEU A 2148 76.19 2.09 9.75
CA LEU A 2148 77.17 2.79 8.94
C LEU A 2148 78.59 2.37 9.33
N HIS A 2149 79.48 2.38 8.34
CA HIS A 2149 80.84 1.90 8.54
C HIS A 2149 81.70 2.96 9.22
N GLU A 2150 82.26 2.61 10.38
CA GLU A 2150 83.18 3.48 11.09
C GLU A 2150 84.49 3.67 10.33
N ASP A 2151 84.85 2.71 9.47
CA ASP A 2151 86.07 2.84 8.68
C ASP A 2151 85.88 3.81 7.53
N SER A 2152 84.65 3.90 6.99
CA SER A 2152 84.36 4.62 5.75
C SER A 2152 85.07 5.97 5.67
N GLY A 2153 84.84 6.84 6.64
CA GLY A 2153 85.50 8.13 6.68
C GLY A 2153 84.59 9.20 6.12
N LEU A 2154 83.89 9.91 7.00
CA LEU A 2154 82.95 10.93 6.59
C LEU A 2154 82.52 11.72 7.82
N HIS A 2155 82.59 13.04 7.75
CA HIS A 2155 82.26 13.90 8.87
C HIS A 2155 80.91 14.55 8.59
N ILE A 2156 79.88 14.07 9.28
CA ILE A 2156 78.52 14.57 9.11
C ILE A 2156 78.25 15.59 10.21
N ILE A 2157 77.96 16.83 9.81
CA ILE A 2157 77.67 17.91 10.75
C ILE A 2157 76.32 18.49 10.38
N ALA A 2158 75.64 19.08 11.35
CA ALA A 2158 74.35 19.70 11.11
C ALA A 2158 74.25 21.01 11.87
N ALA A 2159 73.51 21.96 11.33
CA ALA A 2159 73.33 23.28 11.93
C ALA A 2159 71.87 23.47 12.29
N CYS A 2160 71.58 23.54 13.59
CA CYS A 2160 70.22 23.57 14.09
C CYS A 2160 69.88 24.97 14.60
N ASN A 2161 68.73 25.47 14.16
CA ASN A 2161 68.31 26.81 14.54
C ASN A 2161 67.85 26.84 16.00
N PRO A 2162 68.05 27.95 16.69
CA PRO A 2162 67.62 28.05 18.09
C PRO A 2162 66.10 28.13 18.22
N TYR A 2163 65.66 28.13 19.47
CA TYR A 2163 64.24 28.27 19.81
C TYR A 2163 64.03 29.52 20.63
N ARG A 2164 63.08 30.35 20.21
CA ARG A 2164 62.64 31.49 20.98
C ARG A 2164 61.35 32.03 20.37
N LYS A 2165 60.41 32.40 21.25
CA LYS A 2165 59.19 33.03 20.79
C LYS A 2165 59.48 34.41 20.21
N HIS A 2166 58.56 34.88 19.39
CA HIS A 2166 58.58 36.28 18.97
C HIS A 2166 58.30 37.19 20.16
N SER A 2167 58.72 38.44 20.03
CA SER A 2167 58.25 39.44 20.98
C SER A 2167 56.73 39.54 20.90
N GLN A 2168 56.09 39.76 22.04
CA GLN A 2168 54.63 39.73 22.08
C GLN A 2168 54.02 40.77 21.15
N GLU A 2169 54.61 41.97 21.10
CA GLU A 2169 54.12 42.97 20.16
C GLU A 2169 54.30 42.51 18.71
N MET A 2170 55.37 41.77 18.43
CA MET A 2170 55.55 41.22 17.09
C MET A 2170 54.46 40.19 16.77
N ILE A 2171 54.09 39.37 17.75
CA ILE A 2171 53.01 38.41 17.52
C ILE A 2171 51.68 39.12 17.28
N LEU A 2172 51.41 40.17 18.06
CA LEU A 2172 50.18 40.94 17.83
C LEU A 2172 50.18 41.57 16.45
N ARG A 2173 51.33 42.09 16.00
CA ARG A 2173 51.41 42.61 14.64
C ARG A 2173 51.18 41.52 13.61
N LEU A 2174 51.75 40.33 13.84
CA LEU A 2174 51.57 39.21 12.90
C LEU A 2174 50.10 38.83 12.78
N GLU A 2175 49.41 38.72 13.93
CA GLU A 2175 47.98 38.44 13.89
C GLU A 2175 47.18 39.57 13.27
N SER A 2176 47.67 40.81 13.33
CA SER A 2176 47.03 41.92 12.65
C SER A 2176 47.61 42.19 11.28
N ALA A 2177 48.24 41.19 10.65
CA ALA A 2177 48.74 41.32 9.29
C ALA A 2177 47.54 41.22 8.34
N GLY A 2178 46.83 42.33 8.23
CA GLY A 2178 45.55 42.32 7.52
C GLY A 2178 44.59 41.37 8.21
N LEU A 2179 44.05 40.41 7.45
CA LEU A 2179 43.28 39.34 8.07
C LEU A 2179 44.19 38.50 8.95
N GLY A 2180 43.66 38.08 10.08
CA GLY A 2180 44.42 37.25 11.00
C GLY A 2180 44.76 35.91 10.40
N TYR A 2181 45.43 35.06 11.17
CA TYR A 2181 45.67 33.69 10.73
C TYR A 2181 44.36 33.00 10.40
N ARG A 2182 44.37 32.20 9.33
CA ARG A 2182 43.14 31.52 8.91
C ARG A 2182 42.63 30.61 10.02
N VAL A 2183 43.52 29.88 10.66
CA VAL A 2183 43.16 29.06 11.82
C VAL A 2183 43.69 29.74 13.07
N SER A 2184 42.85 29.79 14.10
CA SER A 2184 43.24 30.43 15.34
C SER A 2184 44.28 29.57 16.07
N ALA A 2185 45.05 30.23 16.94
CA ALA A 2185 46.09 29.54 17.69
C ALA A 2185 45.54 28.56 18.71
N GLU A 2186 44.25 28.65 19.04
CA GLU A 2186 43.68 27.75 20.04
C GLU A 2186 43.49 26.35 19.50
N GLU A 2187 43.03 26.22 18.26
CA GLU A 2187 42.78 24.91 17.65
C GLU A 2187 43.80 24.53 16.58
N THR A 2188 44.90 25.26 16.47
CA THR A 2188 45.91 24.93 15.47
C THR A 2188 46.63 23.63 15.84
N ALA A 2189 47.19 22.98 14.83
CA ALA A 2189 47.81 21.67 15.02
C ALA A 2189 49.33 21.71 15.09
N ASP A 2190 49.96 22.80 14.64
CA ASP A 2190 51.42 22.90 14.65
C ASP A 2190 51.87 23.37 16.03
N ARG A 2191 52.00 22.42 16.96
CA ARG A 2191 52.45 22.71 18.31
C ARG A 2191 53.82 22.09 18.54
N LEU A 2192 54.68 22.81 19.26
CA LEU A 2192 55.89 22.24 19.80
C LEU A 2192 55.64 21.72 21.22
N GLY A 2193 55.29 22.62 22.13
CA GLY A 2193 54.76 22.26 23.43
C GLY A 2193 53.32 22.72 23.54
N SER A 2194 53.11 23.82 24.25
CA SER A 2194 51.80 24.47 24.32
C SER A 2194 51.71 25.68 23.40
N ILE A 2195 52.78 26.07 22.74
CA ILE A 2195 52.82 27.27 21.91
C ILE A 2195 52.76 26.83 20.45
N PRO A 2196 52.11 27.58 19.57
CA PRO A 2196 52.20 27.28 18.14
C PRO A 2196 53.62 27.45 17.63
N LEU A 2197 54.03 26.52 16.77
CA LEU A 2197 55.23 26.72 15.97
C LEU A 2197 55.05 27.80 14.91
N ARG A 2198 53.80 28.21 14.69
CA ARG A 2198 53.48 29.24 13.71
C ARG A 2198 54.13 30.57 14.06
N GLN A 2199 54.05 30.98 15.33
CA GLN A 2199 54.47 32.32 15.73
C GLN A 2199 55.92 32.38 16.19
N LEU A 2200 56.66 31.28 16.11
CA LEU A 2200 58.06 31.30 16.50
C LEU A 2200 58.91 31.97 15.42
N VAL A 2201 60.02 32.59 15.86
CA VAL A 2201 60.97 33.12 14.89
C VAL A 2201 61.61 31.99 14.11
N TYR A 2202 61.83 30.84 14.76
CA TYR A 2202 62.31 29.63 14.12
C TYR A 2202 61.22 28.58 14.32
N ARG A 2203 60.49 28.27 13.24
CA ARG A 2203 59.47 27.22 13.31
C ARG A 2203 60.15 25.86 13.13
N VAL A 2204 61.19 25.62 13.91
CA VAL A 2204 61.96 24.39 13.85
C VAL A 2204 61.32 23.38 14.79
N HIS A 2205 61.18 22.14 14.32
CA HIS A 2205 60.61 21.09 15.14
C HIS A 2205 61.56 20.74 16.28
N ALA A 2206 60.99 20.13 17.32
CA ALA A 2206 61.74 19.86 18.53
C ALA A 2206 62.93 18.96 18.24
N LEU A 2207 64.09 19.35 18.75
CA LEU A 2207 65.24 18.47 18.73
C LEU A 2207 64.99 17.29 19.65
N PRO A 2208 65.04 16.06 19.15
CA PRO A 2208 64.83 14.92 20.02
C PRO A 2208 65.97 14.81 21.02
N PRO A 2209 65.73 14.23 22.19
CA PRO A 2209 66.81 14.01 23.15
C PRO A 2209 67.94 13.19 22.53
N SER A 2210 69.10 13.27 23.18
CA SER A 2210 70.41 12.84 22.69
C SER A 2210 70.96 13.82 21.65
N LEU A 2211 70.20 14.84 21.26
CA LEU A 2211 70.69 15.94 20.46
C LEU A 2211 70.77 17.25 21.24
N ILE A 2212 69.75 17.55 22.03
CA ILE A 2212 69.75 18.70 22.94
C ILE A 2212 70.90 18.60 23.94
N PRO A 2213 71.16 17.44 24.57
CA PRO A 2213 72.37 17.34 25.41
C PRO A 2213 73.66 17.46 24.64
N LEU A 2214 73.60 17.70 23.33
CA LEU A 2214 74.79 17.86 22.51
C LEU A 2214 74.80 19.14 21.68
N VAL A 2215 73.79 19.98 21.79
CA VAL A 2215 73.77 21.26 21.08
C VAL A 2215 74.74 22.20 21.78
N TRP A 2216 75.19 23.24 21.08
CA TRP A 2216 76.01 24.26 21.71
C TRP A 2216 75.97 25.52 20.85
N ASP A 2217 75.85 26.65 21.51
CA ASP A 2217 75.71 27.94 20.85
C ASP A 2217 77.00 28.32 20.15
N PHE A 2218 76.86 28.89 18.95
CA PHE A 2218 77.99 29.46 18.22
C PHE A 2218 78.15 30.93 18.64
N GLY A 2219 78.97 31.66 17.89
CA GLY A 2219 79.08 33.08 18.13
C GLY A 2219 77.74 33.78 17.98
N GLN A 2220 77.45 34.66 18.94
CA GLN A 2220 76.18 35.40 18.93
C GLN A 2220 76.24 36.63 18.03
N LEU A 2221 77.35 36.83 17.32
CA LEU A 2221 77.54 38.00 16.45
C LEU A 2221 77.43 39.30 17.26
N ASN A 2222 78.45 39.50 18.10
CA ASN A 2222 78.52 40.66 18.97
C ASN A 2222 78.67 41.97 18.20
N ASP A 2223 78.63 41.89 16.87
CA ASP A 2223 78.50 43.04 15.98
C ASP A 2223 79.80 43.84 15.87
N SER A 2224 80.82 43.45 16.64
CA SER A 2224 82.12 44.08 16.49
C SER A 2224 82.84 43.60 15.23
N ALA A 2225 82.62 42.34 14.86
CA ALA A 2225 83.20 41.76 13.66
C ALA A 2225 82.26 41.82 12.46
N GLU A 2226 81.02 42.27 12.66
CA GLU A 2226 80.07 42.35 11.57
C GLU A 2226 80.49 43.36 10.52
N LYS A 2227 81.12 44.47 10.95
CA LYS A 2227 81.58 45.47 9.99
C LYS A 2227 82.59 44.86 9.03
N LEU A 2228 83.52 44.06 9.54
CA LEU A 2228 84.54 43.44 8.69
C LEU A 2228 83.93 42.36 7.81
N TYR A 2229 82.89 41.68 8.30
CA TYR A 2229 82.20 40.67 7.50
C TYR A 2229 81.52 41.30 6.29
N ILE A 2230 80.72 42.34 6.52
CA ILE A 2230 80.09 43.04 5.38
C ILE A 2230 81.16 43.69 4.52
N GLN A 2231 82.25 44.15 5.14
CA GLN A 2231 83.38 44.69 4.42
C GLN A 2231 83.88 43.73 3.35
N GLN A 2232 84.16 42.51 3.75
CA GLN A 2232 84.54 41.48 2.79
C GLN A 2232 83.41 41.18 1.80
N ILE A 2233 82.18 41.06 2.28
CA ILE A 2233 81.09 40.59 1.44
C ILE A 2233 80.89 41.52 0.25
N VAL A 2234 80.88 42.82 0.50
CA VAL A 2234 80.80 43.73 -0.63
C VAL A 2234 82.10 43.72 -1.43
N GLN A 2235 83.27 43.69 -0.74
CA GLN A 2235 84.52 43.79 -1.49
C GLN A 2235 84.66 42.67 -2.52
N ARG A 2236 84.12 41.48 -2.23
CA ARG A 2236 84.14 40.40 -3.22
C ARG A 2236 82.99 40.52 -4.21
N LEU A 2237 81.75 40.53 -3.69
CA LEU A 2237 80.57 40.33 -4.52
C LEU A 2237 80.13 41.57 -5.29
N VAL A 2238 80.97 42.61 -5.38
CA VAL A 2238 80.63 43.78 -6.17
C VAL A 2238 81.50 43.92 -7.42
N ASP A 2239 82.69 43.31 -7.44
CA ASP A 2239 83.64 43.46 -8.55
C ASP A 2239 83.95 44.94 -8.78
N SER A 2240 84.61 45.52 -7.78
CA SER A 2240 84.89 46.95 -7.74
C SER A 2240 86.17 47.32 -8.47
N VAL A 2241 86.53 46.57 -9.51
CA VAL A 2241 87.71 46.90 -10.30
C VAL A 2241 87.61 48.33 -10.82
N SER A 2242 86.48 48.66 -11.44
CA SER A 2242 86.13 50.05 -11.73
C SER A 2242 84.69 50.27 -11.27
N VAL A 2243 84.53 50.49 -9.97
CA VAL A 2243 83.27 50.96 -9.39
C VAL A 2243 83.56 52.19 -8.53
N ASN A 2244 84.32 51.98 -7.46
CA ASN A 2244 84.87 53.03 -6.60
C ASN A 2244 85.83 52.40 -5.59
N PRO A 2245 86.99 53.01 -5.33
CA PRO A 2245 87.93 52.42 -4.37
C PRO A 2245 87.62 52.73 -2.93
N SER A 2246 87.01 53.88 -2.64
CA SER A 2246 86.74 54.30 -1.27
C SER A 2246 85.36 53.90 -0.77
N GLU A 2247 84.39 53.74 -1.67
CA GLU A 2247 83.00 53.62 -1.27
C GLU A 2247 82.62 52.21 -0.85
N THR A 2248 83.52 51.23 -0.97
CA THR A 2248 83.31 49.96 -0.28
C THR A 2248 83.22 50.18 1.22
N CYS A 2249 83.99 51.13 1.75
CA CYS A 2249 83.89 51.45 3.17
C CYS A 2249 82.51 51.99 3.52
N VAL A 2250 81.97 52.91 2.72
CA VAL A 2250 80.70 53.52 3.06
C VAL A 2250 79.57 52.51 2.91
N ILE A 2251 79.65 51.67 1.87
CA ILE A 2251 78.65 50.63 1.71
C ILE A 2251 78.73 49.63 2.87
N ALA A 2252 79.95 49.27 3.27
CA ALA A 2252 80.13 48.34 4.38
C ALA A 2252 79.51 48.91 5.65
N ASP A 2253 79.80 50.19 5.93
CA ASP A 2253 79.37 50.76 7.19
C ASP A 2253 77.87 51.04 7.22
N VAL A 2254 77.27 51.43 6.09
CA VAL A 2254 75.82 51.66 6.11
C VAL A 2254 75.09 50.33 6.27
N LEU A 2255 75.58 49.27 5.61
CA LEU A 2255 74.91 47.98 5.77
C LEU A 2255 75.08 47.45 7.19
N SER A 2256 76.27 47.64 7.77
CA SER A 2256 76.48 47.19 9.15
C SER A 2256 75.63 47.99 10.13
N ALA A 2257 75.47 49.31 9.89
CA ALA A 2257 74.59 50.11 10.72
C ALA A 2257 73.14 49.67 10.58
N SER A 2258 72.72 49.29 9.37
CA SER A 2258 71.38 48.78 9.16
C SER A 2258 71.17 47.49 9.95
N GLN A 2259 72.15 46.58 9.92
CA GLN A 2259 72.04 45.37 10.71
C GLN A 2259 72.05 45.65 12.21
N MET A 2260 72.84 46.65 12.63
CA MET A 2260 72.84 47.06 14.03
C MET A 2260 71.46 47.55 14.45
N PHE A 2261 70.81 48.36 13.61
CA PHE A 2261 69.47 48.80 13.93
C PHE A 2261 68.49 47.63 13.99
N MET A 2262 68.59 46.71 13.03
CA MET A 2262 67.69 45.56 13.02
C MET A 2262 67.84 44.72 14.28
N ARG A 2263 69.08 44.57 14.76
CA ARG A 2263 69.30 43.94 16.06
C ARG A 2263 68.77 44.81 17.20
N LYS A 2264 68.93 46.14 17.07
CA LYS A 2264 68.60 47.07 18.15
C LYS A 2264 67.11 47.41 18.14
N ARG A 2265 66.30 46.37 18.31
CA ARG A 2265 64.86 46.52 18.50
C ARG A 2265 64.29 45.56 19.52
N GLU A 2266 65.13 44.83 20.27
CA GLU A 2266 64.72 43.75 21.17
C GLU A 2266 64.12 42.60 20.37
N ASN A 2267 64.08 42.73 19.05
CA ASN A 2267 63.60 41.70 18.16
C ASN A 2267 64.07 42.02 16.74
N GLU A 2268 64.05 41.00 15.90
CA GLU A 2268 64.39 41.15 14.49
C GLU A 2268 63.35 40.45 13.65
N CYS A 2269 63.11 41.00 12.46
CA CYS A 2269 62.03 40.48 11.61
C CYS A 2269 62.27 39.02 11.23
N GLY A 2270 63.52 38.63 11.06
CA GLY A 2270 63.84 37.25 10.78
C GLY A 2270 65.15 36.78 11.38
N PHE A 2271 65.70 37.56 12.30
CA PHE A 2271 67.07 37.38 12.78
C PHE A 2271 68.01 37.21 11.59
N VAL A 2272 68.10 38.29 10.82
CA VAL A 2272 68.58 38.23 9.44
C VAL A 2272 70.02 38.71 9.30
N SER A 2273 70.80 38.63 10.39
CA SER A 2273 72.19 39.07 10.34
C SER A 2273 72.98 38.27 9.30
N LEU A 2274 73.84 38.96 8.55
CA LEU A 2274 74.72 38.39 7.54
C LEU A 2274 73.98 37.61 6.46
N ARG A 2275 72.66 37.65 6.44
CA ARG A 2275 71.89 36.96 5.41
C ARG A 2275 71.18 37.92 4.48
N ASP A 2276 70.57 38.98 5.02
CA ASP A 2276 70.15 40.07 4.17
C ASP A 2276 71.32 40.84 3.60
N VAL A 2277 72.53 40.62 4.10
CA VAL A 2277 73.67 41.37 3.57
C VAL A 2277 74.18 40.74 2.28
N GLU A 2278 74.31 39.41 2.23
CA GLU A 2278 74.76 38.76 1.01
C GLU A 2278 73.75 38.94 -0.11
N ARG A 2279 72.49 39.20 0.23
CA ARG A 2279 71.46 39.45 -0.76
C ARG A 2279 71.31 40.93 -1.09
N CYS A 2280 71.55 41.82 -0.13
CA CYS A 2280 71.44 43.25 -0.42
C CYS A 2280 72.64 43.72 -1.24
N VAL A 2281 73.82 43.15 -1.02
CA VAL A 2281 74.93 43.48 -1.92
C VAL A 2281 74.69 42.90 -3.30
N LYS A 2282 73.97 41.78 -3.41
CA LYS A 2282 73.63 41.27 -4.74
C LYS A 2282 72.63 42.19 -5.43
N VAL A 2283 71.64 42.69 -4.69
CA VAL A 2283 70.71 43.67 -5.25
C VAL A 2283 71.45 44.95 -5.62
N PHE A 2284 72.44 45.34 -4.82
CA PHE A 2284 73.22 46.53 -5.13
C PHE A 2284 74.05 46.34 -6.40
N ARG A 2285 74.69 45.17 -6.53
CA ARG A 2285 75.43 44.86 -7.75
C ARG A 2285 74.52 44.84 -8.97
N TRP A 2286 73.32 44.28 -8.81
CA TRP A 2286 72.33 44.32 -9.88
C TRP A 2286 71.94 45.75 -10.24
N PHE A 2287 71.72 46.60 -9.25
CA PHE A 2287 71.32 47.97 -9.52
C PHE A 2287 72.47 48.78 -10.13
N HIS A 2288 73.71 48.40 -9.81
CA HIS A 2288 74.86 49.15 -10.31
C HIS A 2288 75.24 48.72 -11.72
N ASP A 2289 75.12 47.42 -12.01
CA ASP A 2289 75.33 46.96 -13.38
C ASP A 2289 74.29 47.56 -14.31
N HIS A 2290 73.07 47.72 -13.83
CA HIS A 2290 72.03 48.40 -14.57
C HIS A 2290 72.09 49.92 -14.42
N SER A 2291 73.03 50.43 -13.61
CA SER A 2291 73.06 51.86 -13.26
C SER A 2291 73.62 52.71 -14.39
N ASP A 2292 73.01 52.59 -15.57
CA ASP A 2292 73.25 53.52 -16.66
C ASP A 2292 71.98 53.96 -17.36
N MET A 2293 70.80 53.45 -17.00
CA MET A 2293 69.57 53.84 -17.63
C MET A 2293 68.49 54.27 -16.64
N LEU A 2294 68.40 53.60 -15.48
CA LEU A 2294 67.34 53.93 -14.53
C LEU A 2294 67.50 55.37 -14.03
N LEU A 2295 68.75 55.80 -13.81
CA LEU A 2295 68.97 57.18 -13.42
C LEU A 2295 68.54 58.14 -14.52
N LYS A 2296 68.74 57.78 -15.79
CA LYS A 2296 68.33 58.65 -16.88
C LYS A 2296 66.82 58.86 -16.88
N GLU A 2297 66.05 57.77 -16.86
CA GLU A 2297 64.60 57.89 -16.80
C GLU A 2297 64.16 58.57 -15.51
N LEU A 2298 64.94 58.42 -14.44
CA LEU A 2298 64.65 59.14 -13.20
C LEU A 2298 64.77 60.65 -13.41
N ASP A 2299 65.82 61.08 -14.12
CA ASP A 2299 65.96 62.51 -14.41
C ASP A 2299 64.83 63.00 -15.29
N LYS A 2300 64.44 62.23 -16.30
CA LYS A 2300 63.32 62.65 -17.14
C LYS A 2300 62.03 62.75 -16.32
N PHE A 2301 61.78 61.76 -15.45
CA PHE A 2301 60.58 61.78 -14.63
C PHE A 2301 60.54 62.99 -13.70
N LEU A 2302 61.66 63.30 -13.05
CA LEU A 2302 61.64 64.43 -12.13
C LEU A 2302 61.83 65.78 -12.83
N HIS A 2303 62.18 65.78 -14.11
CA HIS A 2303 62.21 67.03 -14.86
C HIS A 2303 60.86 67.36 -15.48
N GLU A 2304 60.09 66.32 -15.84
CA GLU A 2304 58.79 66.57 -16.48
C GLU A 2304 57.71 66.95 -15.48
N SER A 2305 57.91 66.66 -14.20
CA SER A 2305 56.85 66.91 -13.22
C SER A 2305 57.34 67.44 -11.88
N SER A 2306 58.64 67.70 -11.71
CA SER A 2306 59.17 68.14 -10.43
C SER A 2306 60.17 69.27 -10.65
N ASP A 2307 60.39 70.04 -9.58
CA ASP A 2307 61.30 71.16 -9.61
C ASP A 2307 62.75 70.66 -9.73
N SER A 2308 63.67 71.61 -9.90
CA SER A 2308 65.08 71.29 -10.04
C SER A 2308 65.70 70.78 -8.76
N THR A 2309 64.99 70.86 -7.63
CA THR A 2309 65.54 70.38 -6.36
C THR A 2309 65.89 68.90 -6.44
N HIS A 2310 64.98 68.09 -6.98
CA HIS A 2310 65.25 66.67 -7.21
C HIS A 2310 65.77 66.43 -8.62
N THR A 2311 66.83 67.15 -8.99
CA THR A 2311 67.47 67.00 -10.29
C THR A 2311 68.98 67.11 -10.16
N PHE A 2312 69.53 66.43 -9.16
CA PHE A 2312 70.96 66.45 -8.87
C PHE A 2312 71.65 65.22 -9.44
N GLU A 2313 72.96 65.34 -9.61
CA GLU A 2313 73.75 64.22 -10.11
C GLU A 2313 73.79 63.10 -9.08
N ARG A 2314 73.36 61.91 -9.49
CA ARG A 2314 73.29 60.75 -8.61
C ARG A 2314 74.53 59.89 -8.81
N ASP A 2315 75.26 59.65 -7.74
CA ASP A 2315 76.39 58.75 -7.81
C ASP A 2315 75.88 57.34 -8.09
N PRO A 2316 76.40 56.66 -9.12
CA PRO A 2316 75.96 55.28 -9.37
C PRO A 2316 76.27 54.34 -8.24
N VAL A 2317 77.24 54.68 -7.38
CA VAL A 2317 77.57 53.84 -6.23
C VAL A 2317 76.70 54.11 -5.01
N LEU A 2318 76.18 55.33 -4.86
CA LEU A 2318 75.38 55.68 -3.69
C LEU A 2318 73.89 55.45 -3.94
N TRP A 2319 73.42 55.83 -5.13
CA TRP A 2319 72.01 55.63 -5.45
C TRP A 2319 71.65 54.16 -5.44
N SER A 2320 72.50 53.32 -6.04
CA SER A 2320 72.25 51.89 -6.03
C SER A 2320 72.31 51.32 -4.62
N LEU A 2321 73.19 51.87 -3.77
CA LEU A 2321 73.20 51.49 -2.37
C LEU A 2321 71.91 51.86 -1.67
N VAL A 2322 71.39 53.06 -1.94
CA VAL A 2322 70.10 53.45 -1.38
C VAL A 2322 69.02 52.47 -1.81
N MET A 2323 69.09 52.01 -3.05
CA MET A 2323 68.07 51.10 -3.53
C MET A 2323 68.20 49.73 -2.88
N ALA A 2324 69.43 49.25 -2.68
CA ALA A 2324 69.63 47.97 -2.02
C ALA A 2324 69.10 48.02 -0.58
N ILE A 2325 69.40 49.11 0.13
CA ILE A 2325 68.90 49.21 1.51
C ILE A 2325 67.39 49.40 1.55
N GLY A 2326 66.83 50.09 0.55
CA GLY A 2326 65.39 50.26 0.51
C GLY A 2326 64.67 49.00 0.09
N VAL A 2327 65.38 48.06 -0.54
CA VAL A 2327 64.79 46.78 -0.88
C VAL A 2327 64.86 45.82 0.29
N CYS A 2328 66.07 45.59 0.81
CA CYS A 2328 66.27 44.51 1.77
C CYS A 2328 65.88 44.89 3.20
N TYR A 2329 65.92 46.17 3.56
CA TYR A 2329 65.65 46.58 4.93
C TYR A 2329 64.46 47.52 5.05
N HIS A 2330 64.40 48.56 4.23
CA HIS A 2330 63.40 49.61 4.44
C HIS A 2330 61.98 49.12 4.16
N ALA A 2331 61.80 48.19 3.22
CA ALA A 2331 60.46 47.78 2.82
C ALA A 2331 59.80 46.87 3.84
N SER A 2332 60.58 46.07 4.58
CA SER A 2332 60.04 45.09 5.51
C SER A 2332 59.83 45.65 6.91
N LEU A 2333 59.60 46.96 7.04
CA LEU A 2333 59.49 47.61 8.33
C LEU A 2333 58.21 48.44 8.39
N GLU A 2334 57.58 48.44 9.57
CA GLU A 2334 56.48 49.34 9.87
C GLU A 2334 56.94 50.59 10.61
N GLU A 2335 58.14 50.56 11.19
CA GLU A 2335 58.71 51.69 11.91
C GLU A 2335 59.93 52.20 11.16
N LYS A 2336 59.80 52.34 9.84
CA LYS A 2336 60.94 52.65 8.97
C LYS A 2336 61.57 53.99 9.30
N ALA A 2337 60.86 54.90 9.98
CA ALA A 2337 61.41 56.23 10.25
C ALA A 2337 62.64 56.14 11.15
N SER A 2338 62.56 55.33 12.21
CA SER A 2338 63.70 55.17 13.10
C SER A 2338 64.89 54.53 12.38
N TYR A 2339 64.62 53.53 11.54
CA TYR A 2339 65.68 52.94 10.73
C TYR A 2339 66.32 53.98 9.84
N ARG A 2340 65.51 54.82 9.19
CA ARG A 2340 66.04 55.81 8.26
C ARG A 2340 66.92 56.83 8.99
N THR A 2341 66.46 57.31 10.16
CA THR A 2341 67.24 58.32 10.86
C THR A 2341 68.49 57.71 11.50
N ALA A 2342 68.45 56.42 11.81
CA ALA A 2342 69.65 55.76 12.32
C ALA A 2342 70.60 55.33 11.21
N ILE A 2343 70.13 55.29 9.98
CA ILE A 2343 70.95 54.78 8.88
C ILE A 2343 71.56 55.94 8.09
N ALA A 2344 70.87 57.09 8.09
CA ALA A 2344 71.36 58.24 7.36
C ALA A 2344 72.59 58.85 8.02
N ARG A 2345 72.76 58.63 9.32
CA ARG A 2345 73.95 59.12 10.03
C ARG A 2345 75.21 58.41 9.56
N CYS A 2346 75.09 57.28 8.88
CA CYS A 2346 76.23 56.54 8.35
C CYS A 2346 76.43 56.74 6.85
N PHE A 2347 75.80 57.75 6.26
CA PHE A 2347 75.80 57.94 4.82
C PHE A 2347 76.57 59.20 4.44
N PRO A 2348 77.01 59.29 3.18
CA PRO A 2348 77.69 60.52 2.73
C PRO A 2348 76.76 61.72 2.64
N LYS A 2349 77.31 62.83 2.16
CA LYS A 2349 76.56 64.09 2.12
C LYS A 2349 75.26 64.00 1.33
N PRO A 2350 75.21 63.45 0.10
CA PRO A 2350 73.96 63.56 -0.69
C PRO A 2350 72.74 62.95 -0.01
N TYR A 2351 72.92 61.86 0.74
CA TYR A 2351 71.80 61.22 1.43
C TYR A 2351 72.08 61.09 2.92
N ASN A 2352 72.71 62.11 3.52
CA ASN A 2352 72.99 62.09 4.95
C ASN A 2352 71.73 62.23 5.79
N SER A 2353 70.61 62.57 5.18
CA SER A 2353 69.35 62.73 5.90
C SER A 2353 68.40 61.59 5.57
N SER A 2354 67.59 61.21 6.57
CA SER A 2354 66.60 60.16 6.37
C SER A 2354 65.58 60.55 5.31
N ARG A 2355 65.22 61.83 5.27
CA ARG A 2355 64.31 62.33 4.24
C ARG A 2355 64.86 62.07 2.84
N ALA A 2356 66.18 62.23 2.65
CA ALA A 2356 66.77 62.00 1.34
C ALA A 2356 66.65 60.53 0.93
N ILE A 2357 66.90 59.61 1.86
CA ILE A 2357 66.79 58.19 1.54
C ILE A 2357 65.34 57.83 1.21
N LEU A 2358 64.40 58.33 2.01
CA LEU A 2358 62.99 58.07 1.73
C LEU A 2358 62.58 58.62 0.38
N ASP A 2359 63.05 59.83 0.05
CA ASP A 2359 62.73 60.44 -1.23
C ASP A 2359 63.30 59.62 -2.39
N GLU A 2360 64.53 59.14 -2.24
CA GLU A 2360 65.12 58.33 -3.31
C GLU A 2360 64.35 57.02 -3.49
N VAL A 2361 63.95 56.39 -2.39
CA VAL A 2361 63.23 55.13 -2.48
C VAL A 2361 61.88 55.34 -3.16
N THR A 2362 61.15 56.40 -2.78
CA THR A 2362 59.85 56.63 -3.41
C THR A 2362 60.02 57.05 -4.87
N HIS A 2363 61.13 57.73 -5.19
CA HIS A 2363 61.39 58.07 -6.58
C HIS A 2363 61.61 56.81 -7.43
N VAL A 2364 62.38 55.85 -6.92
CA VAL A 2364 62.59 54.62 -7.67
C VAL A 2364 61.30 53.82 -7.79
N GLN A 2365 60.47 53.84 -6.73
CA GLN A 2365 59.20 53.14 -6.79
C GLN A 2365 58.29 53.76 -7.85
N ASP A 2366 58.24 55.09 -7.91
CA ASP A 2366 57.46 55.76 -8.94
C ASP A 2366 58.02 55.48 -10.32
N LEU A 2367 59.35 55.43 -10.45
CA LEU A 2367 59.96 55.12 -11.75
C LEU A 2367 59.57 53.72 -12.22
N PHE A 2368 59.67 52.73 -11.32
CA PHE A 2368 59.30 51.37 -11.70
C PHE A 2368 57.81 51.26 -12.02
N LEU A 2369 56.96 51.96 -11.28
CA LEU A 2369 55.55 51.98 -11.61
C LEU A 2369 55.30 52.65 -12.95
N ARG A 2370 56.09 53.65 -13.31
CA ARG A 2370 55.99 54.27 -14.63
C ARG A 2370 56.40 53.29 -15.71
N GLY A 2371 57.41 52.46 -15.45
CA GLY A 2371 57.79 51.44 -16.41
C GLY A 2371 56.66 50.49 -16.71
N ALA A 2372 55.86 50.16 -15.70
CA ALA A 2372 54.68 49.34 -15.91
C ALA A 2372 53.64 50.14 -16.70
N PRO A 2373 52.74 49.46 -17.41
CA PRO A 2373 51.74 50.18 -18.21
C PRO A 2373 50.85 51.05 -17.33
N ILE A 2374 50.51 52.22 -17.85
CA ILE A 2374 49.67 53.17 -17.13
C ILE A 2374 48.29 52.57 -16.96
N ARG A 2375 47.85 52.43 -15.72
CA ARG A 2375 46.54 51.89 -15.40
C ARG A 2375 45.66 52.99 -14.81
N THR A 2376 44.52 53.23 -15.44
CA THR A 2376 43.58 54.25 -15.03
C THR A 2376 42.72 53.75 -13.88
N ASN A 2377 42.39 54.67 -12.96
CA ASN A 2377 41.57 54.37 -11.78
C ASN A 2377 42.28 53.38 -10.87
N ILE A 2378 43.55 53.66 -10.59
CA ILE A 2378 44.39 52.81 -9.77
C ILE A 2378 45.21 53.71 -8.84
N ALA A 2379 45.38 53.26 -7.59
CA ALA A 2379 45.95 54.10 -6.55
C ALA A 2379 47.47 53.94 -6.48
N ARG A 2380 48.16 55.08 -6.40
CA ARG A 2380 49.62 55.12 -6.27
C ARG A 2380 50.06 55.16 -4.82
N ASN A 2381 49.29 54.57 -3.92
CA ASN A 2381 49.67 54.51 -2.51
C ASN A 2381 50.98 53.75 -2.35
N LEU A 2382 51.58 53.90 -1.16
CA LEU A 2382 52.82 53.18 -0.86
C LEU A 2382 52.67 51.68 -1.06
N ALA A 2383 51.46 51.16 -0.81
CA ALA A 2383 51.22 49.73 -0.96
C ALA A 2383 51.57 49.26 -2.38
N LEU A 2384 50.90 49.81 -3.38
CA LEU A 2384 51.09 49.32 -4.75
C LEU A 2384 52.51 49.53 -5.23
N LYS A 2385 53.06 50.73 -4.99
CA LYS A 2385 54.42 51.03 -5.47
C LYS A 2385 55.43 50.09 -4.84
N GLU A 2386 55.41 49.97 -3.52
CA GLU A 2386 56.36 49.10 -2.83
C GLU A 2386 56.18 47.65 -3.27
N ASN A 2387 54.93 47.19 -3.38
CA ASN A 2387 54.67 45.82 -3.78
C ASN A 2387 55.27 45.53 -5.16
N VAL A 2388 54.95 46.36 -6.15
CA VAL A 2388 55.38 46.08 -7.52
C VAL A 2388 56.89 46.21 -7.64
N PHE A 2389 57.47 47.26 -7.04
CA PHE A 2389 58.91 47.45 -7.13
C PHE A 2389 59.65 46.29 -6.50
N MET A 2390 59.23 45.88 -5.30
CA MET A 2390 59.94 44.82 -4.61
C MET A 2390 59.73 43.47 -5.28
N MET A 2391 58.56 43.19 -5.87
CA MET A 2391 58.44 41.92 -6.56
C MET A 2391 59.25 41.89 -7.85
N VAL A 2392 59.31 43.01 -8.58
CA VAL A 2392 60.20 43.07 -9.74
C VAL A 2392 61.62 42.75 -9.32
N ILE A 2393 62.10 43.41 -8.26
CA ILE A 2393 63.47 43.20 -7.82
C ILE A 2393 63.67 41.76 -7.34
N CYS A 2394 62.72 41.23 -6.56
CA CYS A 2394 62.91 39.90 -5.98
C CYS A 2394 62.89 38.80 -7.03
N ILE A 2395 61.94 38.84 -7.97
CA ILE A 2395 61.97 37.82 -9.02
C ILE A 2395 63.13 38.06 -9.99
N GLU A 2396 63.64 39.30 -10.08
CA GLU A 2396 64.85 39.53 -10.85
C GLU A 2396 66.06 38.87 -10.21
N LEU A 2397 66.17 38.91 -8.89
CA LEU A 2397 67.31 38.37 -8.17
C LEU A 2397 67.11 36.93 -7.72
N LYS A 2398 66.00 36.30 -8.11
CA LYS A 2398 65.69 34.92 -7.71
C LYS A 2398 65.63 34.79 -6.19
N ILE A 2399 65.09 35.81 -5.53
CA ILE A 2399 64.87 35.79 -4.10
C ILE A 2399 63.36 35.82 -3.85
N PRO A 2400 62.84 35.01 -2.96
CA PRO A 2400 61.38 34.88 -2.80
C PRO A 2400 60.76 36.14 -2.23
N LEU A 2401 59.49 36.36 -2.58
CA LEU A 2401 58.67 37.40 -2.01
C LEU A 2401 57.45 36.77 -1.33
N PHE A 2402 57.00 37.38 -0.24
CA PHE A 2402 55.96 36.79 0.60
C PHE A 2402 54.93 37.83 1.02
N LEU A 2403 54.39 38.57 0.04
CA LEU A 2403 53.38 39.57 0.31
C LEU A 2403 52.20 38.96 1.06
N VAL A 2404 51.76 39.66 2.10
CA VAL A 2404 50.60 39.29 2.90
C VAL A 2404 49.79 40.54 3.21
N GLY A 2405 48.71 40.36 3.95
CA GLY A 2405 47.84 41.46 4.32
C GLY A 2405 46.39 41.06 4.41
N LYS A 2406 45.53 41.78 3.71
CA LYS A 2406 44.10 41.51 3.72
C LYS A 2406 43.53 41.95 2.39
N PRO A 2407 42.26 41.63 2.12
CA PRO A 2407 41.61 42.18 0.93
C PRO A 2407 41.82 43.67 0.78
N GLY A 2408 42.54 44.08 -0.27
CA GLY A 2408 42.84 45.47 -0.51
C GLY A 2408 44.28 45.89 -0.34
N SER A 2409 45.22 44.96 -0.29
CA SER A 2409 46.62 45.30 -0.05
C SER A 2409 47.47 45.32 -1.32
N SER A 2410 46.84 45.38 -2.49
CA SER A 2410 47.52 45.53 -3.79
C SER A 2410 48.64 44.50 -3.97
N LYS A 2411 48.31 43.25 -3.66
CA LYS A 2411 49.24 42.15 -3.88
C LYS A 2411 48.97 41.40 -5.17
N SER A 2412 47.75 40.93 -5.38
CA SER A 2412 47.40 40.31 -6.66
C SER A 2412 47.46 41.33 -7.79
N LEU A 2413 47.04 42.56 -7.52
CA LEU A 2413 47.16 43.64 -8.50
C LEU A 2413 48.62 43.84 -8.90
N ALA A 2414 49.52 43.84 -7.92
CA ALA A 2414 50.94 43.96 -8.21
C ALA A 2414 51.44 42.78 -9.03
N LYS A 2415 50.96 41.57 -8.72
CA LYS A 2415 51.33 40.39 -9.50
C LYS A 2415 50.92 40.55 -10.96
N ILE A 2416 49.68 41.00 -11.20
CA ILE A 2416 49.20 41.10 -12.57
C ILE A 2416 49.93 42.21 -13.33
N ILE A 2417 50.17 43.34 -12.66
CA ILE A 2417 50.88 44.43 -13.34
C ILE A 2417 52.32 44.01 -13.65
N VAL A 2418 52.95 43.22 -12.77
CA VAL A 2418 54.30 42.74 -13.06
C VAL A 2418 54.28 41.75 -14.23
N ALA A 2419 53.29 40.84 -14.23
CA ALA A 2419 53.20 39.86 -15.30
C ALA A 2419 53.02 40.54 -16.65
N ASP A 2420 52.17 41.56 -16.70
CA ASP A 2420 51.90 42.27 -17.94
C ASP A 2420 53.00 43.27 -18.30
N ALA A 2421 53.81 43.69 -17.34
CA ALA A 2421 54.74 44.81 -17.55
C ALA A 2421 56.12 44.37 -18.01
N MET A 2422 56.73 43.38 -17.38
CA MET A 2422 58.15 43.09 -17.54
C MET A 2422 58.42 41.97 -18.54
N GLN A 2423 57.63 41.90 -19.61
CA GLN A 2423 57.96 41.02 -20.72
C GLN A 2423 59.32 41.41 -21.30
N GLY A 2424 60.09 40.39 -21.69
CA GLY A 2424 61.47 40.57 -22.09
C GLY A 2424 61.74 41.67 -23.07
N GLN A 2425 61.28 41.51 -24.32
CA GLN A 2425 61.42 42.53 -25.34
C GLN A 2425 60.09 43.19 -25.66
N ALA A 2426 58.97 42.57 -25.27
CA ALA A 2426 57.64 43.13 -25.50
C ALA A 2426 57.20 44.03 -24.36
N ALA A 2427 58.14 44.55 -23.57
CA ALA A 2427 57.80 45.41 -22.45
C ALA A 2427 57.22 46.74 -22.94
N PHE A 2428 56.68 47.51 -21.99
CA PHE A 2428 56.02 48.77 -22.32
C PHE A 2428 56.93 49.98 -22.20
N SER A 2429 58.10 49.84 -21.58
CA SER A 2429 59.03 50.96 -21.44
C SER A 2429 60.46 50.46 -21.55
N GLU A 2430 61.35 51.40 -21.91
CA GLU A 2430 62.76 51.05 -22.08
C GLU A 2430 63.36 50.47 -20.81
N LEU A 2431 62.89 50.92 -19.65
CA LEU A 2431 63.39 50.36 -18.40
C LEU A 2431 63.08 48.87 -18.29
N PHE A 2432 61.87 48.47 -18.67
CA PHE A 2432 61.46 47.08 -18.53
C PHE A 2432 62.00 46.18 -19.64
N ARG A 2433 62.32 46.75 -20.81
CA ARG A 2433 62.86 45.93 -21.89
C ARG A 2433 64.24 45.38 -21.54
N CYS A 2434 65.03 46.12 -20.78
CA CYS A 2434 66.36 45.68 -20.41
C CYS A 2434 66.36 44.64 -19.30
N LEU A 2435 65.18 44.30 -18.76
CA LEU A 2435 65.08 43.29 -17.72
C LEU A 2435 64.62 41.95 -18.30
N LYS A 2436 64.53 40.96 -17.42
CA LYS A 2436 64.22 39.60 -17.82
C LYS A 2436 62.77 39.50 -18.31
N GLN A 2437 62.44 38.34 -18.88
CA GLN A 2437 61.12 38.04 -19.41
C GLN A 2437 60.39 37.15 -18.41
N VAL A 2438 59.20 37.59 -17.99
CA VAL A 2438 58.46 36.92 -16.94
C VAL A 2438 57.46 35.95 -17.55
N HIS A 2439 57.38 34.76 -16.98
CA HIS A 2439 56.27 33.85 -17.26
C HIS A 2439 55.82 33.24 -15.93
N LEU A 2440 54.58 33.54 -15.52
CA LEU A 2440 54.10 33.09 -14.22
C LEU A 2440 53.16 31.90 -14.36
N VAL A 2441 53.30 30.96 -13.43
CA VAL A 2441 52.35 29.86 -13.26
C VAL A 2441 51.72 30.01 -11.90
N SER A 2442 50.39 30.09 -11.86
CA SER A 2442 49.66 30.37 -10.63
C SER A 2442 49.11 29.07 -10.06
N PHE A 2443 49.46 28.80 -8.81
CA PHE A 2443 48.95 27.64 -8.06
C PHE A 2443 48.31 28.20 -6.79
N GLN A 2444 47.00 28.39 -6.83
CA GLN A 2444 46.29 28.89 -5.65
C GLN A 2444 46.30 27.83 -4.56
N CYS A 2445 46.65 28.24 -3.34
CA CYS A 2445 46.66 27.33 -2.22
C CYS A 2445 45.30 27.29 -1.53
N SER A 2446 44.92 26.11 -1.09
CA SER A 2446 43.69 25.85 -0.36
C SER A 2446 44.04 25.07 0.89
N PRO A 2447 43.16 25.06 1.90
CA PRO A 2447 43.44 24.25 3.09
C PRO A 2447 43.65 22.79 2.77
N HIS A 2448 42.94 22.25 1.79
CA HIS A 2448 43.11 20.86 1.35
C HIS A 2448 44.08 20.78 0.18
N SER A 2449 45.26 21.36 0.35
CA SER A 2449 46.29 21.31 -0.68
C SER A 2449 47.25 20.16 -0.43
N THR A 2450 48.07 19.87 -1.44
CA THR A 2450 48.98 18.74 -1.41
C THR A 2450 50.38 19.21 -1.76
N PRO A 2451 51.40 18.63 -1.14
CA PRO A 2451 52.78 18.96 -1.55
C PRO A 2451 53.05 18.64 -3.01
N GLN A 2452 52.42 17.58 -3.53
CA GLN A 2452 52.58 17.24 -4.94
C GLN A 2452 52.07 18.34 -5.86
N GLY A 2453 51.06 19.10 -5.46
CA GLY A 2453 50.58 20.18 -6.30
C GLY A 2453 51.61 21.27 -6.51
N ILE A 2454 52.19 21.77 -5.41
CA ILE A 2454 53.22 22.80 -5.55
C ILE A 2454 54.47 22.22 -6.20
N ILE A 2455 54.79 20.96 -5.92
CA ILE A 2455 55.95 20.34 -6.57
C ILE A 2455 55.73 20.28 -8.08
N SER A 2456 54.53 19.92 -8.53
CA SER A 2456 54.24 19.87 -9.95
C SER A 2456 54.24 21.26 -10.57
N THR A 2457 53.76 22.27 -9.85
CA THR A 2457 53.81 23.63 -10.36
C THR A 2457 55.24 24.10 -10.54
N PHE A 2458 56.11 23.78 -9.56
CA PHE A 2458 57.53 24.10 -9.68
C PHE A 2458 58.16 23.35 -10.84
N LYS A 2459 57.79 22.08 -11.04
CA LYS A 2459 58.30 21.32 -12.17
C LYS A 2459 57.88 21.96 -13.48
N GLN A 2460 56.63 22.43 -13.56
CA GLN A 2460 56.15 23.07 -14.78
C GLN A 2460 56.89 24.37 -15.06
N CYS A 2461 57.12 25.19 -14.03
CA CYS A 2461 57.84 26.44 -14.27
C CYS A 2461 59.29 26.18 -14.66
N ALA A 2462 59.92 25.18 -14.04
CA ALA A 2462 61.28 24.82 -14.43
C ALA A 2462 61.33 24.30 -15.86
N ARG A 2463 60.33 23.52 -16.25
CA ARG A 2463 60.24 23.04 -17.62
C ARG A 2463 60.09 24.19 -18.60
N PHE A 2464 59.25 25.17 -18.27
CA PHE A 2464 59.14 26.35 -19.11
C PHE A 2464 60.47 27.10 -19.18
N GLN A 2465 61.24 27.09 -18.08
CA GLN A 2465 62.53 27.75 -18.06
C GLN A 2465 63.53 27.04 -18.97
N GLN A 2466 63.46 25.72 -19.05
CA GLN A 2466 64.41 24.95 -19.83
C GLN A 2466 64.34 25.31 -21.31
N GLY A 2467 65.50 25.37 -21.95
CA GLY A 2467 65.57 25.74 -23.35
C GLY A 2467 65.57 27.22 -23.62
N LYS A 2468 65.73 28.05 -22.60
CA LYS A 2468 65.77 29.49 -22.73
C LYS A 2468 67.07 30.03 -22.13
N ASP A 2469 67.20 31.35 -22.10
CA ASP A 2469 68.36 32.00 -21.50
C ASP A 2469 68.07 32.26 -20.03
N LEU A 2470 68.96 31.78 -19.15
CA LEU A 2470 68.76 31.99 -17.72
C LEU A 2470 68.99 33.45 -17.33
N GLY A 2471 69.70 34.21 -18.16
CA GLY A 2471 69.90 35.61 -17.93
C GLY A 2471 68.87 36.53 -18.56
N GLN A 2472 67.92 35.97 -19.30
CA GLN A 2472 66.91 36.76 -19.99
C GLN A 2472 65.48 36.25 -19.79
N TYR A 2473 65.29 35.01 -19.38
CA TYR A 2473 63.98 34.41 -19.18
C TYR A 2473 63.88 33.82 -17.79
N VAL A 2474 62.78 34.13 -17.09
CA VAL A 2474 62.48 33.52 -15.80
C VAL A 2474 60.99 33.17 -15.75
N SER A 2475 60.71 32.01 -15.17
CA SER A 2475 59.37 31.66 -14.73
C SER A 2475 59.24 32.03 -13.26
N VAL A 2476 58.00 32.19 -12.81
CA VAL A 2476 57.70 32.53 -11.43
C VAL A 2476 56.49 31.73 -10.98
N VAL A 2477 56.66 30.95 -9.93
CA VAL A 2477 55.54 30.30 -9.27
C VAL A 2477 54.82 31.33 -8.43
N VAL A 2478 53.49 31.33 -8.48
CA VAL A 2478 52.69 32.23 -7.67
C VAL A 2478 51.73 31.39 -6.83
N LEU A 2479 51.97 31.37 -5.53
CA LEU A 2479 51.04 30.77 -4.58
C LEU A 2479 50.14 31.90 -4.09
N ASP A 2480 48.93 31.98 -4.65
CA ASP A 2480 48.07 33.13 -4.42
C ASP A 2480 47.54 33.20 -2.99
N GLU A 2481 47.37 32.06 -2.32
CA GLU A 2481 46.80 32.02 -0.98
C GLU A 2481 47.66 31.15 -0.07
N VAL A 2482 48.97 31.41 -0.06
CA VAL A 2482 49.90 30.58 0.70
C VAL A 2482 49.61 30.63 2.21
N GLY A 2483 48.78 31.58 2.65
CA GLY A 2483 48.37 31.62 4.04
C GLY A 2483 47.27 30.67 4.42
N LEU A 2484 46.66 29.98 3.46
CA LEU A 2484 45.63 29.00 3.74
C LEU A 2484 46.19 27.60 3.96
N ALA A 2485 47.33 27.30 3.34
CA ALA A 2485 47.91 25.96 3.35
C ALA A 2485 48.93 25.75 4.47
N GLU A 2486 48.80 26.49 5.57
CA GLU A 2486 49.78 26.39 6.65
C GLU A 2486 49.46 25.28 7.65
N ASP A 2487 48.20 24.86 7.76
CA ASP A 2487 47.80 23.90 8.77
C ASP A 2487 46.93 22.81 8.16
N SER A 2488 47.33 22.30 7.01
CA SER A 2488 46.67 21.11 6.51
C SER A 2488 47.22 19.87 7.22
N PRO A 2489 46.40 18.84 7.39
CA PRO A 2489 46.91 17.59 7.97
C PRO A 2489 48.06 16.98 7.20
N LYS A 2490 48.13 17.20 5.89
CA LYS A 2490 49.22 16.68 5.06
C LYS A 2490 50.42 17.61 5.02
N MET A 2491 50.29 18.84 5.55
CA MET A 2491 51.38 19.81 5.59
C MET A 2491 51.89 20.08 4.18
N PRO A 2492 51.15 20.84 3.36
CA PRO A 2492 51.57 21.04 1.97
C PRO A 2492 52.77 21.94 1.82
N LEU A 2493 52.86 22.99 2.63
CA LEU A 2493 53.92 23.98 2.51
C LEU A 2493 55.18 23.53 3.28
N LYS A 2494 55.77 22.46 2.79
CA LYS A 2494 57.03 21.96 3.30
C LYS A 2494 58.14 21.93 2.25
N THR A 2495 57.84 21.52 1.03
CA THR A 2495 58.81 21.55 -0.05
C THR A 2495 58.99 22.94 -0.65
N LEU A 2496 58.18 23.90 -0.22
CA LEU A 2496 58.36 25.28 -0.67
C LEU A 2496 59.73 25.81 -0.28
N HIS A 2497 60.14 25.54 0.97
CA HIS A 2497 61.42 26.07 1.46
C HIS A 2497 62.62 25.58 0.64
N PRO A 2498 62.72 24.30 0.25
CA PRO A 2498 63.85 23.93 -0.62
C PRO A 2498 63.66 24.32 -2.08
N LEU A 2499 62.43 24.37 -2.56
CA LEU A 2499 62.20 24.64 -3.98
C LEU A 2499 62.55 26.05 -4.39
N LEU A 2500 63.14 26.84 -3.49
CA LEU A 2500 63.58 28.19 -3.81
C LEU A 2500 65.10 28.32 -3.83
N GLU A 2501 65.84 27.42 -3.17
CA GLU A 2501 67.29 27.45 -3.15
C GLU A 2501 67.91 26.59 -4.25
N ASP A 2502 67.43 25.35 -4.43
CA ASP A 2502 67.93 24.50 -5.49
C ASP A 2502 66.88 24.14 -6.53
N GLY A 2503 65.60 24.21 -6.21
CA GLY A 2503 64.53 24.08 -7.18
C GLY A 2503 64.16 22.68 -7.57
N CYS A 2504 64.78 21.64 -7.00
CA CYS A 2504 64.43 20.27 -7.36
C CYS A 2504 64.78 19.35 -6.19
N ILE A 2505 64.39 18.09 -6.32
CA ILE A 2505 64.46 17.11 -5.25
C ILE A 2505 65.05 15.81 -5.77
N GLU A 2506 65.84 15.14 -4.93
CA GLU A 2506 66.50 13.87 -5.24
C GLU A 2506 67.32 13.96 -6.53
N ASP A 2507 68.07 15.05 -6.70
CA ASP A 2507 68.91 15.19 -7.88
C ASP A 2507 70.09 16.08 -7.54
N ASP A 2508 71.12 15.98 -8.37
CA ASP A 2508 72.24 16.90 -8.26
C ASP A 2508 71.77 18.33 -8.57
N PRO A 2509 72.06 19.28 -7.70
CA PRO A 2509 71.66 20.67 -7.98
C PRO A 2509 72.32 21.16 -9.26
N ALA A 2510 71.57 21.95 -10.03
CA ALA A 2510 71.97 22.34 -11.37
C ALA A 2510 71.23 23.62 -11.74
N PRO A 2511 71.72 24.37 -12.74
CA PRO A 2511 70.97 25.55 -13.19
C PRO A 2511 69.66 25.16 -13.86
N TYR A 2512 68.84 26.16 -14.18
CA TYR A 2512 67.51 26.01 -14.76
C TYR A 2512 66.54 25.39 -13.74
N LYS A 2513 67.06 24.99 -12.59
CA LYS A 2513 66.20 24.50 -11.51
C LYS A 2513 65.75 25.62 -10.58
N LYS A 2514 66.62 26.60 -10.35
CA LYS A 2514 66.22 27.80 -9.63
C LYS A 2514 65.19 28.58 -10.45
N VAL A 2515 64.20 29.15 -9.76
CA VAL A 2515 63.07 29.79 -10.42
C VAL A 2515 62.48 30.84 -9.49
N GLY A 2516 61.93 31.89 -10.10
CA GLY A 2516 61.35 32.97 -9.32
C GLY A 2516 60.08 32.55 -8.60
N PHE A 2517 59.61 33.43 -7.70
CA PHE A 2517 58.51 33.08 -6.81
C PHE A 2517 57.91 34.34 -6.22
N VAL A 2518 56.57 34.37 -6.15
CA VAL A 2518 55.83 35.40 -5.42
C VAL A 2518 54.73 34.73 -4.61
N GLY A 2519 54.91 34.68 -3.29
CA GLY A 2519 53.95 34.06 -2.40
C GLY A 2519 52.90 34.98 -1.81
N ILE A 2520 51.96 35.43 -2.65
CA ILE A 2520 50.87 36.27 -2.16
C ILE A 2520 50.03 35.51 -1.14
N SER A 2521 49.51 36.22 -0.15
CA SER A 2521 48.67 35.61 0.86
C SER A 2521 47.73 36.65 1.46
N ASN A 2522 46.60 36.17 1.98
CA ASN A 2522 45.65 37.01 2.69
C ASN A 2522 45.65 36.77 4.19
N TRP A 2523 46.50 35.86 4.67
CA TRP A 2523 46.65 35.57 6.10
C TRP A 2523 48.13 35.57 6.44
N ALA A 2524 48.43 35.75 7.72
CA ALA A 2524 49.82 35.81 8.15
C ALA A 2524 50.50 34.46 7.93
N LEU A 2525 51.83 34.52 7.77
CA LEU A 2525 52.63 33.39 7.33
C LEU A 2525 53.48 32.86 8.49
N ASP A 2526 53.96 31.63 8.33
CA ASP A 2526 54.98 31.09 9.23
C ASP A 2526 56.34 31.64 8.82
N PRO A 2527 57.03 32.39 9.67
CA PRO A 2527 58.23 33.12 9.24
C PRO A 2527 59.39 32.23 8.81
N ALA A 2528 59.80 31.29 9.66
CA ALA A 2528 61.13 30.71 9.54
C ALA A 2528 61.34 29.94 8.23
N LYS A 2529 60.44 29.00 7.92
CA LYS A 2529 60.65 28.20 6.72
C LYS A 2529 60.46 29.02 5.45
N MET A 2530 59.95 30.24 5.59
CA MET A 2530 59.85 31.18 4.48
C MET A 2530 60.69 32.43 4.69
N ASN A 2531 61.71 32.37 5.56
CA ASN A 2531 62.44 33.59 5.92
C ASN A 2531 63.63 33.88 5.02
N ARG A 2532 63.98 32.97 4.10
CA ARG A 2532 64.97 33.31 3.09
C ARG A 2532 64.47 34.46 2.22
N GLY A 2533 63.21 34.43 1.85
CA GLY A 2533 62.59 35.59 1.24
C GLY A 2533 62.33 36.66 2.27
N ILE A 2534 61.85 37.80 1.80
CA ILE A 2534 61.62 38.97 2.64
C ILE A 2534 60.12 39.20 2.74
N PHE A 2535 59.59 39.11 3.96
CA PHE A 2535 58.17 39.32 4.20
C PHE A 2535 57.85 40.79 4.04
N VAL A 2536 56.96 41.11 3.09
CA VAL A 2536 56.29 42.42 3.09
C VAL A 2536 55.00 42.22 3.86
N SER A 2537 55.10 42.33 5.19
CA SER A 2537 53.96 42.14 6.08
C SER A 2537 53.17 43.44 6.12
N ARG A 2538 52.49 43.72 5.01
CA ARG A 2538 51.70 44.94 4.90
C ARG A 2538 50.65 44.98 6.00
N GLY A 2539 50.61 46.08 6.73
CA GLY A 2539 49.72 46.22 7.86
C GLY A 2539 48.41 46.90 7.49
N SER A 2540 47.50 46.89 8.46
CA SER A 2540 46.24 47.58 8.27
C SER A 2540 46.50 49.07 8.14
N PRO A 2541 46.08 49.70 7.05
CA PRO A 2541 46.41 51.11 6.83
C PRO A 2541 45.70 52.02 7.84
N ASN A 2542 46.41 53.05 8.25
CA ASN A 2542 45.81 54.08 9.08
C ASN A 2542 44.95 55.01 8.23
N GLU A 2543 44.33 55.98 8.89
CA GLU A 2543 43.48 56.93 8.16
C GLU A 2543 44.29 57.69 7.12
N LYS A 2544 45.55 57.98 7.42
CA LYS A 2544 46.41 58.67 6.45
C LYS A 2544 46.53 57.87 5.15
N GLU A 2545 46.86 56.58 5.25
CA GLU A 2545 46.97 55.77 4.05
C GLU A 2545 45.61 55.53 3.40
N LEU A 2546 44.53 55.56 4.17
CA LEU A 2546 43.21 55.44 3.54
C LEU A 2546 42.90 56.64 2.67
N ILE A 2547 43.17 57.86 3.18
CA ILE A 2547 42.99 59.04 2.36
C ILE A 2547 43.94 59.03 1.17
N GLU A 2548 45.18 58.55 1.38
CA GLU A 2548 46.15 58.50 0.29
C GLU A 2548 45.71 57.53 -0.80
N SER A 2549 45.18 56.37 -0.40
CA SER A 2549 44.67 55.40 -1.38
C SER A 2549 43.45 55.95 -2.11
N ALA A 2550 42.58 56.68 -1.39
CA ALA A 2550 41.45 57.32 -2.05
C ALA A 2550 41.93 58.32 -3.09
N GLU A 2551 42.94 59.13 -2.74
CA GLU A 2551 43.49 60.11 -3.67
C GLU A 2551 44.10 59.41 -4.88
N GLY A 2552 44.84 58.32 -4.65
CA GLY A 2552 45.42 57.59 -5.76
C GLY A 2552 44.38 56.98 -6.68
N ILE A 2553 43.32 56.41 -6.09
CA ILE A 2553 42.25 55.85 -6.90
C ILE A 2553 41.57 56.94 -7.71
N CYS A 2554 41.44 58.13 -7.13
CA CYS A 2554 40.85 59.25 -7.85
C CYS A 2554 41.86 60.09 -8.60
N SER A 2555 43.08 59.58 -8.79
CA SER A 2555 44.07 60.29 -9.60
C SER A 2555 43.68 60.31 -11.07
N SER A 2556 42.74 59.47 -11.48
CA SER A 2556 42.40 59.35 -12.90
C SER A 2556 41.87 60.66 -13.46
N ASP A 2557 40.86 61.22 -12.82
CA ASP A 2557 40.38 62.57 -13.12
C ASP A 2557 40.71 63.47 -11.93
N ARG A 2558 40.49 64.77 -12.11
CA ARG A 2558 41.00 65.70 -11.11
C ARG A 2558 39.94 66.57 -10.45
N LEU A 2559 39.04 67.20 -11.20
CA LEU A 2559 38.05 68.05 -10.53
C LEU A 2559 36.92 67.21 -9.96
N VAL A 2560 36.53 66.13 -10.65
CA VAL A 2560 35.61 65.19 -10.03
C VAL A 2560 36.31 64.41 -8.93
N GLN A 2561 37.65 64.42 -8.93
CA GLN A 2561 38.40 63.88 -7.80
C GLN A 2561 38.24 64.73 -6.55
N ASP A 2562 38.26 66.06 -6.70
CA ASP A 2562 38.16 66.96 -5.56
C ASP A 2562 36.74 67.39 -5.24
N LYS A 2563 35.76 67.05 -6.09
CA LYS A 2563 34.37 67.26 -5.73
C LYS A 2563 33.80 66.07 -4.95
N ILE A 2564 34.57 64.99 -4.85
CA ILE A 2564 34.29 63.89 -3.93
C ILE A 2564 35.38 63.76 -2.87
N ARG A 2565 36.33 64.71 -2.84
CA ARG A 2565 37.40 64.70 -1.85
C ARG A 2565 36.88 64.83 -0.43
N GLY A 2566 35.83 65.64 -0.22
CA GLY A 2566 35.32 65.85 1.12
C GLY A 2566 34.86 64.56 1.78
N TYR A 2567 34.28 63.66 1.00
CA TYR A 2567 33.83 62.38 1.53
C TYR A 2567 34.98 61.45 1.90
N PHE A 2568 36.21 61.78 1.50
CA PHE A 2568 37.33 60.87 1.74
C PHE A 2568 37.58 60.66 3.24
N ALA A 2569 37.65 61.75 4.00
CA ALA A 2569 37.92 61.64 5.43
C ALA A 2569 36.84 60.89 6.20
N PRO A 2570 35.54 61.20 6.05
CA PRO A 2570 34.53 60.47 6.84
C PRO A 2570 34.41 59.01 6.45
N PHE A 2571 34.29 58.74 5.15
CA PHE A 2571 34.19 57.38 4.64
C PHE A 2571 35.19 56.45 5.33
N ALA A 2572 36.48 56.77 5.21
CA ALA A 2572 37.50 55.96 5.86
C ALA A 2572 37.19 55.76 7.33
N LYS A 2573 36.92 56.86 8.05
CA LYS A 2573 36.57 56.76 9.46
C LYS A 2573 35.44 55.76 9.66
N ALA A 2574 34.36 55.91 8.89
CA ALA A 2574 33.22 55.00 9.02
C ALA A 2574 33.66 53.57 8.77
N TYR A 2575 34.42 53.35 7.70
CA TYR A 2575 34.92 52.02 7.43
C TYR A 2575 35.70 51.49 8.62
N GLU A 2576 36.54 52.35 9.20
CA GLU A 2576 37.29 51.96 10.40
C GLU A 2576 36.36 51.43 11.47
N THR A 2577 35.29 52.17 11.79
CA THR A 2577 34.40 51.73 12.85
C THR A 2577 33.79 50.38 12.50
N VAL A 2578 33.45 50.18 11.22
CA VAL A 2578 32.92 48.88 10.81
C VAL A 2578 33.95 47.81 11.08
N CYS A 2579 35.19 48.04 10.66
CA CYS A 2579 36.24 47.03 10.87
C CYS A 2579 36.57 46.88 12.33
N GLN A 2580 36.08 47.80 13.18
CA GLN A 2580 36.28 47.67 14.61
C GLN A 2580 35.11 46.98 15.28
N LYS A 2581 33.92 47.07 14.69
CA LYS A 2581 32.71 46.64 15.38
C LYS A 2581 32.39 45.17 15.18
N GLN A 2582 33.15 44.46 14.36
CA GLN A 2582 32.83 43.07 14.05
C GLN A 2582 34.03 42.17 14.31
N ASP A 2583 33.75 41.01 14.91
CA ASP A 2583 34.78 40.00 15.16
C ASP A 2583 35.21 39.31 13.87
N LYS A 2584 34.25 39.00 12.99
CA LYS A 2584 34.57 38.36 11.73
C LYS A 2584 34.85 39.40 10.66
N GLU A 2585 35.84 39.14 9.81
CA GLU A 2585 36.27 40.10 8.80
C GLU A 2585 35.42 39.94 7.55
N PHE A 2586 34.12 40.22 7.71
CA PHE A 2586 33.20 40.23 6.58
C PHE A 2586 33.48 41.38 5.61
N PHE A 2587 34.20 42.40 6.05
CA PHE A 2587 34.50 43.57 5.22
C PHE A 2587 35.99 43.87 5.28
N GLY A 2588 36.49 44.47 4.20
CA GLY A 2588 37.90 44.76 4.06
C GLY A 2588 38.12 45.95 3.16
N LEU A 2589 39.38 46.17 2.79
CA LEU A 2589 39.70 47.32 1.96
C LEU A 2589 39.13 47.21 0.55
N ARG A 2590 38.81 46.00 0.07
CA ARG A 2590 38.12 45.91 -1.22
C ARG A 2590 36.82 46.69 -1.18
N ASP A 2591 36.07 46.58 -0.07
CA ASP A 2591 34.79 47.28 0.03
C ASP A 2591 35.00 48.79 -0.01
N TYR A 2592 36.00 49.29 0.72
CA TYR A 2592 36.26 50.72 0.73
C TYR A 2592 36.70 51.21 -0.64
N TYR A 2593 37.62 50.47 -1.28
CA TYR A 2593 38.10 50.85 -2.60
C TYR A 2593 36.96 50.89 -3.61
N SER A 2594 36.16 49.81 -3.67
CA SER A 2594 35.07 49.77 -4.63
C SER A 2594 34.00 50.80 -4.32
N LEU A 2595 33.84 51.18 -3.04
CA LEU A 2595 32.93 52.27 -2.72
C LEU A 2595 33.42 53.55 -3.34
N ILE A 2596 34.73 53.84 -3.20
CA ILE A 2596 35.31 55.00 -3.86
C ILE A 2596 35.09 54.93 -5.36
N LYS A 2597 35.24 53.74 -5.94
CA LYS A 2597 35.09 53.57 -7.39
C LYS A 2597 33.66 53.87 -7.84
N MET A 2598 32.66 53.36 -7.10
CA MET A 2598 31.28 53.61 -7.50
C MET A 2598 30.90 55.08 -7.35
N VAL A 2599 31.35 55.73 -6.27
CA VAL A 2599 31.09 57.16 -6.15
C VAL A 2599 31.79 57.93 -7.25
N PHE A 2600 33.02 57.54 -7.60
CA PHE A 2600 33.66 58.02 -8.82
C PHE A 2600 32.74 57.93 -10.03
N ALA A 2601 32.29 56.71 -10.34
CA ALA A 2601 31.58 56.49 -11.59
C ALA A 2601 30.31 57.33 -11.64
N LYS A 2602 29.57 57.34 -10.54
CA LYS A 2602 28.30 58.08 -10.55
C LYS A 2602 28.53 59.58 -10.56
N ALA A 2603 29.58 60.06 -9.86
CA ALA A 2603 29.87 61.49 -9.87
C ALA A 2603 30.34 61.96 -11.23
N LYS A 2604 31.21 61.19 -11.89
CA LYS A 2604 31.71 61.59 -13.20
C LYS A 2604 30.66 61.39 -14.29
N ALA A 2605 29.66 60.54 -14.05
CA ALA A 2605 28.52 60.50 -14.96
C ALA A 2605 27.60 61.68 -14.74
N SER A 2606 27.44 62.12 -13.49
CA SER A 2606 26.52 63.22 -13.21
C SER A 2606 27.07 64.56 -13.67
N LYS A 2607 28.35 64.82 -13.41
CA LYS A 2607 28.99 66.11 -13.71
C LYS A 2607 28.29 67.28 -13.04
N ARG A 2608 27.50 67.03 -12.00
CA ARG A 2608 26.79 68.09 -11.28
C ARG A 2608 26.98 68.06 -9.79
N GLY A 2609 27.61 67.02 -9.24
CA GLY A 2609 27.72 66.87 -7.80
C GLY A 2609 27.41 65.46 -7.34
N LEU A 2610 26.69 65.33 -6.23
CA LEU A 2610 26.40 64.02 -5.68
C LEU A 2610 25.11 64.10 -4.87
N SER A 2611 24.16 63.21 -5.17
CA SER A 2611 22.88 63.19 -4.47
C SER A 2611 22.95 62.28 -3.25
N PRO A 2612 22.12 62.51 -2.23
CA PRO A 2612 22.05 61.56 -1.12
C PRO A 2612 21.65 60.16 -1.56
N GLN A 2613 20.79 60.05 -2.57
CA GLN A 2613 20.46 58.74 -3.13
C GLN A 2613 21.71 58.08 -3.72
N ASP A 2614 22.59 58.88 -4.33
CA ASP A 2614 23.81 58.35 -4.93
C ASP A 2614 24.70 57.72 -3.87
N ILE A 2615 25.00 58.47 -2.80
CA ILE A 2615 25.87 57.96 -1.75
C ILE A 2615 25.22 56.79 -1.04
N THR A 2616 23.91 56.87 -0.77
CA THR A 2616 23.25 55.78 -0.07
C THR A 2616 23.25 54.50 -0.91
N HIS A 2617 23.04 54.62 -2.23
CA HIS A 2617 23.09 53.46 -3.09
C HIS A 2617 24.49 52.85 -3.13
N ALA A 2618 25.51 53.69 -3.26
CA ALA A 2618 26.88 53.17 -3.29
C ALA A 2618 27.22 52.45 -2.00
N VAL A 2619 26.95 53.09 -0.85
CA VAL A 2619 27.31 52.52 0.44
C VAL A 2619 26.54 51.24 0.70
N LEU A 2620 25.23 51.22 0.39
CA LEU A 2620 24.45 50.02 0.63
C LEU A 2620 24.87 48.89 -0.30
N ARG A 2621 25.05 49.18 -1.59
CA ARG A 2621 25.43 48.15 -2.53
C ARG A 2621 26.76 47.52 -2.17
N ASN A 2622 27.74 48.34 -1.76
CA ASN A 2622 29.04 47.80 -1.42
C ASN A 2622 29.03 47.13 -0.05
N PHE A 2623 28.51 47.81 0.95
CA PHE A 2623 28.41 47.24 2.30
C PHE A 2623 27.01 46.67 2.48
N SER A 2624 26.90 45.35 2.27
CA SER A 2624 25.62 44.66 2.36
C SER A 2624 25.90 43.19 2.67
N GLY A 2625 24.84 42.40 2.71
CA GLY A 2625 24.96 40.96 2.96
C GLY A 2625 24.86 40.54 4.40
N LYS A 2626 25.74 41.06 5.25
CA LYS A 2626 25.72 40.69 6.66
C LYS A 2626 24.46 41.22 7.33
N ASP A 2627 24.00 40.50 8.35
CA ASP A 2627 22.75 40.84 9.03
C ASP A 2627 22.96 41.80 10.18
N ASN A 2628 23.91 41.50 11.08
CA ASN A 2628 24.08 42.32 12.28
C ASN A 2628 24.97 43.52 12.03
N ILE A 2629 24.72 44.27 10.95
CA ILE A 2629 25.41 45.51 10.68
C ILE A 2629 24.45 46.50 10.04
N GLN A 2630 24.22 47.63 10.69
CA GLN A 2630 23.54 48.76 10.08
C GLN A 2630 24.58 49.68 9.42
N ALA A 2631 25.24 49.10 8.41
CA ALA A 2631 26.37 49.78 7.77
C ALA A 2631 25.94 51.11 7.16
N LEU A 2632 24.76 51.14 6.53
CA LEU A 2632 24.26 52.40 5.98
C LEU A 2632 24.08 53.43 7.08
N SER A 2633 23.53 53.03 8.23
CA SER A 2633 23.35 53.96 9.34
C SER A 2633 24.70 54.45 9.87
N ILE A 2634 25.69 53.56 9.93
CA ILE A 2634 27.01 53.96 10.41
C ILE A 2634 27.66 54.97 9.46
N PHE A 2635 27.63 54.68 8.16
CA PHE A 2635 28.21 55.61 7.20
C PHE A 2635 27.42 56.90 7.08
N THR A 2636 26.13 56.90 7.41
CA THR A 2636 25.37 58.14 7.44
C THR A 2636 25.52 58.86 8.79
N ALA A 2637 26.07 58.20 9.80
CA ALA A 2637 26.42 58.89 11.03
C ALA A 2637 27.59 59.83 10.81
N SER A 2638 28.63 59.35 10.12
CA SER A 2638 29.77 60.21 9.81
C SER A 2638 29.40 61.26 8.76
N LEU A 2639 28.39 60.99 7.95
CA LEU A 2639 27.86 61.93 6.96
C LEU A 2639 26.37 62.12 7.21
N PRO A 2640 26.00 62.87 8.24
CA PRO A 2640 24.57 63.09 8.51
C PRO A 2640 23.87 63.82 7.36
N GLU A 2641 24.58 64.65 6.61
CA GLU A 2641 23.98 65.30 5.45
C GLU A 2641 23.58 64.29 4.38
N ALA A 2642 24.28 63.16 4.29
CA ALA A 2642 23.96 62.12 3.30
C ALA A 2642 22.97 61.12 3.89
N ARG A 2643 21.89 61.64 4.44
CA ARG A 2643 20.81 60.83 5.01
C ARG A 2643 19.71 60.64 3.97
N TYR A 2644 19.28 59.39 3.80
CA TYR A 2644 18.21 59.05 2.87
C TYR A 2644 16.96 58.67 3.67
N LYS A 2645 15.87 59.39 3.44
CA LYS A 2645 14.60 59.09 4.09
C LYS A 2645 13.71 58.19 3.24
N GLU A 2646 13.97 58.08 1.94
CA GLU A 2646 13.21 57.19 1.08
C GLU A 2646 13.67 55.75 1.27
N GLU A 2647 12.86 54.81 0.80
CA GLU A 2647 13.16 53.40 0.99
C GLU A 2647 14.04 52.87 -0.15
N VAL A 2648 14.81 51.83 0.15
CA VAL A 2648 15.69 51.19 -0.81
C VAL A 2648 15.47 49.67 -0.73
N SER A 2649 15.27 49.04 -1.88
CA SER A 2649 15.01 47.63 -1.97
C SER A 2649 16.16 46.90 -2.65
N THR A 2650 16.21 45.58 -2.46
CA THR A 2650 17.31 44.78 -2.97
C THR A 2650 17.19 44.48 -4.46
N VAL A 2651 15.96 44.41 -4.99
CA VAL A 2651 15.79 44.02 -6.38
C VAL A 2651 16.42 45.06 -7.32
N GLU A 2652 16.17 46.35 -7.04
CA GLU A 2652 16.81 47.39 -7.83
C GLU A 2652 18.33 47.37 -7.65
N LEU A 2653 18.80 47.05 -6.45
CA LEU A 2653 20.23 46.94 -6.23
C LEU A 2653 20.85 45.86 -7.11
N ILE A 2654 20.18 44.71 -7.21
CA ILE A 2654 20.66 43.64 -8.08
C ILE A 2654 20.65 44.10 -9.53
N LYS A 2655 19.56 44.77 -9.95
CA LYS A 2655 19.43 45.13 -11.36
C LYS A 2655 20.46 46.19 -11.76
N GLN A 2656 20.82 47.09 -10.84
CA GLN A 2656 21.87 48.05 -11.19
C GLN A 2656 23.27 47.54 -10.87
N ASN A 2657 23.41 46.40 -10.19
CA ASN A 2657 24.71 45.73 -10.20
C ASN A 2657 24.94 45.05 -11.53
N ILE A 2658 23.94 44.34 -12.03
CA ILE A 2658 24.10 43.58 -13.28
C ILE A 2658 24.05 44.50 -14.49
N TYR A 2659 22.95 45.24 -14.65
CA TYR A 2659 22.80 46.14 -15.79
C TYR A 2659 23.55 47.44 -15.50
N PRO A 2660 24.51 47.82 -16.33
CA PRO A 2660 25.17 49.12 -16.17
C PRO A 2660 24.39 50.21 -16.91
N GLY A 2661 24.93 51.43 -16.84
CA GLY A 2661 24.34 52.56 -17.51
C GLY A 2661 24.76 52.66 -18.97
N PRO A 2662 23.92 53.30 -19.80
CA PRO A 2662 24.27 53.43 -21.22
C PRO A 2662 25.58 54.17 -21.45
N GLN A 2663 25.87 55.22 -20.67
CA GLN A 2663 27.11 55.94 -20.83
C GLN A 2663 28.29 55.22 -20.19
N ALA A 2664 28.04 54.37 -19.21
CA ALA A 2664 29.12 53.68 -18.52
C ALA A 2664 29.82 52.70 -19.45
N SER A 2665 31.13 52.56 -19.24
CA SER A 2665 31.97 51.65 -20.03
C SER A 2665 31.89 51.96 -21.52
N SER A 2666 31.86 53.26 -21.86
CA SER A 2666 31.80 53.71 -23.24
C SER A 2666 32.87 54.74 -23.57
N ARG A 2667 33.70 55.11 -22.59
CA ARG A 2667 34.78 56.07 -22.81
C ARG A 2667 36.08 55.31 -23.10
N GLY A 2668 37.18 56.04 -23.28
CA GLY A 2668 38.46 55.41 -23.52
C GLY A 2668 38.92 54.59 -22.33
N LEU A 2669 38.98 53.27 -22.53
CA LEU A 2669 39.29 52.30 -21.48
C LEU A 2669 38.20 52.26 -20.42
N ASP A 2670 38.07 51.14 -19.72
CA ASP A 2670 37.06 50.97 -18.68
C ASP A 2670 37.76 50.55 -17.40
N GLY A 2671 37.79 51.46 -16.42
CA GLY A 2671 38.46 51.18 -15.16
C GLY A 2671 37.54 51.24 -13.95
N ALA A 2672 36.27 51.61 -14.18
CA ALA A 2672 35.28 51.70 -13.12
C ALA A 2672 34.19 50.66 -13.37
N GLU A 2673 34.03 49.74 -12.42
CA GLU A 2673 33.11 48.63 -12.58
C GLU A 2673 32.92 47.93 -11.23
N SER A 2674 31.75 47.30 -11.09
CA SER A 2674 31.40 46.60 -9.86
C SER A 2674 31.99 45.19 -9.85
N ARG A 2675 31.99 44.58 -8.68
CA ARG A 2675 32.46 43.20 -8.53
C ARG A 2675 31.38 42.23 -8.99
N TYR A 2676 31.78 40.98 -9.23
CA TYR A 2676 30.84 39.95 -9.66
C TYR A 2676 29.91 39.60 -8.51
N LEU A 2677 28.61 39.60 -8.79
CA LEU A 2677 27.60 39.63 -7.74
C LEU A 2677 27.42 38.26 -7.07
N LEU A 2678 27.00 38.29 -5.81
CA LEU A 2678 26.57 37.12 -5.07
C LEU A 2678 25.16 37.35 -4.57
N VAL A 2679 24.34 36.30 -4.61
CA VAL A 2679 23.01 36.30 -4.00
C VAL A 2679 23.00 35.30 -2.86
N LEU A 2680 22.75 35.79 -1.65
CA LEU A 2680 22.59 34.96 -0.48
C LEU A 2680 21.11 34.60 -0.32
N THR A 2681 20.82 33.31 -0.20
CA THR A 2681 19.44 32.86 -0.10
C THR A 2681 19.40 31.56 0.69
N ARG A 2682 18.21 31.19 1.16
CA ARG A 2682 18.02 29.89 1.78
C ARG A 2682 16.94 29.12 1.04
N ASN A 2683 17.03 27.79 1.11
CA ASN A 2683 16.14 26.87 0.39
C ASN A 2683 16.34 26.94 -1.12
N TYR A 2684 17.47 27.52 -1.54
CA TYR A 2684 17.83 27.61 -2.96
C TYR A 2684 16.69 28.20 -3.79
N VAL A 2685 16.28 29.41 -3.43
CA VAL A 2685 15.13 30.05 -4.06
C VAL A 2685 15.56 31.23 -4.94
N ALA A 2686 16.82 31.66 -4.82
CA ALA A 2686 17.27 32.83 -5.57
C ALA A 2686 17.08 32.65 -7.08
N LEU A 2687 17.40 31.45 -7.59
CA LEU A 2687 17.27 31.19 -9.02
C LEU A 2687 15.85 31.46 -9.51
N GLN A 2688 14.85 31.15 -8.68
CA GLN A 2688 13.46 31.33 -9.09
C GLN A 2688 13.18 32.79 -9.46
N ILE A 2689 13.30 33.71 -8.48
CA ILE A 2689 13.00 35.11 -8.75
C ILE A 2689 13.97 35.70 -9.76
N LEU A 2690 15.23 35.26 -9.72
CA LEU A 2690 16.22 35.74 -10.68
C LEU A 2690 15.80 35.42 -12.11
N GLN A 2691 15.21 34.24 -12.32
CA GLN A 2691 14.69 33.89 -13.63
C GLN A 2691 13.37 34.59 -13.92
N GLN A 2692 12.58 34.87 -12.90
CA GLN A 2692 11.24 35.43 -13.13
C GLN A 2692 11.31 36.90 -13.53
N THR A 2693 11.90 37.75 -12.68
CA THR A 2693 11.76 39.19 -12.88
C THR A 2693 12.98 39.86 -13.51
N PHE A 2694 14.19 39.37 -13.25
CA PHE A 2694 15.39 40.08 -13.70
C PHE A 2694 15.78 39.75 -15.15
N PHE A 2695 15.78 38.47 -15.51
CA PHE A 2695 16.33 38.07 -16.80
C PHE A 2695 15.40 38.51 -17.94
N GLU A 2696 15.73 39.63 -18.56
CA GLU A 2696 14.92 40.22 -19.62
C GLU A 2696 15.78 40.49 -20.84
N GLY A 2697 15.25 40.13 -22.02
CA GLY A 2697 15.99 40.29 -23.26
C GLY A 2697 16.81 39.08 -23.64
N GLN A 2698 17.87 38.82 -22.89
CA GLN A 2698 18.72 37.66 -23.10
C GLN A 2698 18.73 36.82 -21.84
N GLN A 2699 18.62 35.51 -21.99
CA GLN A 2699 18.51 34.62 -20.83
C GLN A 2699 19.88 34.04 -20.50
N PRO A 2700 20.32 34.09 -19.25
CA PRO A 2700 21.67 33.64 -18.90
C PRO A 2700 21.87 32.14 -18.98
N GLU A 2701 23.12 31.71 -18.91
CA GLU A 2701 23.51 30.30 -18.90
C GLU A 2701 23.87 29.89 -17.49
N ILE A 2702 23.34 28.74 -17.06
CA ILE A 2702 23.55 28.27 -15.70
C ILE A 2702 24.70 27.29 -15.66
N ILE A 2703 25.79 27.68 -15.00
CA ILE A 2703 26.97 26.84 -14.86
C ILE A 2703 26.89 26.14 -13.51
N PHE A 2704 26.43 24.90 -13.53
CA PHE A 2704 26.11 24.15 -12.31
C PHE A 2704 26.75 22.77 -12.34
N GLY A 2705 26.71 22.12 -11.18
CA GLY A 2705 27.26 20.78 -11.01
C GLY A 2705 26.33 19.67 -11.44
N SER A 2706 26.29 19.38 -12.74
CA SER A 2706 25.40 18.38 -13.30
C SER A 2706 25.45 17.08 -12.52
N SER A 2707 24.26 16.55 -12.20
CA SER A 2707 24.14 15.37 -11.35
C SER A 2707 23.72 14.12 -12.11
N PHE A 2708 23.93 14.10 -13.43
CA PHE A 2708 23.69 12.89 -14.19
C PHE A 2708 24.61 11.78 -13.66
N PRO A 2709 24.11 10.56 -13.53
CA PRO A 2709 24.85 9.53 -12.77
C PRO A 2709 26.21 9.23 -13.38
N GLN A 2710 27.17 8.97 -12.47
CA GLN A 2710 28.57 8.65 -12.78
C GLN A 2710 29.16 9.53 -13.90
N ASP A 2711 28.80 10.82 -13.91
CA ASP A 2711 29.57 11.77 -14.69
C ASP A 2711 30.86 12.10 -13.96
N GLN A 2712 31.86 12.52 -14.73
CA GLN A 2712 33.16 12.86 -14.15
C GLN A 2712 33.17 14.32 -13.73
N GLU A 2713 33.60 14.57 -12.51
CA GLU A 2713 33.60 15.93 -11.98
C GLU A 2713 34.64 16.80 -12.69
N TYR A 2714 35.78 16.21 -13.05
CA TYR A 2714 36.83 17.01 -13.70
C TYR A 2714 36.41 17.42 -15.10
N THR A 2715 35.85 16.48 -15.87
CA THR A 2715 35.34 16.83 -17.19
C THR A 2715 34.19 17.83 -17.10
N GLN A 2716 33.32 17.65 -16.10
CA GLN A 2716 32.21 18.58 -15.92
C GLN A 2716 32.70 19.99 -15.63
N ILE A 2717 33.67 20.13 -14.72
CA ILE A 2717 34.17 21.48 -14.42
C ILE A 2717 34.98 22.04 -15.58
N CYS A 2718 35.68 21.19 -16.34
CA CYS A 2718 36.39 21.67 -17.52
C CYS A 2718 35.42 22.25 -18.52
N ARG A 2719 34.31 21.56 -18.78
CA ARG A 2719 33.31 22.10 -19.69
C ARG A 2719 32.64 23.32 -19.10
N ASN A 2720 32.46 23.37 -17.78
CA ASN A 2720 31.88 24.54 -17.14
C ASN A 2720 32.75 25.77 -17.36
N ILE A 2721 34.06 25.61 -17.18
CA ILE A 2721 34.97 26.73 -17.38
C ILE A 2721 35.06 27.09 -18.86
N ASN A 2722 34.97 26.09 -19.74
CA ASN A 2722 34.91 26.41 -21.17
C ASN A 2722 33.67 27.24 -21.48
N ARG A 2723 32.52 26.88 -20.89
CA ARG A 2723 31.29 27.63 -21.12
C ARG A 2723 31.40 29.05 -20.59
N VAL A 2724 31.97 29.23 -19.40
CA VAL A 2724 32.08 30.59 -18.85
C VAL A 2724 33.03 31.41 -19.71
N LYS A 2725 34.10 30.78 -20.22
CA LYS A 2725 35.03 31.48 -21.09
C LYS A 2725 34.37 31.91 -22.40
N ILE A 2726 33.55 31.03 -22.98
CA ILE A 2726 32.79 31.41 -24.17
C ILE A 2726 31.84 32.56 -23.87
N CYS A 2727 31.23 32.55 -22.68
CA CYS A 2727 30.35 33.64 -22.30
C CYS A 2727 31.11 34.94 -22.12
N MET A 2728 32.37 34.87 -21.65
CA MET A 2728 33.21 36.06 -21.63
C MET A 2728 33.49 36.55 -23.05
N GLU A 2729 33.82 35.64 -23.96
CA GLU A 2729 34.16 36.06 -25.31
C GLU A 2729 32.95 36.63 -26.05
N THR A 2730 31.75 36.19 -25.70
CA THR A 2730 30.53 36.62 -26.38
C THR A 2730 29.87 37.82 -25.73
N GLY A 2731 29.78 37.85 -24.40
CA GLY A 2731 29.12 38.93 -23.71
C GLY A 2731 27.80 38.54 -23.11
N LYS A 2732 27.72 37.32 -22.55
CA LYS A 2732 26.49 36.75 -22.05
C LYS A 2732 26.67 36.34 -20.59
N MET A 2733 25.70 36.69 -19.75
CA MET A 2733 25.83 36.56 -18.32
C MET A 2733 25.86 35.10 -17.89
N VAL A 2734 26.65 34.81 -16.86
CA VAL A 2734 26.79 33.46 -16.29
C VAL A 2734 26.22 33.45 -14.89
N VAL A 2735 25.43 32.43 -14.58
CA VAL A 2735 24.87 32.25 -13.24
C VAL A 2735 25.49 30.98 -12.67
N LEU A 2736 26.60 31.15 -11.93
CA LEU A 2736 27.24 30.01 -11.27
C LEU A 2736 26.40 29.52 -10.11
N LEU A 2737 26.47 28.22 -9.86
CA LEU A 2737 25.85 27.60 -8.69
C LEU A 2737 26.88 26.88 -7.83
N ASN A 2738 28.16 27.04 -8.16
CA ASN A 2738 29.21 26.22 -7.56
C ASN A 2738 30.52 27.01 -7.45
N LEU A 2739 30.92 27.35 -6.23
CA LEU A 2739 32.20 27.98 -6.00
C LEU A 2739 33.12 27.22 -5.07
N GLN A 2740 32.74 26.01 -4.65
CA GLN A 2740 33.68 25.17 -3.90
C GLN A 2740 34.61 24.41 -4.82
N ASN A 2741 34.35 24.39 -6.13
CA ASN A 2741 35.23 23.78 -7.11
C ASN A 2741 35.56 24.69 -8.28
N LEU A 2742 34.77 25.74 -8.51
CA LEU A 2742 35.04 26.72 -9.56
C LEU A 2742 35.64 28.01 -9.00
N TYR A 2743 36.34 27.93 -7.88
CA TYR A 2743 37.04 29.09 -7.33
C TYR A 2743 38.55 29.01 -7.49
N GLU A 2744 39.12 27.81 -7.43
CA GLU A 2744 40.52 27.64 -7.81
C GLU A 2744 40.75 27.95 -9.28
N SER A 2745 39.70 27.89 -10.10
CA SER A 2745 39.79 28.14 -11.53
C SER A 2745 39.23 29.49 -11.94
N LEU A 2746 38.77 30.29 -10.98
CA LEU A 2746 38.15 31.58 -11.30
C LEU A 2746 38.55 32.71 -10.37
N TYR A 2747 39.47 32.49 -9.43
CA TYR A 2747 39.77 33.52 -8.44
C TYR A 2747 40.37 34.76 -9.10
N ASP A 2748 41.25 34.58 -10.08
CA ASP A 2748 41.84 35.72 -10.77
C ASP A 2748 40.83 36.45 -11.65
N ALA A 2749 39.85 35.73 -12.20
CA ALA A 2749 38.80 36.39 -12.96
C ALA A 2749 37.87 37.18 -12.05
N LEU A 2750 37.71 36.75 -10.79
CA LEU A 2750 36.89 37.48 -9.85
C LEU A 2750 37.59 38.75 -9.39
N ASN A 2751 38.93 38.75 -9.39
CA ASN A 2751 39.70 39.94 -9.06
C ASN A 2751 39.36 41.09 -9.99
N GLN A 2752 39.03 40.79 -11.24
CA GLN A 2752 38.52 41.76 -12.21
C GLN A 2752 39.57 42.82 -12.52
N TYR A 2753 40.81 42.36 -12.76
CA TYR A 2753 41.90 43.18 -13.24
C TYR A 2753 42.40 42.58 -14.55
N TYR A 2754 42.49 43.42 -15.57
CA TYR A 2754 42.69 42.97 -16.94
C TYR A 2754 44.08 43.36 -17.44
N VAL A 2755 44.64 42.51 -18.30
CA VAL A 2755 45.87 42.85 -19.02
C VAL A 2755 45.44 43.24 -20.44
N TYR A 2756 45.50 44.52 -20.73
CA TYR A 2756 45.03 45.01 -22.03
C TYR A 2756 46.02 44.66 -23.14
N LEU A 2757 45.46 44.30 -24.29
CA LEU A 2757 46.23 44.04 -25.51
C LEU A 2757 45.35 44.50 -26.67
N GLY A 2758 45.67 45.66 -27.24
CA GLY A 2758 44.84 46.23 -28.27
C GLY A 2758 43.47 46.65 -27.79
N GLY A 2759 43.37 47.13 -26.55
CA GLY A 2759 42.10 47.59 -26.02
C GLY A 2759 41.14 46.50 -25.62
N GLN A 2760 41.61 45.27 -25.41
CA GLN A 2760 40.76 44.15 -25.04
C GLN A 2760 41.23 43.58 -23.71
N LYS A 2761 40.27 43.31 -22.83
CA LYS A 2761 40.54 42.84 -21.48
C LYS A 2761 40.77 41.34 -21.48
N TYR A 2762 41.85 40.89 -20.85
CA TYR A 2762 42.18 39.47 -20.76
C TYR A 2762 42.37 39.10 -19.28
N VAL A 2763 41.42 38.36 -18.74
CA VAL A 2763 41.53 37.87 -17.37
C VAL A 2763 42.35 36.59 -17.37
N ASP A 2764 42.76 36.12 -16.20
CA ASP A 2764 43.45 34.85 -16.08
C ASP A 2764 42.43 33.76 -15.82
N LEU A 2765 42.41 32.74 -16.68
CA LEU A 2765 41.59 31.55 -16.50
C LEU A 2765 42.51 30.34 -16.52
N GLY A 2766 42.36 29.46 -15.55
CA GLY A 2766 43.25 28.32 -15.41
C GLY A 2766 42.55 27.12 -14.84
N LEU A 2767 43.04 25.95 -15.21
CA LEU A 2767 42.54 24.67 -14.71
C LEU A 2767 43.72 23.92 -14.11
N GLY A 2768 43.87 23.99 -12.79
CA GLY A 2768 44.95 23.28 -12.14
C GLY A 2768 46.23 24.09 -12.13
N THR A 2769 47.11 23.85 -13.11
CA THR A 2769 48.40 24.52 -13.19
C THR A 2769 48.57 25.26 -14.52
N HIS A 2770 47.53 25.31 -15.35
CA HIS A 2770 47.62 25.87 -16.70
C HIS A 2770 46.76 27.13 -16.75
N ARG A 2771 47.39 28.28 -16.51
CA ARG A 2771 46.72 29.58 -16.48
C ARG A 2771 47.04 30.35 -17.76
N VAL A 2772 46.00 30.80 -18.46
CA VAL A 2772 46.17 31.58 -19.68
C VAL A 2772 45.23 32.79 -19.64
N LYS A 2773 45.57 33.79 -20.45
CA LYS A 2773 44.79 35.02 -20.50
C LYS A 2773 43.66 34.92 -21.52
N CYS A 2774 42.44 34.79 -21.02
CA CYS A 2774 41.24 34.66 -21.84
C CYS A 2774 40.51 35.99 -21.91
N ARG A 2775 40.00 36.31 -23.10
CA ARG A 2775 39.34 37.59 -23.32
C ARG A 2775 38.04 37.67 -22.53
N VAL A 2776 37.67 38.90 -22.18
CA VAL A 2776 36.43 39.20 -21.46
C VAL A 2776 35.72 40.32 -22.19
N HIS A 2777 34.43 40.15 -22.42
CA HIS A 2777 33.65 41.16 -23.12
C HIS A 2777 33.45 42.39 -22.24
N THR A 2778 33.05 43.48 -22.88
CA THR A 2778 32.73 44.69 -22.13
C THR A 2778 31.56 44.46 -21.18
N ALA A 2779 30.55 43.70 -21.63
CA ALA A 2779 29.35 43.42 -20.85
C ALA A 2779 29.28 41.92 -20.58
N PHE A 2780 29.91 41.48 -19.50
CA PHE A 2780 29.85 40.11 -19.03
C PHE A 2780 29.72 40.13 -17.52
N ARG A 2781 28.60 39.66 -17.01
CA ARG A 2781 28.32 39.70 -15.58
C ARG A 2781 28.23 38.29 -15.01
N LEU A 2782 28.84 38.10 -13.85
CA LEU A 2782 28.89 36.80 -13.19
C LEU A 2782 28.10 36.86 -11.89
N ILE A 2783 27.14 35.94 -11.74
CA ILE A 2783 26.27 35.88 -10.59
C ILE A 2783 26.50 34.55 -9.89
N VAL A 2784 26.97 34.59 -8.66
CA VAL A 2784 27.05 33.42 -7.80
C VAL A 2784 25.79 33.37 -6.96
N ILE A 2785 25.32 32.16 -6.68
CA ILE A 2785 24.12 31.93 -5.87
C ILE A 2785 24.52 30.99 -4.76
N GLU A 2786 24.26 31.37 -3.51
CA GLU A 2786 24.74 30.52 -2.43
C GLU A 2786 23.81 30.62 -1.22
N GLU A 2787 23.84 29.58 -0.41
CA GLU A 2787 23.06 29.51 0.82
C GLU A 2787 23.77 30.24 1.95
N LYS A 2788 22.98 30.84 2.85
CA LYS A 2788 23.55 31.69 3.89
C LYS A 2788 24.48 30.92 4.82
N ASP A 2789 24.07 29.73 5.25
CA ASP A 2789 24.88 28.96 6.18
C ASP A 2789 26.23 28.58 5.57
N VAL A 2790 26.22 28.08 4.34
CA VAL A 2790 27.45 27.57 3.73
C VAL A 2790 28.41 28.72 3.44
N VAL A 2791 27.89 29.88 3.01
CA VAL A 2791 28.77 31.02 2.80
C VAL A 2791 29.31 31.53 4.13
N TYR A 2792 28.50 31.50 5.19
CA TYR A 2792 28.94 32.06 6.46
C TYR A 2792 29.79 31.11 7.29
N LYS A 2793 29.95 29.84 6.86
CA LYS A 2793 30.86 28.96 7.60
C LYS A 2793 31.79 28.14 6.73
N GLN A 2794 31.71 28.26 5.40
CA GLN A 2794 32.65 27.51 4.56
C GLN A 2794 33.33 28.37 3.50
N PHE A 2795 32.78 29.54 3.19
CA PHE A 2795 33.44 30.43 2.25
C PHE A 2795 34.74 30.94 2.88
N PRO A 2796 35.79 31.10 2.08
CA PRO A 2796 37.13 31.31 2.63
C PRO A 2796 37.37 32.66 3.29
N VAL A 2797 36.49 33.64 3.08
CA VAL A 2797 36.46 35.04 3.56
C VAL A 2797 37.00 36.02 2.51
N PRO A 2798 38.20 35.87 1.94
CA PRO A 2798 38.56 36.76 0.82
C PRO A 2798 37.62 36.62 -0.36
N LEU A 2799 37.00 35.46 -0.55
CA LEU A 2799 35.99 35.31 -1.59
C LEU A 2799 34.78 36.20 -1.30
N ILE A 2800 34.46 36.40 -0.02
CA ILE A 2800 33.39 37.31 0.34
C ILE A 2800 33.71 38.73 -0.10
N ASN A 2801 34.89 39.22 0.25
CA ASN A 2801 35.29 40.55 -0.16
C ASN A 2801 35.44 40.65 -1.68
N ARG A 2802 35.72 39.52 -2.33
CA ARG A 2802 35.95 39.51 -3.77
C ARG A 2802 34.65 39.77 -4.52
N LEU A 2803 33.53 39.38 -3.94
CA LEU A 2803 32.21 39.49 -4.57
C LEU A 2803 31.38 40.56 -3.86
N GLU A 2804 30.26 40.92 -4.48
CA GLU A 2804 29.37 41.97 -3.98
C GLU A 2804 28.15 41.31 -3.35
N LYS A 2805 28.23 41.11 -2.04
CA LYS A 2805 27.20 40.37 -1.31
C LYS A 2805 25.85 41.09 -1.38
N HIS A 2806 24.79 40.29 -1.54
CA HIS A 2806 23.42 40.79 -1.52
C HIS A 2806 22.54 39.69 -0.97
N TYR A 2807 21.32 40.08 -0.55
CA TYR A 2807 20.35 39.13 0.00
C TYR A 2807 19.01 39.34 -0.69
N LEU A 2808 18.61 38.36 -1.49
CA LEU A 2808 17.28 38.33 -2.11
C LEU A 2808 16.82 36.87 -2.06
N ASP A 2809 16.13 36.52 -0.98
CA ASP A 2809 15.72 35.14 -0.76
C ASP A 2809 14.23 34.91 -1.03
N MET A 2810 13.35 35.44 -0.19
CA MET A 2810 11.91 35.44 -0.47
C MET A 2810 11.19 36.71 -0.09
N ASN A 2811 11.67 37.47 0.90
CA ASN A 2811 10.93 38.62 1.41
C ASN A 2811 11.42 39.95 0.86
N THR A 2812 12.63 39.99 0.31
CA THR A 2812 13.10 41.21 -0.33
C THR A 2812 12.29 41.51 -1.59
N VAL A 2813 11.82 40.46 -2.28
CA VAL A 2813 11.04 40.66 -3.49
C VAL A 2813 9.54 40.54 -3.20
N LEU A 2814 9.17 40.02 -2.04
CA LEU A 2814 7.76 39.87 -1.69
C LEU A 2814 7.33 41.06 -0.84
N GLN A 2815 6.73 42.06 -1.49
CA GLN A 2815 6.23 43.23 -0.77
C GLN A 2815 5.03 42.83 0.09
N PRO A 2816 4.72 43.61 1.14
CA PRO A 2816 3.79 43.12 2.17
C PRO A 2816 2.42 42.71 1.66
N TRP A 2817 1.88 43.38 0.65
CA TRP A 2817 0.59 42.96 0.12
C TRP A 2817 0.68 41.59 -0.55
N GLN A 2818 1.82 41.28 -1.17
CA GLN A 2818 2.03 39.92 -1.66
C GLN A 2818 2.15 38.93 -0.51
N LYS A 2819 2.67 39.35 0.64
CA LYS A 2819 2.66 38.49 1.81
C LYS A 2819 1.24 38.20 2.29
N SER A 2820 0.38 39.23 2.26
CA SER A 2820 -1.02 39.00 2.56
C SER A 2820 -1.63 38.03 1.56
N ILE A 2821 -1.25 38.15 0.29
CA ILE A 2821 -1.78 37.26 -0.73
C ILE A 2821 -1.35 35.82 -0.48
N VAL A 2822 -0.09 35.60 -0.11
CA VAL A 2822 0.35 34.22 0.11
C VAL A 2822 -0.33 33.63 1.34
N GLN A 2823 -0.53 34.44 2.39
CA GLN A 2823 -1.26 33.94 3.56
C GLN A 2823 -2.71 33.59 3.20
N GLU A 2824 -3.38 34.49 2.47
CA GLU A 2824 -4.76 34.24 2.05
C GLU A 2824 -4.85 33.01 1.17
N LEU A 2825 -3.88 32.84 0.26
CA LEU A 2825 -3.87 31.68 -0.62
C LEU A 2825 -3.62 30.39 0.15
N GLN A 2826 -2.76 30.42 1.16
CA GLN A 2826 -2.56 29.23 1.98
C GLN A 2826 -3.84 28.88 2.74
N GLN A 2827 -4.55 29.89 3.24
CA GLN A 2827 -5.85 29.62 3.87
C GLN A 2827 -6.85 29.02 2.87
N TRP A 2828 -6.93 29.59 1.67
CA TRP A 2828 -7.87 29.10 0.68
C TRP A 2828 -7.50 27.70 0.22
N ALA A 2829 -6.20 27.39 0.17
CA ALA A 2829 -5.77 26.04 -0.17
C ALA A 2829 -6.11 25.05 0.94
N HIS A 2830 -5.91 25.45 2.20
CA HIS A 2830 -6.25 24.56 3.31
C HIS A 2830 -7.75 24.31 3.36
N GLU A 2831 -8.55 25.27 2.91
CA GLU A 2831 -10.00 25.06 2.85
C GLU A 2831 -10.43 24.28 1.60
N PHE A 2832 -9.71 24.46 0.49
CA PHE A 2832 -9.93 23.63 -0.69
C PHE A 2832 -9.67 22.17 -0.37
N ALA A 2833 -8.61 21.90 0.41
CA ALA A 2833 -8.33 20.54 0.85
C ALA A 2833 -9.28 20.09 1.95
N ASP A 2834 -9.79 21.02 2.75
CA ASP A 2834 -10.68 20.67 3.86
C ASP A 2834 -12.09 20.43 3.32
N VAL A 2835 -12.40 19.18 3.03
CA VAL A 2835 -13.71 18.78 2.53
C VAL A 2835 -14.28 17.72 3.45
N LYS A 2836 -15.56 17.88 3.80
CA LYS A 2836 -16.27 16.87 4.56
C LYS A 2836 -17.50 16.47 3.74
N ALA A 2837 -17.51 15.22 3.28
CA ALA A 2837 -18.58 14.73 2.43
C ALA A 2837 -19.12 13.43 3.00
N ASP A 2838 -20.41 13.21 2.79
CA ASP A 2838 -21.11 12.04 3.30
C ASP A 2838 -21.46 11.05 2.20
N GLN A 2839 -20.91 11.25 1.00
CA GLN A 2839 -21.19 10.33 -0.10
C GLN A 2839 -20.67 8.93 0.23
N PHE A 2840 -19.42 8.83 0.65
CA PHE A 2840 -18.83 7.57 1.08
C PHE A 2840 -18.66 7.60 2.59
N ILE A 2841 -18.77 6.41 3.20
CA ILE A 2841 -18.67 6.29 4.67
C ILE A 2841 -17.18 6.16 4.96
N ALA A 2842 -16.51 7.31 5.05
CA ALA A 2842 -15.08 7.37 5.28
C ALA A 2842 -14.70 8.78 5.69
N ARG A 2843 -13.96 8.89 6.79
CA ARG A 2843 -13.47 10.16 7.30
C ARG A 2843 -11.97 10.21 7.01
N HIS A 2844 -11.62 10.66 5.81
CA HIS A 2844 -10.24 10.77 5.37
C HIS A 2844 -9.91 12.26 5.21
N LYS A 2845 -9.06 12.76 6.10
CA LYS A 2845 -8.67 14.17 6.05
C LYS A 2845 -7.67 14.38 4.93
N TYR A 2846 -7.83 15.47 4.18
CA TYR A 2846 -6.94 15.79 3.07
C TYR A 2846 -6.17 17.08 3.36
N SER A 2847 -4.85 16.96 3.39
CA SER A 2847 -3.95 18.10 3.41
C SER A 2847 -3.91 18.74 2.03
N PRO A 2848 -3.49 20.00 1.93
CA PRO A 2848 -3.27 20.59 0.60
C PRO A 2848 -2.21 19.87 -0.20
N ALA A 2849 -1.34 19.09 0.44
CA ALA A 2849 -0.40 18.26 -0.29
C ALA A 2849 -1.12 17.20 -1.13
N ASP A 2850 -2.15 16.56 -0.55
CA ASP A 2850 -2.87 15.51 -1.27
C ASP A 2850 -3.68 16.08 -2.43
N VAL A 2851 -4.39 17.18 -2.19
CA VAL A 2851 -5.25 17.77 -3.21
C VAL A 2851 -4.41 18.43 -4.30
N PHE A 2852 -3.65 19.46 -3.93
CA PHE A 2852 -2.74 20.11 -4.86
C PHE A 2852 -1.46 19.29 -4.92
N ILE A 2853 -1.30 18.53 -6.00
CA ILE A 2853 -0.08 17.76 -6.17
C ILE A 2853 1.10 18.71 -6.34
N GLY A 2854 2.14 18.50 -5.54
CA GLY A 2854 3.23 19.45 -5.51
C GLY A 2854 2.97 20.64 -4.61
N TYR A 2855 2.55 20.39 -3.38
CA TYR A 2855 2.34 21.42 -2.38
C TYR A 2855 3.23 21.10 -1.19
N HIS A 2856 4.06 22.06 -0.78
CA HIS A 2856 5.09 21.78 0.22
C HIS A 2856 5.24 22.89 1.26
N SER A 2857 4.21 23.70 1.47
CA SER A 2857 4.08 24.73 2.50
C SER A 2857 4.95 25.95 2.20
N ASP A 2858 5.80 25.90 1.18
CA ASP A 2858 6.45 27.09 0.64
C ASP A 2858 5.94 27.42 -0.75
N ALA A 2859 4.84 26.79 -1.18
CA ALA A 2859 4.43 26.87 -2.58
C ALA A 2859 3.60 28.11 -2.87
N CYS A 2860 2.82 28.58 -1.89
CA CYS A 2860 1.91 29.70 -2.15
C CYS A 2860 2.69 30.97 -2.47
N ALA A 2861 3.81 31.21 -1.78
CA ALA A 2861 4.67 32.34 -2.11
C ALA A 2861 5.19 32.21 -3.54
N SER A 2862 5.58 30.99 -3.92
CA SER A 2862 6.06 30.77 -5.29
C SER A 2862 4.98 31.10 -6.30
N VAL A 2863 3.75 30.63 -6.08
CA VAL A 2863 2.69 30.83 -7.07
C VAL A 2863 2.28 32.30 -7.15
N VAL A 2864 2.26 33.02 -6.03
CA VAL A 2864 1.92 34.43 -6.11
C VAL A 2864 3.03 35.19 -6.83
N LEU A 2865 4.29 34.79 -6.60
CA LEU A 2865 5.39 35.34 -7.39
C LEU A 2865 5.14 35.13 -8.88
N GLN A 2866 4.83 33.90 -9.27
CA GLN A 2866 4.62 33.62 -10.69
C GLN A 2866 3.50 34.49 -11.25
N ALA A 2867 2.38 34.62 -10.52
CA ALA A 2867 1.25 35.37 -11.03
C ALA A 2867 1.58 36.85 -11.21
N VAL A 2868 2.23 37.46 -10.21
CA VAL A 2868 2.54 38.87 -10.36
C VAL A 2868 3.51 39.07 -11.51
N GLU A 2869 4.42 38.12 -11.73
CA GLU A 2869 5.30 38.23 -12.89
C GLU A 2869 4.53 38.07 -14.20
N ARG A 2870 3.49 37.23 -14.20
CA ARG A 2870 2.68 37.10 -15.42
C ARG A 2870 2.01 38.42 -15.76
N GLN A 2871 1.58 39.17 -14.75
CA GLN A 2871 1.00 40.48 -15.06
C GLN A 2871 2.08 41.50 -15.41
N GLY A 2872 2.94 41.82 -14.46
CA GLY A 2872 4.06 42.69 -14.70
C GLY A 2872 3.77 44.17 -14.57
N CYS A 2873 2.50 44.58 -14.55
CA CYS A 2873 2.19 46.00 -14.42
C CYS A 2873 2.58 46.51 -13.03
N ARG A 2874 2.22 45.78 -11.98
CA ARG A 2874 2.66 46.05 -10.62
C ARG A 2874 2.28 47.45 -10.16
N ASP A 2875 1.08 47.90 -10.54
CA ASP A 2875 0.54 49.17 -10.06
C ASP A 2875 -0.67 48.89 -9.18
N LEU A 2876 -0.65 49.39 -7.96
CA LEU A 2876 -1.74 49.20 -7.00
C LEU A 2876 -2.69 50.38 -7.12
N THR A 2877 -3.66 50.25 -8.04
CA THR A 2877 -4.71 51.24 -8.21
C THR A 2877 -6.08 50.60 -8.04
N GLU A 2878 -6.18 49.63 -7.14
CA GLU A 2878 -7.39 48.87 -6.81
C GLU A 2878 -7.78 47.89 -7.92
N GLU A 2879 -7.08 47.93 -9.06
CA GLU A 2879 -7.45 47.16 -10.25
C GLU A 2879 -6.60 45.91 -10.45
N LEU A 2880 -5.38 45.89 -9.93
CA LEU A 2880 -4.47 44.78 -10.21
C LEU A 2880 -4.49 43.72 -9.11
N TYR A 2881 -4.89 44.09 -7.89
CA TYR A 2881 -4.92 43.13 -6.79
C TYR A 2881 -5.91 42.01 -7.08
N ARG A 2882 -7.09 42.36 -7.59
CA ARG A 2882 -8.07 41.35 -7.96
C ARG A 2882 -7.52 40.38 -8.99
N LYS A 2883 -6.83 40.92 -10.01
CA LYS A 2883 -6.32 40.07 -11.07
C LYS A 2883 -5.19 39.17 -10.59
N VAL A 2884 -4.32 39.68 -9.71
CA VAL A 2884 -3.24 38.82 -9.21
C VAL A 2884 -3.80 37.73 -8.31
N SER A 2885 -4.82 38.06 -7.51
CA SER A 2885 -5.47 37.02 -6.71
C SER A 2885 -6.09 35.95 -7.60
N GLU A 2886 -6.82 36.38 -8.64
CA GLU A 2886 -7.47 35.41 -9.53
C GLU A 2886 -6.44 34.58 -10.28
N GLU A 2887 -5.35 35.19 -10.74
CA GLU A 2887 -4.36 34.46 -11.51
C GLU A 2887 -3.57 33.49 -10.65
N ALA A 2888 -3.27 33.86 -9.40
CA ALA A 2888 -2.62 32.91 -8.49
C ALA A 2888 -3.57 31.78 -8.13
N ARG A 2889 -4.86 32.07 -7.98
CA ARG A 2889 -5.85 31.01 -7.76
C ARG A 2889 -5.90 30.07 -8.95
N SER A 2890 -5.87 30.63 -10.17
CA SER A 2890 -5.83 29.82 -11.37
C SER A 2890 -4.57 28.96 -11.42
N ILE A 2891 -3.44 29.52 -10.98
CA ILE A 2891 -2.19 28.75 -10.92
C ILE A 2891 -2.33 27.58 -9.97
N LEU A 2892 -2.90 27.80 -8.79
CA LEU A 2892 -2.99 26.74 -7.80
C LEU A 2892 -4.00 25.68 -8.23
N LEU A 2893 -5.06 26.09 -8.95
CA LEU A 2893 -6.01 25.12 -9.49
C LEU A 2893 -5.46 24.35 -10.68
N ASP A 2894 -4.61 24.99 -11.50
CA ASP A 2894 -4.04 24.42 -12.71
C ASP A 2894 -3.20 23.17 -12.45
N CYS A 2895 -2.87 22.88 -11.19
CA CYS A 2895 -2.10 21.70 -10.84
C CYS A 2895 -2.80 20.94 -9.72
N ALA A 2896 -4.11 20.70 -9.87
CA ALA A 2896 -4.92 20.01 -8.89
C ALA A 2896 -5.57 18.78 -9.51
N THR A 2897 -5.69 17.72 -8.73
CA THR A 2897 -6.28 16.49 -9.22
C THR A 2897 -7.75 16.70 -9.56
N PRO A 2898 -8.23 16.17 -10.70
CA PRO A 2898 -9.62 16.42 -11.10
C PRO A 2898 -10.66 15.86 -10.16
N ASP A 2899 -10.39 14.73 -9.49
CA ASP A 2899 -11.39 14.16 -8.61
C ASP A 2899 -11.70 15.10 -7.45
N ALA A 2900 -10.69 15.74 -6.88
CA ALA A 2900 -10.94 16.72 -5.84
C ALA A 2900 -11.63 17.96 -6.39
N VAL A 2901 -11.37 18.30 -7.65
CA VAL A 2901 -12.09 19.40 -8.28
C VAL A 2901 -13.57 19.10 -8.34
N VAL A 2902 -13.93 17.84 -8.62
CA VAL A 2902 -15.32 17.43 -8.56
C VAL A 2902 -15.82 17.43 -7.11
N ARG A 2903 -14.99 16.95 -6.18
CA ARG A 2903 -15.37 16.84 -4.78
C ARG A 2903 -15.51 18.20 -4.10
N LEU A 2904 -15.10 19.27 -4.79
CA LEU A 2904 -15.24 20.64 -4.29
C LEU A 2904 -16.63 20.96 -3.76
N SER A 2905 -17.64 20.19 -4.14
CA SER A 2905 -19.02 20.48 -3.75
C SER A 2905 -19.16 20.47 -2.23
N GLY A 2906 -18.65 19.43 -1.57
CA GLY A 2906 -18.78 19.33 -0.13
C GLY A 2906 -17.69 20.05 0.63
N SER A 2907 -16.83 20.75 -0.07
CA SER A 2907 -15.71 21.44 0.53
C SER A 2907 -16.16 22.75 1.18
N SER A 2908 -15.30 23.30 2.04
CA SER A 2908 -15.60 24.56 2.71
C SER A 2908 -15.68 25.72 1.72
N LEU A 2909 -15.20 25.54 0.49
CA LEU A 2909 -15.26 26.61 -0.50
C LEU A 2909 -16.67 26.79 -1.04
N GLY A 2910 -17.60 25.95 -0.63
CA GLY A 2910 -19.00 26.17 -0.96
C GLY A 2910 -19.48 25.53 -2.24
N SER A 2911 -20.36 26.22 -2.94
CA SER A 2911 -21.03 25.66 -4.12
C SER A 2911 -20.71 26.44 -5.39
N PHE A 2912 -20.92 27.76 -5.37
CA PHE A 2912 -20.70 28.56 -6.57
C PHE A 2912 -19.23 28.60 -6.94
N THR A 2913 -18.36 28.62 -5.93
CA THR A 2913 -16.92 28.55 -6.19
C THR A 2913 -16.57 27.28 -6.93
N ALA A 2914 -17.16 26.15 -6.54
CA ALA A 2914 -16.89 24.88 -7.21
C ALA A 2914 -17.31 24.94 -8.67
N LYS A 2915 -18.51 25.47 -8.94
CA LYS A 2915 -19.00 25.51 -10.32
C LYS A 2915 -18.14 26.42 -11.18
N GLN A 2916 -17.78 27.61 -10.69
CA GLN A 2916 -16.96 28.52 -11.48
C GLN A 2916 -15.56 27.97 -11.68
N LEU A 2917 -15.00 27.35 -10.64
CA LEU A 2917 -13.67 26.75 -10.75
C LEU A 2917 -13.66 25.63 -11.78
N SER A 2918 -14.68 24.76 -11.77
CA SER A 2918 -14.72 23.68 -12.76
C SER A 2918 -14.96 24.22 -14.16
N GLN A 2919 -15.79 25.27 -14.28
CA GLN A 2919 -16.01 25.88 -15.59
C GLN A 2919 -14.73 26.43 -16.17
N GLU A 2920 -13.93 27.14 -15.36
CA GLU A 2920 -12.62 27.57 -15.82
C GLU A 2920 -11.70 26.37 -16.04
N TYR A 2921 -11.91 25.30 -15.28
CA TYR A 2921 -11.05 24.12 -15.34
C TYR A 2921 -11.28 23.31 -16.60
N TYR A 2922 -12.41 23.51 -17.28
CA TYR A 2922 -12.73 22.77 -18.48
C TYR A 2922 -12.97 23.65 -19.71
N TYR A 2923 -13.20 24.95 -19.53
CA TYR A 2923 -13.46 25.85 -20.65
C TYR A 2923 -12.31 26.80 -20.92
N ALA A 2924 -11.74 27.41 -19.87
CA ALA A 2924 -10.60 28.31 -20.04
C ALA A 2924 -9.28 27.57 -19.90
N GLN A 2925 -9.25 26.46 -19.18
CA GLN A 2925 -8.07 25.65 -18.99
C GLN A 2925 -8.32 24.26 -19.56
N GLN A 2926 -7.39 23.80 -20.39
CA GLN A 2926 -7.57 22.58 -21.19
C GLN A 2926 -6.69 21.48 -20.61
N HIS A 2927 -7.30 20.56 -19.85
CA HIS A 2927 -6.57 19.45 -19.25
C HIS A 2927 -7.09 18.09 -19.69
N ASN A 2928 -7.96 18.03 -20.71
CA ASN A 2928 -8.48 16.73 -21.14
C ASN A 2928 -7.40 15.91 -21.82
N SER A 2929 -6.59 16.54 -22.66
CA SER A 2929 -5.58 15.82 -23.43
C SER A 2929 -4.29 16.62 -23.46
N PHE A 2930 -3.17 15.89 -23.45
CA PHE A 2930 -1.87 16.51 -23.73
C PHE A 2930 -1.88 17.16 -25.10
N VAL A 2931 -2.39 16.45 -26.10
CA VAL A 2931 -2.47 17.00 -27.45
C VAL A 2931 -3.42 18.19 -27.48
N ASP A 2932 -4.53 18.12 -26.74
CA ASP A 2932 -5.43 19.26 -26.67
C ASP A 2932 -4.76 20.46 -26.00
N PHE A 2933 -3.94 20.19 -24.98
CA PHE A 2933 -3.16 21.25 -24.35
C PHE A 2933 -2.26 21.94 -25.38
N LEU A 2934 -1.58 21.14 -26.21
CA LEU A 2934 -0.76 21.72 -27.27
C LEU A 2934 -1.60 22.53 -28.25
N GLN A 2935 -2.73 21.98 -28.69
CA GLN A 2935 -3.57 22.68 -29.66
C GLN A 2935 -4.05 24.02 -29.12
N ALA A 2936 -4.47 24.05 -27.86
CA ALA A 2936 -4.95 25.28 -27.25
C ALA A 2936 -3.83 26.28 -26.99
N HIS A 2937 -2.60 25.80 -26.78
CA HIS A 2937 -1.51 26.72 -26.47
C HIS A 2937 -0.86 27.33 -27.73
N LEU A 2938 -0.56 26.49 -28.72
CA LEU A 2938 0.26 26.95 -29.84
C LEU A 2938 -0.42 28.01 -30.71
N ARG A 2939 -1.76 28.05 -30.71
CA ARG A 2939 -2.45 28.95 -31.63
C ARG A 2939 -2.22 30.42 -31.26
N MET A 2940 -2.41 30.76 -29.99
CA MET A 2940 -2.39 32.16 -29.56
C MET A 2940 -0.96 32.69 -29.48
N THR A 2941 -0.83 33.99 -29.72
CA THR A 2941 0.48 34.64 -29.60
C THR A 2941 0.82 34.86 -28.12
N HIS A 2942 2.10 34.67 -27.81
CA HIS A 2942 2.61 34.79 -26.46
C HIS A 2942 2.94 36.25 -26.16
N HIS A 2943 3.60 36.49 -25.03
CA HIS A 2943 4.02 37.83 -24.64
C HIS A 2943 5.45 38.13 -25.09
N GLU A 2944 5.66 38.15 -26.42
CA GLU A 2944 6.95 38.48 -27.02
C GLU A 2944 8.06 37.59 -26.47
N CYS A 2945 7.72 36.32 -26.26
CA CYS A 2945 8.63 35.34 -25.69
C CYS A 2945 9.01 34.32 -26.76
N ARG A 2946 10.31 34.15 -26.98
CA ARG A 2946 10.82 33.31 -28.06
C ARG A 2946 11.29 31.94 -27.58
N ALA A 2947 10.93 31.55 -26.36
CA ALA A 2947 11.18 30.20 -25.86
C ALA A 2947 10.28 29.95 -24.67
N VAL A 2948 9.41 28.95 -24.76
CA VAL A 2948 8.42 28.67 -23.72
C VAL A 2948 8.43 27.17 -23.45
N PHE A 2949 8.51 26.80 -22.18
CA PHE A 2949 8.55 25.41 -21.74
C PHE A 2949 7.55 25.21 -20.61
N THR A 2950 7.04 23.99 -20.48
CA THR A 2950 6.02 23.69 -19.48
C THR A 2950 6.24 22.29 -18.93
N GLU A 2951 6.14 22.14 -17.62
CA GLU A 2951 6.33 20.85 -16.97
C GLU A 2951 4.98 20.28 -16.54
N ILE A 2952 4.86 18.95 -16.61
CA ILE A 2952 3.58 18.26 -16.54
C ILE A 2952 3.66 17.15 -15.49
N THR A 2953 2.62 17.05 -14.68
CA THR A 2953 2.47 15.99 -13.68
C THR A 2953 1.29 15.11 -14.06
N THR A 2954 1.49 13.80 -14.04
CA THR A 2954 0.48 12.86 -14.51
C THR A 2954 0.35 11.69 -13.54
N PHE A 2955 -0.83 11.08 -13.50
CA PHE A 2955 -0.99 9.80 -12.85
C PHE A 2955 -1.10 8.65 -13.84
N SER A 2956 -1.34 8.94 -15.12
CA SER A 2956 -1.48 7.90 -16.13
C SER A 2956 -0.09 7.40 -16.55
N ARG A 2957 -0.04 6.57 -17.58
CA ARG A 2957 1.21 5.96 -18.01
C ARG A 2957 1.96 6.94 -18.90
N LEU A 2958 3.29 6.86 -18.85
CA LEU A 2958 4.11 7.72 -19.71
C LEU A 2958 3.98 7.28 -21.16
N LEU A 2959 4.29 8.21 -22.07
CA LEU A 2959 4.25 7.91 -23.49
C LEU A 2959 5.22 6.77 -23.82
N THR A 2960 4.79 5.88 -24.72
CA THR A 2960 5.55 4.69 -25.06
C THR A 2960 6.36 4.83 -26.34
N GLY A 2961 5.83 5.50 -27.36
CA GLY A 2961 6.52 5.59 -28.63
C GLY A 2961 5.58 5.53 -29.82
N ASN A 2962 4.40 4.94 -29.63
CA ASN A 2962 3.34 5.01 -30.63
C ASN A 2962 2.50 6.27 -30.50
N ASP A 2963 2.66 7.03 -29.41
CA ASP A 2963 1.90 8.25 -29.23
C ASP A 2963 2.55 9.42 -29.96
N CYS A 2964 3.86 9.38 -30.15
CA CYS A 2964 4.52 10.43 -30.93
C CYS A 2964 4.04 10.42 -32.37
N ASP A 2965 3.83 9.23 -32.93
CA ASP A 2965 3.36 9.13 -34.32
C ASP A 2965 1.95 9.71 -34.46
N VAL A 2966 1.05 9.37 -33.53
CA VAL A 2966 -0.30 9.89 -33.64
C VAL A 2966 -0.32 11.39 -33.39
N LEU A 2967 0.53 11.87 -32.48
CA LEU A 2967 0.63 13.31 -32.25
C LEU A 2967 1.12 14.02 -33.51
N ALA A 2968 2.11 13.43 -34.20
CA ALA A 2968 2.59 14.01 -35.45
C ALA A 2968 1.51 13.99 -36.53
N SER A 2969 0.75 12.90 -36.63
CA SER A 2969 -0.30 12.82 -37.64
C SER A 2969 -1.38 13.88 -37.40
N GLU A 2970 -1.77 14.07 -36.14
CA GLU A 2970 -2.74 15.13 -35.84
C GLU A 2970 -2.14 16.52 -36.00
N LEU A 2971 -0.81 16.62 -36.09
CA LEU A 2971 -0.09 17.89 -36.07
C LEU A 2971 0.66 18.14 -37.37
N ARG A 2972 0.01 17.94 -38.51
CA ARG A 2972 0.67 18.11 -39.79
C ARG A 2972 1.04 19.56 -40.08
N GLY A 2973 0.57 20.52 -39.29
CA GLY A 2973 0.87 21.91 -39.56
C GLY A 2973 1.35 22.73 -38.38
N LEU A 2974 1.27 22.17 -37.17
CA LEU A 2974 1.63 22.93 -35.97
C LEU A 2974 2.87 22.37 -35.26
N ALA A 2975 3.02 21.05 -35.19
CA ALA A 2975 4.22 20.48 -34.59
C ALA A 2975 5.22 20.09 -35.69
N SER A 2976 6.38 19.59 -35.27
CA SER A 2976 7.50 19.37 -36.17
C SER A 2976 8.16 18.02 -35.90
N LYS A 2977 7.36 16.94 -35.87
CA LYS A 2977 7.88 15.58 -35.75
C LYS A 2977 8.65 15.41 -34.44
N PRO A 2978 7.96 15.35 -33.31
CA PRO A 2978 8.64 15.38 -32.01
C PRO A 2978 9.45 14.12 -31.74
N VAL A 2979 10.24 14.20 -30.67
CA VAL A 2979 11.00 13.08 -30.15
C VAL A 2979 10.70 12.96 -28.66
N VAL A 2980 10.81 11.75 -28.12
CA VAL A 2980 10.55 11.51 -26.71
C VAL A 2980 11.77 10.86 -26.08
N LEU A 2981 12.22 11.42 -24.97
CA LEU A 2981 13.40 10.94 -24.26
C LEU A 2981 13.00 10.48 -22.85
N SER A 2982 13.71 9.49 -22.34
CA SER A 2982 13.48 8.95 -21.01
C SER A 2982 14.72 9.12 -20.16
N LEU A 2983 14.55 9.58 -18.92
CA LEU A 2983 15.68 9.84 -18.04
C LEU A 2983 16.39 8.57 -17.60
N GLN A 2984 15.76 7.40 -17.76
CA GLN A 2984 16.40 6.16 -17.33
C GLN A 2984 17.60 5.81 -18.21
N GLN A 2985 17.58 6.18 -19.48
CA GLN A 2985 18.60 5.78 -20.43
C GLN A 2985 19.78 6.75 -20.52
N TYR A 2986 19.74 7.85 -19.77
CA TYR A 2986 20.70 8.94 -19.95
C TYR A 2986 21.68 8.93 -18.78
N ASP A 2987 22.88 8.45 -19.04
CA ASP A 2987 23.93 8.38 -18.03
C ASP A 2987 24.91 9.54 -18.08
N THR A 2988 24.77 10.45 -19.05
CA THR A 2988 25.73 11.51 -19.23
C THR A 2988 25.02 12.79 -19.60
N GLU A 2989 25.74 13.90 -19.48
CA GLU A 2989 25.26 15.16 -20.02
C GLU A 2989 25.14 15.08 -21.54
N TYR A 2990 26.09 14.40 -22.19
CA TYR A 2990 26.21 14.45 -23.64
C TYR A 2990 25.15 13.63 -24.36
N SER A 2991 24.65 12.54 -23.76
CA SER A 2991 23.52 11.84 -24.38
C SER A 2991 22.32 12.77 -24.50
N PHE A 2992 22.01 13.49 -23.41
CA PHE A 2992 20.98 14.52 -23.48
C PHE A 2992 21.34 15.59 -24.49
N LEU A 2993 22.61 16.01 -24.52
CA LEU A 2993 23.03 17.07 -25.44
C LEU A 2993 22.79 16.66 -26.89
N LYS A 2994 23.22 15.46 -27.27
CA LYS A 2994 23.06 15.03 -28.64
C LYS A 2994 21.59 14.79 -28.98
N ASP A 2995 20.78 14.36 -28.01
CA ASP A 2995 19.36 14.19 -28.28
C ASP A 2995 18.69 15.55 -28.55
N VAL A 2996 18.94 16.54 -27.70
CA VAL A 2996 18.32 17.84 -27.95
C VAL A 2996 18.93 18.48 -29.19
N ARG A 2997 20.20 18.20 -29.48
CA ARG A 2997 20.82 18.78 -30.67
C ARG A 2997 20.23 18.18 -31.94
N SER A 2998 19.99 16.88 -31.96
CA SER A 2998 19.31 16.27 -33.10
C SER A 2998 17.87 16.76 -33.20
N TRP A 2999 17.26 17.07 -32.06
CA TRP A 2999 15.91 17.63 -32.07
C TRP A 2999 15.89 19.06 -32.59
N LEU A 3000 16.98 19.80 -32.39
CA LEU A 3000 17.00 21.21 -32.79
C LEU A 3000 17.58 21.42 -34.19
N THR A 3001 18.38 20.47 -34.68
CA THR A 3001 19.03 20.65 -35.98
C THR A 3001 18.06 20.43 -37.13
N ASN A 3002 16.98 19.70 -36.89
CA ASN A 3002 16.02 19.43 -37.94
C ASN A 3002 15.28 20.73 -38.29
N PRO A 3003 14.86 20.89 -39.55
CA PRO A 3003 14.15 22.12 -39.93
C PRO A 3003 12.72 22.14 -39.42
N GLY A 3004 12.04 23.27 -39.59
CA GLY A 3004 10.69 23.45 -39.13
C GLY A 3004 10.62 24.18 -37.80
N LYS A 3005 9.51 24.89 -37.61
CA LYS A 3005 9.29 25.71 -36.42
C LYS A 3005 8.28 25.05 -35.51
N ARG A 3006 8.20 25.56 -34.28
CA ARG A 3006 7.31 25.05 -33.24
C ARG A 3006 7.58 23.57 -32.97
N LYS A 3007 8.83 23.27 -32.62
CA LYS A 3007 9.22 21.91 -32.29
C LYS A 3007 8.54 21.48 -31.00
N VAL A 3008 8.67 20.18 -30.68
CA VAL A 3008 8.11 19.63 -29.44
C VAL A 3008 9.05 18.54 -28.94
N LEU A 3009 9.40 18.61 -27.66
CA LEU A 3009 10.21 17.61 -27.00
C LEU A 3009 9.53 17.20 -25.70
N VAL A 3010 9.64 15.91 -25.36
CA VAL A 3010 9.11 15.40 -24.11
C VAL A 3010 10.24 14.73 -23.35
N ILE A 3011 10.46 15.17 -22.11
CA ILE A 3011 11.46 14.59 -21.23
C ILE A 3011 10.73 13.86 -20.11
N GLN A 3012 10.91 12.54 -20.03
CA GLN A 3012 10.12 11.70 -19.16
C GLN A 3012 10.96 11.24 -17.98
N ALA A 3013 10.36 11.28 -16.79
CA ALA A 3013 10.99 10.79 -15.58
C ALA A 3013 9.91 10.25 -14.66
N ASP A 3014 10.07 9.01 -14.20
CA ASP A 3014 9.08 8.36 -13.36
C ASP A 3014 9.61 8.27 -11.93
N PHE A 3015 9.02 9.06 -11.04
CA PHE A 3015 9.43 9.05 -9.63
C PHE A 3015 9.01 7.77 -8.93
N ASP A 3016 8.11 7.00 -9.50
CA ASP A 3016 7.62 5.76 -8.91
C ASP A 3016 8.27 4.58 -9.65
N ASP A 3017 9.48 4.23 -9.23
CA ASP A 3017 10.23 3.13 -9.81
C ASP A 3017 11.42 2.85 -8.89
N GLY A 3018 12.25 1.89 -9.30
CA GLY A 3018 13.42 1.51 -8.52
C GLY A 3018 14.68 2.27 -8.82
N THR A 3019 14.62 3.29 -9.67
CA THR A 3019 15.80 4.04 -10.08
C THR A 3019 15.94 5.32 -9.25
N ARG A 3020 17.13 5.92 -9.34
CA ARG A 3020 17.42 7.19 -8.70
C ARG A 3020 17.09 8.37 -9.60
N SER A 3021 16.15 8.21 -10.55
CA SER A 3021 15.81 9.25 -11.49
C SER A 3021 14.85 10.27 -10.90
N ALA A 3022 15.20 10.81 -9.73
CA ALA A 3022 14.42 11.86 -9.09
C ALA A 3022 15.23 13.12 -8.87
N GLN A 3023 16.54 13.00 -8.62
CA GLN A 3023 17.40 14.16 -8.49
C GLN A 3023 18.04 14.56 -9.82
N LEU A 3024 17.68 13.88 -10.91
CA LEU A 3024 18.18 14.26 -12.23
C LEU A 3024 17.27 15.27 -12.92
N VAL A 3025 16.12 15.59 -12.33
CA VAL A 3025 15.16 16.46 -12.99
C VAL A 3025 15.72 17.86 -13.14
N ALA A 3026 16.32 18.38 -12.07
CA ALA A 3026 16.89 19.72 -12.10
C ALA A 3026 18.03 19.82 -13.12
N SER A 3027 18.92 18.84 -13.12
CA SER A 3027 20.04 18.83 -14.06
C SER A 3027 19.54 18.73 -15.49
N ALA A 3028 18.55 17.88 -15.73
CA ALA A 3028 18.00 17.74 -17.08
C ALA A 3028 17.38 19.04 -17.55
N LYS A 3029 16.62 19.70 -16.67
CA LYS A 3029 15.98 20.96 -17.04
C LYS A 3029 17.02 22.04 -17.34
N TYR A 3030 18.05 22.13 -16.49
CA TYR A 3030 19.08 23.14 -16.69
C TYR A 3030 19.84 22.90 -17.99
N THR A 3031 20.18 21.63 -18.26
CA THR A 3031 20.90 21.30 -19.50
C THR A 3031 20.05 21.62 -20.72
N ALA A 3032 18.75 21.28 -20.64
CA ALA A 3032 17.85 21.58 -21.76
C ALA A 3032 17.78 23.08 -22.01
N ILE A 3033 17.66 23.88 -20.95
CA ILE A 3033 17.56 25.34 -21.13
C ILE A 3033 18.87 25.89 -21.70
N ASN A 3034 20.01 25.38 -21.23
CA ASN A 3034 21.29 25.79 -21.77
C ASN A 3034 21.37 25.52 -23.27
N GLU A 3035 20.95 24.32 -23.68
CA GLU A 3035 20.98 23.97 -25.10
C GLU A 3035 20.04 24.86 -25.89
N ILE A 3036 18.85 25.12 -25.37
CA ILE A 3036 17.89 25.98 -26.07
C ILE A 3036 18.49 27.36 -26.28
N ASN A 3037 19.17 27.90 -25.27
CA ASN A 3037 19.72 29.24 -25.41
C ASN A 3037 21.01 29.29 -26.20
N LYS A 3038 21.71 28.17 -26.38
CA LYS A 3038 22.93 28.20 -27.19
C LYS A 3038 22.76 27.63 -28.59
N THR A 3039 21.58 27.13 -28.95
CA THR A 3039 21.35 26.64 -30.30
C THR A 3039 20.26 27.39 -31.07
N GLN A 3040 19.39 28.13 -30.41
CA GLN A 3040 18.29 28.80 -31.09
C GLN A 3040 18.80 29.90 -32.00
N GLY A 3041 18.15 30.05 -33.16
CA GLY A 3041 18.42 31.16 -34.05
C GLY A 3041 17.59 32.37 -33.68
N THR A 3042 16.80 32.88 -34.63
CA THR A 3042 15.92 34.01 -34.35
C THR A 3042 14.52 33.82 -34.95
N LYS A 3043 14.28 32.73 -35.67
CA LYS A 3043 12.99 32.49 -36.33
C LYS A 3043 12.29 31.22 -35.88
N ASP A 3044 12.99 30.31 -35.20
CA ASP A 3044 12.43 29.03 -34.80
C ASP A 3044 11.95 29.10 -33.36
N PHE A 3045 10.75 28.59 -33.10
CA PHE A 3045 10.19 28.53 -31.76
C PHE A 3045 10.29 27.11 -31.21
N VAL A 3046 10.45 27.03 -29.89
CA VAL A 3046 10.80 25.79 -29.20
C VAL A 3046 9.74 25.51 -28.14
N PHE A 3047 9.46 24.22 -27.90
CA PHE A 3047 8.47 23.81 -26.92
C PHE A 3047 8.94 22.53 -26.25
N VAL A 3048 9.22 22.61 -24.95
CA VAL A 3048 9.72 21.49 -24.17
C VAL A 3048 8.67 21.16 -23.11
N TYR A 3049 8.27 19.88 -23.04
CA TYR A 3049 7.27 19.43 -22.09
C TYR A 3049 7.85 18.29 -21.25
N PHE A 3050 8.47 18.65 -20.14
CA PHE A 3050 8.93 17.68 -19.14
C PHE A 3050 7.72 17.03 -18.51
N VAL A 3051 7.67 15.70 -18.54
CA VAL A 3051 6.54 14.94 -18.03
C VAL A 3051 7.04 14.01 -16.93
N THR A 3052 6.46 14.13 -15.75
CA THR A 3052 6.76 13.25 -14.62
C THR A 3052 5.47 12.58 -14.15
N LYS A 3053 5.54 11.29 -13.89
CA LYS A 3053 4.38 10.51 -13.49
C LYS A 3053 4.47 10.18 -12.01
N LEU A 3054 3.41 10.46 -11.27
CA LEU A 3054 3.34 10.25 -9.84
C LEU A 3054 2.27 9.21 -9.53
N SER A 3055 2.25 8.77 -8.27
CA SER A 3055 1.35 7.72 -7.82
C SER A 3055 0.30 8.33 -6.89
N ARG A 3056 -0.95 7.88 -7.04
CA ARG A 3056 -2.03 8.36 -6.18
C ARG A 3056 -1.96 7.78 -4.77
N MET A 3057 -1.08 6.81 -4.52
CA MET A 3057 -0.99 6.17 -3.22
C MET A 3057 -0.10 6.94 -2.24
N GLY A 3058 0.16 8.22 -2.49
CA GLY A 3058 0.91 9.02 -1.54
C GLY A 3058 2.15 9.67 -2.10
N SER A 3059 2.55 9.29 -3.32
CA SER A 3059 3.71 9.91 -3.94
C SER A 3059 3.42 11.29 -4.51
N GLY A 3060 2.15 11.68 -4.60
CA GLY A 3060 1.78 13.02 -4.97
C GLY A 3060 1.87 14.04 -3.86
N THR A 3061 2.24 13.60 -2.66
CA THR A 3061 2.40 14.47 -1.51
C THR A 3061 3.86 14.78 -1.22
N SER A 3062 4.75 13.81 -1.43
CA SER A 3062 6.18 14.04 -1.26
C SER A 3062 6.77 14.88 -2.39
N TYR A 3063 6.01 15.14 -3.44
CA TYR A 3063 6.49 15.84 -4.62
C TYR A 3063 6.63 17.32 -4.30
N VAL A 3064 7.87 17.82 -4.28
CA VAL A 3064 8.10 19.25 -4.17
C VAL A 3064 7.59 19.92 -5.44
N GLY A 3065 6.84 21.01 -5.29
CA GLY A 3065 5.98 21.46 -6.35
C GLY A 3065 6.44 22.61 -7.22
N PHE A 3066 5.70 23.72 -7.16
CA PHE A 3066 5.75 24.77 -8.20
C PHE A 3066 7.08 25.50 -8.14
N HIS A 3067 7.97 25.13 -9.06
CA HIS A 3067 9.22 25.85 -9.24
C HIS A 3067 8.99 27.10 -10.09
N GLY A 3068 9.96 28.01 -10.05
CA GLY A 3068 9.85 29.29 -10.70
C GLY A 3068 10.73 29.42 -11.92
N GLY A 3069 10.56 30.55 -12.60
CA GLY A 3069 11.29 30.86 -13.82
C GLY A 3069 10.43 30.64 -15.05
N LEU A 3070 11.02 30.01 -16.06
CA LEU A 3070 10.27 29.63 -17.26
C LEU A 3070 9.72 28.22 -17.12
N TRP A 3071 9.02 27.98 -16.01
CA TRP A 3071 8.41 26.68 -15.72
C TRP A 3071 7.05 26.91 -15.09
N ARG A 3072 6.04 26.21 -15.62
CA ARG A 3072 4.68 26.33 -15.14
C ARG A 3072 4.12 24.92 -14.91
N SER A 3073 4.04 24.53 -13.63
CA SER A 3073 3.57 23.20 -13.28
C SER A 3073 2.08 23.07 -13.60
N VAL A 3074 1.75 22.09 -14.44
CA VAL A 3074 0.37 21.71 -14.73
C VAL A 3074 0.21 20.25 -14.39
N HIS A 3075 -0.97 19.86 -13.92
CA HIS A 3075 -1.26 18.48 -13.59
C HIS A 3075 -2.33 17.95 -14.54
N ILE A 3076 -1.94 17.06 -15.43
CA ILE A 3076 -2.84 16.43 -16.38
C ILE A 3076 -3.01 14.98 -15.95
N ASP A 3077 -4.22 14.61 -15.54
CA ASP A 3077 -4.42 13.27 -14.99
C ASP A 3077 -4.28 12.20 -16.07
N ASP A 3078 -4.74 12.48 -17.28
CA ASP A 3078 -4.67 11.54 -18.39
C ASP A 3078 -3.75 12.08 -19.48
N LEU A 3079 -2.70 11.34 -19.79
CA LEU A 3079 -1.76 11.79 -20.81
C LEU A 3079 -2.34 11.65 -22.21
N ARG A 3080 -2.74 10.44 -22.60
CA ARG A 3080 -2.94 10.17 -24.01
C ARG A 3080 -4.27 10.68 -24.53
N ARG A 3081 -5.35 9.98 -24.17
CA ARG A 3081 -6.74 10.25 -24.56
C ARG A 3081 -7.66 9.20 -23.95
N SER A 3082 -8.97 9.40 -24.05
CA SER A 3082 -9.95 8.39 -23.72
C SER A 3082 -11.25 8.68 -24.46
N THR A 3083 -11.49 7.92 -25.53
CA THR A 3083 -12.74 8.06 -26.28
C THR A 3083 -13.92 7.44 -25.52
N ILE A 3084 -13.66 6.39 -24.74
CA ILE A 3084 -14.72 5.73 -23.97
C ILE A 3084 -15.44 6.75 -23.09
N MET A 3085 -14.71 7.39 -22.18
CA MET A 3085 -15.31 8.35 -21.27
C MET A 3085 -15.45 9.71 -21.94
N ALA A 3086 -16.51 10.42 -21.59
CA ALA A 3086 -16.66 11.80 -22.02
C ALA A 3086 -15.64 12.68 -21.32
N SER A 3087 -15.16 13.70 -22.02
CA SER A 3087 -14.11 14.56 -21.47
C SER A 3087 -14.69 15.72 -20.67
N ASP A 3088 -15.67 15.40 -19.81
CA ASP A 3088 -16.21 16.36 -18.86
C ASP A 3088 -16.83 15.57 -17.72
N VAL A 3089 -16.13 15.51 -16.59
CA VAL A 3089 -16.62 14.74 -15.44
C VAL A 3089 -17.80 15.40 -14.75
N THR A 3090 -18.04 16.69 -14.98
CA THR A 3090 -19.21 17.34 -14.41
C THR A 3090 -20.50 16.82 -15.03
N LYS A 3091 -20.46 16.49 -16.33
CA LYS A 3091 -21.62 15.85 -16.95
C LYS A 3091 -21.89 14.50 -16.32
N LEU A 3092 -20.83 13.73 -16.04
CA LEU A 3092 -21.01 12.45 -15.37
C LEU A 3092 -21.51 12.63 -13.95
N GLN A 3093 -21.18 13.76 -13.32
CA GLN A 3093 -21.79 14.11 -12.04
C GLN A 3093 -23.28 14.36 -12.20
N ASN A 3094 -23.67 15.05 -13.27
CA ASN A 3094 -25.08 15.35 -13.49
C ASN A 3094 -25.89 14.08 -13.76
N VAL A 3095 -25.33 13.16 -14.54
CA VAL A 3095 -26.06 11.97 -14.97
C VAL A 3095 -25.78 10.83 -14.01
N THR A 3096 -26.74 9.92 -13.86
CA THR A 3096 -26.60 8.70 -13.09
C THR A 3096 -26.36 7.55 -14.04
N ILE A 3097 -25.98 6.39 -13.47
CA ILE A 3097 -25.66 5.22 -14.30
C ILE A 3097 -26.87 4.80 -15.12
N SER A 3098 -28.07 4.87 -14.53
CA SER A 3098 -29.27 4.48 -15.25
C SER A 3098 -29.52 5.38 -16.45
N GLN A 3099 -29.36 6.69 -16.26
CA GLN A 3099 -29.60 7.63 -17.36
C GLN A 3099 -28.51 7.57 -18.42
N LEU A 3100 -27.42 6.85 -18.17
CA LEU A 3100 -26.35 6.74 -19.15
C LEU A 3100 -26.76 5.88 -20.34
N PHE A 3101 -27.76 5.00 -20.16
CA PHE A 3101 -28.26 4.16 -21.23
C PHE A 3101 -29.55 4.70 -21.83
N LYS A 3102 -29.96 5.90 -21.46
CA LYS A 3102 -31.20 6.47 -21.99
C LYS A 3102 -31.06 6.73 -23.48
N PRO A 3103 -32.05 6.37 -24.28
CA PRO A 3103 -31.99 6.60 -25.73
C PRO A 3103 -32.26 8.07 -26.05
N GLU A 3104 -32.31 8.38 -27.33
CA GLU A 3104 -32.56 9.73 -27.81
C GLU A 3104 -33.95 10.22 -27.40
N SER A 3147 -27.02 9.52 -25.81
CA SER A 3147 -25.89 10.41 -25.54
C SER A 3147 -24.56 9.74 -25.88
N GLN A 3148 -23.49 10.52 -25.85
CA GLN A 3148 -22.13 10.04 -26.12
C GLN A 3148 -21.25 10.27 -24.90
N PHE A 3149 -21.81 10.02 -23.71
CA PHE A 3149 -21.08 10.20 -22.46
C PHE A 3149 -20.30 8.96 -22.06
N LEU A 3150 -20.52 7.82 -22.71
CA LEU A 3150 -19.75 6.63 -22.48
C LEU A 3150 -19.92 5.70 -23.67
N ASP A 3151 -18.96 4.79 -23.84
CA ASP A 3151 -18.99 3.81 -24.93
C ASP A 3151 -19.57 2.53 -24.36
N THR A 3152 -20.90 2.40 -24.44
CA THR A 3152 -21.59 1.30 -23.78
C THR A 3152 -21.22 -0.06 -24.35
N THR A 3153 -21.06 -0.16 -25.68
CA THR A 3153 -20.69 -1.43 -26.27
C THR A 3153 -19.32 -1.89 -25.78
N ARG A 3154 -18.37 -0.96 -25.67
CA ARG A 3154 -17.08 -1.28 -25.10
C ARG A 3154 -17.23 -1.80 -23.67
N LEU A 3155 -18.09 -1.14 -22.89
CA LEU A 3155 -18.30 -1.56 -21.50
C LEU A 3155 -18.86 -2.98 -21.41
N VAL A 3156 -19.85 -3.30 -22.25
CA VAL A 3156 -20.43 -4.62 -22.16
C VAL A 3156 -19.45 -5.69 -22.65
N GLN A 3157 -18.68 -5.39 -23.70
CA GLN A 3157 -17.65 -6.35 -24.10
C GLN A 3157 -16.61 -6.53 -23.01
N SER A 3158 -16.37 -5.50 -22.21
CA SER A 3158 -15.41 -5.63 -21.11
C SER A 3158 -15.98 -6.43 -19.94
N CYS A 3159 -17.28 -6.31 -19.68
CA CYS A 3159 -17.84 -6.95 -18.49
C CYS A 3159 -18.54 -8.28 -18.78
N VAL A 3160 -18.64 -8.70 -20.04
CA VAL A 3160 -19.27 -9.98 -20.36
C VAL A 3160 -18.49 -11.12 -19.72
N GLN A 3161 -17.16 -11.07 -19.78
CA GLN A 3161 -16.34 -12.13 -19.23
C GLN A 3161 -16.58 -12.26 -17.72
N GLY A 3162 -16.56 -11.13 -17.01
CA GLY A 3162 -16.80 -11.18 -15.57
C GLY A 3162 -18.20 -11.61 -15.23
N ALA A 3163 -19.18 -11.23 -16.05
CA ALA A 3163 -20.55 -11.65 -15.82
C ALA A 3163 -20.70 -13.17 -15.97
N VAL A 3164 -20.18 -13.72 -17.06
CA VAL A 3164 -20.30 -15.15 -17.30
C VAL A 3164 -19.43 -15.96 -16.35
N GLY A 3165 -18.37 -15.36 -15.79
CA GLY A 3165 -17.53 -16.09 -14.86
C GLY A 3165 -18.21 -16.45 -13.55
N MET A 3166 -19.29 -15.76 -13.20
CA MET A 3166 -19.96 -16.00 -11.93
C MET A 3166 -21.11 -17.00 -12.03
N LEU A 3167 -21.45 -17.46 -13.23
CA LEU A 3167 -22.51 -18.44 -13.38
C LEU A 3167 -22.03 -19.84 -13.02
N ARG A 3168 -22.90 -20.59 -12.34
CA ARG A 3168 -22.58 -21.95 -11.94
C ARG A 3168 -23.66 -22.89 -12.46
N ASP A 3169 -23.27 -23.86 -13.29
CA ASP A 3169 -24.15 -24.96 -13.66
C ASP A 3169 -24.08 -26.03 -12.56
N GLN A 3170 -24.78 -27.14 -12.74
CA GLN A 3170 -24.82 -28.16 -11.70
C GLN A 3170 -23.73 -29.21 -11.90
N ASN A 3171 -22.52 -28.70 -12.17
CA ASN A 3171 -21.23 -29.41 -12.13
C ASN A 3171 -21.09 -30.48 -13.20
N GLU A 3172 -22.18 -30.80 -13.91
CA GLU A 3172 -22.09 -31.67 -15.08
C GLU A 3172 -23.02 -31.27 -16.21
N SER A 3173 -23.77 -30.17 -16.08
CA SER A 3173 -24.83 -29.85 -17.03
C SER A 3173 -24.33 -28.97 -18.17
N CYS A 3174 -23.33 -29.49 -18.88
CA CYS A 3174 -22.80 -28.89 -20.09
C CYS A 3174 -22.34 -27.44 -19.85
N ALA A 3175 -21.31 -27.34 -18.99
CA ALA A 3175 -20.71 -26.04 -18.71
C ALA A 3175 -20.20 -25.42 -20.00
N ARG A 3176 -20.84 -24.34 -20.45
CA ARG A 3176 -20.56 -23.72 -21.73
C ARG A 3176 -20.19 -22.25 -21.55
N ASN A 3177 -19.36 -21.96 -20.54
CA ASN A 3177 -19.01 -20.57 -20.26
C ASN A 3177 -18.21 -19.96 -21.41
N MET A 3178 -17.19 -20.67 -21.89
CA MET A 3178 -16.41 -20.15 -23.01
C MET A 3178 -17.27 -19.98 -24.25
N ARG A 3179 -18.16 -20.95 -24.51
CA ARG A 3179 -19.08 -20.83 -25.64
C ARG A 3179 -20.01 -19.64 -25.45
N ARG A 3180 -20.47 -19.42 -24.22
CA ARG A 3180 -21.35 -18.29 -23.95
C ARG A 3180 -20.65 -16.95 -24.21
N VAL A 3181 -19.42 -16.79 -23.72
CA VAL A 3181 -18.74 -15.51 -23.87
C VAL A 3181 -18.38 -15.27 -25.34
N THR A 3182 -17.94 -16.32 -26.03
CA THR A 3182 -17.67 -16.17 -27.46
C THR A 3182 -18.95 -15.80 -28.21
N ILE A 3183 -20.06 -16.48 -27.91
CA ILE A 3183 -21.32 -16.20 -28.56
C ILE A 3183 -21.70 -14.74 -28.36
N LEU A 3184 -21.65 -14.27 -27.11
CA LEU A 3184 -22.00 -12.88 -26.83
C LEU A 3184 -21.10 -11.91 -27.57
N LEU A 3185 -19.79 -12.16 -27.55
CA LEU A 3185 -18.85 -11.19 -28.10
C LEU A 3185 -18.77 -11.22 -29.62
N ASP A 3186 -19.30 -12.25 -30.28
CA ASP A 3186 -19.44 -12.22 -31.73
C ASP A 3186 -20.81 -11.77 -32.21
N LEU A 3187 -21.72 -11.40 -31.30
CA LEU A 3187 -22.98 -10.79 -31.68
C LEU A 3187 -23.31 -9.56 -30.83
N LEU A 3188 -22.29 -8.98 -30.19
CA LEU A 3188 -22.41 -7.72 -29.48
C LEU A 3188 -21.71 -6.61 -30.25
N ASN A 3189 -21.76 -6.68 -31.57
CA ASN A 3189 -21.07 -5.75 -32.45
C ASN A 3189 -22.08 -4.81 -33.11
N GLU A 3190 -21.58 -3.96 -33.99
CA GLU A 3190 -22.40 -2.98 -34.70
C GLU A 3190 -22.33 -3.14 -36.21
N ASP A 3191 -21.99 -4.34 -36.69
CA ASP A 3191 -21.81 -4.58 -38.12
C ASP A 3191 -23.10 -5.03 -38.80
N ASN A 3192 -23.73 -6.08 -38.28
CA ASN A 3192 -24.95 -6.60 -38.88
C ASN A 3192 -26.18 -5.88 -38.31
N THR A 3193 -27.23 -5.82 -39.14
CA THR A 3193 -28.47 -5.17 -38.71
C THR A 3193 -29.09 -5.90 -37.53
N ARG A 3194 -29.10 -7.25 -37.58
CA ARG A 3194 -29.59 -8.02 -36.44
C ARG A 3194 -28.78 -7.74 -35.19
N ASN A 3195 -27.45 -7.62 -35.33
CA ASN A 3195 -26.61 -7.31 -34.18
C ASN A 3195 -26.88 -5.91 -33.66
N ALA A 3196 -27.12 -4.94 -34.54
CA ALA A 3196 -27.42 -3.58 -34.09
C ALA A 3196 -28.73 -3.53 -33.31
N SER A 3197 -29.77 -4.21 -33.83
CA SER A 3197 -31.04 -4.25 -33.12
C SER A 3197 -30.91 -5.00 -31.80
N PHE A 3198 -30.11 -6.07 -31.78
CA PHE A 3198 -29.84 -6.77 -30.53
C PHE A 3198 -29.14 -5.88 -29.52
N LEU A 3199 -28.18 -5.08 -30.00
CA LEU A 3199 -27.50 -4.13 -29.12
C LEU A 3199 -28.48 -3.12 -28.54
N ARG A 3200 -29.37 -2.59 -29.38
CA ARG A 3200 -30.37 -1.63 -28.89
C ARG A 3200 -31.27 -2.26 -27.85
N GLU A 3201 -31.75 -3.49 -28.12
CA GLU A 3201 -32.65 -4.15 -27.18
C GLU A 3201 -31.94 -4.49 -25.87
N SER A 3202 -30.68 -4.95 -25.95
CA SER A 3202 -29.93 -5.27 -24.75
C SER A 3202 -29.63 -4.02 -23.93
N LYS A 3203 -29.34 -2.91 -24.59
CA LYS A 3203 -29.14 -1.66 -23.88
C LYS A 3203 -30.43 -1.19 -23.22
N MET A 3204 -31.56 -1.38 -23.89
CA MET A 3204 -32.85 -1.06 -23.28
C MET A 3204 -33.09 -1.91 -22.04
N ARG A 3205 -32.79 -3.20 -22.13
CA ARG A 3205 -32.93 -4.10 -20.98
C ARG A 3205 -32.03 -3.68 -19.83
N LEU A 3206 -30.77 -3.35 -20.13
CA LEU A 3206 -29.85 -2.91 -19.09
C LEU A 3206 -30.35 -1.61 -18.44
N HIS A 3207 -30.86 -0.68 -19.24
CA HIS A 3207 -31.35 0.57 -18.69
C HIS A 3207 -32.54 0.35 -17.77
N VAL A 3208 -33.49 -0.49 -18.20
CA VAL A 3208 -34.69 -0.68 -17.38
C VAL A 3208 -34.34 -1.41 -16.09
N LEU A 3209 -33.46 -2.41 -16.17
CA LEU A 3209 -33.04 -3.11 -14.95
C LEU A 3209 -32.29 -2.17 -14.00
N LEU A 3210 -31.40 -1.33 -14.55
CA LEU A 3210 -30.67 -0.38 -13.72
C LEU A 3210 -31.59 0.64 -13.08
N ASN A 3211 -32.58 1.13 -13.84
CA ASN A 3211 -33.52 2.09 -13.28
C ASN A 3211 -34.37 1.45 -12.19
N LYS A 3212 -34.78 0.19 -12.39
CA LYS A 3212 -35.55 -0.50 -11.36
C LYS A 3212 -34.72 -0.74 -10.10
N GLN A 3213 -33.43 -1.04 -10.25
CA GLN A 3213 -32.57 -1.29 -9.10
C GLN A 3213 -32.05 -0.02 -8.45
N GLU A 3214 -32.12 1.13 -9.12
CA GLU A 3214 -31.60 2.36 -8.56
C GLU A 3214 -32.51 2.96 -7.49
N GLU A 3215 -33.82 2.76 -7.61
CA GLU A 3215 -34.76 3.34 -6.64
C GLU A 3215 -34.59 2.73 -5.25
N ASN A 3216 -33.96 1.55 -5.15
CA ASN A 3216 -33.70 0.98 -3.84
C ASN A 3216 -32.59 1.74 -3.12
N GLN A 3217 -31.71 2.40 -3.86
CA GLN A 3217 -30.59 3.11 -3.26
C GLN A 3217 -31.05 4.34 -2.51
N VAL A 3218 -30.22 4.77 -1.56
CA VAL A 3218 -30.49 5.89 -0.66
C VAL A 3218 -30.05 7.20 -1.29
N ARG A 3219 -29.68 7.14 -2.58
CA ARG A 3219 -29.32 8.28 -3.43
C ARG A 3219 -27.91 8.79 -3.09
N SER A 3220 -27.32 8.29 -2.01
CA SER A 3220 -25.88 8.47 -1.86
C SER A 3220 -25.09 7.61 -2.83
N LEU A 3221 -25.67 6.50 -3.29
CA LEU A 3221 -25.11 5.69 -4.35
C LEU A 3221 -25.54 6.14 -5.73
N LYS A 3222 -26.57 6.99 -5.83
CA LYS A 3222 -26.91 7.58 -7.12
C LYS A 3222 -25.84 8.55 -7.59
N GLU A 3223 -25.24 9.31 -6.67
CA GLU A 3223 -24.06 10.12 -6.97
C GLU A 3223 -22.84 9.21 -6.96
N TRP A 3224 -22.77 8.37 -7.99
CA TRP A 3224 -21.71 7.38 -8.08
C TRP A 3224 -20.35 8.04 -8.18
N VAL A 3225 -20.25 9.14 -8.95
CA VAL A 3225 -18.97 9.82 -9.10
C VAL A 3225 -18.49 10.34 -7.75
N THR A 3226 -19.37 11.00 -7.00
CA THR A 3226 -18.99 11.56 -5.71
C THR A 3226 -18.64 10.47 -4.71
N ARG A 3227 -19.45 9.40 -4.65
CA ARG A 3227 -19.17 8.31 -3.72
C ARG A 3227 -17.83 7.66 -4.04
N GLU A 3228 -17.56 7.42 -5.32
CA GLU A 3228 -16.32 6.77 -5.71
C GLU A 3228 -15.13 7.69 -5.46
N ALA A 3229 -15.29 9.00 -5.70
CA ALA A 3229 -14.22 9.94 -5.44
C ALA A 3229 -13.90 10.03 -3.96
N ALA A 3230 -14.93 10.05 -3.10
CA ALA A 3230 -14.70 10.03 -1.67
C ALA A 3230 -14.13 8.69 -1.21
N ASN A 3231 -14.27 7.65 -2.04
CA ASN A 3231 -13.68 6.34 -1.75
C ASN A 3231 -12.20 6.40 -2.10
N GLN A 3232 -11.38 6.75 -1.11
CA GLN A 3232 -9.95 6.82 -1.33
C GLN A 3232 -9.38 5.45 -1.68
N ASP A 3233 -9.90 4.39 -1.06
CA ASP A 3233 -9.34 3.05 -1.27
C ASP A 3233 -9.39 2.64 -2.73
N ALA A 3234 -10.57 2.72 -3.35
CA ALA A 3234 -10.69 2.28 -4.74
C ALA A 3234 -10.07 3.28 -5.70
N LEU A 3235 -10.03 4.56 -5.33
CA LEU A 3235 -9.37 5.56 -6.16
C LEU A 3235 -7.88 5.30 -6.27
N GLN A 3236 -7.23 5.00 -5.14
CA GLN A 3236 -5.81 4.66 -5.18
C GLN A 3236 -5.59 3.21 -5.58
N GLU A 3237 -6.65 2.40 -5.62
CA GLU A 3237 -6.52 1.02 -6.07
C GLU A 3237 -6.53 0.94 -7.60
N ALA A 3238 -7.42 1.66 -8.26
CA ALA A 3238 -7.56 1.58 -9.70
C ALA A 3238 -6.69 2.58 -10.45
N GLY A 3239 -5.84 3.34 -9.75
CA GLY A 3239 -4.94 4.26 -10.42
C GLY A 3239 -5.54 5.61 -10.70
N THR A 3240 -5.60 5.99 -11.98
CA THR A 3240 -6.15 7.27 -12.37
C THR A 3240 -7.65 7.33 -12.08
N PHE A 3241 -8.15 8.55 -11.95
CA PHE A 3241 -9.54 8.76 -11.51
C PHE A 3241 -10.53 8.24 -12.53
N ARG A 3242 -10.27 8.44 -13.82
CA ARG A 3242 -11.18 7.94 -14.84
C ARG A 3242 -11.15 6.42 -14.94
N HIS A 3243 -9.97 5.81 -14.80
CA HIS A 3243 -9.92 4.34 -14.71
C HIS A 3243 -10.70 3.86 -13.49
N THR A 3244 -10.64 4.59 -12.39
CA THR A 3244 -11.40 4.24 -11.21
C THR A 3244 -12.90 4.32 -11.46
N LEU A 3245 -13.35 5.38 -12.15
CA LEU A 3245 -14.77 5.52 -12.49
C LEU A 3245 -15.22 4.39 -13.41
N TRP A 3246 -14.41 4.06 -14.41
CA TRP A 3246 -14.75 2.97 -15.33
C TRP A 3246 -14.78 1.63 -14.59
N LYS A 3247 -13.87 1.44 -13.65
CA LYS A 3247 -13.87 0.22 -12.84
C LYS A 3247 -15.13 0.13 -11.98
N ARG A 3248 -15.56 1.25 -11.40
CA ARG A 3248 -16.78 1.21 -10.60
C ARG A 3248 -18.00 0.93 -11.47
N VAL A 3249 -18.02 1.47 -12.69
CA VAL A 3249 -19.12 1.16 -13.60
C VAL A 3249 -19.10 -0.32 -13.97
N GLN A 3250 -17.90 -0.87 -14.22
CA GLN A 3250 -17.75 -2.30 -14.49
C GLN A 3250 -18.30 -3.14 -13.35
N ASP A 3251 -17.91 -2.81 -12.12
CA ASP A 3251 -18.38 -3.55 -10.95
C ASP A 3251 -19.89 -3.43 -10.76
N VAL A 3252 -20.45 -2.25 -10.98
CA VAL A 3252 -21.89 -2.06 -10.83
C VAL A 3252 -22.65 -2.88 -11.88
N VAL A 3253 -22.16 -2.88 -13.11
CA VAL A 3253 -22.91 -3.50 -14.21
C VAL A 3253 -22.74 -5.01 -14.27
N THR A 3254 -21.57 -5.55 -13.90
CA THR A 3254 -21.28 -6.96 -14.17
C THR A 3254 -22.27 -7.92 -13.51
N PRO A 3255 -22.76 -7.72 -12.28
CA PRO A 3255 -23.70 -8.71 -11.73
C PRO A 3255 -25.06 -8.65 -12.39
N ILE A 3256 -25.52 -7.46 -12.78
CA ILE A 3256 -26.78 -7.33 -13.51
C ILE A 3256 -26.69 -8.05 -14.85
N LEU A 3257 -25.58 -7.86 -15.57
CA LEU A 3257 -25.38 -8.59 -16.82
C LEU A 3257 -25.27 -10.09 -16.58
N ALA A 3258 -24.66 -10.51 -15.48
CA ALA A 3258 -24.59 -11.93 -15.16
C ALA A 3258 -25.97 -12.52 -14.95
N SER A 3259 -26.82 -11.81 -14.21
CA SER A 3259 -28.19 -12.27 -14.00
C SER A 3259 -28.98 -12.26 -15.31
N MET A 3260 -28.73 -11.28 -16.17
CA MET A 3260 -29.38 -11.24 -17.48
C MET A 3260 -28.97 -12.45 -18.32
N ILE A 3261 -27.69 -12.80 -18.32
CA ILE A 3261 -27.23 -13.96 -19.07
C ILE A 3261 -27.81 -15.23 -18.47
N ALA A 3262 -27.93 -15.29 -17.14
CA ALA A 3262 -28.56 -16.43 -16.50
C ALA A 3262 -30.02 -16.59 -16.94
N HIS A 3263 -30.74 -15.48 -17.03
CA HIS A 3263 -32.14 -15.51 -17.45
C HIS A 3263 -32.31 -15.60 -18.97
N ILE A 3264 -31.23 -15.48 -19.74
CA ILE A 3264 -31.32 -15.57 -21.20
C ILE A 3264 -30.95 -16.98 -21.65
N ASP A 3265 -29.75 -17.43 -21.30
CA ASP A 3265 -29.27 -18.76 -21.70
C ASP A 3265 -29.72 -19.78 -20.65
N ARG A 3266 -31.02 -20.07 -20.67
CA ARG A 3266 -31.57 -21.04 -19.73
C ARG A 3266 -31.08 -22.45 -20.04
N ASP A 3267 -31.11 -22.86 -21.31
CA ASP A 3267 -30.67 -24.19 -21.70
C ASP A 3267 -29.83 -24.19 -22.97
N GLY A 3268 -29.38 -23.03 -23.44
CA GLY A 3268 -28.64 -22.96 -24.69
C GLY A 3268 -29.35 -22.11 -25.72
N ASN A 3269 -30.16 -21.16 -25.24
CA ASN A 3269 -30.95 -20.32 -26.13
C ASN A 3269 -30.08 -19.38 -26.96
N LEU A 3270 -28.85 -19.12 -26.52
CA LEU A 3270 -27.92 -18.32 -27.33
C LEU A 3270 -27.47 -19.07 -28.57
N GLU A 3271 -27.47 -20.40 -28.52
CA GLU A 3271 -26.99 -21.19 -29.65
C GLU A 3271 -27.83 -20.96 -30.89
N LEU A 3272 -29.11 -20.62 -30.73
CA LEU A 3272 -29.95 -20.36 -31.90
C LEU A 3272 -29.50 -19.10 -32.63
N LEU A 3273 -29.18 -18.04 -31.90
CA LEU A 3273 -28.62 -16.85 -32.54
C LEU A 3273 -27.22 -17.13 -33.07
N ALA A 3274 -26.49 -18.03 -32.42
CA ALA A 3274 -25.15 -18.38 -32.90
C ALA A 3274 -25.22 -19.24 -34.15
N GLN A 3275 -26.27 -20.05 -34.30
CA GLN A 3275 -26.36 -20.97 -35.43
C GLN A 3275 -26.46 -20.19 -36.73
N PRO A 3276 -25.72 -20.57 -37.76
CA PRO A 3276 -25.84 -19.90 -39.06
C PRO A 3276 -27.06 -20.38 -39.82
N ASP A 3277 -27.43 -19.60 -40.83
CA ASP A 3277 -28.52 -19.89 -41.77
C ASP A 3277 -29.83 -20.29 -41.08
N SER A 3278 -30.01 -19.88 -39.83
CA SER A 3278 -31.28 -20.10 -39.16
C SER A 3278 -32.35 -19.25 -39.84
N PRO A 3279 -33.54 -19.78 -40.08
CA PRO A 3279 -34.59 -19.00 -40.74
C PRO A 3279 -34.99 -17.77 -39.93
N ALA A 3280 -35.79 -16.93 -40.55
CA ALA A 3280 -36.10 -15.63 -39.96
C ALA A 3280 -36.92 -15.77 -38.68
N TRP A 3281 -37.64 -16.88 -38.54
CA TRP A 3281 -38.55 -16.99 -37.40
C TRP A 3281 -37.78 -17.05 -36.08
N VAL A 3282 -36.65 -17.75 -36.05
CA VAL A 3282 -35.89 -17.84 -34.80
C VAL A 3282 -35.52 -16.45 -34.30
N GLN A 3283 -34.89 -15.65 -35.17
CA GLN A 3283 -34.47 -14.31 -34.78
C GLN A 3283 -35.67 -13.43 -34.48
N ASP A 3284 -36.76 -13.57 -35.24
CA ASP A 3284 -37.91 -12.68 -35.08
C ASP A 3284 -38.63 -12.93 -33.74
N LEU A 3285 -38.95 -14.19 -33.42
CA LEU A 3285 -39.51 -14.44 -32.10
C LEU A 3285 -38.51 -14.13 -30.98
N TRP A 3286 -37.21 -14.35 -31.20
CA TRP A 3286 -36.26 -13.99 -30.15
C TRP A 3286 -36.31 -12.49 -29.87
N MET A 3287 -36.38 -11.68 -30.93
CA MET A 3287 -36.43 -10.24 -30.75
C MET A 3287 -37.76 -9.78 -30.16
N PHE A 3288 -38.87 -10.41 -30.57
CA PHE A 3288 -40.16 -10.06 -30.00
C PHE A 3288 -40.23 -10.37 -28.52
N ILE A 3289 -39.67 -11.53 -28.11
CA ILE A 3289 -39.62 -11.87 -26.69
C ILE A 3289 -38.68 -10.94 -25.95
N TYR A 3290 -37.56 -10.58 -26.58
CA TYR A 3290 -36.53 -9.79 -25.93
C TYR A 3290 -36.92 -8.33 -25.72
N SER A 3291 -37.86 -7.82 -26.52
CA SER A 3291 -38.30 -6.44 -26.41
C SER A 3291 -39.53 -6.27 -25.53
N ASP A 3292 -40.02 -7.35 -24.93
CA ASP A 3292 -41.24 -7.32 -24.11
C ASP A 3292 -40.84 -7.57 -22.66
N ILE A 3293 -40.72 -6.49 -21.88
CA ILE A 3293 -40.36 -6.63 -20.48
C ILE A 3293 -41.47 -7.32 -19.70
N LYS A 3294 -42.73 -6.95 -19.97
CA LYS A 3294 -43.84 -7.58 -19.27
C LYS A 3294 -43.97 -9.06 -19.60
N PHE A 3295 -43.70 -9.44 -20.86
CA PHE A 3295 -43.76 -10.85 -21.22
C PHE A 3295 -42.67 -11.67 -20.52
N LEU A 3296 -41.45 -11.15 -20.45
CA LEU A 3296 -40.34 -11.84 -19.80
C LEU A 3296 -39.76 -10.92 -18.72
N ASN A 3297 -40.13 -11.18 -17.47
CA ASN A 3297 -39.60 -10.41 -16.36
C ASN A 3297 -38.26 -11.01 -15.93
N ILE A 3298 -37.22 -10.17 -15.99
CA ILE A 3298 -35.87 -10.58 -15.61
C ILE A 3298 -35.57 -9.93 -14.27
N SER A 3299 -35.32 -10.76 -13.26
CA SER A 3299 -35.03 -10.26 -11.92
C SER A 3299 -33.58 -10.53 -11.56
N LEU A 3300 -33.07 -9.74 -10.62
CA LEU A 3300 -31.67 -9.79 -10.22
C LEU A 3300 -31.55 -10.14 -8.75
N VAL A 3301 -30.46 -10.80 -8.40
CA VAL A 3301 -30.19 -11.18 -7.02
C VAL A 3301 -29.74 -9.96 -6.21
N SER A 3312 -21.18 -13.45 -4.42
CA SER A 3312 -22.47 -14.03 -4.79
C SER A 3312 -22.37 -14.80 -6.11
N PHE A 3313 -22.36 -16.12 -6.01
CA PHE A 3313 -22.27 -17.00 -7.18
C PHE A 3313 -23.68 -17.49 -7.50
N ILE A 3314 -24.21 -17.03 -8.64
CA ILE A 3314 -25.58 -17.36 -9.01
C ILE A 3314 -25.62 -18.69 -9.75
N LEU A 3315 -26.66 -19.48 -9.50
CA LEU A 3315 -26.83 -20.80 -10.08
C LEU A 3315 -27.79 -20.73 -11.26
N VAL A 3316 -27.46 -21.46 -12.32
CA VAL A 3316 -28.35 -21.64 -13.47
C VAL A 3316 -28.81 -23.08 -13.48
N GLN A 3317 -30.13 -23.27 -13.51
CA GLN A 3317 -30.73 -24.60 -13.45
C GLN A 3317 -31.05 -25.10 -14.85
N SER A 3318 -30.87 -26.41 -15.05
CA SER A 3318 -31.16 -27.07 -16.31
C SER A 3318 -32.60 -27.56 -16.29
N HIS A 3319 -33.46 -26.95 -17.10
CA HIS A 3319 -34.87 -27.32 -17.12
C HIS A 3319 -35.08 -28.73 -17.67
N MET A 3320 -34.30 -29.13 -18.66
CA MET A 3320 -34.51 -30.40 -19.34
C MET A 3320 -33.46 -31.45 -19.06
N ASN A 3321 -32.42 -31.12 -18.28
CA ASN A 3321 -31.24 -31.98 -18.14
C ASN A 3321 -30.70 -32.36 -19.52
N LEU A 3322 -30.45 -31.34 -20.33
CA LEU A 3322 -30.12 -31.52 -21.73
C LEU A 3322 -28.82 -32.29 -21.90
N LEU A 3323 -28.71 -32.97 -23.04
CA LEU A 3323 -27.52 -33.75 -23.36
C LEU A 3323 -26.42 -32.80 -23.84
N LYS A 3324 -25.36 -33.36 -24.43
CA LYS A 3324 -24.22 -32.57 -24.87
C LYS A 3324 -24.65 -31.69 -26.04
N ASP A 3325 -24.82 -30.40 -25.78
CA ASP A 3325 -25.16 -29.40 -26.80
C ASP A 3325 -26.47 -29.77 -27.51
N ALA A 3326 -27.55 -29.73 -26.73
CA ALA A 3326 -28.88 -30.00 -27.26
C ALA A 3326 -29.53 -28.76 -27.86
N TYR A 3327 -29.42 -27.62 -27.18
CA TYR A 3327 -29.83 -26.31 -27.69
C TYR A 3327 -31.24 -26.35 -28.30
N ASN A 3328 -32.22 -26.55 -27.43
CA ASN A 3328 -33.64 -26.64 -27.79
C ASN A 3328 -34.00 -25.71 -28.94
N ALA A 3329 -34.68 -26.26 -29.95
CA ALA A 3329 -34.73 -25.62 -31.27
C ALA A 3329 -35.61 -24.38 -31.29
N VAL A 3330 -36.36 -24.11 -30.22
CA VAL A 3330 -37.16 -22.89 -30.16
C VAL A 3330 -36.37 -21.89 -29.31
N PRO A 3331 -36.45 -20.57 -29.60
CA PRO A 3331 -35.65 -19.61 -28.83
C PRO A 3331 -35.78 -19.73 -27.32
N PHE A 3332 -36.98 -19.56 -26.79
CA PHE A 3332 -37.22 -19.64 -25.36
C PHE A 3332 -38.28 -20.72 -25.12
N SER A 3333 -37.86 -21.85 -24.58
CA SER A 3333 -38.77 -22.99 -24.43
C SER A 3333 -39.69 -22.81 -23.22
N TRP A 3334 -39.10 -22.69 -22.03
CA TRP A 3334 -39.89 -22.62 -20.81
C TRP A 3334 -40.83 -21.42 -20.84
N ARG A 3335 -40.41 -20.32 -21.47
CA ARG A 3335 -41.22 -19.11 -21.47
C ARG A 3335 -42.53 -19.33 -22.22
N ILE A 3336 -42.45 -19.83 -23.46
CA ILE A 3336 -43.68 -20.07 -24.21
C ILE A 3336 -44.49 -21.19 -23.56
N ARG A 3337 -43.81 -22.18 -23.00
CA ARG A 3337 -44.53 -23.28 -22.36
C ARG A 3337 -45.37 -22.77 -21.20
N ASP A 3338 -44.78 -21.93 -20.32
CA ASP A 3338 -45.52 -21.38 -19.20
C ASP A 3338 -46.61 -20.41 -19.66
N TYR A 3339 -46.32 -19.58 -20.67
CA TYR A 3339 -47.31 -18.65 -21.17
C TYR A 3339 -48.52 -19.38 -21.75
N LEU A 3340 -48.26 -20.44 -22.51
CA LEU A 3340 -49.35 -21.24 -23.07
C LEU A 3340 -50.09 -22.03 -22.00
N GLU A 3341 -49.38 -22.48 -20.95
CA GLU A 3341 -50.07 -23.10 -19.83
C GLU A 3341 -51.04 -22.13 -19.19
N GLU A 3342 -50.59 -20.89 -18.95
CA GLU A 3342 -51.46 -19.87 -18.38
C GLU A 3342 -52.65 -19.58 -19.31
N LEU A 3343 -52.40 -19.47 -20.62
CA LEU A 3343 -53.46 -19.17 -21.56
C LEU A 3343 -54.49 -20.29 -21.60
N TRP A 3344 -54.02 -21.55 -21.61
CA TRP A 3344 -54.92 -22.69 -21.59
C TRP A 3344 -55.72 -22.73 -20.30
N VAL A 3345 -55.09 -22.40 -19.17
CA VAL A 3345 -55.80 -22.36 -17.89
C VAL A 3345 -56.91 -21.31 -17.94
N GLN A 3346 -56.59 -20.13 -18.46
CA GLN A 3346 -57.58 -19.07 -18.55
C GLN A 3346 -58.74 -19.48 -19.44
N ALA A 3347 -58.44 -20.11 -20.58
CA ALA A 3347 -59.49 -20.57 -21.47
C ALA A 3347 -60.35 -21.66 -20.82
N GLN A 3348 -59.70 -22.61 -20.13
CA GLN A 3348 -60.41 -23.73 -19.53
C GLN A 3348 -61.27 -23.29 -18.36
N TYR A 3349 -60.90 -22.20 -17.69
CA TYR A 3349 -61.70 -21.76 -16.56
C TYR A 3349 -62.76 -20.75 -16.96
N ILE A 3350 -62.50 -19.91 -17.96
CA ILE A 3350 -63.49 -18.92 -18.38
C ILE A 3350 -64.71 -19.62 -18.99
N THR A 3351 -64.48 -20.60 -19.84
CA THR A 3351 -65.55 -21.32 -20.52
C THR A 3351 -65.58 -22.78 -20.10
N ASP A 3352 -66.70 -23.44 -20.37
CA ASP A 3352 -66.84 -24.85 -20.05
C ASP A 3352 -66.22 -25.71 -21.15
N THR A 3353 -66.37 -27.03 -21.00
CA THR A 3353 -65.79 -27.99 -21.94
C THR A 3353 -66.73 -28.26 -23.11
N GLU A 3354 -67.17 -27.19 -23.79
CA GLU A 3354 -68.01 -27.32 -24.97
C GLU A 3354 -67.40 -26.56 -26.14
N GLY A 3355 -66.79 -25.40 -25.86
CA GLY A 3355 -66.12 -24.62 -26.86
C GLY A 3355 -64.73 -24.22 -26.42
N LEU A 3356 -64.07 -25.12 -25.70
CA LEU A 3356 -62.76 -24.81 -25.13
C LEU A 3356 -61.71 -24.59 -26.21
N SER A 3357 -61.70 -25.42 -27.25
CA SER A 3357 -60.67 -25.31 -28.29
C SER A 3357 -60.78 -23.99 -29.02
N LYS A 3358 -62.00 -23.58 -29.37
CA LYS A 3358 -62.19 -22.33 -30.10
C LYS A 3358 -61.74 -21.13 -29.27
N LYS A 3359 -62.14 -21.11 -27.99
CA LYS A 3359 -61.73 -20.00 -27.13
C LYS A 3359 -60.22 -19.99 -26.91
N PHE A 3360 -59.62 -21.17 -26.79
CA PHE A 3360 -58.17 -21.26 -26.59
C PHE A 3360 -57.43 -20.69 -27.80
N VAL A 3361 -57.80 -21.13 -29.00
CA VAL A 3361 -57.10 -20.65 -30.19
C VAL A 3361 -57.39 -19.17 -30.41
N GLU A 3362 -58.60 -18.71 -30.10
CA GLU A 3362 -58.92 -17.29 -30.26
C GLU A 3362 -58.13 -16.43 -29.29
N ILE A 3363 -58.00 -16.86 -28.03
CA ILE A 3363 -57.26 -16.09 -27.05
C ILE A 3363 -55.76 -16.16 -27.28
N PHE A 3364 -55.28 -17.22 -27.95
CA PHE A 3364 -53.89 -17.19 -28.41
C PHE A 3364 -53.72 -16.24 -29.58
N GLN A 3365 -54.71 -16.15 -30.47
CA GLN A 3365 -54.65 -15.19 -31.57
C GLN A 3365 -54.77 -13.76 -31.06
N LYS A 3366 -55.30 -13.57 -29.84
CA LYS A 3366 -55.45 -12.22 -29.30
C LYS A 3366 -54.16 -11.68 -28.73
N THR A 3367 -53.27 -12.53 -28.23
CA THR A 3367 -52.01 -12.07 -27.68
C THR A 3367 -51.13 -11.50 -28.79
N PRO A 3368 -50.25 -10.55 -28.46
CA PRO A 3368 -49.33 -10.03 -29.49
C PRO A 3368 -48.45 -11.11 -30.09
N LEU A 3369 -48.14 -12.15 -29.31
CA LEU A 3369 -47.35 -13.26 -29.85
C LEU A 3369 -48.06 -13.93 -31.01
N GLY A 3370 -49.37 -14.16 -30.87
CA GLY A 3370 -50.12 -14.80 -31.95
C GLY A 3370 -50.17 -13.94 -33.21
N VAL A 3371 -50.48 -12.66 -33.06
CA VAL A 3371 -50.57 -11.79 -34.23
C VAL A 3371 -49.20 -11.61 -34.88
N PHE A 3372 -48.13 -11.69 -34.09
CA PHE A 3372 -46.79 -11.59 -34.66
C PHE A 3372 -46.40 -12.87 -35.38
N LEU A 3373 -46.78 -14.03 -34.82
CA LEU A 3373 -46.46 -15.30 -35.46
C LEU A 3373 -47.28 -15.53 -36.71
N ALA A 3374 -48.45 -14.91 -36.81
CA ALA A 3374 -49.36 -15.16 -37.93
C ALA A 3374 -48.79 -14.68 -39.25
N GLN A 3375 -47.81 -13.77 -39.22
CA GLN A 3375 -47.30 -13.19 -40.47
C GLN A 3375 -46.22 -14.05 -41.12
N PHE A 3376 -45.83 -15.15 -40.51
CA PHE A 3376 -44.74 -15.95 -41.03
C PHE A 3376 -45.25 -16.91 -42.10
N PRO A 3377 -44.39 -17.37 -43.00
CA PRO A 3377 -44.80 -18.35 -44.02
C PRO A 3377 -45.21 -19.67 -43.39
N VAL A 3378 -46.05 -20.41 -44.11
CA VAL A 3378 -46.60 -21.67 -43.60
C VAL A 3378 -45.48 -22.65 -43.32
N ALA A 3379 -44.45 -22.69 -44.18
CA ALA A 3379 -43.32 -23.58 -43.95
C ALA A 3379 -42.57 -23.21 -42.67
N GLN A 3380 -42.40 -21.91 -42.43
CA GLN A 3380 -41.72 -21.48 -41.20
C GLN A 3380 -42.52 -21.86 -39.97
N GLN A 3381 -43.85 -21.72 -40.04
CA GLN A 3381 -44.68 -22.15 -38.92
C GLN A 3381 -44.63 -23.66 -38.75
N GLN A 3382 -44.51 -24.42 -39.83
CA GLN A 3382 -44.35 -25.87 -39.69
C GLN A 3382 -43.03 -26.23 -39.00
N LYS A 3383 -41.93 -25.60 -39.42
CA LYS A 3383 -40.65 -25.82 -38.76
C LYS A 3383 -40.75 -25.51 -37.28
N LEU A 3384 -41.35 -24.36 -36.96
CA LEU A 3384 -41.66 -24.03 -35.57
C LEU A 3384 -42.48 -25.14 -34.92
N LEU A 3385 -43.39 -25.76 -35.68
CA LEU A 3385 -44.29 -26.74 -35.10
C LEU A 3385 -43.54 -27.98 -34.62
N GLN A 3386 -42.71 -28.59 -35.47
CA GLN A 3386 -42.01 -29.77 -34.93
C GLN A 3386 -40.92 -29.39 -33.95
N SER A 3387 -40.30 -28.20 -34.09
CA SER A 3387 -39.33 -27.82 -33.06
C SER A 3387 -40.00 -27.66 -31.71
N TYR A 3388 -41.14 -26.97 -31.67
CA TYR A 3388 -41.90 -26.82 -30.44
C TYR A 3388 -42.36 -28.18 -29.92
N LEU A 3389 -42.78 -29.07 -30.82
CA LEU A 3389 -43.27 -30.36 -30.39
C LEU A 3389 -42.16 -31.18 -29.73
N LYS A 3390 -40.95 -31.19 -30.32
CA LYS A 3390 -39.86 -31.95 -29.71
C LYS A 3390 -39.40 -31.31 -28.40
N ASP A 3391 -39.35 -29.97 -28.34
CA ASP A 3391 -38.88 -29.37 -27.09
C ASP A 3391 -39.93 -29.47 -25.99
N PHE A 3392 -41.21 -29.51 -26.36
CA PHE A 3392 -42.25 -29.80 -25.38
C PHE A 3392 -42.12 -31.22 -24.87
N LEU A 3393 -41.83 -32.17 -25.76
CA LEU A 3393 -41.54 -33.53 -25.33
C LEU A 3393 -40.39 -33.53 -24.33
N LEU A 3394 -39.29 -32.83 -24.65
CA LEU A 3394 -38.12 -32.83 -23.78
C LEU A 3394 -38.42 -32.19 -22.43
N LEU A 3395 -39.14 -31.07 -22.41
CA LEU A 3395 -39.42 -30.38 -21.15
C LEU A 3395 -40.41 -31.13 -20.28
N THR A 3396 -41.51 -31.60 -20.84
CA THR A 3396 -42.54 -32.28 -20.06
C THR A 3396 -42.14 -33.71 -19.71
N MET A 3397 -41.39 -34.37 -20.59
CA MET A 3397 -41.07 -35.78 -20.46
C MET A 3397 -39.57 -35.98 -20.60
N LYS A 3398 -38.97 -36.66 -19.63
CA LYS A 3398 -37.55 -37.00 -19.73
C LYS A 3398 -37.39 -38.26 -20.55
N VAL A 3399 -36.33 -38.29 -21.38
CA VAL A 3399 -36.08 -39.40 -22.29
C VAL A 3399 -34.58 -39.67 -22.32
N SER A 3400 -34.20 -40.92 -22.07
CA SER A 3400 -32.80 -41.36 -22.23
C SER A 3400 -32.60 -42.01 -23.59
N SER A 3401 -33.02 -41.33 -24.66
CA SER A 3401 -32.94 -41.87 -26.01
C SER A 3401 -33.33 -40.77 -26.99
N ARG A 3402 -32.82 -40.88 -28.21
CA ARG A 3402 -33.15 -39.98 -29.30
C ARG A 3402 -34.16 -40.55 -30.28
N GLU A 3403 -34.12 -41.85 -30.54
CA GLU A 3403 -35.13 -42.47 -31.41
C GLU A 3403 -36.51 -42.41 -30.78
N GLU A 3404 -36.59 -42.69 -29.48
CA GLU A 3404 -37.88 -42.61 -28.79
C GLU A 3404 -38.37 -41.16 -28.76
N LEU A 3405 -37.46 -40.20 -28.76
CA LEU A 3405 -37.85 -38.79 -28.85
C LEU A 3405 -38.64 -38.55 -30.13
N MET A 3406 -38.10 -38.97 -31.27
CA MET A 3406 -38.82 -38.83 -32.52
C MET A 3406 -40.08 -39.68 -32.54
N PHE A 3407 -40.10 -40.80 -31.82
CA PHE A 3407 -41.27 -41.67 -31.84
C PHE A 3407 -42.44 -41.00 -31.12
N LEU A 3408 -42.22 -40.48 -29.91
CA LEU A 3408 -43.28 -39.72 -29.26
C LEU A 3408 -43.55 -38.40 -29.96
N GLN A 3409 -42.57 -37.85 -30.70
CA GLN A 3409 -42.81 -36.70 -31.55
C GLN A 3409 -43.89 -37.01 -32.58
N MET A 3410 -43.71 -38.11 -33.32
CA MET A 3410 -44.70 -38.54 -34.29
C MET A 3410 -46.02 -38.90 -33.62
N ALA A 3411 -45.97 -39.50 -32.43
CA ALA A 3411 -47.19 -39.85 -31.72
C ALA A 3411 -48.01 -38.60 -31.38
N LEU A 3412 -47.34 -37.56 -30.88
CA LEU A 3412 -48.06 -36.34 -30.52
C LEU A 3412 -48.53 -35.61 -31.77
N TRP A 3413 -47.76 -35.68 -32.86
CA TRP A 3413 -48.24 -35.11 -34.12
C TRP A 3413 -49.50 -35.80 -34.61
N SER A 3414 -49.54 -37.14 -34.53
CA SER A 3414 -50.73 -37.87 -34.95
C SER A 3414 -51.90 -37.58 -34.03
N CYS A 3415 -51.62 -37.40 -32.73
CA CYS A 3415 -52.68 -37.00 -31.80
C CYS A 3415 -53.25 -35.64 -32.17
N LEU A 3416 -52.38 -34.69 -32.54
CA LEU A 3416 -52.84 -33.39 -32.99
C LEU A 3416 -53.69 -33.50 -34.25
N ARG A 3417 -53.24 -34.32 -35.20
CA ARG A 3417 -54.00 -34.52 -36.43
C ARG A 3417 -55.37 -35.11 -36.14
N GLU A 3418 -55.43 -36.09 -35.23
CA GLU A 3418 -56.72 -36.70 -34.88
C GLU A 3418 -57.64 -35.69 -34.19
N LEU A 3419 -57.07 -34.87 -33.29
CA LEU A 3419 -57.87 -33.84 -32.65
C LEU A 3419 -58.42 -32.83 -33.66
N GLN A 3420 -57.62 -32.53 -34.70
CA GLN A 3420 -58.10 -31.65 -35.76
C GLN A 3420 -59.31 -32.25 -36.47
N GLU A 3421 -59.32 -33.57 -36.64
CA GLU A 3421 -60.42 -34.25 -37.31
C GLU A 3421 -61.59 -34.55 -36.37
N ALA A 3422 -61.47 -34.21 -35.09
CA ALA A 3422 -62.59 -34.42 -34.18
C ALA A 3422 -63.80 -33.58 -34.58
N SER A 3423 -63.57 -32.33 -34.96
CA SER A 3423 -64.64 -31.49 -35.47
C SER A 3423 -64.87 -31.74 -36.95
N GLY A 3424 -66.13 -31.75 -37.36
CA GLY A 3424 -66.47 -32.03 -38.75
C GLY A 3424 -65.93 -31.01 -39.72
N THR A 3425 -66.45 -29.80 -39.68
CA THR A 3425 -66.00 -28.71 -40.55
C THR A 3425 -66.42 -27.36 -39.99
N PRO A 3426 -65.86 -26.94 -38.85
CA PRO A 3426 -66.21 -25.63 -38.30
C PRO A 3426 -65.85 -24.47 -39.21
N ASP A 3427 -64.78 -24.63 -40.02
CA ASP A 3427 -64.31 -23.66 -41.00
C ASP A 3427 -64.10 -22.26 -40.42
N GLU A 3428 -63.98 -22.16 -39.10
CA GLU A 3428 -63.56 -20.92 -38.43
C GLU A 3428 -62.28 -21.11 -37.65
N THR A 3429 -62.22 -22.10 -36.76
CA THR A 3429 -60.98 -22.44 -36.09
C THR A 3429 -60.07 -23.29 -36.97
N TYR A 3430 -60.60 -23.86 -38.05
CA TYR A 3430 -59.80 -24.63 -38.99
C TYR A 3430 -58.90 -23.75 -39.84
N LYS A 3431 -59.12 -22.43 -39.85
CA LYS A 3431 -58.27 -21.51 -40.60
C LYS A 3431 -56.87 -21.43 -40.02
N PHE A 3432 -56.67 -21.87 -38.78
CA PHE A 3432 -55.36 -21.87 -38.14
C PHE A 3432 -55.06 -23.26 -37.58
N PRO A 3433 -54.83 -24.25 -38.46
CA PRO A 3433 -54.57 -25.61 -37.98
C PRO A 3433 -53.14 -25.81 -37.55
N LEU A 3434 -52.22 -25.07 -38.16
CA LEU A 3434 -50.79 -25.18 -37.86
C LEU A 3434 -50.37 -24.05 -36.91
N SER A 3435 -50.74 -24.21 -35.64
CA SER A 3435 -50.44 -23.23 -34.60
C SER A 3435 -49.85 -23.91 -33.38
N LEU A 3436 -49.17 -23.11 -32.56
CA LEU A 3436 -48.54 -23.62 -31.35
C LEU A 3436 -49.54 -24.18 -30.33
N PRO A 3437 -50.58 -23.44 -29.93
CA PRO A 3437 -51.41 -23.92 -28.80
C PRO A 3437 -52.06 -25.28 -29.05
N TRP A 3438 -52.27 -25.65 -30.32
CA TRP A 3438 -52.82 -26.97 -30.61
C TRP A 3438 -52.03 -28.06 -29.92
N VAL A 3439 -50.71 -27.96 -29.90
CA VAL A 3439 -49.89 -28.98 -29.24
C VAL A 3439 -50.32 -29.12 -27.78
N HIS A 3440 -50.39 -28.00 -27.06
CA HIS A 3440 -50.89 -28.03 -25.69
C HIS A 3440 -52.24 -28.72 -25.63
N LEU A 3441 -53.16 -28.31 -26.52
CA LEU A 3441 -54.49 -28.93 -26.55
C LEU A 3441 -54.35 -30.44 -26.64
N ALA A 3442 -53.54 -30.94 -27.58
CA ALA A 3442 -53.38 -32.37 -27.74
C ALA A 3442 -52.96 -33.01 -26.42
N PHE A 3443 -51.93 -32.44 -25.78
CA PHE A 3443 -51.50 -32.98 -24.49
C PHE A 3443 -52.67 -33.06 -23.53
N GLN A 3444 -53.38 -31.94 -23.36
CA GLN A 3444 -54.41 -31.90 -22.34
C GLN A 3444 -55.64 -32.70 -22.71
N HIS A 3445 -55.67 -33.26 -23.92
CA HIS A 3445 -56.74 -34.18 -24.28
C HIS A 3445 -56.27 -35.63 -24.22
N PHE A 3446 -54.97 -35.85 -24.45
CA PHE A 3446 -54.45 -37.20 -24.66
C PHE A 3446 -53.33 -37.55 -23.70
N ARG A 3447 -53.22 -36.82 -22.58
CA ARG A 3447 -52.09 -37.00 -21.67
C ARG A 3447 -51.92 -38.46 -21.28
N THR A 3448 -53.01 -39.10 -20.82
CA THR A 3448 -52.98 -40.52 -20.53
C THR A 3448 -52.35 -41.31 -21.67
N ARG A 3449 -52.93 -41.25 -22.87
CA ARG A 3449 -52.47 -42.12 -23.95
C ARG A 3449 -51.09 -41.72 -24.44
N LEU A 3450 -50.56 -40.58 -23.97
CA LEU A 3450 -49.15 -40.31 -24.20
C LEU A 3450 -48.29 -40.92 -23.10
N GLN A 3451 -48.62 -40.62 -21.84
CA GLN A 3451 -47.79 -41.07 -20.72
C GLN A 3451 -47.74 -42.59 -20.64
N ASN A 3452 -48.88 -43.25 -20.75
CA ASN A 3452 -48.90 -44.71 -20.84
C ASN A 3452 -47.97 -45.19 -21.95
N PHE A 3453 -48.04 -44.55 -23.11
CA PHE A 3453 -47.14 -44.91 -24.21
C PHE A 3453 -45.69 -44.76 -23.77
N SER A 3454 -45.37 -43.66 -23.08
CA SER A 3454 -44.01 -43.49 -22.58
C SER A 3454 -43.61 -44.63 -21.67
N ARG A 3455 -44.55 -45.11 -20.84
CA ARG A 3455 -44.26 -46.25 -19.99
C ARG A 3455 -43.78 -47.44 -20.81
N ILE A 3456 -44.46 -47.72 -21.93
CA ILE A 3456 -44.08 -48.86 -22.76
C ILE A 3456 -42.66 -48.67 -23.28
N LEU A 3457 -42.23 -47.42 -23.51
CA LEU A 3457 -40.88 -47.19 -23.99
C LEU A 3457 -39.87 -47.31 -22.86
N THR A 3458 -40.28 -47.05 -21.62
CA THR A 3458 -39.32 -46.98 -20.53
C THR A 3458 -39.12 -48.34 -19.87
N ILE A 3459 -40.20 -49.12 -19.71
CA ILE A 3459 -40.11 -50.40 -19.02
C ILE A 3459 -39.33 -51.41 -19.85
N HIS A 3460 -39.56 -51.43 -21.16
CA HIS A 3460 -38.99 -52.44 -22.06
C HIS A 3460 -38.38 -51.72 -23.26
N PRO A 3461 -37.14 -51.26 -23.14
CA PRO A 3461 -36.50 -50.57 -24.29
C PRO A 3461 -36.39 -51.44 -25.53
N GLN A 3462 -36.26 -52.76 -25.38
CA GLN A 3462 -36.09 -53.65 -26.53
C GLN A 3462 -37.20 -53.50 -27.55
N VAL A 3463 -38.44 -53.27 -27.11
CA VAL A 3463 -39.54 -53.15 -28.06
C VAL A 3463 -39.27 -52.04 -29.06
N LEU A 3464 -38.55 -50.99 -28.65
CA LEU A 3464 -38.22 -49.91 -29.57
C LEU A 3464 -37.56 -50.44 -30.83
N SER A 3465 -36.60 -51.37 -30.67
CA SER A 3465 -35.94 -51.93 -31.85
C SER A 3465 -36.95 -52.57 -32.79
N SER A 3466 -37.88 -53.35 -32.24
CA SER A 3466 -38.93 -53.92 -33.08
C SER A 3466 -39.75 -52.83 -33.75
N LEU A 3467 -40.11 -51.80 -32.98
CA LEU A 3467 -40.86 -50.69 -33.55
C LEU A 3467 -40.06 -50.01 -34.65
N SER A 3468 -38.73 -50.09 -34.59
CA SER A 3468 -37.89 -49.48 -35.61
C SER A 3468 -38.13 -50.07 -36.99
N GLN A 3469 -38.74 -51.25 -37.06
CA GLN A 3469 -39.21 -51.79 -38.33
C GLN A 3469 -40.71 -51.69 -38.51
N ALA A 3470 -41.47 -51.63 -37.41
CA ALA A 3470 -42.93 -51.62 -37.53
C ALA A 3470 -43.43 -50.40 -38.27
N ALA A 3471 -42.86 -49.22 -37.98
CA ALA A 3471 -43.24 -48.02 -38.70
C ALA A 3471 -42.97 -48.17 -40.20
N GLU A 3472 -42.00 -49.00 -40.56
CA GLU A 3472 -41.71 -49.23 -41.97
C GLU A 3472 -42.73 -50.17 -42.59
N LYS A 3473 -43.25 -51.12 -41.80
CA LYS A 3473 -44.09 -52.18 -42.37
C LYS A 3473 -45.56 -51.81 -42.41
N HIS A 3474 -45.99 -50.76 -41.70
CA HIS A 3474 -47.39 -50.41 -41.63
C HIS A 3474 -47.68 -48.93 -41.85
N SER A 3475 -46.66 -48.08 -41.89
CA SER A 3475 -46.81 -46.65 -42.17
C SER A 3475 -47.78 -46.00 -41.17
N LEU A 3476 -47.37 -46.00 -39.90
CA LEU A 3476 -48.18 -45.46 -38.82
C LEU A 3476 -48.21 -43.93 -38.89
N ALA A 3477 -48.94 -43.31 -37.97
CA ALA A 3477 -49.02 -41.86 -37.85
C ALA A 3477 -49.51 -41.20 -39.13
N GLY A 3478 -50.58 -41.73 -39.71
CA GLY A 3478 -51.16 -41.16 -40.91
C GLY A 3478 -52.24 -40.14 -40.61
N CYS A 3479 -53.24 -40.55 -39.84
CA CYS A 3479 -54.36 -39.68 -39.47
C CYS A 3479 -54.52 -39.57 -37.96
N GLU A 3480 -54.31 -40.65 -37.23
CA GLU A 3480 -54.56 -40.71 -35.79
C GLU A 3480 -53.40 -41.42 -35.11
N MET A 3481 -53.56 -41.66 -33.81
CA MET A 3481 -52.53 -42.29 -33.00
C MET A 3481 -52.82 -43.78 -32.84
N THR A 3482 -51.84 -44.60 -33.22
CA THR A 3482 -51.84 -46.03 -32.93
C THR A 3482 -50.45 -46.52 -32.53
N LEU A 3483 -49.54 -45.61 -32.17
CA LEU A 3483 -48.15 -45.98 -31.95
C LEU A 3483 -47.97 -46.76 -30.65
N ASP A 3484 -48.74 -46.45 -29.61
CA ASP A 3484 -48.70 -47.28 -28.41
C ASP A 3484 -49.26 -48.67 -28.70
N ALA A 3485 -50.27 -48.75 -29.57
CA ALA A 3485 -50.79 -50.05 -29.99
C ALA A 3485 -49.74 -50.81 -30.79
N PHE A 3486 -48.97 -50.11 -31.63
CA PHE A 3486 -47.90 -50.76 -32.37
C PHE A 3486 -46.80 -51.26 -31.45
N ALA A 3487 -46.44 -50.46 -30.44
CA ALA A 3487 -45.48 -50.91 -29.45
C ALA A 3487 -45.99 -52.13 -28.70
N ALA A 3488 -47.27 -52.14 -28.35
CA ALA A 3488 -47.87 -53.30 -27.69
C ALA A 3488 -47.81 -54.52 -28.59
N MET A 3489 -48.12 -54.35 -29.88
CA MET A 3489 -48.12 -55.48 -30.81
C MET A 3489 -46.72 -56.06 -30.98
N ALA A 3490 -45.74 -55.19 -31.21
CA ALA A 3490 -44.36 -55.66 -31.36
C ALA A 3490 -43.86 -56.31 -30.08
N CYS A 3491 -44.22 -55.75 -28.93
CA CYS A 3491 -43.84 -56.34 -27.66
C CYS A 3491 -44.45 -57.72 -27.48
N ALA A 3492 -45.72 -57.87 -27.84
CA ALA A 3492 -46.38 -59.17 -27.75
C ALA A 3492 -45.70 -60.19 -28.67
N GLU A 3493 -45.36 -59.75 -29.88
CA GLU A 3493 -44.66 -60.64 -30.81
C GLU A 3493 -43.32 -61.09 -30.23
N MET A 3494 -42.55 -60.17 -29.66
CA MET A 3494 -41.27 -60.55 -29.07
C MET A 3494 -41.47 -61.44 -27.84
N LEU A 3495 -42.52 -61.19 -27.05
CA LEU A 3495 -42.81 -62.02 -25.89
C LEU A 3495 -43.10 -63.46 -26.30
N LYS A 3496 -43.95 -63.64 -27.32
CA LYS A 3496 -44.18 -64.98 -27.84
C LYS A 3496 -42.97 -65.53 -28.58
N GLY A 3497 -42.05 -64.67 -29.00
CA GLY A 3497 -40.84 -65.12 -29.65
C GLY A 3497 -39.82 -65.74 -28.71
N ASP A 3498 -39.31 -64.95 -27.75
CA ASP A 3498 -38.28 -65.49 -26.85
C ASP A 3498 -38.84 -66.59 -25.96
N LEU A 3499 -40.04 -66.38 -25.40
CA LEU A 3499 -40.76 -67.37 -24.58
C LEU A 3499 -39.84 -67.85 -23.46
N LEU A 3500 -39.69 -69.15 -23.25
CA LEU A 3500 -38.93 -69.70 -22.12
C LEU A 3500 -37.44 -69.59 -22.42
N LYS A 3501 -36.84 -68.48 -21.97
CA LYS A 3501 -35.40 -68.27 -22.05
C LYS A 3501 -34.73 -69.04 -20.92
N PRO A 3502 -33.38 -69.04 -20.83
CA PRO A 3502 -32.71 -69.66 -19.69
C PRO A 3502 -33.28 -69.24 -18.34
N SER A 3503 -33.75 -68.00 -18.24
CA SER A 3503 -34.42 -67.52 -17.04
C SER A 3503 -35.88 -67.24 -17.33
N PRO A 3504 -36.76 -68.24 -17.27
CA PRO A 3504 -38.19 -67.98 -17.50
C PRO A 3504 -38.81 -67.07 -16.45
N LYS A 3505 -38.22 -66.97 -15.26
CA LYS A 3505 -38.69 -65.99 -14.29
C LYS A 3505 -38.47 -64.57 -14.80
N ALA A 3506 -37.36 -64.34 -15.51
CA ALA A 3506 -37.15 -63.05 -16.15
C ALA A 3506 -38.22 -62.80 -17.21
N TRP A 3507 -38.64 -63.85 -17.91
CA TRP A 3507 -39.74 -63.69 -18.86
C TRP A 3507 -41.03 -63.33 -18.15
N LEU A 3508 -41.29 -63.97 -17.01
CA LEU A 3508 -42.45 -63.59 -16.19
C LEU A 3508 -42.39 -62.12 -15.82
N GLN A 3509 -41.22 -61.65 -15.38
CA GLN A 3509 -41.06 -60.25 -15.01
C GLN A 3509 -41.28 -59.32 -16.19
N LEU A 3510 -40.73 -59.65 -17.36
CA LEU A 3510 -40.84 -58.81 -18.53
C LEU A 3510 -42.18 -58.95 -19.25
N VAL A 3511 -43.05 -59.84 -18.80
CA VAL A 3511 -44.45 -59.78 -19.22
C VAL A 3511 -45.33 -59.08 -18.19
N LYS A 3512 -45.00 -59.17 -16.90
CA LYS A 3512 -45.88 -58.58 -15.89
C LYS A 3512 -45.58 -57.11 -15.62
N ASN A 3513 -44.35 -56.65 -15.88
CA ASN A 3513 -44.05 -55.22 -15.74
C ASN A 3513 -44.91 -54.40 -16.69
N LEU A 3514 -45.27 -54.99 -17.82
CA LEU A 3514 -45.95 -54.30 -18.92
C LEU A 3514 -47.41 -54.71 -19.07
N SER A 3515 -47.98 -55.41 -18.09
CA SER A 3515 -49.39 -55.78 -18.17
C SER A 3515 -50.30 -54.55 -18.11
N THR A 3516 -50.06 -53.69 -17.12
CA THR A 3516 -50.96 -52.56 -16.86
C THR A 3516 -51.11 -51.58 -18.02
N PRO A 3517 -50.05 -51.19 -18.77
CA PRO A 3517 -50.30 -50.29 -19.91
C PRO A 3517 -51.21 -50.90 -20.96
N LEU A 3518 -51.03 -52.19 -21.25
CA LEU A 3518 -51.88 -52.85 -22.24
C LEU A 3518 -53.29 -53.07 -21.72
N GLU A 3519 -53.46 -53.25 -20.41
CA GLU A 3519 -54.81 -53.22 -19.85
C GLU A 3519 -55.45 -51.84 -19.99
N LEU A 3520 -54.69 -50.77 -19.77
CA LEU A 3520 -55.28 -49.43 -19.79
C LEU A 3520 -55.63 -48.98 -21.21
N VAL A 3521 -54.77 -49.31 -22.18
CA VAL A 3521 -55.06 -48.88 -23.56
C VAL A 3521 -56.29 -49.59 -24.11
N CYS A 3522 -56.55 -50.82 -23.66
CA CYS A 3522 -57.70 -51.56 -24.13
C CYS A 3522 -58.90 -51.34 -23.23
N SER A 3523 -59.39 -50.10 -23.15
CA SER A 3523 -60.48 -49.73 -22.27
C SER A 3523 -61.48 -48.85 -23.02
N GLU A 3524 -62.73 -48.87 -22.56
CA GLU A 3524 -63.76 -48.01 -23.14
C GLU A 3524 -63.71 -46.62 -22.51
N GLY A 3525 -63.94 -45.58 -23.31
CA GLY A 3525 -63.79 -44.21 -22.85
C GLY A 3525 -62.37 -43.72 -23.02
N TYR A 3526 -61.47 -44.67 -23.27
CA TYR A 3526 -60.07 -44.33 -23.54
C TYR A 3526 -59.94 -43.55 -24.85
N LEU A 3527 -60.72 -43.93 -25.87
CA LEU A 3527 -60.79 -43.19 -27.12
C LEU A 3527 -62.20 -42.62 -27.23
N CYS A 3528 -62.31 -41.30 -27.01
CA CYS A 3528 -63.63 -40.66 -27.03
C CYS A 3528 -64.27 -40.75 -28.41
N ASP A 3529 -63.51 -40.47 -29.46
CA ASP A 3529 -64.05 -40.52 -30.81
C ASP A 3529 -62.89 -40.65 -31.81
N SER A 3530 -63.10 -41.50 -32.82
CA SER A 3530 -62.11 -41.73 -33.87
C SER A 3530 -62.83 -42.42 -35.03
N GLY A 3531 -62.06 -42.85 -36.03
CA GLY A 3531 -62.62 -43.49 -37.21
C GLY A 3531 -62.98 -44.94 -36.99
N SER A 3532 -63.75 -45.50 -37.92
CA SER A 3532 -64.18 -46.90 -37.78
C SER A 3532 -63.00 -47.85 -37.93
N MET A 3533 -62.02 -47.50 -38.77
CA MET A 3533 -60.83 -48.33 -38.89
C MET A 3533 -60.08 -48.44 -37.57
N THR A 3534 -60.05 -47.35 -36.80
CA THR A 3534 -59.41 -47.43 -35.49
C THR A 3534 -60.28 -48.23 -34.52
N ARG A 3535 -61.60 -48.22 -34.72
CA ARG A 3535 -62.45 -49.12 -33.95
C ARG A 3535 -62.07 -50.57 -34.19
N SER A 3536 -61.89 -50.97 -35.45
CA SER A 3536 -61.48 -52.34 -35.73
C SER A 3536 -60.08 -52.63 -35.16
N VAL A 3537 -59.17 -51.66 -35.28
CA VAL A 3537 -57.83 -51.84 -34.76
C VAL A 3537 -57.85 -52.06 -33.25
N ILE A 3538 -58.63 -51.25 -32.53
CA ILE A 3538 -58.69 -51.42 -31.09
C ILE A 3538 -59.44 -52.70 -30.71
N GLN A 3539 -60.45 -53.11 -31.46
CA GLN A 3539 -61.09 -54.41 -31.21
C GLN A 3539 -60.07 -55.54 -31.29
N GLU A 3540 -59.28 -55.58 -32.37
CA GLU A 3540 -58.31 -56.67 -32.49
C GLU A 3540 -57.18 -56.51 -31.48
N VAL A 3541 -56.88 -55.28 -31.06
CA VAL A 3541 -55.82 -55.13 -30.06
C VAL A 3541 -56.28 -55.65 -28.70
N ARG A 3542 -57.54 -55.40 -28.31
CA ARG A 3542 -58.04 -56.03 -27.08
C ARG A 3542 -58.09 -57.54 -27.23
N ALA A 3543 -58.47 -58.04 -28.41
CA ALA A 3543 -58.49 -59.48 -28.62
C ALA A 3543 -57.13 -60.09 -28.37
N LEU A 3544 -56.09 -59.56 -29.01
CA LEU A 3544 -54.76 -60.12 -28.87
C LEU A 3544 -54.21 -59.88 -27.47
N TRP A 3545 -54.53 -58.74 -26.85
CA TRP A 3545 -54.07 -58.49 -25.49
C TRP A 3545 -54.68 -59.47 -24.51
N ASN A 3546 -55.98 -59.76 -24.64
CA ASN A 3546 -56.61 -60.76 -23.77
C ASN A 3546 -56.02 -62.14 -24.02
N ARG A 3547 -55.74 -62.47 -25.29
CA ARG A 3547 -55.12 -63.75 -25.60
C ARG A 3547 -53.77 -63.90 -24.89
N ILE A 3548 -52.89 -62.91 -25.06
CA ILE A 3548 -51.57 -62.99 -24.45
C ILE A 3548 -51.65 -62.80 -22.94
N PHE A 3549 -52.71 -62.18 -22.43
CA PHE A 3549 -52.89 -62.06 -21.00
C PHE A 3549 -53.25 -63.41 -20.38
N SER A 3550 -54.13 -64.16 -21.05
CA SER A 3550 -54.39 -65.53 -20.61
C SER A 3550 -53.13 -66.38 -20.71
N ILE A 3551 -52.35 -66.19 -21.77
CA ILE A 3551 -51.07 -66.90 -21.89
C ILE A 3551 -50.15 -66.55 -20.74
N ALA A 3552 -50.10 -65.27 -20.38
CA ALA A 3552 -49.23 -64.82 -19.28
C ALA A 3552 -49.69 -65.39 -17.95
N LEU A 3553 -51.02 -65.46 -17.73
CA LEU A 3553 -51.51 -66.10 -16.51
C LEU A 3553 -51.09 -67.57 -16.47
N PHE A 3554 -51.26 -68.28 -17.59
CA PHE A 3554 -50.87 -69.68 -17.65
C PHE A 3554 -49.39 -69.85 -17.33
N VAL A 3555 -48.55 -69.02 -17.94
CA VAL A 3555 -47.12 -69.09 -17.67
C VAL A 3555 -46.84 -68.81 -16.20
N GLU A 3556 -47.21 -67.62 -15.73
CA GLU A 3556 -46.85 -67.17 -14.39
C GLU A 3556 -47.42 -68.07 -13.31
N HIS A 3557 -48.42 -68.88 -13.63
CA HIS A 3557 -48.90 -69.88 -12.66
C HIS A 3557 -48.14 -71.19 -12.80
N VAL A 3558 -48.29 -71.87 -13.94
CA VAL A 3558 -47.86 -73.26 -14.01
C VAL A 3558 -46.34 -73.36 -14.22
N LEU A 3559 -45.78 -72.48 -15.07
CA LEU A 3559 -44.35 -72.53 -15.32
C LEU A 3559 -43.57 -72.11 -14.08
N LEU A 3560 -44.09 -71.13 -13.34
CA LEU A 3560 -43.48 -70.77 -12.06
C LEU A 3560 -43.58 -71.92 -11.06
N GLY A 3561 -44.76 -72.55 -10.97
CA GLY A 3561 -44.93 -73.60 -9.98
C GLY A 3561 -44.05 -74.81 -10.23
N THR A 3562 -43.98 -75.26 -11.49
CA THR A 3562 -43.21 -76.47 -11.79
C THR A 3562 -41.72 -76.22 -11.59
N GLU A 3563 -41.26 -75.02 -11.92
CA GLU A 3563 -39.84 -74.72 -11.76
C GLU A 3563 -39.48 -74.43 -10.30
N SER A 3564 -40.45 -73.99 -9.51
CA SER A 3564 -40.18 -73.67 -8.11
C SER A 3564 -40.29 -74.88 -7.20
N HIS A 3565 -41.22 -75.80 -7.43
CA HIS A 3565 -41.43 -76.88 -6.49
C HIS A 3565 -41.00 -78.24 -7.03
N ILE A 3566 -41.54 -78.65 -8.17
CA ILE A 3566 -41.30 -79.98 -8.71
C ILE A 3566 -40.87 -79.88 -10.18
N PRO A 3567 -39.57 -79.83 -10.47
CA PRO A 3567 -39.13 -79.72 -11.87
C PRO A 3567 -39.20 -81.05 -12.61
N GLU A 3568 -40.42 -81.56 -12.83
CA GLU A 3568 -40.58 -82.82 -13.55
C GLU A 3568 -41.75 -82.78 -14.54
N LEU A 3569 -42.38 -81.63 -14.74
CA LEU A 3569 -43.52 -81.52 -15.64
C LEU A 3569 -43.32 -80.47 -16.73
N SER A 3570 -42.11 -79.91 -16.85
CA SER A 3570 -41.87 -78.85 -17.84
C SER A 3570 -42.13 -79.30 -19.28
N PRO A 3571 -41.62 -80.44 -19.76
CA PRO A 3571 -41.83 -80.78 -21.18
C PRO A 3571 -43.29 -80.97 -21.56
N LEU A 3572 -44.17 -81.26 -20.61
CA LEU A 3572 -45.59 -81.42 -20.92
C LEU A 3572 -46.34 -80.09 -20.90
N VAL A 3573 -46.08 -79.26 -19.90
CA VAL A 3573 -46.75 -77.96 -19.84
C VAL A 3573 -46.29 -77.06 -20.99
N THR A 3574 -45.01 -77.16 -21.38
CA THR A 3574 -44.52 -76.35 -22.48
C THR A 3574 -45.19 -76.70 -23.80
N THR A 3575 -45.69 -77.93 -23.95
CA THR A 3575 -46.45 -78.31 -25.12
C THR A 3575 -47.94 -78.01 -24.98
N TYR A 3576 -48.48 -78.13 -23.77
CA TYR A 3576 -49.90 -77.84 -23.56
C TYR A 3576 -50.20 -76.35 -23.72
N VAL A 3577 -49.27 -75.50 -23.28
CA VAL A 3577 -49.45 -74.06 -23.48
C VAL A 3577 -49.44 -73.74 -24.97
N SER A 3578 -48.57 -74.40 -25.73
CA SER A 3578 -48.56 -74.22 -27.19
C SER A 3578 -49.86 -74.70 -27.80
N LEU A 3579 -50.39 -75.83 -27.31
CA LEU A 3579 -51.66 -76.34 -27.82
C LEU A 3579 -52.80 -75.34 -27.59
N LEU A 3580 -52.88 -74.79 -26.37
CA LEU A 3580 -53.94 -73.83 -26.07
C LEU A 3580 -53.73 -72.52 -26.84
N ASP A 3581 -52.47 -72.16 -27.11
CA ASP A 3581 -52.19 -70.99 -27.93
C ASP A 3581 -52.66 -71.19 -29.37
N LYS A 3582 -52.37 -72.36 -29.94
CA LYS A 3582 -52.76 -72.62 -31.32
C LYS A 3582 -54.25 -72.87 -31.48
N CYS A 3583 -54.93 -73.33 -30.43
CA CYS A 3583 -56.35 -73.60 -30.51
C CYS A 3583 -57.21 -72.36 -30.32
N LEU A 3584 -56.62 -71.23 -29.89
CA LEU A 3584 -57.35 -70.00 -29.63
C LEU A 3584 -57.17 -68.95 -30.71
N GLU A 3585 -56.57 -69.31 -31.85
CA GLU A 3585 -56.29 -68.32 -32.88
C GLU A 3585 -57.59 -67.81 -33.52
N GLU A 3586 -58.48 -68.72 -33.90
CA GLU A 3586 -59.66 -68.33 -34.67
C GLU A 3586 -60.65 -67.55 -33.80
N ASP A 3587 -60.79 -67.92 -32.54
CA ASP A 3587 -61.76 -67.32 -31.63
C ASP A 3587 -61.02 -66.57 -30.53
N SER A 3588 -60.74 -65.29 -30.78
CA SER A 3588 -60.09 -64.43 -29.79
C SER A 3588 -61.16 -63.71 -28.96
N ASN A 3589 -62.10 -64.49 -28.45
CA ASN A 3589 -63.18 -63.99 -27.61
C ASN A 3589 -63.63 -65.13 -26.72
N LEU A 3590 -63.20 -65.11 -25.45
CA LEU A 3590 -63.42 -66.23 -24.56
C LEU A 3590 -64.79 -66.20 -23.88
N LYS A 3591 -65.55 -65.13 -24.05
CA LYS A 3591 -66.89 -65.08 -23.46
C LYS A 3591 -67.83 -66.10 -24.08
N THR A 3592 -67.55 -66.57 -25.28
CA THR A 3592 -68.42 -67.51 -25.98
C THR A 3592 -68.19 -68.93 -25.45
N CYS A 3593 -68.78 -69.92 -26.11
CA CYS A 3593 -68.82 -71.28 -25.60
C CYS A 3593 -67.59 -72.10 -25.96
N ARG A 3594 -67.26 -72.19 -27.25
CA ARG A 3594 -66.20 -73.09 -27.71
C ARG A 3594 -64.81 -72.80 -27.12
N PRO A 3595 -64.39 -71.55 -26.90
CA PRO A 3595 -63.04 -71.37 -26.32
C PRO A 3595 -62.96 -71.86 -24.88
N PHE A 3596 -64.01 -71.62 -24.08
CA PHE A 3596 -64.01 -72.12 -22.71
C PHE A 3596 -64.01 -73.64 -22.68
N VAL A 3597 -64.78 -74.27 -23.56
CA VAL A 3597 -64.80 -75.73 -23.63
C VAL A 3597 -63.42 -76.25 -24.04
N ALA A 3598 -62.79 -75.59 -25.01
CA ALA A 3598 -61.47 -76.02 -25.46
C ALA A 3598 -60.44 -75.92 -24.34
N VAL A 3599 -60.43 -74.81 -23.62
CA VAL A 3599 -59.46 -74.67 -22.53
C VAL A 3599 -59.78 -75.63 -21.39
N MET A 3600 -61.07 -75.92 -21.16
CA MET A 3600 -61.43 -76.89 -20.12
C MET A 3600 -60.93 -78.29 -20.48
N THR A 3601 -61.11 -78.69 -21.73
CA THR A 3601 -60.59 -80.00 -22.15
C THR A 3601 -59.07 -80.01 -22.11
N THR A 3602 -58.43 -78.88 -22.44
CA THR A 3602 -56.97 -78.79 -22.33
C THR A 3602 -56.52 -79.01 -20.89
N LEU A 3603 -57.18 -78.35 -19.93
CA LEU A 3603 -56.83 -78.55 -18.54
C LEU A 3603 -57.08 -79.99 -18.10
N CYS A 3604 -58.21 -80.57 -18.53
CA CYS A 3604 -58.56 -81.93 -18.12
C CYS A 3604 -57.53 -82.94 -18.63
N ASP A 3605 -57.24 -82.92 -19.93
CA ASP A 3605 -56.31 -83.92 -20.45
C ASP A 3605 -54.87 -83.60 -20.07
N CYS A 3606 -54.56 -82.33 -19.77
CA CYS A 3606 -53.25 -82.02 -19.22
C CYS A 3606 -53.08 -82.63 -17.83
N LYS A 3607 -54.11 -82.52 -16.98
CA LYS A 3607 -54.07 -83.17 -15.68
C LYS A 3607 -53.95 -84.68 -15.83
N ASP A 3608 -54.73 -85.26 -16.76
CA ASP A 3608 -54.67 -86.70 -16.98
C ASP A 3608 -53.27 -87.14 -17.37
N LYS A 3609 -52.69 -86.50 -18.39
CA LYS A 3609 -51.35 -86.88 -18.84
C LYS A 3609 -50.30 -86.63 -17.77
N ALA A 3610 -50.43 -85.54 -17.02
CA ALA A 3610 -49.49 -85.26 -15.95
C ALA A 3610 -49.52 -86.36 -14.89
N SER A 3611 -50.71 -86.77 -14.47
CA SER A 3611 -50.80 -87.85 -13.48
C SER A 3611 -50.26 -89.16 -14.04
N LYS A 3612 -50.58 -89.47 -15.31
CA LYS A 3612 -50.11 -90.72 -15.91
C LYS A 3612 -48.59 -90.76 -15.97
N LYS A 3613 -47.97 -89.65 -16.35
CA LYS A 3613 -46.51 -89.59 -16.39
C LYS A 3613 -45.91 -89.56 -15.00
N PHE A 3614 -46.60 -88.96 -14.03
CA PHE A 3614 -46.07 -88.82 -12.68
C PHE A 3614 -46.02 -90.16 -11.94
N SER A 3615 -47.15 -90.85 -11.86
CA SER A 3615 -47.27 -91.94 -10.92
C SER A 3615 -47.82 -93.20 -11.58
N ARG A 3616 -47.25 -93.57 -12.72
CA ARG A 3616 -47.44 -94.88 -13.34
C ARG A 3616 -48.91 -95.15 -13.66
N PHE A 3617 -49.43 -94.37 -14.59
CA PHE A 3617 -50.69 -94.66 -15.29
C PHE A 3617 -51.87 -94.69 -14.32
N GLY A 3618 -52.18 -93.52 -13.78
CA GLY A 3618 -53.51 -93.29 -13.25
C GLY A 3618 -53.79 -93.57 -11.79
N ILE A 3619 -53.05 -92.92 -10.88
CA ILE A 3619 -53.40 -92.99 -9.47
C ILE A 3619 -54.83 -92.52 -9.27
N GLN A 3620 -55.61 -93.31 -8.56
CA GLN A 3620 -57.01 -93.00 -8.27
C GLN A 3620 -57.25 -93.08 -6.77
N PRO A 3621 -57.97 -92.11 -6.22
CA PRO A 3621 -58.23 -92.12 -4.78
C PRO A 3621 -59.14 -93.27 -4.37
N CYS A 3622 -59.43 -93.31 -3.07
CA CYS A 3622 -60.29 -94.36 -2.52
C CYS A 3622 -61.69 -94.26 -3.11
N PHE A 3623 -62.24 -95.40 -3.51
CA PHE A 3623 -63.58 -95.42 -4.10
C PHE A 3623 -64.67 -95.16 -3.07
N ILE A 3624 -64.38 -95.35 -1.79
CA ILE A 3624 -65.41 -95.20 -0.76
C ILE A 3624 -65.57 -93.74 -0.36
N CYS A 3625 -64.48 -93.11 0.07
CA CYS A 3625 -64.54 -91.72 0.47
C CYS A 3625 -64.43 -90.76 -0.70
N HIS A 3626 -64.02 -91.23 -1.87
CA HIS A 3626 -63.91 -90.46 -3.11
C HIS A 3626 -62.99 -89.25 -2.98
N GLY A 3627 -62.03 -89.29 -2.06
CA GLY A 3627 -61.11 -88.20 -1.83
C GLY A 3627 -59.68 -88.67 -1.65
N ASP A 3628 -58.77 -87.69 -1.56
CA ASP A 3628 -57.36 -87.99 -1.43
C ASP A 3628 -57.10 -88.82 -0.18
N ALA A 3629 -56.23 -89.81 -0.31
CA ALA A 3629 -56.02 -90.82 0.71
C ALA A 3629 -54.94 -90.40 1.70
N GLN A 3630 -55.09 -90.84 2.95
CA GLN A 3630 -54.09 -90.67 3.98
C GLN A 3630 -53.51 -92.03 4.34
N ASP A 3631 -52.18 -92.11 4.44
CA ASP A 3631 -51.46 -93.36 4.65
C ASP A 3631 -51.82 -94.33 3.53
N PRO A 3632 -51.35 -94.08 2.31
CA PRO A 3632 -51.81 -94.87 1.16
C PRO A 3632 -51.44 -96.34 1.29
N VAL A 3633 -52.34 -97.20 0.82
CA VAL A 3633 -52.11 -98.63 0.72
C VAL A 3633 -52.37 -99.05 -0.72
N CYS A 3634 -51.46 -99.85 -1.28
CA CYS A 3634 -51.50 -100.23 -2.69
C CYS A 3634 -52.08 -101.64 -2.82
N LEU A 3635 -53.15 -101.77 -3.60
CA LEU A 3635 -53.72 -103.06 -3.92
C LEU A 3635 -52.98 -103.70 -5.08
N PRO A 3636 -53.08 -105.02 -5.25
CA PRO A 3636 -52.42 -105.66 -6.40
C PRO A 3636 -52.94 -105.18 -7.74
N CYS A 3637 -54.15 -104.60 -7.79
CA CYS A 3637 -54.72 -104.06 -9.01
C CYS A 3637 -54.33 -102.60 -9.25
N ASP A 3638 -53.21 -102.15 -8.67
CA ASP A 3638 -52.74 -100.77 -8.82
C ASP A 3638 -53.81 -99.77 -8.40
N HIS A 3639 -54.38 -100.00 -7.21
CA HIS A 3639 -55.42 -99.15 -6.67
C HIS A 3639 -54.98 -98.61 -5.32
N VAL A 3640 -55.26 -97.32 -5.08
CA VAL A 3640 -54.86 -96.63 -3.85
C VAL A 3640 -56.14 -96.27 -3.10
N TYR A 3641 -56.32 -96.88 -1.93
CA TYR A 3641 -57.45 -96.60 -1.05
C TYR A 3641 -56.94 -96.03 0.27
N CYS A 3642 -57.82 -95.35 0.99
CA CYS A 3642 -57.47 -94.82 2.30
C CYS A 3642 -57.24 -95.95 3.30
N LEU A 3643 -56.36 -95.72 4.27
CA LEU A 3643 -56.14 -96.71 5.31
C LEU A 3643 -57.40 -96.91 6.14
N ARG A 3644 -58.07 -95.82 6.50
CA ARG A 3644 -59.31 -95.93 7.27
C ARG A 3644 -60.40 -96.63 6.46
N CYS A 3645 -60.54 -96.27 5.18
CA CYS A 3645 -61.57 -96.89 4.35
C CYS A 3645 -61.30 -98.39 4.18
N ILE A 3646 -60.04 -98.76 3.93
CA ILE A 3646 -59.71 -100.16 3.71
C ILE A 3646 -59.82 -100.95 5.02
N GLN A 3647 -59.55 -100.31 6.15
CA GLN A 3647 -59.68 -101.01 7.42
C GLN A 3647 -61.14 -101.14 7.85
N THR A 3648 -62.01 -100.23 7.41
CA THR A 3648 -63.43 -100.31 7.74
C THR A 3648 -64.24 -101.06 6.70
N TRP A 3649 -63.65 -101.41 5.55
CA TRP A 3649 -64.38 -102.12 4.52
C TRP A 3649 -63.85 -103.52 4.22
N LEU A 3650 -62.55 -103.74 4.34
CA LEU A 3650 -61.94 -105.02 3.99
C LEU A 3650 -61.98 -106.01 5.14
N ILE A 3651 -62.36 -105.58 6.34
CA ILE A 3651 -62.46 -106.52 7.48
C ILE A 3651 -63.51 -107.60 7.24
N PRO A 3652 -64.75 -107.29 6.82
CA PRO A 3652 -65.74 -108.37 6.63
C PRO A 3652 -65.45 -109.23 5.42
N GLY A 3653 -66.38 -110.14 5.10
CA GLY A 3653 -66.19 -111.08 4.02
C GLY A 3653 -66.43 -110.51 2.64
N GLN A 3654 -65.76 -109.42 2.32
CA GLN A 3654 -65.81 -108.78 0.99
C GLN A 3654 -64.40 -108.46 0.53
N MET A 3655 -63.53 -109.47 0.55
CA MET A 3655 -62.13 -109.31 0.18
C MET A 3655 -61.98 -109.17 -1.33
N MET A 3656 -62.38 -108.02 -1.86
CA MET A 3656 -62.34 -107.78 -3.30
C MET A 3656 -62.11 -106.30 -3.58
N CYS A 3657 -62.35 -105.88 -4.82
CA CYS A 3657 -62.14 -104.50 -5.21
C CYS A 3657 -63.48 -103.84 -5.53
N PRO A 3658 -63.81 -102.72 -4.88
CA PRO A 3658 -65.07 -102.04 -5.20
C PRO A 3658 -65.12 -101.48 -6.61
N TYR A 3659 -63.96 -101.30 -7.25
CA TYR A 3659 -63.90 -100.68 -8.58
C TYR A 3659 -63.93 -101.73 -9.69
N CYS A 3660 -62.95 -102.65 -9.70
CA CYS A 3660 -62.80 -103.61 -10.77
C CYS A 3660 -63.11 -105.04 -10.37
N LEU A 3661 -63.50 -105.27 -9.12
CA LEU A 3661 -63.91 -106.60 -8.63
C LEU A 3661 -62.79 -107.62 -8.82
N THR A 3662 -61.68 -107.39 -8.13
CA THR A 3662 -60.54 -108.30 -8.12
C THR A 3662 -60.25 -108.75 -6.70
N ASP A 3663 -60.08 -110.05 -6.52
CA ASP A 3663 -59.85 -110.61 -5.19
C ASP A 3663 -58.51 -110.17 -4.62
N LEU A 3664 -58.51 -109.90 -3.31
CA LEU A 3664 -57.29 -109.51 -2.62
C LEU A 3664 -56.69 -110.74 -1.96
N PRO A 3665 -55.43 -111.10 -2.27
CA PRO A 3665 -54.90 -112.40 -1.81
C PRO A 3665 -54.78 -112.55 -0.29
N ASP A 3666 -54.03 -111.66 0.37
CA ASP A 3666 -53.71 -111.86 1.78
C ASP A 3666 -54.30 -110.78 2.68
N LYS A 3667 -53.93 -109.52 2.47
CA LYS A 3667 -54.27 -108.43 3.36
C LYS A 3667 -53.76 -107.13 2.75
N PHE A 3668 -54.15 -106.00 3.36
CA PHE A 3668 -53.67 -104.70 2.93
C PHE A 3668 -52.36 -104.36 3.63
N SER A 3669 -51.41 -105.28 3.59
CA SER A 3669 -50.12 -105.12 4.26
C SER A 3669 -49.14 -104.22 3.48
N PRO A 3670 -48.95 -104.41 2.17
CA PRO A 3670 -47.98 -103.57 1.45
C PRO A 3670 -48.43 -102.12 1.39
N THR A 3671 -47.65 -101.24 2.02
CA THR A 3671 -47.85 -99.81 1.95
C THR A 3671 -46.57 -99.16 1.43
N VAL A 3672 -46.72 -98.17 0.56
CA VAL A 3672 -45.59 -97.46 -0.04
C VAL A 3672 -45.47 -96.10 0.63
N SER A 3673 -44.40 -95.90 1.38
CA SER A 3673 -44.09 -94.63 2.03
C SER A 3673 -43.10 -93.80 1.22
N GLN A 3674 -42.69 -94.28 0.06
CA GLN A 3674 -41.66 -93.62 -0.74
C GLN A 3674 -42.21 -92.97 -2.00
N ASP A 3675 -43.07 -93.66 -2.74
CA ASP A 3675 -43.58 -93.16 -4.02
C ASP A 3675 -45.00 -92.65 -3.96
N HIS A 3676 -45.90 -93.35 -3.27
CA HIS A 3676 -47.30 -92.96 -3.25
C HIS A 3676 -47.49 -91.61 -2.56
N ARG A 3677 -46.77 -91.37 -1.46
CA ARG A 3677 -46.93 -90.12 -0.73
C ARG A 3677 -46.46 -88.93 -1.56
N LYS A 3678 -45.28 -89.04 -2.16
CA LYS A 3678 -44.77 -87.94 -2.98
C LYS A 3678 -45.64 -87.70 -4.20
N ALA A 3679 -46.11 -88.78 -4.84
CA ALA A 3679 -46.99 -88.64 -5.99
C ALA A 3679 -48.30 -87.98 -5.61
N ILE A 3680 -48.86 -88.37 -4.46
CA ILE A 3680 -50.10 -87.75 -3.99
C ILE A 3680 -49.88 -86.27 -3.71
N GLU A 3681 -48.76 -85.92 -3.07
CA GLU A 3681 -48.47 -84.52 -2.80
C GLU A 3681 -48.33 -83.72 -4.08
N LYS A 3682 -47.61 -84.27 -5.07
CA LYS A 3682 -47.43 -83.57 -6.33
C LYS A 3682 -48.76 -83.40 -7.08
N HIS A 3683 -49.59 -84.44 -7.09
CA HIS A 3683 -50.88 -84.34 -7.77
C HIS A 3683 -51.80 -83.37 -7.05
N ALA A 3684 -51.73 -83.32 -5.72
CA ALA A 3684 -52.52 -82.34 -4.97
C ALA A 3684 -52.05 -80.93 -5.27
N GLN A 3685 -50.74 -80.71 -5.36
CA GLN A 3685 -50.23 -79.40 -5.73
C GLN A 3685 -50.71 -79.00 -7.12
N PHE A 3686 -50.66 -79.94 -8.07
CA PHE A 3686 -51.13 -79.63 -9.42
C PHE A 3686 -52.62 -79.33 -9.42
N ARG A 3687 -53.41 -80.07 -8.65
CA ARG A 3687 -54.85 -79.86 -8.63
C ARG A 3687 -55.19 -78.52 -7.97
N HIS A 3688 -54.46 -78.13 -6.92
CA HIS A 3688 -54.69 -76.83 -6.31
C HIS A 3688 -54.28 -75.70 -7.26
N MET A 3689 -53.18 -75.88 -8.00
CA MET A 3689 -52.79 -74.90 -9.00
C MET A 3689 -53.85 -74.78 -10.08
N CYS A 3690 -54.40 -75.92 -10.52
CA CYS A 3690 -55.45 -75.89 -11.54
C CYS A 3690 -56.70 -75.20 -11.03
N ASN A 3691 -57.09 -75.47 -9.77
CA ASN A 3691 -58.27 -74.83 -9.21
C ASN A 3691 -58.07 -73.31 -9.08
N SER A 3692 -56.90 -72.90 -8.58
CA SER A 3692 -56.63 -71.47 -8.45
C SER A 3692 -56.58 -70.80 -9.81
N PHE A 3693 -55.98 -71.46 -10.80
CA PHE A 3693 -55.96 -70.90 -12.15
C PHE A 3693 -57.37 -70.79 -12.73
N PHE A 3694 -58.20 -71.81 -12.50
CA PHE A 3694 -59.57 -71.77 -13.02
C PHE A 3694 -60.37 -70.65 -12.38
N VAL A 3695 -60.26 -70.48 -11.07
CA VAL A 3695 -61.03 -69.42 -10.41
C VAL A 3695 -60.51 -68.05 -10.82
N ASP A 3696 -59.19 -67.90 -10.98
CA ASP A 3696 -58.64 -66.63 -11.45
C ASP A 3696 -59.10 -66.34 -12.88
N LEU A 3697 -59.11 -67.37 -13.73
CA LEU A 3697 -59.54 -67.19 -15.11
C LEU A 3697 -61.01 -66.81 -15.20
N VAL A 3698 -61.87 -67.45 -14.41
CA VAL A 3698 -63.28 -67.07 -14.45
C VAL A 3698 -63.48 -65.68 -13.84
N SER A 3699 -62.71 -65.33 -12.82
CA SER A 3699 -62.87 -64.01 -12.20
C SER A 3699 -62.44 -62.90 -13.15
N THR A 3700 -61.37 -63.12 -13.92
CA THR A 3700 -60.84 -62.07 -14.78
C THR A 3700 -61.49 -62.07 -16.16
N MET A 3701 -61.39 -63.17 -16.90
CA MET A 3701 -61.84 -63.25 -18.28
C MET A 3701 -63.36 -63.25 -18.41
N CYS A 3702 -64.08 -63.89 -17.49
CA CYS A 3702 -65.51 -64.04 -17.62
C CYS A 3702 -66.29 -62.79 -17.20
N PHE A 3703 -65.66 -61.88 -16.47
CA PHE A 3703 -66.31 -60.64 -16.04
C PHE A 3703 -65.38 -59.45 -16.24
N LYS A 3704 -64.79 -59.33 -17.43
CA LYS A 3704 -63.94 -58.19 -17.72
C LYS A 3704 -64.72 -56.89 -17.71
N ASP A 3705 -65.85 -56.84 -18.41
CA ASP A 3705 -66.61 -55.62 -18.61
C ASP A 3705 -68.06 -55.86 -18.19
N ASN A 3706 -68.92 -54.90 -18.53
CA ASN A 3706 -70.32 -54.94 -18.12
C ASN A 3706 -71.17 -55.75 -19.08
N THR A 3707 -70.54 -56.62 -19.87
CA THR A 3707 -71.25 -57.50 -20.80
C THR A 3707 -71.17 -58.93 -20.28
N PRO A 3708 -72.30 -59.61 -20.09
CA PRO A 3708 -72.24 -60.96 -19.52
C PRO A 3708 -71.76 -61.95 -20.56
N PRO A 3709 -71.24 -63.11 -20.12
CA PRO A 3709 -70.83 -64.15 -21.08
C PRO A 3709 -72.01 -64.88 -21.68
N GLU A 3710 -71.73 -65.94 -22.45
CA GLU A 3710 -72.79 -66.72 -23.07
C GLU A 3710 -73.52 -67.56 -22.02
N LYS A 3711 -74.46 -68.39 -22.48
CA LYS A 3711 -75.34 -69.14 -21.60
C LYS A 3711 -74.77 -70.52 -21.26
N SER A 3712 -74.28 -71.25 -22.26
CA SER A 3712 -73.80 -72.61 -22.03
C SER A 3712 -72.60 -72.62 -21.09
N VAL A 3713 -71.78 -71.57 -21.14
CA VAL A 3713 -70.64 -71.49 -20.22
C VAL A 3713 -71.13 -71.42 -18.77
N ILE A 3714 -72.14 -70.59 -18.51
CA ILE A 3714 -72.69 -70.50 -17.16
C ILE A 3714 -73.35 -71.81 -16.76
N ASP A 3715 -74.06 -72.46 -17.69
CA ASP A 3715 -74.70 -73.72 -17.38
C ASP A 3715 -73.68 -74.80 -17.01
N THR A 3716 -72.57 -74.86 -17.76
CA THR A 3716 -71.54 -75.84 -17.44
C THR A 3716 -70.81 -75.49 -16.14
N LEU A 3717 -70.66 -74.19 -15.85
CA LEU A 3717 -70.05 -73.78 -14.60
C LEU A 3717 -70.91 -74.21 -13.41
N LEU A 3718 -72.24 -74.06 -13.53
CA LEU A 3718 -73.12 -74.46 -12.43
C LEU A 3718 -73.39 -75.96 -12.42
N SER A 3719 -73.07 -76.68 -13.50
CA SER A 3719 -73.34 -78.10 -13.57
C SER A 3719 -72.14 -78.96 -13.17
N LEU A 3720 -70.92 -78.44 -13.30
CA LEU A 3720 -69.73 -79.22 -12.97
C LEU A 3720 -69.53 -79.37 -11.47
N LEU A 3721 -70.31 -78.67 -10.64
CA LEU A 3721 -70.10 -78.68 -9.20
C LEU A 3721 -70.49 -80.00 -8.54
N PHE A 3722 -71.12 -80.92 -9.26
CA PHE A 3722 -71.68 -82.12 -8.66
C PHE A 3722 -70.98 -83.38 -9.15
N VAL A 3723 -71.21 -84.46 -8.42
CA VAL A 3723 -70.56 -85.76 -8.62
C VAL A 3723 -71.64 -86.80 -8.88
N GLN A 3724 -72.65 -86.43 -9.68
CA GLN A 3724 -73.94 -87.11 -9.76
C GLN A 3724 -73.84 -88.62 -9.91
N LYS A 3725 -74.96 -89.29 -9.57
CA LYS A 3725 -75.01 -90.68 -9.12
C LYS A 3725 -74.00 -91.60 -9.79
N GLU A 3726 -73.24 -92.31 -8.96
CA GLU A 3726 -72.37 -93.40 -9.39
C GLU A 3726 -72.74 -94.65 -8.61
N LEU A 3727 -72.53 -95.81 -9.23
CA LEU A 3727 -72.93 -97.06 -8.60
C LEU A 3727 -72.09 -97.34 -7.37
N LEU A 3728 -72.76 -97.68 -6.26
CA LEU A 3728 -72.07 -98.01 -5.02
C LEU A 3728 -72.52 -99.36 -4.50
N HIS A 3735 -73.31 -92.48 0.24
CA HIS A 3735 -73.93 -91.23 -0.14
C HIS A 3735 -73.70 -90.93 -1.61
N ARG A 3736 -74.48 -90.00 -2.15
CA ARG A 3736 -74.39 -89.59 -3.55
C ARG A 3736 -74.40 -88.08 -3.62
N GLU A 3737 -73.90 -87.55 -4.73
CA GLU A 3737 -74.26 -86.20 -5.18
C GLU A 3737 -73.76 -85.12 -4.21
N HIS A 3738 -72.46 -85.18 -3.95
CA HIS A 3738 -71.79 -84.16 -3.14
C HIS A 3738 -71.48 -82.93 -4.00
N THR A 3739 -71.07 -81.85 -3.33
CA THR A 3739 -70.78 -80.58 -3.98
C THR A 3739 -69.32 -80.24 -3.77
N LYS A 3740 -68.70 -79.64 -4.79
CA LYS A 3740 -67.26 -79.43 -4.83
C LYS A 3740 -66.91 -77.97 -4.62
N SER A 3741 -65.64 -77.72 -4.33
CA SER A 3741 -65.10 -76.37 -4.23
C SER A 3741 -64.43 -75.95 -5.54
N LEU A 3742 -65.26 -75.91 -6.59
CA LEU A 3742 -64.82 -75.55 -7.94
C LEU A 3742 -63.66 -76.43 -8.41
N SER A 3743 -63.93 -77.73 -8.47
CA SER A 3743 -62.97 -78.72 -8.91
C SER A 3743 -63.34 -79.21 -10.30
N PRO A 3744 -62.55 -78.91 -11.33
CA PRO A 3744 -62.84 -79.47 -12.67
C PRO A 3744 -62.66 -80.98 -12.76
N PHE A 3745 -62.20 -81.63 -11.70
CA PHE A 3745 -61.97 -83.06 -11.67
C PHE A 3745 -63.09 -83.75 -10.90
N ASP A 3746 -62.97 -85.07 -10.76
CA ASP A 3746 -63.98 -85.88 -10.07
C ASP A 3746 -63.45 -86.61 -8.84
N ASP A 3747 -62.17 -86.44 -8.50
CA ASP A 3747 -61.54 -87.23 -7.45
C ASP A 3747 -61.40 -86.45 -6.14
N VAL A 3748 -62.12 -85.34 -6.02
CA VAL A 3748 -62.12 -84.53 -4.80
C VAL A 3748 -63.56 -84.31 -4.38
N VAL A 3749 -63.91 -84.75 -3.17
CA VAL A 3749 -65.25 -84.59 -2.62
C VAL A 3749 -65.12 -84.25 -1.13
N ASP A 3750 -66.27 -84.07 -0.49
CA ASP A 3750 -66.38 -84.08 0.96
C ASP A 3750 -67.64 -84.83 1.32
N GLN A 3751 -67.62 -85.51 2.47
CA GLN A 3751 -68.75 -86.35 2.85
C GLN A 3751 -69.86 -85.54 3.52
N THR A 3752 -70.27 -84.44 2.88
CA THR A 3752 -71.33 -83.56 3.32
C THR A 3752 -71.71 -82.61 2.18
N PRO A 3753 -72.99 -82.44 1.88
CA PRO A 3753 -73.38 -81.46 0.86
C PRO A 3753 -73.19 -80.04 1.39
N VAL A 3754 -72.25 -79.32 0.79
CA VAL A 3754 -71.86 -77.98 1.22
C VAL A 3754 -72.14 -76.99 0.10
N ILE A 3755 -72.64 -75.82 0.47
CA ILE A 3755 -72.96 -74.76 -0.48
C ILE A 3755 -72.05 -73.57 -0.18
N ARG A 3756 -71.27 -73.17 -1.18
CA ARG A 3756 -70.43 -71.99 -1.08
C ARG A 3756 -71.15 -70.80 -1.74
N SER A 3757 -70.45 -69.68 -1.88
CA SER A 3757 -71.05 -68.50 -2.51
C SER A 3757 -70.13 -67.78 -3.48
N VAL A 3758 -68.99 -68.37 -3.86
CA VAL A 3758 -68.10 -67.71 -4.80
C VAL A 3758 -68.73 -67.61 -6.18
N LEU A 3759 -69.32 -68.70 -6.67
CA LEU A 3759 -69.98 -68.67 -7.97
C LEU A 3759 -71.17 -67.72 -7.97
N LEU A 3760 -71.97 -67.74 -6.89
CA LEU A 3760 -73.10 -66.84 -6.79
C LEU A 3760 -72.65 -65.38 -6.79
N LYS A 3761 -71.63 -65.05 -5.99
CA LYS A 3761 -71.16 -63.68 -5.94
C LYS A 3761 -70.60 -63.23 -7.28
N LEU A 3762 -69.80 -64.08 -7.93
CA LEU A 3762 -69.26 -63.72 -9.23
C LEU A 3762 -70.34 -63.67 -10.31
N LEU A 3763 -71.48 -64.31 -10.08
CA LEU A 3763 -72.59 -64.24 -11.02
C LEU A 3763 -73.51 -63.05 -10.76
N LEU A 3764 -73.38 -62.39 -9.60
CA LEU A 3764 -74.19 -61.22 -9.28
C LEU A 3764 -73.48 -59.91 -9.59
N LYS A 3765 -72.27 -59.95 -10.16
CA LYS A 3765 -71.55 -58.72 -10.48
C LYS A 3765 -72.31 -57.89 -11.51
N TYR A 3766 -72.93 -58.54 -12.49
CA TYR A 3766 -73.71 -57.82 -13.49
C TYR A 3766 -75.02 -57.32 -12.88
N SER A 3767 -75.80 -56.64 -13.71
CA SER A 3767 -77.12 -56.22 -13.30
C SER A 3767 -78.00 -57.43 -13.01
N PHE A 3768 -78.85 -57.30 -12.00
CA PHE A 3768 -79.69 -58.42 -11.58
C PHE A 3768 -80.76 -58.78 -12.61
N HIS A 3769 -80.98 -57.90 -13.60
CA HIS A 3769 -82.02 -58.13 -14.60
C HIS A 3769 -81.70 -59.29 -15.54
N GLU A 3770 -80.42 -59.62 -15.72
CA GLU A 3770 -80.01 -60.63 -16.69
C GLU A 3770 -79.35 -61.85 -16.07
N VAL A 3771 -79.46 -62.04 -14.76
CA VAL A 3771 -78.82 -63.17 -14.11
C VAL A 3771 -79.82 -63.89 -13.19
N LYS A 3772 -81.10 -63.56 -13.33
CA LYS A 3772 -82.11 -64.14 -12.44
C LYS A 3772 -82.37 -65.60 -12.77
N ASP A 3773 -82.45 -65.94 -14.06
CA ASP A 3773 -82.79 -67.31 -14.44
C ASP A 3773 -81.71 -68.30 -14.05
N TYR A 3774 -80.43 -67.91 -14.15
CA TYR A 3774 -79.35 -68.84 -13.81
C TYR A 3774 -79.35 -69.17 -12.33
N ILE A 3775 -79.44 -68.15 -11.48
CA ILE A 3775 -79.48 -68.40 -10.04
C ILE A 3775 -80.78 -69.10 -9.66
N GLN A 3776 -81.87 -68.83 -10.37
CA GLN A 3776 -83.12 -69.53 -10.10
C GLN A 3776 -82.98 -71.02 -10.41
N ASN A 3777 -82.34 -71.35 -11.53
CA ASN A 3777 -82.10 -72.75 -11.86
C ASN A 3777 -81.17 -73.40 -10.85
N TYR A 3778 -80.15 -72.68 -10.40
CA TYR A 3778 -79.26 -73.21 -9.38
C TYR A 3778 -80.01 -73.46 -8.07
N LEU A 3779 -80.90 -72.54 -7.69
CA LEU A 3779 -81.71 -72.70 -6.50
C LEU A 3779 -82.64 -73.90 -6.62
N THR A 3780 -83.30 -74.04 -7.76
CA THR A 3780 -84.19 -75.18 -7.96
C THR A 3780 -83.40 -76.49 -7.93
N GLN A 3781 -82.20 -76.50 -8.51
CA GLN A 3781 -81.35 -77.68 -8.44
C GLN A 3781 -81.02 -78.02 -6.99
N LEU A 3782 -80.52 -77.04 -6.22
CA LEU A 3782 -80.10 -77.32 -4.86
C LEU A 3782 -81.27 -77.78 -4.00
N GLU A 3783 -82.45 -77.16 -4.18
CA GLU A 3783 -83.60 -77.55 -3.37
C GLU A 3783 -84.26 -78.82 -3.87
N LYS A 3784 -83.95 -79.27 -5.09
CA LYS A 3784 -84.52 -80.50 -5.61
C LYS A 3784 -83.62 -81.70 -5.41
N LYS A 3785 -82.33 -81.51 -5.15
CA LYS A 3785 -81.40 -82.63 -5.09
C LYS A 3785 -80.60 -82.75 -3.81
N ALA A 3786 -80.36 -81.65 -3.08
CA ALA A 3786 -79.49 -81.71 -1.92
C ALA A 3786 -80.11 -81.09 -0.68
N PHE A 3787 -80.99 -80.11 -0.86
CA PHE A 3787 -81.59 -79.33 0.23
C PHE A 3787 -83.10 -79.33 0.08
N LEU A 3788 -83.68 -80.52 -0.06
CA LEU A 3788 -85.12 -80.67 -0.23
C LEU A 3788 -85.89 -80.09 0.96
N THR A 3789 -85.69 -80.64 2.15
CA THR A 3789 -86.39 -80.19 3.36
C THR A 3789 -85.36 -80.03 4.48
N GLU A 3790 -85.07 -78.79 4.83
CA GLU A 3790 -84.08 -78.46 5.85
C GLU A 3790 -84.29 -76.99 6.23
N ASP A 3791 -83.37 -76.46 7.04
CA ASP A 3791 -83.43 -75.06 7.48
C ASP A 3791 -83.03 -74.15 6.32
N LYS A 3792 -84.04 -73.76 5.53
CA LYS A 3792 -83.81 -72.88 4.38
C LYS A 3792 -83.56 -71.43 4.79
N THR A 3793 -83.73 -71.10 6.08
CA THR A 3793 -83.46 -69.74 6.53
C THR A 3793 -82.00 -69.38 6.35
N GLU A 3794 -81.09 -70.33 6.60
CA GLU A 3794 -79.67 -70.07 6.42
C GLU A 3794 -79.34 -69.75 4.97
N LEU A 3795 -79.86 -70.55 4.03
CA LEU A 3795 -79.62 -70.28 2.62
C LEU A 3795 -80.25 -68.96 2.19
N TYR A 3796 -81.46 -68.67 2.69
CA TYR A 3796 -82.11 -67.41 2.35
C TYR A 3796 -81.30 -66.21 2.83
N LEU A 3797 -80.77 -66.28 4.05
CA LEU A 3797 -79.98 -65.17 4.57
C LEU A 3797 -78.64 -65.07 3.85
N LEU A 3798 -78.07 -66.21 3.43
CA LEU A 3798 -76.85 -66.16 2.62
C LEU A 3798 -77.11 -65.46 1.30
N PHE A 3799 -78.22 -65.79 0.64
CA PHE A 3799 -78.58 -65.15 -0.62
C PHE A 3799 -78.80 -63.65 -0.42
N ILE A 3800 -79.53 -63.28 0.65
CA ILE A 3800 -79.83 -61.87 0.87
C ILE A 3800 -78.57 -61.09 1.20
N SER A 3801 -77.63 -61.72 1.92
CA SER A 3801 -76.38 -61.02 2.25
C SER A 3801 -75.51 -60.86 1.00
N CYS A 3802 -75.46 -61.89 0.16
CA CYS A 3802 -74.77 -61.77 -1.12
C CYS A 3802 -75.36 -60.64 -1.95
N LEU A 3803 -76.70 -60.50 -1.93
CA LEU A 3803 -77.35 -59.45 -2.71
C LEU A 3803 -77.08 -58.07 -2.12
N GLU A 3804 -77.05 -57.96 -0.78
CA GLU A 3804 -76.64 -56.70 -0.17
C GLU A 3804 -75.23 -56.32 -0.59
N ASP A 3805 -74.31 -57.29 -0.57
CA ASP A 3805 -72.94 -57.00 -0.98
C ASP A 3805 -72.88 -56.56 -2.44
N SER A 3806 -73.64 -57.24 -3.31
CA SER A 3806 -73.64 -56.90 -4.73
C SER A 3806 -74.19 -55.50 -4.96
N VAL A 3807 -75.30 -55.16 -4.31
CA VAL A 3807 -75.88 -53.83 -4.51
C VAL A 3807 -74.99 -52.76 -3.92
N HIS A 3808 -74.31 -53.04 -2.79
CA HIS A 3808 -73.35 -52.09 -2.24
C HIS A 3808 -72.19 -51.86 -3.19
N GLN A 3809 -71.68 -52.93 -3.81
CA GLN A 3809 -70.63 -52.78 -4.81
C GLN A 3809 -71.10 -51.95 -5.99
N LYS A 3810 -72.31 -52.22 -6.48
CA LYS A 3810 -72.83 -51.48 -7.62
C LYS A 3810 -73.02 -50.00 -7.31
N THR A 3811 -73.56 -49.67 -6.13
CA THR A 3811 -73.80 -48.29 -5.75
C THR A 3811 -72.49 -47.54 -5.48
N SER A 3812 -71.56 -48.17 -4.76
CA SER A 3812 -70.33 -47.48 -4.39
C SER A 3812 -69.42 -47.28 -5.59
N ALA A 3813 -69.27 -48.32 -6.42
CA ALA A 3813 -68.37 -48.23 -7.57
C ALA A 3813 -68.85 -47.25 -8.63
N GLY A 3814 -70.16 -47.02 -8.74
CA GLY A 3814 -70.69 -46.12 -9.73
C GLY A 3814 -70.36 -44.66 -9.43
N CYS A 3815 -70.50 -43.83 -10.45
CA CYS A 3815 -70.26 -42.39 -10.36
C CYS A 3815 -71.61 -41.69 -10.30
N ARG A 3816 -72.15 -41.56 -9.08
CA ARG A 3816 -73.44 -40.94 -8.89
C ARG A 3816 -73.49 -40.27 -7.52
N ASN A 3817 -74.21 -39.17 -7.43
CA ASN A 3817 -74.41 -38.49 -6.17
C ASN A 3817 -75.47 -39.19 -5.34
N LEU A 3818 -75.50 -38.86 -4.04
CA LEU A 3818 -76.42 -39.51 -3.13
C LEU A 3818 -77.87 -39.11 -3.40
N GLU A 3819 -78.10 -37.94 -3.99
CA GLU A 3819 -79.46 -37.46 -4.18
C GLU A 3819 -80.22 -38.30 -5.20
N GLN A 3820 -79.55 -38.77 -6.25
CA GLN A 3820 -80.21 -39.63 -7.23
C GLN A 3820 -80.67 -40.94 -6.60
N VAL A 3821 -79.80 -41.56 -5.80
CA VAL A 3821 -80.16 -42.80 -5.12
C VAL A 3821 -81.27 -42.54 -4.12
N LEU A 3822 -81.24 -41.41 -3.42
CA LEU A 3822 -82.31 -41.09 -2.48
C LEU A 3822 -83.64 -40.92 -3.20
N ARG A 3823 -83.62 -40.26 -4.36
CA ARG A 3823 -84.85 -40.07 -5.14
C ARG A 3823 -85.40 -41.41 -5.61
N GLU A 3824 -84.54 -42.28 -6.13
CA GLU A 3824 -85.01 -43.60 -6.56
C GLU A 3824 -85.55 -44.41 -5.38
N GLU A 3825 -84.88 -44.35 -4.22
CA GLU A 3825 -85.33 -45.08 -3.05
C GLU A 3825 -86.70 -44.58 -2.58
N GLY A 3826 -86.87 -43.26 -2.52
CA GLY A 3826 -88.16 -42.71 -2.14
C GLY A 3826 -89.26 -43.05 -3.12
N HIS A 3827 -88.95 -43.03 -4.41
CA HIS A 3827 -89.92 -43.40 -5.43
C HIS A 3827 -90.34 -44.86 -5.26
N PHE A 3828 -89.37 -45.74 -5.01
CA PHE A 3828 -89.70 -47.14 -4.79
C PHE A 3828 -90.55 -47.33 -3.54
N LEU A 3829 -90.21 -46.60 -2.46
CA LEU A 3829 -90.96 -46.73 -1.21
C LEU A 3829 -92.40 -46.25 -1.38
N ARG A 3830 -92.59 -45.15 -2.12
CA ARG A 3830 -93.93 -44.59 -2.27
C ARG A 3830 -94.79 -45.36 -3.27
N THR A 3831 -94.19 -46.19 -4.13
CA THR A 3831 -94.94 -46.95 -5.12
C THR A 3831 -94.82 -48.46 -4.91
N TYR A 3832 -94.37 -48.90 -3.74
CA TYR A 3832 -94.18 -50.32 -3.47
C TYR A 3832 -95.52 -51.00 -3.24
N SER A 3833 -95.97 -51.77 -4.21
CA SER A 3833 -97.10 -52.67 -3.98
C SER A 3833 -96.64 -53.83 -3.12
N PRO A 3834 -97.42 -54.25 -2.11
CA PRO A 3834 -96.91 -55.24 -1.15
C PRO A 3834 -96.50 -56.56 -1.81
N GLY A 3835 -97.44 -57.23 -2.47
CA GLY A 3835 -97.14 -58.48 -3.14
C GLY A 3835 -96.53 -59.53 -2.24
N LEU A 3836 -96.73 -59.43 -0.93
CA LEU A 3836 -96.05 -60.32 0.01
C LEU A 3836 -96.57 -61.74 -0.08
N GLN A 3837 -97.89 -61.92 -0.22
CA GLN A 3837 -98.51 -63.23 -0.09
C GLN A 3837 -98.11 -64.19 -1.21
N GLY A 3838 -97.46 -63.70 -2.26
CA GLY A 3838 -97.12 -64.56 -3.38
C GLY A 3838 -96.15 -65.68 -3.02
N GLN A 3839 -95.09 -65.34 -2.28
CA GLN A 3839 -93.99 -66.26 -2.02
C GLN A 3839 -93.86 -66.64 -0.54
N GLU A 3840 -94.96 -66.59 0.22
CA GLU A 3840 -94.86 -66.87 1.65
C GLU A 3840 -94.77 -68.34 2.03
N PRO A 3841 -95.77 -69.18 1.67
CA PRO A 3841 -96.19 -70.25 2.59
C PRO A 3841 -95.14 -71.27 3.02
N VAL A 3842 -94.62 -72.10 2.11
CA VAL A 3842 -93.70 -73.14 2.58
C VAL A 3842 -92.43 -73.23 1.74
N ARG A 3843 -92.53 -72.99 0.45
CA ARG A 3843 -91.42 -73.35 -0.44
C ARG A 3843 -91.01 -72.24 -1.40
N ILE A 3844 -91.99 -71.53 -1.93
CA ILE A 3844 -91.75 -70.60 -3.03
C ILE A 3844 -91.01 -69.37 -2.50
N ALA A 3845 -89.92 -69.00 -3.18
CA ALA A 3845 -89.11 -67.82 -2.82
C ALA A 3845 -88.52 -67.28 -4.12
N SER A 3846 -89.20 -66.31 -4.72
CA SER A 3846 -88.76 -65.75 -5.99
C SER A 3846 -87.57 -64.84 -5.80
N VAL A 3847 -86.78 -64.71 -6.88
CA VAL A 3847 -85.61 -63.82 -6.84
C VAL A 3847 -86.03 -62.36 -6.72
N GLU A 3848 -87.17 -61.99 -7.33
CA GLU A 3848 -87.65 -60.63 -7.24
C GLU A 3848 -88.00 -60.26 -5.80
N TYR A 3849 -88.62 -61.21 -5.08
CA TYR A 3849 -88.94 -60.98 -3.67
C TYR A 3849 -87.67 -60.78 -2.85
N LEU A 3850 -86.64 -61.58 -3.12
CA LEU A 3850 -85.37 -61.41 -2.44
C LEU A 3850 -84.74 -60.06 -2.75
N GLN A 3851 -84.82 -59.62 -4.00
CA GLN A 3851 -84.28 -58.31 -4.36
C GLN A 3851 -85.03 -57.19 -3.64
N GLU A 3852 -86.36 -57.30 -3.56
CA GLU A 3852 -87.16 -56.29 -2.88
C GLU A 3852 -86.81 -56.22 -1.39
N VAL A 3853 -86.72 -57.38 -0.74
CA VAL A 3853 -86.40 -57.37 0.69
C VAL A 3853 -84.97 -56.90 0.91
N ALA A 3854 -84.05 -57.22 0.01
CA ALA A 3854 -82.68 -56.70 0.11
C ALA A 3854 -82.67 -55.17 -0.01
N ARG A 3855 -83.45 -54.65 -0.94
CA ARG A 3855 -83.53 -53.20 -1.12
C ARG A 3855 -84.09 -52.52 0.13
N VAL A 3856 -85.13 -53.10 0.74
CA VAL A 3856 -85.67 -52.48 1.95
C VAL A 3856 -84.70 -52.64 3.12
N ARG A 3857 -83.93 -53.73 3.14
CA ARG A 3857 -82.86 -53.86 4.13
C ARG A 3857 -81.86 -52.72 4.01
N LEU A 3858 -81.39 -52.45 2.78
CA LEU A 3858 -80.46 -51.34 2.58
C LEU A 3858 -81.09 -50.01 2.96
N CYS A 3859 -82.35 -49.80 2.57
CA CYS A 3859 -83.03 -48.55 2.87
C CYS A 3859 -83.13 -48.31 4.37
N LEU A 3860 -83.51 -49.36 5.12
CA LEU A 3860 -83.66 -49.18 6.57
C LEU A 3860 -82.31 -49.11 7.26
N ASP A 3861 -81.27 -49.75 6.70
CA ASP A 3861 -79.93 -49.59 7.23
C ASP A 3861 -79.50 -48.13 7.15
N LEU A 3862 -79.66 -47.53 5.96
CA LEU A 3862 -79.33 -46.12 5.81
C LEU A 3862 -80.22 -45.25 6.70
N ALA A 3863 -81.51 -45.59 6.81
CA ALA A 3863 -82.41 -44.80 7.64
C ALA A 3863 -82.00 -44.83 9.10
N ALA A 3864 -81.58 -45.99 9.61
CA ALA A 3864 -81.09 -46.07 10.99
C ALA A 3864 -79.81 -45.25 11.15
N ASP A 3865 -78.93 -45.30 10.14
CA ASP A 3865 -77.73 -44.47 10.20
C ASP A 3865 -78.09 -42.99 10.27
N PHE A 3866 -79.05 -42.56 9.46
CA PHE A 3866 -79.47 -41.16 9.46
C PHE A 3866 -80.14 -40.77 10.77
N LEU A 3867 -80.91 -41.69 11.36
CA LEU A 3867 -81.52 -41.40 12.66
C LEU A 3867 -80.47 -41.23 13.74
N SER A 3868 -79.44 -42.09 13.74
CA SER A 3868 -78.35 -41.93 14.69
C SER A 3868 -77.62 -40.61 14.46
N GLU A 3869 -77.40 -40.25 13.19
CA GLU A 3869 -76.74 -38.99 12.87
C GLU A 3869 -77.56 -37.80 13.35
N LEU A 3870 -78.88 -37.86 13.19
CA LEU A 3870 -79.75 -36.80 13.71
C LEU A 3870 -79.68 -36.71 15.22
N GLN A 3871 -79.67 -37.87 15.89
CA GLN A 3871 -79.58 -37.87 17.35
C GLN A 3871 -78.26 -37.28 17.82
N GLU A 3872 -77.17 -37.48 17.06
CA GLU A 3872 -75.88 -36.92 17.41
C GLU A 3872 -75.61 -35.57 16.73
N GLY A 3873 -76.57 -35.01 16.01
CA GLY A 3873 -76.32 -33.79 15.27
C GLY A 3873 -77.50 -32.83 15.18
N SER A 3874 -77.39 -31.86 14.26
CA SER A 3874 -78.38 -30.82 14.08
C SER A 3874 -79.39 -31.27 13.01
N GLU A 3875 -80.19 -30.33 12.49
CA GLU A 3875 -81.20 -30.61 11.48
C GLU A 3875 -80.60 -31.29 10.26
N LEU A 3876 -81.43 -31.93 9.45
CA LEU A 3876 -80.99 -32.86 8.41
C LEU A 3876 -81.17 -32.29 7.00
N ALA A 3877 -80.90 -30.99 6.85
CA ALA A 3877 -80.82 -30.30 5.57
C ALA A 3877 -82.13 -30.28 4.78
N GLU A 3878 -83.25 -30.59 5.42
CA GLU A 3878 -84.60 -30.50 4.87
C GLU A 3878 -84.87 -31.54 3.77
N ASP A 3879 -83.87 -32.31 3.35
CA ASP A 3879 -84.05 -33.37 2.38
C ASP A 3879 -84.00 -34.76 2.99
N LYS A 3880 -83.09 -34.98 3.93
CA LYS A 3880 -83.07 -36.24 4.67
C LYS A 3880 -84.34 -36.41 5.50
N ARG A 3881 -84.95 -35.30 5.90
CA ARG A 3881 -86.22 -35.37 6.62
C ARG A 3881 -87.30 -35.98 5.75
N ARG A 3882 -87.30 -35.67 4.45
CA ARG A 3882 -88.27 -36.29 3.54
C ARG A 3882 -88.05 -37.80 3.45
N PHE A 3883 -86.80 -38.23 3.38
CA PHE A 3883 -86.51 -39.67 3.35
C PHE A 3883 -86.95 -40.35 4.64
N LEU A 3884 -86.71 -39.72 5.79
CA LEU A 3884 -87.14 -40.30 7.05
C LEU A 3884 -88.66 -40.32 7.15
N LYS A 3885 -89.33 -39.31 6.60
CA LYS A 3885 -90.80 -39.30 6.60
C LYS A 3885 -91.34 -40.40 5.70
N HIS A 3886 -90.70 -40.66 4.56
CA HIS A 3886 -91.10 -41.78 3.72
C HIS A 3886 -90.86 -43.11 4.43
N VAL A 3887 -89.76 -43.22 5.16
CA VAL A 3887 -89.50 -44.43 5.96
C VAL A 3887 -90.60 -44.60 7.01
N GLU A 3888 -91.01 -43.51 7.65
CA GLU A 3888 -92.06 -43.58 8.66
C GLU A 3888 -93.39 -43.99 8.04
N GLU A 3889 -93.72 -43.45 6.87
CA GLU A 3889 -94.98 -43.83 6.22
C GLU A 3889 -94.94 -45.29 5.78
N PHE A 3890 -93.78 -45.76 5.33
CA PHE A 3890 -93.65 -47.17 4.98
C PHE A 3890 -93.79 -48.07 6.20
N CYS A 3891 -93.24 -47.63 7.34
CA CYS A 3891 -93.30 -48.44 8.55
C CYS A 3891 -94.70 -48.45 9.15
N THR A 3892 -95.43 -47.34 9.05
CA THR A 3892 -96.80 -47.27 9.56
C THR A 3892 -97.84 -47.76 8.58
N ARG A 3893 -97.45 -48.00 7.32
CA ARG A 3893 -98.38 -48.52 6.32
C ARG A 3893 -98.41 -50.05 6.29
N VAL A 3894 -97.24 -50.68 6.39
CA VAL A 3894 -97.14 -52.14 6.41
C VAL A 3894 -97.05 -52.62 7.85
N ASN A 3895 -97.62 -53.79 8.12
CA ASN A 3895 -97.63 -54.36 9.45
C ASN A 3895 -96.55 -55.43 9.64
N ASN A 3896 -95.66 -55.60 8.66
CA ASN A 3896 -94.57 -56.56 8.76
C ASN A 3896 -93.50 -55.98 9.68
N ASP A 3897 -93.71 -56.15 10.99
CA ASP A 3897 -92.87 -55.54 12.01
C ASP A 3897 -91.46 -56.11 12.07
N TRP A 3898 -91.11 -57.05 11.18
CA TRP A 3898 -89.73 -57.53 11.16
C TRP A 3898 -88.77 -56.46 10.67
N HIS A 3899 -89.24 -55.57 9.80
CA HIS A 3899 -88.37 -54.51 9.28
C HIS A 3899 -87.95 -53.55 10.39
N ARG A 3900 -88.88 -53.19 11.27
CA ARG A 3900 -88.54 -52.32 12.39
C ARG A 3900 -87.69 -53.05 13.42
N VAL A 3901 -87.88 -54.36 13.57
CA VAL A 3901 -87.01 -55.15 14.43
C VAL A 3901 -85.58 -55.09 13.93
N TYR A 3902 -85.40 -55.28 12.61
CA TYR A 3902 -84.06 -55.18 12.04
C TYR A 3902 -83.50 -53.77 12.17
N LEU A 3903 -84.36 -52.76 12.02
CA LEU A 3903 -83.91 -51.37 12.16
C LEU A 3903 -83.38 -51.10 13.56
N VAL A 3904 -84.13 -51.51 14.58
CA VAL A 3904 -83.68 -51.26 15.95
C VAL A 3904 -82.47 -52.13 16.29
N ARG A 3905 -82.37 -53.33 15.71
CA ARG A 3905 -81.19 -54.17 15.91
C ARG A 3905 -79.95 -53.49 15.35
N LYS A 3906 -80.07 -52.92 14.14
CA LYS A 3906 -78.95 -52.19 13.56
C LYS A 3906 -78.63 -50.93 14.36
N LEU A 3907 -79.66 -50.26 14.88
CA LEU A 3907 -79.41 -49.08 15.72
C LEU A 3907 -78.63 -49.46 16.98
N SER A 3908 -78.98 -50.60 17.58
CA SER A 3908 -78.24 -51.06 18.75
C SER A 3908 -76.82 -51.47 18.39
N SER A 3909 -76.64 -52.08 17.20
CA SER A 3909 -75.30 -52.49 16.79
C SER A 3909 -74.40 -51.29 16.54
N GLN A 3910 -74.94 -50.23 15.92
CA GLN A 3910 -74.12 -49.06 15.60
C GLN A 3910 -73.83 -48.23 16.84
N ARG A 3911 -74.82 -48.01 17.70
CA ARG A 3911 -74.70 -47.07 18.82
C ARG A 3911 -74.66 -47.77 20.17
N GLY A 3912 -75.61 -48.65 20.46
CA GLY A 3912 -75.60 -49.38 21.71
C GLY A 3912 -76.96 -49.52 22.36
N MET A 3913 -77.01 -50.26 23.47
CA MET A 3913 -78.27 -50.41 24.20
C MET A 3913 -78.69 -49.12 24.87
N GLU A 3914 -77.72 -48.32 25.32
CA GLU A 3914 -78.06 -47.03 25.94
C GLU A 3914 -78.68 -46.08 24.93
N PHE A 3915 -78.32 -46.21 23.66
CA PHE A 3915 -78.94 -45.38 22.62
C PHE A 3915 -80.45 -45.58 22.59
N VAL A 3916 -80.90 -46.83 22.46
CA VAL A 3916 -82.34 -47.09 22.43
C VAL A 3916 -82.95 -46.86 23.81
N GLN A 3917 -82.18 -47.04 24.87
CA GLN A 3917 -82.69 -46.78 26.22
C GLN A 3917 -83.10 -45.32 26.37
N SER A 3918 -82.24 -44.40 25.94
CA SER A 3918 -82.59 -42.99 25.96
C SER A 3918 -83.59 -42.66 24.86
N PHE A 3919 -83.58 -43.43 23.77
CA PHE A 3919 -84.45 -43.19 22.64
C PHE A 3919 -85.89 -43.56 22.93
N SER A 3920 -86.13 -44.39 23.94
CA SER A 3920 -87.46 -44.90 24.26
C SER A 3920 -88.17 -44.06 25.32
N LYS A 3921 -87.95 -42.76 25.35
CA LYS A 3921 -88.60 -41.92 26.36
C LYS A 3921 -90.04 -41.60 25.97
N GLN A 3922 -90.63 -40.61 26.64
CA GLN A 3922 -92.09 -40.52 26.77
C GLN A 3922 -92.69 -39.33 26.04
N GLY A 3923 -92.36 -39.16 24.76
CA GLY A 3923 -92.87 -38.04 24.00
C GLY A 3923 -91.87 -37.44 23.04
N HIS A 3924 -90.72 -38.07 22.90
CA HIS A 3924 -89.76 -37.66 21.88
C HIS A 3924 -90.38 -37.85 20.50
N PRO A 3925 -90.14 -36.93 19.55
CA PRO A 3925 -90.70 -37.04 18.20
C PRO A 3925 -89.95 -38.03 17.30
N CYS A 3926 -89.70 -39.23 17.82
CA CYS A 3926 -89.07 -40.29 17.05
C CYS A 3926 -89.60 -41.68 17.43
N GLN A 3927 -90.88 -41.79 17.77
CA GLN A 3927 -91.43 -42.99 18.38
C GLN A 3927 -91.92 -44.02 17.38
N TRP A 3928 -91.93 -43.72 16.07
CA TRP A 3928 -92.46 -44.68 15.11
C TRP A 3928 -91.54 -45.89 14.92
N VAL A 3929 -90.33 -45.85 15.47
CA VAL A 3929 -89.40 -46.98 15.33
C VAL A 3929 -89.68 -48.10 16.32
N PHE A 3930 -90.61 -47.89 17.27
CA PHE A 3930 -91.02 -48.92 18.20
C PHE A 3930 -92.38 -49.50 17.80
N PRO A 3931 -92.69 -50.72 18.22
CA PRO A 3931 -94.02 -51.26 17.94
C PRO A 3931 -95.05 -50.67 18.90
N ARG A 3932 -96.31 -51.07 18.69
CA ARG A 3932 -97.39 -50.58 19.54
C ARG A 3932 -97.42 -51.25 20.90
N LYS A 3933 -96.59 -52.27 21.11
CA LYS A 3933 -96.61 -53.02 22.37
C LYS A 3933 -95.43 -52.68 23.27
N VAL A 3934 -94.25 -52.45 22.71
CA VAL A 3934 -93.08 -52.13 23.52
C VAL A 3934 -93.29 -50.82 24.27
N ILE A 3935 -93.80 -49.80 23.58
CA ILE A 3935 -94.09 -48.53 24.25
C ILE A 3935 -95.22 -48.67 25.26
N ALA A 3936 -96.11 -49.64 25.06
CA ALA A 3936 -97.26 -49.79 25.95
C ALA A 3936 -96.86 -50.22 27.36
N GLN A 3937 -95.98 -51.21 27.48
CA GLN A 3937 -95.61 -51.76 28.77
C GLN A 3937 -94.14 -51.52 29.11
N GLN A 3938 -93.62 -50.33 28.82
CA GLN A 3938 -92.29 -49.92 29.24
C GLN A 3938 -92.42 -48.79 30.26
N LYS A 3939 -91.70 -48.90 31.35
CA LYS A 3939 -91.74 -47.91 32.43
C LYS A 3939 -90.61 -46.90 32.28
N ASP A 3940 -90.66 -45.86 33.11
CA ASP A 3940 -89.63 -44.85 33.16
C ASP A 3940 -88.45 -45.25 34.04
N HIS A 3941 -88.52 -46.41 34.68
CA HIS A 3941 -87.51 -46.88 35.60
C HIS A 3941 -86.56 -47.88 34.95
N VAL A 3942 -86.27 -47.68 33.66
CA VAL A 3942 -85.30 -48.51 32.98
C VAL A 3942 -83.93 -48.26 33.61
N SER A 3943 -83.26 -49.33 34.02
CA SER A 3943 -82.01 -49.20 34.74
C SER A 3943 -80.82 -49.40 33.80
N LEU A 3944 -79.64 -49.02 34.30
CA LEU A 3944 -78.41 -49.25 33.56
C LEU A 3944 -78.07 -50.74 33.58
N MET A 3945 -76.93 -51.09 33.00
CA MET A 3945 -76.61 -52.48 32.72
C MET A 3945 -75.41 -52.92 33.55
N ASP A 3946 -75.54 -54.06 34.22
CA ASP A 3946 -74.48 -54.60 35.07
C ASP A 3946 -73.51 -55.38 34.20
N ARG A 3947 -72.66 -54.64 33.48
CA ARG A 3947 -71.71 -55.25 32.54
C ARG A 3947 -70.62 -56.05 33.22
N TYR A 3948 -70.47 -55.94 34.54
CA TYR A 3948 -69.41 -56.65 35.26
C TYR A 3948 -69.72 -58.13 35.45
N LEU A 3949 -70.72 -58.67 34.77
CA LEU A 3949 -71.00 -60.10 34.77
C LEU A 3949 -70.01 -60.89 33.92
N VAL A 3950 -68.94 -60.25 33.46
CA VAL A 3950 -67.94 -60.94 32.64
C VAL A 3950 -67.28 -62.06 33.45
N HIS A 3951 -67.12 -61.84 34.75
CA HIS A 3951 -66.50 -62.84 35.63
C HIS A 3951 -67.35 -64.11 35.69
N GLY A 3952 -68.66 -63.95 35.78
CA GLY A 3952 -69.56 -65.09 35.67
C GLY A 3952 -70.12 -65.64 36.97
N ASN A 3953 -71.38 -65.30 37.26
CA ASN A 3953 -72.15 -65.91 38.34
C ASN A 3953 -71.55 -65.66 39.72
N GLU A 3954 -70.66 -64.70 39.83
CA GLU A 3954 -70.14 -64.28 41.13
C GLU A 3954 -70.41 -62.82 41.44
N TYR A 3955 -70.26 -61.93 40.46
CA TYR A 3955 -70.61 -60.53 40.67
C TYR A 3955 -72.11 -60.34 40.75
N LYS A 3956 -72.88 -61.19 40.07
CA LYS A 3956 -74.34 -61.06 40.10
C LYS A 3956 -74.90 -61.30 41.49
N ALA A 3957 -74.40 -62.34 42.17
CA ALA A 3957 -74.90 -62.64 43.51
C ALA A 3957 -74.55 -61.53 44.49
N VAL A 3958 -73.32 -61.02 44.44
CA VAL A 3958 -72.91 -59.97 45.36
C VAL A 3958 -73.65 -58.66 45.05
N ARG A 3959 -73.91 -58.36 43.78
CA ARG A 3959 -74.63 -57.14 43.46
C ARG A 3959 -76.10 -57.24 43.85
N ASP A 3960 -76.70 -58.44 43.73
CA ASP A 3960 -78.06 -58.62 44.22
C ASP A 3960 -78.12 -58.49 45.73
N ALA A 3961 -77.11 -59.03 46.43
CA ALA A 3961 -77.05 -58.86 47.88
C ALA A 3961 -76.89 -57.39 48.26
N THR A 3962 -76.07 -56.65 47.52
CA THR A 3962 -75.91 -55.22 47.80
C THR A 3962 -77.22 -54.48 47.55
N ALA A 3963 -77.95 -54.83 46.49
CA ALA A 3963 -79.24 -54.21 46.23
C ALA A 3963 -80.24 -54.50 47.36
N LYS A 3964 -80.26 -55.75 47.82
CA LYS A 3964 -81.15 -56.11 48.92
C LYS A 3964 -80.78 -55.35 50.20
N ALA A 3965 -79.49 -55.20 50.45
CA ALA A 3965 -79.04 -54.41 51.60
C ALA A 3965 -79.40 -52.94 51.44
N VAL A 3966 -79.40 -52.45 50.20
CA VAL A 3966 -79.76 -51.05 49.96
C VAL A 3966 -81.24 -50.82 50.24
N LEU A 3967 -82.11 -51.68 49.71
CA LEU A 3967 -83.54 -51.50 49.91
C LEU A 3967 -83.93 -51.72 51.37
N GLU A 3968 -83.33 -52.72 52.02
CA GLU A 3968 -83.58 -53.01 53.42
C GLU A 3968 -82.53 -52.28 54.27
N CYS A 3969 -82.45 -52.65 55.55
CA CYS A 3969 -81.44 -52.09 56.44
C CYS A 3969 -80.34 -53.07 56.83
N LYS A 3970 -80.58 -54.37 56.68
CA LYS A 3970 -79.57 -55.37 57.03
C LYS A 3970 -78.44 -55.37 56.00
N THR A 3971 -77.22 -55.58 56.48
CA THR A 3971 -76.04 -55.61 55.63
C THR A 3971 -75.29 -56.94 55.71
N LEU A 3972 -75.87 -57.95 56.36
CA LEU A 3972 -75.22 -59.26 56.44
C LEU A 3972 -75.35 -60.06 55.16
N ASP A 3973 -76.31 -59.71 54.30
CA ASP A 3973 -76.53 -60.45 53.06
C ASP A 3973 -75.31 -60.37 52.13
N ILE A 3974 -74.71 -59.19 52.02
CA ILE A 3974 -73.55 -59.04 51.15
C ILE A 3974 -72.36 -59.83 51.72
N GLY A 3975 -72.21 -59.85 53.04
CA GLY A 3975 -71.18 -60.67 53.64
C GLY A 3975 -71.39 -62.15 53.39
N ASN A 3976 -72.64 -62.61 53.48
CA ASN A 3976 -72.95 -64.01 53.18
C ASN A 3976 -72.65 -64.33 51.72
N ALA A 3977 -72.99 -63.42 50.81
CA ALA A 3977 -72.70 -63.63 49.39
C ALA A 3977 -71.19 -63.69 49.14
N LEU A 3978 -70.44 -62.81 49.78
CA LEU A 3978 -68.98 -62.81 49.60
C LEU A 3978 -68.36 -64.08 50.16
N MET A 3979 -68.83 -64.55 51.32
CA MET A 3979 -68.25 -65.72 51.95
C MET A 3979 -68.60 -67.02 51.23
N ALA A 3980 -69.58 -67.00 50.34
CA ALA A 3980 -70.05 -68.21 49.67
C ALA A 3980 -69.64 -68.26 48.20
N CYS A 3981 -68.44 -67.80 47.86
CA CYS A 3981 -67.99 -67.79 46.49
C CYS A 3981 -66.49 -68.03 46.41
N ARG A 3982 -66.05 -68.51 45.25
CA ARG A 3982 -64.64 -68.62 44.91
C ARG A 3982 -64.16 -67.28 44.37
N SER A 3983 -63.02 -67.24 43.68
CA SER A 3983 -62.40 -66.00 43.20
C SER A 3983 -62.02 -65.12 44.38
N PRO A 3984 -60.93 -65.46 45.07
CA PRO A 3984 -60.64 -64.90 46.40
C PRO A 3984 -60.36 -63.40 46.44
N LYS A 3985 -59.91 -62.94 47.61
CA LYS A 3985 -59.90 -61.56 48.12
C LYS A 3985 -59.73 -60.45 47.07
N PRO A 3986 -58.74 -60.51 46.15
CA PRO A 3986 -58.62 -59.39 45.19
C PRO A 3986 -59.86 -59.19 44.36
N GLN A 3987 -60.24 -60.22 43.59
CA GLN A 3987 -61.44 -60.11 42.77
C GLN A 3987 -62.71 -60.05 43.62
N GLN A 3988 -62.70 -60.66 44.80
CA GLN A 3988 -63.85 -60.58 45.69
C GLN A 3988 -64.14 -59.14 46.10
N THR A 3989 -63.12 -58.42 46.57
CA THR A 3989 -63.30 -57.02 46.92
C THR A 3989 -63.58 -56.18 45.69
N ALA A 3990 -63.01 -56.55 44.54
CA ALA A 3990 -63.34 -55.86 43.30
C ALA A 3990 -64.84 -55.93 43.02
N TYR A 3991 -65.41 -57.13 43.10
CA TYR A 3991 -66.85 -57.30 42.87
C TYR A 3991 -67.66 -56.54 43.92
N LEU A 3992 -67.23 -56.62 45.18
CA LEU A 3992 -67.96 -55.93 46.25
C LEU A 3992 -68.03 -54.42 46.00
N LEU A 3993 -66.87 -53.81 45.74
CA LEU A 3993 -66.85 -52.37 45.56
C LEU A 3993 -67.52 -51.95 44.25
N LEU A 3994 -67.41 -52.76 43.19
CA LEU A 3994 -68.12 -52.45 41.95
C LEU A 3994 -69.63 -52.51 42.16
N ALA A 3995 -70.11 -53.50 42.91
CA ALA A 3995 -71.52 -53.58 43.22
C ALA A 3995 -71.98 -52.38 44.03
N LEU A 3996 -71.18 -51.97 45.02
CA LEU A 3996 -71.52 -50.79 45.80
C LEU A 3996 -71.59 -49.55 44.91
N TYR A 3997 -70.60 -49.39 44.02
CA TYR A 3997 -70.59 -48.24 43.13
C TYR A 3997 -71.79 -48.23 42.21
N THR A 3998 -72.13 -49.38 41.62
CA THR A 3998 -73.25 -49.40 40.67
C THR A 3998 -74.57 -49.20 41.38
N GLU A 3999 -74.71 -49.70 42.62
CA GLU A 3999 -75.93 -49.45 43.37
C GLU A 3999 -76.08 -47.98 43.72
N VAL A 4000 -75.00 -47.35 44.19
CA VAL A 4000 -75.08 -45.93 44.54
C VAL A 4000 -75.31 -45.09 43.28
N ALA A 4001 -74.73 -45.49 42.15
CA ALA A 4001 -74.95 -44.75 40.91
C ALA A 4001 -76.39 -44.89 40.44
N ALA A 4002 -76.95 -46.10 40.52
CA ALA A 4002 -78.35 -46.28 40.15
C ALA A 4002 -79.26 -45.46 41.06
N LEU A 4003 -78.94 -45.39 42.35
CA LEU A 4003 -79.75 -44.57 43.26
C LEU A 4003 -79.64 -43.08 42.91
N TYR A 4004 -78.43 -42.60 42.64
CA TYR A 4004 -78.25 -41.16 42.43
C TYR A 4004 -78.79 -40.70 41.09
N ARG A 4005 -78.52 -41.45 40.01
CA ARG A 4005 -78.93 -41.01 38.69
C ARG A 4005 -80.44 -40.91 38.56
N SER A 4006 -81.17 -41.87 39.10
CA SER A 4006 -82.63 -41.82 39.04
C SER A 4006 -83.13 -40.78 40.03
N PRO A 4007 -83.85 -39.74 39.57
CA PRO A 4007 -84.22 -38.65 40.48
C PRO A 4007 -85.11 -39.07 41.64
N ASN A 4008 -85.92 -40.12 41.48
CA ASN A 4008 -86.87 -40.48 42.53
C ASN A 4008 -86.16 -40.95 43.80
N GLY A 4009 -85.05 -41.65 43.65
CA GLY A 4009 -84.35 -42.20 44.79
C GLY A 4009 -82.97 -41.60 45.01
N SER A 4010 -82.81 -40.33 44.68
CA SER A 4010 -81.54 -39.65 44.91
C SER A 4010 -81.30 -39.47 46.40
N LEU A 4011 -80.02 -39.55 46.77
CA LEU A 4011 -79.59 -39.43 48.17
C LEU A 4011 -80.24 -40.48 49.06
N HIS A 4012 -80.55 -41.64 48.46
CA HIS A 4012 -81.15 -42.76 49.17
C HIS A 4012 -80.23 -43.30 50.29
N PRO A 4013 -78.92 -43.49 50.05
CA PRO A 4013 -78.07 -43.95 51.15
C PRO A 4013 -78.06 -43.03 52.36
N GLU A 4014 -78.23 -41.72 52.16
CA GLU A 4014 -78.28 -40.80 53.29
C GLU A 4014 -79.53 -41.01 54.14
N ALA A 4015 -80.50 -41.78 53.67
CA ALA A 4015 -81.72 -42.07 54.42
C ALA A 4015 -81.50 -43.32 55.28
N LYS A 4016 -80.62 -43.17 56.28
CA LYS A 4016 -80.34 -44.20 57.27
C LYS A 4016 -79.88 -45.51 56.62
N GLN A 4017 -79.00 -45.40 55.63
CA GLN A 4017 -78.44 -46.58 54.99
C GLN A 4017 -76.92 -46.50 54.90
N LEU A 4018 -76.38 -45.27 54.92
CA LEU A 4018 -74.93 -45.11 54.90
C LEU A 4018 -74.30 -45.55 56.22
N GLU A 4019 -75.03 -45.40 57.32
CA GLU A 4019 -74.54 -45.93 58.60
C GLU A 4019 -74.40 -47.44 58.55
N ALA A 4020 -75.34 -48.12 57.89
CA ALA A 4020 -75.26 -49.57 57.76
C ALA A 4020 -74.03 -49.99 56.97
N VAL A 4021 -73.75 -49.31 55.86
CA VAL A 4021 -72.59 -49.68 55.05
C VAL A 4021 -71.30 -49.32 55.78
N ASN A 4022 -71.29 -48.22 56.54
CA ASN A 4022 -70.10 -47.88 57.32
C ASN A 4022 -69.84 -48.93 58.41
N LYS A 4023 -70.89 -49.39 59.08
CA LYS A 4023 -70.74 -50.44 60.08
C LYS A 4023 -70.28 -51.74 59.42
N PHE A 4024 -70.78 -52.04 58.22
CA PHE A 4024 -70.34 -53.23 57.51
C PHE A 4024 -68.86 -53.16 57.16
N ILE A 4025 -68.39 -51.99 56.72
CA ILE A 4025 -66.97 -51.83 56.43
C ILE A 4025 -66.14 -51.97 57.71
N LYS A 4026 -66.61 -51.36 58.81
CA LYS A 4026 -65.87 -51.43 60.06
C LYS A 4026 -65.78 -52.87 60.58
N GLU A 4027 -66.87 -53.63 60.46
CA GLU A 4027 -66.88 -54.99 61.02
C GLU A 4027 -66.05 -55.94 60.17
N SER A 4028 -66.42 -56.11 58.90
CA SER A 4028 -65.71 -57.05 58.05
C SER A 4028 -64.30 -56.56 57.75
N LYS A 4029 -63.33 -57.44 57.90
CA LYS A 4029 -61.94 -57.14 57.60
C LYS A 4029 -61.54 -57.49 56.17
N ILE A 4030 -62.51 -57.94 55.35
CA ILE A 4030 -62.20 -58.34 53.98
C ILE A 4030 -61.71 -57.16 53.16
N LEU A 4031 -62.20 -55.95 53.47
CA LEU A 4031 -61.75 -54.75 52.77
C LEU A 4031 -61.22 -53.71 53.76
N SER A 4032 -60.74 -54.15 54.91
CA SER A 4032 -60.19 -53.25 55.93
C SER A 4032 -58.70 -52.98 55.69
N ASP A 4033 -58.38 -52.57 54.48
CA ASP A 4033 -57.08 -52.11 54.04
C ASP A 4033 -57.12 -50.61 53.83
N PRO A 4034 -56.06 -49.86 54.17
CA PRO A 4034 -56.15 -48.39 54.09
C PRO A 4034 -56.54 -47.86 52.71
N ASN A 4035 -56.02 -48.46 51.64
CA ASN A 4035 -56.37 -48.00 50.30
C ASN A 4035 -57.83 -48.26 50.00
N ILE A 4036 -58.30 -49.49 50.25
CA ILE A 4036 -59.70 -49.82 50.00
C ILE A 4036 -60.60 -49.03 50.93
N ARG A 4037 -60.15 -48.80 52.16
CA ARG A 4037 -60.96 -48.05 53.13
C ARG A 4037 -61.16 -46.61 52.68
N CYS A 4038 -60.07 -45.95 52.25
CA CYS A 4038 -60.24 -44.57 51.79
C CYS A 4038 -61.02 -44.51 50.48
N PHE A 4039 -60.84 -45.50 49.60
CA PHE A 4039 -61.63 -45.53 48.37
C PHE A 4039 -63.12 -45.66 48.68
N ALA A 4040 -63.46 -46.55 49.62
CA ALA A 4040 -64.86 -46.70 50.02
C ALA A 4040 -65.39 -45.45 50.70
N ARG A 4041 -64.59 -44.81 51.54
CA ARG A 4041 -65.02 -43.58 52.19
C ARG A 4041 -65.31 -42.50 51.16
N SER A 4042 -64.49 -42.40 50.12
CA SER A 4042 -64.76 -41.47 49.03
C SER A 4042 -66.01 -41.88 48.24
N LEU A 4043 -66.22 -43.17 48.06
CA LEU A 4043 -67.31 -43.64 47.19
C LEU A 4043 -68.68 -43.45 47.84
N VAL A 4044 -68.80 -43.79 49.13
CA VAL A 4044 -70.12 -43.83 49.77
C VAL A 4044 -70.73 -42.43 49.82
N ASP A 4045 -69.97 -41.43 50.23
CA ASP A 4045 -70.49 -40.06 50.30
C ASP A 4045 -70.43 -39.33 48.97
N ASN A 4046 -70.06 -40.04 47.89
CA ASN A 4046 -70.03 -39.47 46.54
C ASN A 4046 -69.06 -38.31 46.42
N THR A 4047 -67.96 -38.34 47.17
CA THR A 4047 -66.90 -37.36 47.04
C THR A 4047 -65.81 -37.78 46.07
N LEU A 4048 -65.95 -38.94 45.44
CA LEU A 4048 -64.98 -39.37 44.45
C LEU A 4048 -65.01 -38.42 43.26
N PRO A 4049 -63.84 -37.95 42.77
CA PRO A 4049 -63.80 -37.00 41.65
C PRO A 4049 -63.99 -37.64 40.28
N LEU A 4050 -65.00 -38.50 40.18
CA LEU A 4050 -65.34 -39.17 38.93
C LEU A 4050 -66.79 -39.03 38.53
N LEU A 4051 -67.71 -38.91 39.49
CA LEU A 4051 -69.11 -38.71 39.15
C LEU A 4051 -69.36 -37.34 38.52
N LYS A 4052 -68.62 -36.32 38.97
CA LYS A 4052 -68.75 -34.98 38.42
C LYS A 4052 -67.92 -34.80 37.14
N ILE A 4053 -68.23 -35.62 36.13
CA ILE A 4053 -67.52 -35.54 34.86
C ILE A 4053 -67.98 -34.38 34.00
N ARG A 4054 -69.09 -33.73 34.37
CA ARG A 4054 -69.68 -32.57 33.69
C ARG A 4054 -69.63 -32.72 32.16
N SER A 4055 -70.30 -33.76 31.68
CA SER A 4055 -70.44 -34.02 30.26
C SER A 4055 -71.80 -33.51 29.79
N ALA A 4056 -71.80 -32.68 28.74
CA ALA A 4056 -73.04 -32.09 28.26
C ALA A 4056 -73.91 -33.11 27.54
N ASN A 4057 -73.29 -34.11 26.90
CA ASN A 4057 -74.06 -35.12 26.16
C ASN A 4057 -74.93 -35.94 27.10
N SER A 4058 -74.40 -36.28 28.28
CA SER A 4058 -75.06 -37.06 29.32
C SER A 4058 -75.48 -38.45 28.85
N ILE A 4059 -74.99 -38.89 27.69
CA ILE A 4059 -75.30 -40.22 27.18
C ILE A 4059 -74.12 -41.14 27.50
N LEU A 4060 -72.96 -40.80 26.96
CA LEU A 4060 -71.76 -41.61 27.15
C LEU A 4060 -71.02 -41.29 28.45
N LYS A 4061 -71.51 -40.33 29.24
CA LYS A 4061 -70.83 -39.99 30.49
C LYS A 4061 -70.94 -41.12 31.50
N GLY A 4062 -72.06 -41.84 31.52
CA GLY A 4062 -72.17 -43.01 32.37
C GLY A 4062 -71.17 -44.09 31.98
N THR A 4063 -71.02 -44.32 30.68
CA THR A 4063 -70.04 -45.29 30.20
C THR A 4063 -68.62 -44.85 30.57
N VAL A 4064 -68.32 -43.55 30.43
CA VAL A 4064 -66.99 -43.05 30.77
C VAL A 4064 -66.69 -43.25 32.24
N THR A 4065 -67.66 -42.90 33.11
CA THR A 4065 -67.47 -43.10 34.54
C THR A 4065 -67.32 -44.58 34.88
N GLU A 4066 -68.10 -45.44 34.22
CA GLU A 4066 -67.99 -46.87 34.46
C GLU A 4066 -66.61 -47.39 34.10
N MET A 4067 -66.09 -46.98 32.93
CA MET A 4067 -64.75 -47.41 32.54
C MET A 4067 -63.70 -46.89 33.50
N ALA A 4068 -63.82 -45.63 33.93
CA ALA A 4068 -62.84 -45.06 34.85
C ALA A 4068 -62.84 -45.80 36.17
N VAL A 4069 -64.01 -46.01 36.76
CA VAL A 4069 -64.07 -46.71 38.04
C VAL A 4069 -63.65 -48.17 37.89
N HIS A 4070 -63.92 -48.78 36.73
CA HIS A 4070 -63.55 -50.19 36.55
C HIS A 4070 -62.04 -50.34 36.43
N VAL A 4071 -61.38 -49.47 35.67
CA VAL A 4071 -59.93 -49.53 35.59
C VAL A 4071 -59.30 -49.18 36.93
N ALA A 4072 -59.91 -48.24 37.67
CA ALA A 4072 -59.42 -47.95 39.01
C ALA A 4072 -59.55 -49.15 39.92
N THR A 4073 -60.65 -49.88 39.83
CA THR A 4073 -60.83 -51.10 40.62
C THR A 4073 -59.79 -52.15 40.23
N ILE A 4074 -59.55 -52.32 38.93
CA ILE A 4074 -58.58 -53.30 38.48
C ILE A 4074 -57.20 -52.96 39.02
N LEU A 4075 -56.82 -51.68 38.98
CA LEU A 4075 -55.53 -51.26 39.52
C LEU A 4075 -55.47 -51.46 41.03
N LEU A 4076 -56.55 -51.11 41.74
CA LEU A 4076 -56.55 -51.17 43.20
C LEU A 4076 -56.45 -52.61 43.69
N CYS A 4077 -57.18 -53.51 43.05
CA CYS A 4077 -57.23 -54.91 43.48
C CYS A 4077 -56.19 -55.77 42.78
N GLY A 4078 -55.42 -55.22 41.84
CA GLY A 4078 -54.45 -56.00 41.11
C GLY A 4078 -53.04 -55.87 41.65
N HIS A 4079 -52.58 -56.88 42.40
CA HIS A 4079 -51.21 -56.92 42.90
C HIS A 4079 -50.33 -57.65 41.88
N ASN A 4080 -50.13 -57.00 40.74
CA ASN A 4080 -49.38 -57.57 39.63
C ASN A 4080 -48.27 -56.61 39.22
N GLN A 4081 -47.15 -57.19 38.76
CA GLN A 4081 -46.02 -56.39 38.34
C GLN A 4081 -46.34 -55.59 37.08
N ILE A 4082 -47.16 -56.14 36.19
CA ILE A 4082 -47.51 -55.44 34.96
C ILE A 4082 -48.35 -54.21 35.24
N LEU A 4083 -49.04 -54.17 36.38
CA LEU A 4083 -49.91 -53.06 36.72
C LEU A 4083 -49.23 -51.97 37.54
N LYS A 4084 -47.96 -52.14 37.88
CA LYS A 4084 -47.27 -51.13 38.68
C LYS A 4084 -47.14 -49.78 37.97
N PRO A 4085 -46.69 -49.69 36.71
CA PRO A 4085 -46.67 -48.38 36.06
C PRO A 4085 -48.04 -47.73 35.94
N LEU A 4086 -49.08 -48.53 35.66
CA LEU A 4086 -50.42 -47.99 35.61
C LEU A 4086 -50.87 -47.49 36.98
N ARG A 4087 -50.52 -48.22 38.03
CA ARG A 4087 -50.84 -47.77 39.39
C ARG A 4087 -50.15 -46.44 39.70
N ASN A 4088 -48.87 -46.33 39.34
CA ASN A 4088 -48.14 -45.09 39.60
C ASN A 4088 -48.72 -43.93 38.79
N LEU A 4089 -49.12 -44.18 37.55
CA LEU A 4089 -49.71 -43.14 36.73
C LEU A 4089 -51.07 -42.69 37.29
N ALA A 4090 -51.87 -43.65 37.75
CA ALA A 4090 -53.21 -43.33 38.23
C ALA A 4090 -53.24 -42.71 39.61
N PHE A 4091 -52.31 -43.08 40.50
CA PHE A 4091 -52.38 -42.66 41.89
C PHE A 4091 -51.22 -41.80 42.36
N TYR A 4092 -50.08 -41.83 41.68
CA TYR A 4092 -48.93 -41.00 42.03
C TYR A 4092 -48.41 -40.29 40.78
N PRO A 4093 -49.22 -39.41 40.18
CA PRO A 4093 -48.75 -38.72 38.97
C PRO A 4093 -47.58 -37.79 39.21
N VAL A 4094 -47.39 -37.31 40.44
CA VAL A 4094 -46.28 -36.41 40.73
C VAL A 4094 -44.94 -37.10 40.49
N ASN A 4095 -44.86 -38.40 40.80
CA ASN A 4095 -43.66 -39.17 40.52
C ASN A 4095 -43.44 -39.41 39.04
N MET A 4096 -44.43 -39.12 38.19
CA MET A 4096 -44.33 -39.32 36.75
C MET A 4096 -43.99 -38.03 36.01
N ALA A 4097 -43.16 -37.19 36.61
CA ALA A 4097 -42.76 -35.93 35.99
C ALA A 4097 -41.78 -36.22 34.86
N ASN A 4098 -42.21 -35.95 33.62
CA ASN A 4098 -41.38 -36.14 32.43
C ASN A 4098 -40.85 -37.58 32.34
N ALA A 4099 -41.75 -38.52 32.52
CA ALA A 4099 -41.43 -39.94 32.40
C ALA A 4099 -41.81 -40.44 31.01
N PHE A 4100 -41.15 -41.52 30.60
CA PHE A 4100 -41.37 -42.08 29.27
C PHE A 4100 -42.71 -42.79 29.20
N LEU A 4101 -43.75 -42.05 28.78
CA LEU A 4101 -45.08 -42.64 28.68
C LEU A 4101 -45.15 -43.55 27.46
N PRO A 4102 -45.93 -44.63 27.53
CA PRO A 4102 -46.01 -45.56 26.40
C PRO A 4102 -46.98 -45.06 25.35
N THR A 4103 -47.10 -45.85 24.27
CA THR A 4103 -48.03 -45.59 23.17
C THR A 4103 -47.89 -44.18 22.63
N MET A 4104 -46.65 -43.75 22.40
CA MET A 4104 -46.39 -42.43 21.82
C MET A 4104 -45.41 -42.54 20.67
N PRO A 4105 -45.57 -41.72 19.63
CA PRO A 4105 -44.63 -41.77 18.51
C PRO A 4105 -43.22 -41.39 18.94
N GLU A 4106 -42.24 -42.09 18.36
CA GLU A 4106 -40.83 -41.83 18.61
C GLU A 4106 -40.15 -41.48 17.29
N ASP A 4107 -39.46 -40.35 17.27
CA ASP A 4107 -38.83 -39.87 16.04
C ASP A 4107 -37.70 -40.80 15.60
N THR A 4174 -36.76 -39.22 21.83
CA THR A 4174 -37.39 -39.37 23.13
C THR A 4174 -38.80 -38.75 23.13
N GLN A 4175 -38.86 -37.43 23.22
CA GLN A 4175 -40.12 -36.67 23.23
C GLN A 4175 -41.05 -37.17 24.34
N THR A 4176 -40.58 -37.02 25.58
CA THR A 4176 -41.33 -37.46 26.74
C THR A 4176 -42.51 -36.52 27.00
N GLY A 4177 -43.54 -37.08 27.65
CA GLY A 4177 -44.70 -36.30 28.02
C GLY A 4177 -46.00 -36.85 27.49
N HIS A 4178 -46.93 -35.95 27.17
CA HIS A 4178 -48.23 -36.29 26.59
C HIS A 4178 -48.54 -35.36 25.43
N VAL A 4179 -47.59 -35.22 24.51
CA VAL A 4179 -47.81 -34.37 23.34
C VAL A 4179 -48.76 -35.10 22.39
N LEU A 4180 -49.99 -34.59 22.27
CA LEU A 4180 -50.96 -35.12 21.34
C LEU A 4180 -51.83 -33.96 20.85
N GLY A 4181 -52.17 -34.00 19.57
CA GLY A 4181 -52.93 -32.92 18.97
C GLY A 4181 -54.37 -32.88 19.45
N SER A 4182 -55.06 -31.82 19.03
CA SER A 4182 -56.46 -31.67 19.39
C SER A 4182 -57.28 -32.78 18.75
N PRO A 4183 -58.24 -33.35 19.47
CA PRO A 4183 -59.03 -34.46 18.91
C PRO A 4183 -59.85 -34.07 17.68
N GLN A 4184 -60.27 -32.81 17.59
CA GLN A 4184 -61.09 -32.34 16.47
C GLN A 4184 -60.20 -31.95 15.28
N SER A 4185 -59.46 -32.95 14.79
CA SER A 4185 -58.50 -32.76 13.72
C SER A 4185 -58.78 -33.74 12.58
N SER A 4186 -58.48 -33.31 11.35
CA SER A 4186 -58.63 -34.13 10.17
C SER A 4186 -57.34 -34.83 9.75
N GLY A 4187 -56.49 -35.17 10.72
CA GLY A 4187 -55.20 -35.76 10.44
C GLY A 4187 -55.27 -37.25 10.23
N VAL A 4188 -54.12 -37.90 10.43
CA VAL A 4188 -53.97 -39.34 10.21
C VAL A 4188 -54.75 -40.10 11.27
N ALA A 4189 -54.94 -41.40 11.07
CA ALA A 4189 -55.72 -42.26 11.95
C ALA A 4189 -54.90 -42.77 13.13
N GLU A 4190 -53.83 -42.08 13.51
CA GLU A 4190 -52.94 -42.48 14.60
C GLU A 4190 -52.41 -43.90 14.36
N VAL A 4191 -51.62 -44.01 13.30
CA VAL A 4191 -51.06 -45.29 12.91
C VAL A 4191 -50.16 -45.83 14.04
N SER A 4192 -50.03 -47.16 14.08
CA SER A 4192 -49.30 -47.81 15.14
C SER A 4192 -47.80 -47.49 15.05
N ASP A 4193 -47.09 -47.74 16.14
CA ASP A 4193 -45.68 -47.40 16.25
C ASP A 4193 -44.83 -48.46 15.54
N ARG A 4194 -43.52 -48.43 15.81
CA ARG A 4194 -42.56 -49.19 15.02
C ARG A 4194 -42.80 -50.69 15.11
N GLY A 4195 -43.03 -51.20 16.33
CA GLY A 4195 -43.03 -52.64 16.52
C GLY A 4195 -44.15 -53.22 17.36
N GLN A 4196 -45.34 -52.65 17.26
CA GLN A 4196 -46.50 -53.13 18.00
C GLN A 4196 -47.69 -53.30 17.06
N SER A 4197 -48.51 -54.31 17.32
CA SER A 4197 -49.72 -54.50 16.54
C SER A 4197 -50.70 -53.37 16.84
N PRO A 4198 -51.39 -52.84 15.81
CA PRO A 4198 -52.25 -51.67 16.05
C PRO A 4198 -53.40 -51.93 17.01
N VAL A 4199 -53.97 -53.14 17.04
CA VAL A 4199 -55.07 -53.42 17.95
C VAL A 4199 -54.59 -53.39 19.40
N VAL A 4200 -53.47 -54.09 19.67
CA VAL A 4200 -52.87 -54.05 20.99
C VAL A 4200 -52.43 -52.64 21.33
N PHE A 4201 -51.91 -51.91 20.34
CA PHE A 4201 -51.49 -50.52 20.57
C PHE A 4201 -52.66 -49.66 21.02
N ILE A 4202 -53.80 -49.78 20.33
CA ILE A 4202 -54.97 -48.98 20.67
C ILE A 4202 -55.52 -49.37 22.04
N LEU A 4203 -55.54 -50.68 22.33
CA LEU A 4203 -56.03 -51.14 23.63
C LEU A 4203 -55.15 -50.58 24.75
N THR A 4204 -53.83 -50.69 24.60
CA THR A 4204 -52.92 -50.16 25.60
C THR A 4204 -53.07 -48.65 25.73
N ARG A 4205 -53.26 -47.95 24.60
CA ARG A 4205 -53.41 -46.51 24.63
C ARG A 4205 -54.67 -46.10 25.40
N LEU A 4206 -55.77 -46.82 25.19
CA LEU A 4206 -57.00 -46.46 25.90
C LEU A 4206 -56.90 -46.80 27.40
N LEU A 4207 -56.27 -47.93 27.74
CA LEU A 4207 -56.07 -48.23 29.15
C LEU A 4207 -55.20 -47.17 29.82
N THR A 4208 -54.13 -46.76 29.16
CA THR A 4208 -53.28 -45.71 29.71
C THR A 4208 -54.04 -44.39 29.80
N HIS A 4209 -54.86 -44.10 28.80
CA HIS A 4209 -55.67 -42.88 28.84
C HIS A 4209 -56.57 -42.86 30.06
N LEU A 4210 -57.22 -43.99 30.35
CA LEU A 4210 -57.99 -44.09 31.59
C LEU A 4210 -57.10 -43.91 32.80
N ALA A 4211 -55.86 -44.41 32.73
CA ALA A 4211 -54.93 -44.26 33.84
C ALA A 4211 -54.66 -42.79 34.15
N MET A 4212 -54.25 -42.00 33.14
CA MET A 4212 -54.04 -40.58 33.46
C MET A 4212 -55.36 -39.83 33.68
N LEU A 4213 -56.49 -40.33 33.19
CA LEU A 4213 -57.75 -39.69 33.56
C LEU A 4213 -58.01 -39.81 35.05
N VAL A 4214 -57.78 -41.01 35.61
CA VAL A 4214 -57.88 -41.20 37.06
C VAL A 4214 -56.85 -40.35 37.78
N GLY A 4215 -55.63 -40.29 37.23
CA GLY A 4215 -54.59 -39.47 37.85
C GLY A 4215 -54.94 -38.00 37.89
N ALA A 4216 -55.49 -37.48 36.79
CA ALA A 4216 -55.86 -36.07 36.72
C ALA A 4216 -57.04 -35.76 37.63
N THR A 4217 -58.02 -36.67 37.69
CA THR A 4217 -59.12 -36.48 38.64
C THR A 4217 -58.63 -36.53 40.08
N HIS A 4218 -57.56 -37.29 40.36
CA HIS A 4218 -56.94 -37.24 41.68
C HIS A 4218 -56.23 -35.91 41.91
N ASN A 4219 -55.48 -35.43 40.93
CA ASN A 4219 -54.75 -34.16 41.03
C ASN A 4219 -54.59 -33.58 39.63
N PRO A 4220 -55.36 -32.55 39.28
CA PRO A 4220 -55.26 -31.99 37.93
C PRO A 4220 -53.92 -31.35 37.62
N GLN A 4221 -53.24 -30.78 38.62
CA GLN A 4221 -52.02 -30.02 38.37
C GLN A 4221 -50.90 -30.93 37.83
N ALA A 4222 -50.84 -32.17 38.31
CA ALA A 4222 -49.83 -33.09 37.82
C ALA A 4222 -49.99 -33.36 36.33
N LEU A 4223 -51.23 -33.58 35.88
CA LEU A 4223 -51.45 -33.81 34.45
C LEU A 4223 -51.30 -32.52 33.65
N THR A 4224 -51.58 -31.37 34.27
CA THR A 4224 -51.32 -30.10 33.60
C THR A 4224 -49.83 -29.90 33.33
N VAL A 4225 -48.99 -30.24 34.31
CA VAL A 4225 -47.56 -30.11 34.12
C VAL A 4225 -46.98 -31.26 33.31
N ILE A 4226 -47.70 -32.38 33.17
CA ILE A 4226 -47.22 -33.48 32.35
C ILE A 4226 -47.53 -33.23 30.88
N ILE A 4227 -48.77 -32.87 30.57
CA ILE A 4227 -49.17 -32.63 29.18
C ILE A 4227 -48.71 -31.23 28.77
N LYS A 4228 -48.02 -31.15 27.63
CA LYS A 4228 -47.37 -29.89 27.25
C LYS A 4228 -48.35 -28.84 26.76
N PRO A 4229 -49.13 -29.06 25.66
CA PRO A 4229 -49.75 -27.93 24.97
C PRO A 4229 -50.79 -27.15 25.75
N TRP A 4230 -51.81 -27.85 26.27
CA TRP A 4230 -52.93 -27.14 26.91
C TRP A 4230 -52.55 -26.67 28.31
N VAL A 4231 -53.24 -25.61 28.74
CA VAL A 4231 -53.11 -25.10 30.10
C VAL A 4231 -54.47 -24.87 30.76
N GLN A 4232 -55.57 -25.21 30.10
CA GLN A 4232 -56.90 -24.88 30.59
C GLN A 4232 -57.47 -25.96 31.50
N ASP A 4233 -57.64 -27.19 30.99
CA ASP A 4233 -58.24 -28.24 31.77
C ASP A 4233 -57.96 -29.60 31.14
N PRO A 4234 -57.78 -30.66 31.93
CA PRO A 4234 -57.58 -31.98 31.34
C PRO A 4234 -58.88 -32.75 31.10
N GLN A 4235 -59.98 -32.38 31.76
CA GLN A 4235 -61.17 -33.19 31.73
C GLN A 4235 -61.79 -33.24 30.34
N GLY A 4236 -62.01 -32.08 29.73
CA GLY A 4236 -62.58 -32.05 28.39
C GLY A 4236 -61.67 -32.67 27.35
N PHE A 4237 -60.37 -32.39 27.44
CA PHE A 4237 -59.42 -32.95 26.49
C PHE A 4237 -59.40 -34.48 26.57
N LEU A 4238 -59.40 -35.01 27.80
CA LEU A 4238 -59.36 -36.46 27.97
C LEU A 4238 -60.70 -37.11 27.64
N GLN A 4239 -61.81 -36.44 27.90
CA GLN A 4239 -63.10 -37.01 27.54
C GLN A 4239 -63.28 -37.03 26.04
N GLN A 4240 -62.73 -36.02 25.34
CA GLN A 4240 -62.73 -36.06 23.88
C GLN A 4240 -61.85 -37.18 23.36
N HIS A 4241 -60.69 -37.41 23.99
CA HIS A 4241 -59.87 -38.56 23.61
C HIS A 4241 -60.62 -39.87 23.84
N ILE A 4242 -61.34 -39.99 24.94
CA ILE A 4242 -62.06 -41.23 25.22
C ILE A 4242 -63.20 -41.43 24.23
N GLN A 4243 -63.90 -40.34 23.90
CA GLN A 4243 -64.96 -40.43 22.90
C GLN A 4243 -64.41 -40.86 21.54
N ARG A 4244 -63.28 -40.26 21.13
CA ARG A 4244 -62.67 -40.66 19.86
C ARG A 4244 -62.17 -42.09 19.92
N ASP A 4245 -61.65 -42.52 21.07
CA ASP A 4245 -61.19 -43.89 21.23
C ASP A 4245 -62.33 -44.88 21.11
N LEU A 4246 -63.47 -44.58 21.72
CA LEU A 4246 -64.61 -45.49 21.63
C LEU A 4246 -65.22 -45.48 20.24
N GLU A 4247 -65.23 -44.32 19.58
CA GLU A 4247 -65.67 -44.28 18.18
C GLU A 4247 -64.77 -45.12 17.29
N GLN A 4248 -63.45 -45.00 17.46
CA GLN A 4248 -62.52 -45.81 16.68
C GLN A 4248 -62.64 -47.28 17.02
N LEU A 4249 -62.92 -47.60 18.29
CA LEU A 4249 -63.15 -48.99 18.70
C LEU A 4249 -64.38 -49.57 18.03
N THR A 4250 -65.50 -48.85 18.06
CA THR A 4250 -66.73 -49.35 17.46
C THR A 4250 -66.65 -49.38 15.93
N LYS A 4251 -65.79 -48.55 15.35
CA LYS A 4251 -65.57 -48.61 13.91
C LYS A 4251 -64.66 -49.76 13.50
N MET A 4252 -63.67 -50.11 14.33
CA MET A 4252 -62.73 -51.16 13.96
C MET A 4252 -63.24 -52.57 14.23
N LEU A 4253 -63.84 -52.79 15.39
CA LEU A 4253 -64.32 -54.13 15.74
C LEU A 4253 -65.64 -54.40 15.04
N GLY A 4254 -65.76 -55.62 14.51
CA GLY A 4254 -66.98 -56.04 13.83
C GLY A 4254 -67.99 -56.66 14.77
N ARG A 4255 -68.64 -55.83 15.58
CA ARG A 4255 -69.72 -56.27 16.45
C ARG A 4255 -70.45 -55.06 16.99
N SER A 4256 -71.52 -55.32 17.73
CA SER A 4256 -72.34 -54.24 18.28
C SER A 4256 -71.56 -53.44 19.31
N ALA A 4257 -71.96 -52.18 19.48
CA ALA A 4257 -71.25 -51.29 20.41
C ALA A 4257 -71.39 -51.77 21.85
N ASP A 4258 -72.58 -52.24 22.24
CA ASP A 4258 -72.72 -52.87 23.54
C ASP A 4258 -71.78 -54.06 23.66
N GLU A 4259 -71.62 -54.81 22.56
CA GLU A 4259 -70.70 -55.95 22.58
C GLU A 4259 -69.25 -55.51 22.57
N THR A 4260 -68.92 -54.34 22.00
CA THR A 4260 -67.54 -53.87 22.10
C THR A 4260 -67.22 -53.43 23.53
N ILE A 4261 -68.18 -52.81 24.21
CA ILE A 4261 -67.98 -52.50 25.63
C ILE A 4261 -67.87 -53.79 26.44
N HIS A 4262 -68.66 -54.80 26.06
CA HIS A 4262 -68.54 -56.11 26.71
C HIS A 4262 -67.15 -56.70 26.51
N VAL A 4263 -66.60 -56.57 25.30
CA VAL A 4263 -65.29 -57.14 25.00
C VAL A 4263 -64.20 -56.40 25.75
N VAL A 4264 -64.31 -55.07 25.84
CA VAL A 4264 -63.30 -54.31 26.58
C VAL A 4264 -63.38 -54.62 28.07
N HIS A 4265 -64.60 -54.82 28.60
CA HIS A 4265 -64.73 -55.25 29.98
C HIS A 4265 -64.13 -56.63 30.18
N LEU A 4266 -64.32 -57.53 29.21
CA LEU A 4266 -63.73 -58.85 29.28
C LEU A 4266 -62.21 -58.78 29.30
N ILE A 4267 -61.64 -57.89 28.49
CA ILE A 4267 -60.19 -57.72 28.46
C ILE A 4267 -59.69 -57.19 29.80
N LEU A 4268 -60.40 -56.19 30.35
CA LEU A 4268 -59.99 -55.63 31.64
C LEU A 4268 -60.06 -56.67 32.75
N SER A 4269 -61.10 -57.51 32.74
CA SER A 4269 -61.21 -58.56 33.76
C SER A 4269 -60.20 -59.68 33.54
N SER A 4270 -59.88 -59.97 32.28
CA SER A 4270 -58.96 -61.07 31.97
C SER A 4270 -57.52 -60.69 32.24
N LEU A 4271 -57.18 -59.40 32.15
CA LEU A 4271 -55.82 -59.03 32.54
C LEU A 4271 -55.63 -58.98 34.06
N LEU A 4272 -56.59 -59.50 34.83
CA LEU A 4272 -56.51 -59.47 36.28
C LEU A 4272 -56.11 -60.81 36.90
N ARG A 4273 -56.45 -61.93 36.25
CA ARG A 4273 -56.12 -63.26 36.77
C ARG A 4273 -54.86 -63.83 36.15
N VAL A 4274 -53.88 -62.99 35.82
CA VAL A 4274 -52.65 -63.37 35.16
C VAL A 4274 -51.53 -63.33 36.19
N GLN A 4275 -51.88 -63.64 37.45
CA GLN A 4275 -51.00 -63.55 38.61
C GLN A 4275 -49.59 -64.08 38.40
N SER A 4276 -49.43 -65.04 37.48
CA SER A 4276 -48.10 -65.56 37.15
C SER A 4276 -47.14 -64.44 36.79
N HIS A 4277 -46.12 -64.24 37.61
CA HIS A 4277 -45.21 -63.09 37.47
C HIS A 4277 -44.04 -63.47 36.57
N GLY A 4278 -43.98 -62.85 35.39
CA GLY A 4278 -42.85 -63.00 34.50
C GLY A 4278 -42.47 -61.68 33.85
N VAL A 4279 -42.76 -60.58 34.54
CA VAL A 4279 -42.64 -59.24 33.99
C VAL A 4279 -41.35 -58.63 34.53
N LEU A 4280 -40.52 -59.47 35.14
CA LEU A 4280 -39.31 -59.05 35.82
C LEU A 4280 -38.38 -58.27 34.89
N ASN A 4281 -37.41 -57.60 35.51
CA ASN A 4281 -36.40 -56.80 34.81
C ASN A 4281 -37.03 -55.69 33.98
N PHE A 4282 -37.69 -54.77 34.67
CA PHE A 4282 -38.23 -53.57 34.03
C PHE A 4282 -38.41 -52.49 35.10
N ASN A 4283 -38.25 -51.24 34.67
CA ASN A 4283 -38.37 -50.11 35.58
C ASN A 4283 -39.83 -49.81 35.87
N ALA A 4284 -40.17 -49.72 37.16
CA ALA A 4284 -41.52 -49.36 37.55
C ALA A 4284 -41.82 -47.89 37.33
N GLU A 4285 -40.80 -47.06 37.13
CA GLU A 4285 -40.99 -45.63 36.88
C GLU A 4285 -41.00 -45.29 35.40
N LEU A 4286 -40.88 -46.28 34.52
CA LEU A 4286 -40.82 -46.05 33.07
C LEU A 4286 -39.71 -45.07 32.72
N SER A 4287 -38.56 -45.23 33.36
CA SER A 4287 -37.46 -44.27 33.24
C SER A 4287 -36.50 -44.60 32.09
N THR A 4288 -36.65 -45.74 31.44
CA THR A 4288 -35.77 -46.12 30.34
C THR A 4288 -36.61 -46.63 29.17
N LYS A 4289 -36.11 -46.40 27.95
CA LYS A 4289 -36.78 -46.89 26.76
C LYS A 4289 -36.78 -48.41 26.69
N GLY A 4290 -35.69 -49.04 27.13
CA GLY A 4290 -35.62 -50.49 27.08
C GLY A 4290 -36.66 -51.16 27.96
N CYS A 4291 -36.81 -50.67 29.19
CA CYS A 4291 -37.83 -51.23 30.08
C CYS A 4291 -39.24 -50.91 29.59
N ARG A 4292 -39.42 -49.74 28.96
CA ARG A 4292 -40.71 -49.43 28.36
C ARG A 4292 -41.07 -50.42 27.26
N ASN A 4293 -40.09 -50.73 26.38
CA ASN A 4293 -40.34 -51.71 25.33
C ASN A 4293 -40.56 -53.10 25.91
N ASN A 4294 -39.84 -53.44 26.99
CA ASN A 4294 -40.03 -54.74 27.63
C ASN A 4294 -41.43 -54.88 28.20
N TRP A 4295 -41.91 -53.83 28.89
CA TRP A 4295 -43.26 -53.84 29.43
C TRP A 4295 -44.29 -53.89 28.31
N GLU A 4296 -44.03 -53.19 27.20
CA GLU A 4296 -44.92 -53.27 26.04
C GLU A 4296 -44.95 -54.68 25.47
N LYS A 4297 -43.81 -55.37 25.48
CA LYS A 4297 -43.76 -56.75 24.99
C LYS A 4297 -44.60 -57.68 25.86
N HIS A 4298 -44.48 -57.55 27.19
CA HIS A 4298 -45.34 -58.34 28.07
C HIS A 4298 -46.81 -58.00 27.87
N PHE A 4299 -47.12 -56.71 27.70
CA PHE A 4299 -48.51 -56.32 27.48
C PHE A 4299 -49.05 -56.91 26.18
N GLU A 4300 -48.23 -56.90 25.13
CA GLU A 4300 -48.63 -57.52 23.86
C GLU A 4300 -48.87 -59.01 24.03
N THR A 4301 -47.98 -59.69 24.75
CA THR A 4301 -48.15 -61.14 24.96
C THR A 4301 -49.45 -61.43 25.71
N LEU A 4302 -49.70 -60.73 26.80
CA LEU A 4302 -50.91 -60.99 27.58
C LEU A 4302 -52.16 -60.61 26.80
N LEU A 4303 -52.11 -59.50 26.05
CA LEU A 4303 -53.27 -59.10 25.26
C LEU A 4303 -53.57 -60.11 24.15
N LEU A 4304 -52.54 -60.64 23.51
CA LEU A 4304 -52.75 -61.69 22.52
C LEU A 4304 -53.35 -62.94 23.16
N ARG A 4305 -52.83 -63.33 24.33
CA ARG A 4305 -53.34 -64.51 25.00
C ARG A 4305 -54.82 -64.34 25.39
N GLU A 4306 -55.20 -63.13 25.80
CA GLU A 4306 -56.59 -62.91 26.18
C GLU A 4306 -57.49 -62.76 24.95
N LEU A 4307 -56.99 -62.15 23.88
CA LEU A 4307 -57.82 -61.92 22.70
C LEU A 4307 -58.00 -63.18 21.88
N LYS A 4308 -57.10 -64.16 22.02
CA LYS A 4308 -57.25 -65.39 21.26
C LYS A 4308 -58.36 -66.30 21.77
N HIS A 4309 -58.96 -65.98 22.91
CA HIS A 4309 -59.99 -66.81 23.53
C HIS A 4309 -61.19 -65.97 23.96
N LEU A 4310 -61.66 -65.11 23.06
CA LEU A 4310 -62.83 -64.26 23.34
C LEU A 4310 -64.07 -64.65 22.55
N ASP A 4311 -63.90 -65.18 21.33
CA ASP A 4311 -65.06 -65.50 20.50
C ASP A 4311 -65.86 -66.67 21.04
N LYS A 4312 -65.26 -67.49 21.92
CA LYS A 4312 -65.97 -68.62 22.51
C LYS A 4312 -66.77 -68.22 23.74
N ASN A 4313 -66.70 -66.96 24.18
CA ASN A 4313 -67.42 -66.49 25.35
C ASN A 4313 -68.46 -65.42 25.03
N LEU A 4314 -68.53 -64.93 23.79
CA LEU A 4314 -69.46 -63.85 23.48
C LEU A 4314 -70.91 -64.32 23.50
N PRO A 4315 -71.30 -65.41 22.81
CA PRO A 4315 -72.70 -65.86 22.92
C PRO A 4315 -73.12 -66.22 24.33
N ALA A 4316 -72.24 -66.87 25.10
CA ALA A 4316 -72.59 -67.26 26.45
C ALA A 4316 -72.80 -66.04 27.33
N ILE A 4317 -71.91 -65.05 27.25
CA ILE A 4317 -72.08 -63.85 28.05
C ILE A 4317 -73.29 -63.07 27.60
N ASN A 4318 -73.59 -63.06 26.30
CA ASN A 4318 -74.78 -62.37 25.81
C ASN A 4318 -76.04 -63.02 26.36
N ALA A 4319 -76.09 -64.36 26.36
CA ALA A 4319 -77.24 -65.06 26.90
C ALA A 4319 -77.39 -64.83 28.40
N LEU A 4320 -76.26 -64.83 29.12
CA LEU A 4320 -76.32 -64.61 30.57
C LEU A 4320 -76.77 -63.20 30.91
N ILE A 4321 -76.25 -62.21 30.18
CA ILE A 4321 -76.62 -60.81 30.44
C ILE A 4321 -78.07 -60.56 30.06
N SER A 4322 -78.53 -61.15 28.95
CA SER A 4322 -79.93 -61.02 28.57
C SER A 4322 -80.87 -61.68 29.56
N GLN A 4323 -80.37 -62.57 30.41
CA GLN A 4323 -81.19 -63.25 31.40
C GLN A 4323 -81.25 -62.49 32.72
N ASP A 4324 -80.66 -61.30 32.80
CA ASP A 4324 -80.80 -60.47 33.99
C ASP A 4324 -82.27 -60.13 34.21
N GLU A 4325 -82.78 -60.46 35.38
CA GLU A 4325 -84.21 -60.28 35.66
C GLU A 4325 -84.52 -58.90 36.21
N ARG A 4326 -83.96 -57.87 35.56
CA ARG A 4326 -84.41 -56.50 35.71
C ARG A 4326 -84.48 -55.74 34.40
N ILE A 4327 -83.78 -56.19 33.34
CA ILE A 4327 -83.91 -55.61 32.02
C ILE A 4327 -84.82 -56.52 31.20
N SER A 4328 -84.97 -57.77 31.65
CA SER A 4328 -85.87 -58.70 30.98
C SER A 4328 -87.32 -58.21 31.01
N SER A 4329 -87.69 -57.49 32.08
CA SER A 4329 -89.01 -56.87 32.11
C SER A 4329 -89.14 -55.77 31.08
N ASN A 4330 -88.04 -55.12 30.74
CA ASN A 4330 -88.07 -54.07 29.72
C ASN A 4330 -88.32 -54.71 28.36
N PRO A 4331 -89.35 -54.26 27.62
CA PRO A 4331 -89.63 -54.87 26.31
C PRO A 4331 -88.55 -54.62 25.28
N VAL A 4332 -87.68 -53.64 25.49
CA VAL A 4332 -86.67 -53.31 24.48
C VAL A 4332 -85.66 -54.45 24.32
N THR A 4333 -85.17 -55.00 25.44
CA THR A 4333 -84.09 -55.97 25.38
C THR A 4333 -84.52 -57.29 24.74
N LYS A 4334 -85.82 -57.58 24.69
CA LYS A 4334 -86.27 -58.80 24.04
C LYS A 4334 -86.05 -58.73 22.54
N ILE A 4335 -86.46 -57.62 21.92
CA ILE A 4335 -86.32 -57.45 20.47
C ILE A 4335 -84.94 -56.93 20.08
N ILE A 4336 -84.00 -56.81 21.01
CA ILE A 4336 -82.70 -56.22 20.77
C ILE A 4336 -81.57 -57.19 21.07
N TYR A 4337 -81.57 -57.77 22.27
CA TYR A 4337 -80.40 -58.46 22.80
C TYR A 4337 -80.48 -59.98 22.65
N GLY A 4338 -81.07 -60.47 21.55
CA GLY A 4338 -80.99 -61.88 21.25
C GLY A 4338 -82.15 -62.72 21.74
N ASP A 4339 -83.37 -62.24 21.51
CA ASP A 4339 -84.58 -62.98 21.83
C ASP A 4339 -85.54 -62.80 20.67
N PRO A 4340 -86.29 -63.85 20.30
CA PRO A 4340 -87.25 -63.71 19.20
C PRO A 4340 -88.32 -62.68 19.53
N ALA A 4341 -88.75 -61.95 18.50
CA ALA A 4341 -89.78 -60.92 18.64
C ALA A 4341 -91.18 -61.46 18.40
N THR A 4342 -91.35 -62.79 18.42
CA THR A 4342 -92.65 -63.40 18.18
C THR A 4342 -93.66 -63.13 19.29
N PHE A 4343 -93.22 -62.60 20.44
CA PHE A 4343 -94.13 -62.32 21.53
C PHE A 4343 -95.09 -61.18 21.22
N LEU A 4344 -94.78 -60.35 20.22
CA LEU A 4344 -95.66 -59.25 19.85
C LEU A 4344 -96.90 -59.80 19.14
N PRO A 4345 -98.11 -59.55 19.65
CA PRO A 4345 -99.30 -60.09 18.99
C PRO A 4345 -99.57 -59.45 17.63
N HIS A 4346 -99.23 -58.18 17.45
CA HIS A 4346 -99.42 -57.50 16.17
C HIS A 4346 -98.26 -57.89 15.25
N LEU A 4347 -98.36 -59.07 14.65
CA LEU A 4347 -97.29 -59.58 13.81
C LEU A 4347 -97.85 -60.44 12.69
N PRO A 4348 -97.22 -60.47 11.52
CA PRO A 4348 -97.65 -61.41 10.49
C PRO A 4348 -97.38 -62.85 10.90
N GLN A 4349 -98.08 -63.77 10.25
CA GLN A 4349 -97.92 -65.19 10.56
C GLN A 4349 -96.50 -65.64 10.25
N LYS A 4350 -96.15 -66.82 10.78
CA LYS A 4350 -94.82 -67.38 10.59
C LYS A 4350 -94.59 -67.65 9.11
N SER A 4351 -93.42 -67.25 8.61
CA SER A 4351 -93.09 -67.37 7.19
C SER A 4351 -91.66 -67.82 7.04
N ILE A 4352 -91.38 -68.48 5.90
CA ILE A 4352 -90.03 -68.95 5.61
C ILE A 4352 -89.08 -67.81 5.27
N ILE A 4353 -89.59 -66.62 4.96
CA ILE A 4353 -88.76 -65.48 4.67
C ILE A 4353 -88.72 -64.48 5.82
N HIS A 4354 -89.74 -64.44 6.67
CA HIS A 4354 -89.83 -63.48 7.78
C HIS A 4354 -89.31 -64.08 9.09
N CYS A 4355 -88.33 -64.96 9.02
CA CYS A 4355 -87.77 -65.57 10.20
C CYS A 4355 -86.95 -64.54 11.00
N SER A 4356 -86.75 -64.84 12.28
CA SER A 4356 -86.02 -63.92 13.16
C SER A 4356 -84.56 -63.75 12.70
N LYS A 4357 -83.91 -64.85 12.34
CA LYS A 4357 -82.50 -64.77 11.94
C LYS A 4357 -82.33 -64.11 10.58
N ILE A 4358 -83.28 -64.30 9.66
CA ILE A 4358 -83.19 -63.63 8.36
C ILE A 4358 -83.26 -62.13 8.54
N TRP A 4359 -84.09 -61.66 9.49
CA TRP A 4359 -84.25 -60.23 9.76
C TRP A 4359 -83.31 -59.74 10.86
N SER A 4360 -82.16 -60.39 11.03
CA SER A 4360 -81.21 -60.03 12.07
C SER A 4360 -80.13 -59.11 11.53
N CYS A 4361 -79.50 -58.38 12.44
CA CYS A 4361 -78.47 -57.42 12.08
C CYS A 4361 -77.15 -58.12 11.77
N ARG A 4362 -76.39 -57.52 10.85
CA ARG A 4362 -75.10 -58.08 10.45
C ARG A 4362 -74.08 -56.95 10.35
N ARG A 4363 -72.81 -57.32 10.53
CA ARG A 4363 -71.75 -56.34 10.57
C ARG A 4363 -71.42 -55.83 9.17
N LYS A 4364 -70.68 -54.72 9.12
CA LYS A 4364 -70.29 -54.06 7.88
C LYS A 4364 -68.78 -54.22 7.68
N ILE A 4365 -68.38 -54.38 6.42
CA ILE A 4365 -66.97 -54.56 6.07
C ILE A 4365 -66.31 -53.19 5.92
N THR A 4366 -65.22 -52.97 6.64
CA THR A 4366 -64.49 -51.71 6.60
C THR A 4366 -62.99 -51.95 6.55
N VAL A 4367 -62.23 -50.94 6.13
CA VAL A 4367 -60.79 -51.11 5.93
C VAL A 4367 -60.10 -51.43 7.26
N GLU A 4368 -60.53 -50.78 8.34
CA GLU A 4368 -59.96 -51.09 9.64
C GLU A 4368 -60.24 -52.54 10.05
N TYR A 4369 -61.43 -53.04 9.72
CA TYR A 4369 -61.73 -54.43 10.01
C TYR A 4369 -60.90 -55.35 9.13
N LEU A 4370 -60.54 -54.90 7.92
CA LEU A 4370 -59.57 -55.64 7.11
C LEU A 4370 -58.22 -55.68 7.80
N GLN A 4371 -57.78 -54.56 8.36
CA GLN A 4371 -56.52 -54.55 9.12
C GLN A 4371 -56.58 -55.56 10.25
N HIS A 4372 -57.70 -55.59 10.98
CA HIS A 4372 -57.87 -56.53 12.07
C HIS A 4372 -57.80 -57.97 11.58
N ILE A 4373 -58.51 -58.28 10.50
CA ILE A 4373 -58.58 -59.67 10.04
C ILE A 4373 -57.22 -60.13 9.51
N VAL A 4374 -56.49 -59.24 8.84
CA VAL A 4374 -55.20 -59.66 8.29
C VAL A 4374 -54.13 -59.71 9.37
N GLU A 4375 -54.32 -58.99 10.48
CA GLU A 4375 -53.33 -59.10 11.55
C GLU A 4375 -53.65 -60.22 12.53
N GLN A 4376 -54.92 -60.63 12.62
CA GLN A 4376 -55.28 -61.73 13.51
C GLN A 4376 -55.04 -63.10 12.90
N LYS A 4377 -54.83 -63.18 11.58
CA LYS A 4377 -54.61 -64.44 10.89
C LYS A 4377 -53.14 -64.67 10.57
N ASN A 4378 -52.24 -63.88 11.15
CA ASN A 4378 -50.80 -63.97 10.90
C ASN A 4378 -50.48 -63.81 9.41
N GLY A 4379 -50.82 -62.62 8.90
CA GLY A 4379 -50.58 -62.29 7.52
C GLY A 4379 -49.18 -61.83 7.18
N LYS A 4380 -48.27 -61.80 8.15
CA LYS A 4380 -46.91 -61.37 7.89
C LYS A 4380 -46.21 -62.31 6.91
N GLU A 4381 -46.42 -63.61 7.07
CA GLU A 4381 -45.74 -64.59 6.22
C GLU A 4381 -46.53 -64.97 4.98
N THR A 4382 -47.84 -64.70 4.95
CA THR A 4382 -48.67 -65.08 3.81
C THR A 4382 -48.96 -63.91 2.87
N VAL A 4383 -49.55 -62.83 3.40
CA VAL A 4383 -49.90 -61.68 2.57
C VAL A 4383 -49.41 -60.41 3.24
N PRO A 4384 -48.17 -60.00 3.01
CA PRO A 4384 -47.65 -58.77 3.63
C PRO A 4384 -47.99 -57.52 2.84
N VAL A 4385 -48.25 -57.67 1.53
CA VAL A 4385 -48.50 -56.51 0.68
C VAL A 4385 -49.78 -55.80 1.11
N LEU A 4386 -50.85 -56.55 1.39
CA LEU A 4386 -52.09 -55.94 1.83
C LEU A 4386 -51.90 -55.23 3.17
N TRP A 4387 -51.17 -55.87 4.09
CA TRP A 4387 -50.94 -55.27 5.40
C TRP A 4387 -50.17 -53.96 5.28
N HIS A 4388 -49.11 -53.94 4.45
CA HIS A 4388 -48.38 -52.70 4.22
C HIS A 4388 -49.24 -51.65 3.55
N PHE A 4389 -50.14 -52.06 2.65
CA PHE A 4389 -51.01 -51.10 1.98
C PHE A 4389 -51.98 -50.45 2.95
N LEU A 4390 -52.64 -51.25 3.79
CA LEU A 4390 -53.63 -50.69 4.70
C LEU A 4390 -53.01 -50.05 5.93
N GLN A 4391 -51.73 -50.34 6.22
CA GLN A 4391 -51.08 -49.67 7.35
C GLN A 4391 -50.96 -48.17 7.10
N LYS A 4392 -50.62 -47.77 5.87
CA LYS A 4392 -50.46 -46.36 5.52
C LYS A 4392 -51.46 -45.94 4.45
N GLU A 4393 -52.64 -46.57 4.44
CA GLU A 4393 -53.65 -46.20 3.45
C GLU A 4393 -54.11 -44.77 3.64
N ALA A 4394 -54.16 -44.30 4.90
CA ALA A 4394 -54.64 -42.96 5.18
C ALA A 4394 -53.76 -41.90 4.53
N GLU A 4395 -52.44 -42.05 4.63
CA GLU A 4395 -51.54 -41.05 4.03
C GLU A 4395 -51.47 -41.19 2.52
N LEU A 4396 -51.51 -42.42 2.00
CA LEU A 4396 -51.53 -42.60 0.55
C LEU A 4396 -52.86 -42.19 -0.08
N ARG A 4397 -53.89 -41.96 0.72
CA ARG A 4397 -55.12 -41.37 0.19
C ARG A 4397 -54.92 -39.94 -0.29
N LEU A 4398 -53.82 -39.29 0.08
CA LEU A 4398 -53.52 -37.94 -0.36
C LEU A 4398 -52.52 -37.89 -1.50
N VAL A 4399 -52.01 -39.05 -1.95
CA VAL A 4399 -50.99 -39.09 -3.00
C VAL A 4399 -51.48 -38.55 -4.33
N LYS A 4400 -52.79 -38.64 -4.60
CA LYS A 4400 -53.32 -38.21 -5.89
C LYS A 4400 -53.09 -36.73 -6.16
N PHE A 4401 -52.83 -35.94 -5.12
CA PHE A 4401 -52.63 -34.50 -5.26
C PHE A 4401 -51.17 -34.12 -5.48
N LEU A 4402 -50.28 -35.12 -5.63
CA LEU A 4402 -48.87 -34.84 -5.85
C LEU A 4402 -48.58 -34.04 -7.12
N PRO A 4403 -49.18 -34.35 -8.28
CA PRO A 4403 -48.75 -33.64 -9.51
C PRO A 4403 -49.04 -32.15 -9.50
N GLU A 4404 -50.22 -31.72 -9.04
CA GLU A 4404 -50.53 -30.30 -9.09
C GLU A 4404 -49.70 -29.52 -8.07
N ILE A 4405 -49.43 -30.10 -6.91
CA ILE A 4405 -48.60 -29.39 -5.93
C ILE A 4405 -47.15 -29.33 -6.41
N LEU A 4406 -46.69 -30.38 -7.11
CA LEU A 4406 -45.38 -30.29 -7.75
C LEU A 4406 -45.36 -29.19 -8.80
N ALA A 4407 -46.44 -29.03 -9.55
CA ALA A 4407 -46.55 -27.92 -10.50
C ALA A 4407 -46.50 -26.59 -9.77
N LEU A 4408 -47.10 -26.52 -8.58
CA LEU A 4408 -47.02 -25.30 -7.77
C LEU A 4408 -45.57 -24.97 -7.40
N GLN A 4409 -44.84 -25.97 -6.93
CA GLN A 4409 -43.42 -25.76 -6.62
C GLN A 4409 -42.64 -25.34 -7.86
N ARG A 4410 -42.94 -25.96 -9.01
CA ARG A 4410 -42.28 -25.59 -10.25
C ARG A 4410 -42.54 -24.13 -10.61
N ASP A 4411 -43.80 -23.71 -10.54
CA ASP A 4411 -44.15 -22.33 -10.89
C ASP A 4411 -43.52 -21.33 -9.90
N LEU A 4412 -43.51 -21.68 -8.61
CA LEU A 4412 -42.93 -20.79 -7.62
C LEU A 4412 -41.42 -20.63 -7.84
N VAL A 4413 -40.73 -21.75 -8.14
CA VAL A 4413 -39.31 -21.67 -8.41
C VAL A 4413 -39.05 -20.87 -9.69
N LYS A 4414 -39.85 -21.11 -10.73
CA LYS A 4414 -39.62 -20.45 -12.02
C LYS A 4414 -39.84 -18.94 -11.92
N GLN A 4415 -40.92 -18.53 -11.26
CA GLN A 4415 -41.24 -17.11 -11.20
C GLN A 4415 -40.40 -16.35 -10.17
N PHE A 4416 -39.97 -17.03 -9.11
CA PHE A 4416 -39.26 -16.41 -7.99
C PHE A 4416 -37.92 -17.07 -7.74
N GLN A 4417 -37.11 -17.19 -8.79
CA GLN A 4417 -35.70 -17.55 -8.61
C GLN A 4417 -34.91 -16.33 -8.12
N ASN A 4418 -35.27 -15.88 -6.92
CA ASN A 4418 -34.72 -14.69 -6.31
C ASN A 4418 -34.45 -14.96 -4.83
N VAL A 4419 -33.55 -14.16 -4.25
CA VAL A 4419 -33.24 -14.23 -2.83
C VAL A 4419 -33.40 -12.82 -2.24
N SER A 4420 -34.19 -12.72 -1.17
CA SER A 4420 -34.40 -11.48 -0.45
C SER A 4420 -34.92 -10.37 -1.38
N ARG A 4421 -35.80 -10.74 -2.31
CA ARG A 4421 -36.45 -9.79 -3.20
C ARG A 4421 -37.96 -9.85 -3.17
N VAL A 4422 -38.57 -10.71 -2.35
CA VAL A 4422 -40.03 -10.81 -2.31
C VAL A 4422 -40.57 -9.86 -1.25
N GLU A 4423 -41.58 -9.07 -1.64
CA GLU A 4423 -42.22 -8.12 -0.74
C GLU A 4423 -43.58 -8.59 -0.26
N TYR A 4424 -44.10 -9.70 -0.79
CA TYR A 4424 -45.42 -10.16 -0.41
C TYR A 4424 -45.40 -10.73 1.01
N SER A 4425 -46.39 -10.35 1.81
CA SER A 4425 -46.46 -10.73 3.21
C SER A 4425 -47.51 -11.82 3.47
N SER A 4426 -48.66 -11.75 2.80
CA SER A 4426 -49.74 -12.70 3.01
C SER A 4426 -49.95 -13.53 1.75
N ILE A 4427 -50.35 -14.79 1.96
CA ILE A 4427 -50.66 -15.68 0.85
C ILE A 4427 -51.85 -15.14 0.05
N ARG A 4428 -52.84 -14.60 0.75
CA ARG A 4428 -54.01 -14.05 0.07
C ARG A 4428 -53.60 -12.95 -0.91
N GLY A 4429 -52.61 -12.13 -0.53
CA GLY A 4429 -52.11 -11.12 -1.44
C GLY A 4429 -51.52 -11.70 -2.71
N PHE A 4430 -50.71 -12.74 -2.58
CA PHE A 4430 -50.16 -13.41 -3.76
C PHE A 4430 -51.27 -13.96 -4.64
N ILE A 4431 -52.18 -14.74 -4.05
CA ILE A 4431 -53.23 -15.37 -4.85
C ILE A 4431 -54.09 -14.31 -5.52
N HIS A 4432 -54.25 -13.16 -4.89
CA HIS A 4432 -55.15 -12.13 -5.38
C HIS A 4432 -54.43 -11.08 -6.23
N SER A 4433 -53.12 -11.19 -6.41
CA SER A 4433 -52.34 -10.26 -7.21
C SER A 4433 -51.86 -10.86 -8.53
N HIS A 4434 -52.71 -11.64 -9.19
CA HIS A 4434 -52.35 -12.25 -10.47
C HIS A 4434 -53.24 -11.67 -11.56
N SER A 4435 -52.69 -11.52 -12.77
CA SER A 4435 -53.39 -10.78 -13.80
C SER A 4435 -54.41 -11.65 -14.55
N SER A 4436 -54.46 -12.94 -14.22
CA SER A 4436 -55.39 -13.84 -14.90
C SER A 4436 -56.40 -14.41 -13.91
N ASP A 4437 -57.68 -14.41 -14.29
CA ASP A 4437 -58.71 -14.99 -13.43
C ASP A 4437 -58.71 -16.51 -13.47
N GLY A 4438 -58.47 -17.10 -14.65
CA GLY A 4438 -58.35 -18.54 -14.72
C GLY A 4438 -57.20 -19.05 -13.87
N LEU A 4439 -56.03 -18.41 -14.01
CA LEU A 4439 -54.90 -18.76 -13.15
C LEU A 4439 -55.22 -18.45 -11.69
N ARG A 4440 -55.94 -17.37 -11.43
CA ARG A 4440 -56.28 -16.99 -10.06
C ARG A 4440 -57.09 -18.10 -9.37
N LYS A 4441 -58.17 -18.54 -10.01
CA LYS A 4441 -59.01 -19.55 -9.37
C LYS A 4441 -58.40 -20.95 -9.45
N LEU A 4442 -57.62 -21.24 -10.49
CA LEU A 4442 -56.85 -22.47 -10.45
C LEU A 4442 -55.96 -22.50 -9.22
N LEU A 4443 -55.06 -21.51 -9.10
CA LEU A 4443 -54.19 -21.43 -7.93
C LEU A 4443 -54.96 -21.43 -6.63
N HIS A 4444 -56.18 -20.87 -6.62
CA HIS A 4444 -57.03 -20.95 -5.43
C HIS A 4444 -57.36 -22.41 -5.09
N ASP A 4445 -57.84 -23.17 -6.08
CA ASP A 4445 -58.12 -24.58 -5.84
C ASP A 4445 -56.87 -25.34 -5.43
N ARG A 4446 -55.76 -25.05 -6.10
CA ARG A 4446 -54.50 -25.74 -5.83
C ARG A 4446 -54.01 -25.47 -4.41
N ILE A 4447 -54.09 -24.22 -3.95
CA ILE A 4447 -53.65 -23.93 -2.59
C ILE A 4447 -54.61 -24.51 -1.57
N THR A 4448 -55.91 -24.53 -1.90
CA THR A 4448 -56.86 -25.19 -1.00
C THR A 4448 -56.50 -26.67 -0.83
N ILE A 4449 -56.19 -27.35 -1.92
CA ILE A 4449 -55.78 -28.74 -1.83
C ILE A 4449 -54.46 -28.88 -1.07
N PHE A 4450 -53.51 -27.98 -1.33
CA PHE A 4450 -52.23 -28.03 -0.63
C PHE A 4450 -52.42 -27.87 0.87
N LEU A 4451 -53.24 -26.91 1.29
CA LEU A 4451 -53.44 -26.69 2.71
C LEU A 4451 -54.22 -27.84 3.35
N SER A 4452 -55.18 -28.42 2.65
CA SER A 4452 -55.89 -29.57 3.21
C SER A 4452 -54.95 -30.76 3.39
N THR A 4453 -54.11 -31.04 2.40
CA THR A 4453 -53.16 -32.14 2.54
C THR A 4453 -52.13 -31.85 3.62
N TRP A 4454 -51.67 -30.60 3.72
CA TRP A 4454 -50.74 -30.22 4.78
C TRP A 4454 -51.36 -30.42 6.15
N ASN A 4455 -52.61 -29.99 6.33
CA ASN A 4455 -53.29 -30.19 7.60
C ASN A 4455 -53.47 -31.67 7.92
N ALA A 4456 -53.82 -32.46 6.90
CA ALA A 4456 -54.05 -33.88 7.14
C ALA A 4456 -52.76 -34.65 7.37
N LEU A 4457 -51.62 -34.09 6.96
CA LEU A 4457 -50.36 -34.80 7.07
C LEU A 4457 -49.33 -34.12 7.96
N ARG A 4458 -49.70 -33.10 8.74
CA ARG A 4458 -48.75 -32.53 9.68
C ARG A 4458 -48.78 -33.28 11.01
N ARG A 4459 -48.62 -34.59 10.97
CA ARG A 4459 -48.55 -35.40 12.19
C ARG A 4459 -47.50 -36.48 12.17
N SER A 4460 -47.06 -36.95 11.00
CA SER A 4460 -46.02 -37.97 10.90
C SER A 4460 -44.70 -37.43 10.37
N LEU A 4461 -44.69 -36.21 9.83
CA LEU A 4461 -43.46 -35.64 9.27
C LEU A 4461 -42.40 -35.47 10.36
N GLU A 4462 -42.79 -34.98 11.52
CA GLU A 4462 -41.85 -34.82 12.63
C GLU A 4462 -41.50 -36.14 13.31
N THR A 4463 -42.17 -37.23 12.93
CA THR A 4463 -41.92 -38.54 13.52
C THR A 4463 -41.05 -39.44 12.64
N ASN A 4464 -41.37 -39.54 11.35
CA ASN A 4464 -40.64 -40.43 10.45
C ASN A 4464 -40.05 -39.73 9.23
N GLY A 4465 -40.32 -38.44 9.04
CA GLY A 4465 -39.75 -37.76 7.88
C GLY A 4465 -38.24 -37.72 7.96
N GLU A 4466 -37.60 -37.92 6.81
CA GLU A 4466 -36.14 -37.92 6.74
C GLU A 4466 -35.54 -36.57 7.10
N ILE A 4467 -36.17 -35.48 6.70
CA ILE A 4467 -35.68 -34.14 6.99
C ILE A 4467 -36.24 -33.70 8.33
N LYS A 4468 -35.36 -33.38 9.26
CA LYS A 4468 -35.78 -32.88 10.57
C LYS A 4468 -36.40 -31.50 10.45
N LEU A 4469 -37.46 -31.26 11.21
CA LEU A 4469 -38.12 -29.97 11.20
C LEU A 4469 -38.49 -29.56 12.62
N PRO A 4470 -38.46 -28.26 12.91
CA PRO A 4470 -38.96 -27.78 14.21
C PRO A 4470 -40.47 -27.89 14.27
N LYS A 4471 -40.99 -27.86 15.49
CA LYS A 4471 -42.41 -28.02 15.75
C LYS A 4471 -43.19 -26.71 15.65
N ASP A 4472 -42.50 -25.60 15.38
CA ASP A 4472 -43.16 -24.31 15.25
C ASP A 4472 -43.97 -24.17 13.97
N TYR A 4473 -43.86 -25.12 13.04
CA TYR A 4473 -44.57 -25.07 11.78
C TYR A 4473 -45.84 -25.92 11.79
N CYS A 4474 -45.82 -27.05 12.49
CA CYS A 4474 -46.97 -27.94 12.59
C CYS A 4474 -47.85 -27.65 13.80
N CYS A 4475 -47.77 -26.45 14.37
CA CYS A 4475 -48.57 -26.10 15.54
C CYS A 4475 -49.77 -25.22 15.21
N SER A 4476 -49.75 -24.49 14.09
CA SER A 4476 -50.85 -23.62 13.72
C SER A 4476 -51.41 -24.05 12.38
N ASP A 4477 -52.74 -24.00 12.29
CA ASP A 4477 -53.46 -24.45 11.10
C ASP A 4477 -53.33 -23.41 9.99
N LEU A 4478 -53.08 -23.88 8.78
CA LEU A 4478 -52.89 -22.99 7.65
C LEU A 4478 -54.24 -22.57 7.08
N ASP A 4479 -54.36 -21.30 6.71
CA ASP A 4479 -55.56 -20.76 6.10
C ASP A 4479 -55.19 -19.88 4.90
N LEU A 4480 -56.22 -19.37 4.22
CA LEU A 4480 -55.98 -18.54 3.04
C LEU A 4480 -55.26 -17.24 3.38
N ASP A 4481 -55.32 -16.79 4.63
CA ASP A 4481 -54.65 -15.57 5.05
C ASP A 4481 -53.33 -15.85 5.76
N ALA A 4482 -52.76 -17.04 5.59
CA ALA A 4482 -51.52 -17.39 6.25
C ALA A 4482 -50.34 -16.66 5.60
N GLU A 4483 -49.18 -16.75 6.24
CA GLU A 4483 -47.99 -16.07 5.74
C GLU A 4483 -47.53 -16.70 4.43
N PHE A 4484 -46.57 -16.04 3.79
CA PHE A 4484 -46.20 -16.36 2.41
C PHE A 4484 -45.09 -17.40 2.31
N GLU A 4485 -44.11 -17.37 3.22
CA GLU A 4485 -42.92 -18.20 3.07
C GLU A 4485 -43.18 -19.69 3.25
N VAL A 4486 -44.37 -20.09 3.70
CA VAL A 4486 -44.65 -21.50 3.91
C VAL A 4486 -44.62 -22.26 2.58
N ILE A 4487 -45.16 -21.64 1.52
CA ILE A 4487 -45.27 -22.35 0.25
C ILE A 4487 -44.00 -22.30 -0.57
N LEU A 4488 -43.06 -21.42 -0.25
CA LEU A 4488 -41.80 -21.36 -0.98
C LEU A 4488 -40.98 -22.61 -0.70
N PRO A 4489 -40.60 -23.39 -1.72
CA PRO A 4489 -39.84 -24.64 -1.47
C PRO A 4489 -38.37 -24.40 -1.17
N ARG A 4490 -38.10 -24.07 0.09
CA ARG A 4490 -36.75 -23.76 0.54
C ARG A 4490 -36.22 -24.91 1.39
N ARG A 4491 -34.97 -24.80 1.84
CA ARG A 4491 -34.31 -25.85 2.59
C ARG A 4491 -33.70 -25.39 3.91
N GLN A 4492 -34.07 -24.21 4.41
CA GLN A 4492 -33.46 -23.67 5.61
C GLN A 4492 -34.43 -23.51 6.77
N GLY A 4493 -35.58 -22.87 6.55
CA GLY A 4493 -36.53 -22.65 7.62
C GLY A 4493 -37.79 -21.94 7.17
N LEU A 4494 -38.95 -22.46 7.59
CA LEU A 4494 -40.29 -21.95 7.28
C LEU A 4494 -40.63 -22.08 5.79
N GLY A 4495 -39.70 -22.56 4.97
CA GLY A 4495 -39.98 -22.87 3.58
C GLY A 4495 -39.81 -24.35 3.33
N LEU A 4496 -39.46 -25.07 4.40
CA LEU A 4496 -39.25 -26.51 4.32
C LEU A 4496 -40.56 -27.30 4.45
N CYS A 4497 -41.69 -26.61 4.63
CA CYS A 4497 -42.96 -27.31 4.80
C CYS A 4497 -43.31 -28.16 3.58
N GLY A 4498 -43.50 -27.50 2.43
CA GLY A 4498 -43.86 -28.23 1.22
C GLY A 4498 -42.77 -29.18 0.75
N THR A 4499 -41.50 -28.77 0.90
CA THR A 4499 -40.39 -29.64 0.52
C THR A 4499 -40.42 -30.93 1.33
N ALA A 4500 -40.59 -30.81 2.65
CA ALA A 4500 -40.63 -31.99 3.51
C ALA A 4500 -41.88 -32.83 3.22
N LEU A 4501 -43.00 -32.17 2.92
CA LEU A 4501 -44.22 -32.91 2.60
C LEU A 4501 -44.04 -33.76 1.34
N VAL A 4502 -43.55 -33.17 0.26
CA VAL A 4502 -43.35 -33.93 -0.96
C VAL A 4502 -42.24 -34.96 -0.78
N SER A 4503 -41.25 -34.66 0.07
CA SER A 4503 -40.21 -35.64 0.36
C SER A 4503 -40.80 -36.86 1.06
N TYR A 4504 -41.70 -36.65 2.03
CA TYR A 4504 -42.33 -37.78 2.70
C TYR A 4504 -43.24 -38.54 1.75
N LEU A 4505 -43.93 -37.85 0.85
CA LEU A 4505 -44.77 -38.54 -0.12
C LEU A 4505 -43.93 -39.44 -1.03
N ILE A 4506 -42.82 -38.90 -1.54
CA ILE A 4506 -41.93 -39.69 -2.39
C ILE A 4506 -41.33 -40.84 -1.58
N SER A 4507 -41.01 -40.60 -0.30
CA SER A 4507 -40.41 -41.64 0.52
C SER A 4507 -41.39 -42.79 0.76
N LEU A 4508 -42.65 -42.49 1.03
CA LEU A 4508 -43.63 -43.56 1.23
C LEU A 4508 -43.88 -44.32 -0.07
N HIS A 4509 -43.97 -43.60 -1.19
CA HIS A 4509 -44.12 -44.29 -2.48
C HIS A 4509 -42.94 -45.22 -2.74
N ASN A 4510 -41.72 -44.72 -2.53
CA ASN A 4510 -40.52 -45.53 -2.76
C ASN A 4510 -40.47 -46.73 -1.82
N ASN A 4511 -40.84 -46.52 -0.55
CA ASN A 4511 -40.82 -47.62 0.40
C ASN A 4511 -41.81 -48.71 0.00
N MET A 4512 -43.02 -48.33 -0.40
CA MET A 4512 -44.00 -49.34 -0.81
C MET A 4512 -43.56 -50.07 -2.07
N VAL A 4513 -43.07 -49.35 -3.08
CA VAL A 4513 -42.67 -50.03 -4.31
C VAL A 4513 -41.46 -50.92 -4.04
N TYR A 4514 -40.54 -50.49 -3.17
CA TYR A 4514 -39.37 -51.28 -2.84
C TYR A 4514 -39.76 -52.56 -2.11
N THR A 4515 -40.67 -52.46 -1.14
CA THR A 4515 -41.11 -53.66 -0.43
C THR A 4515 -41.84 -54.62 -1.35
N VAL A 4516 -42.70 -54.07 -2.22
CA VAL A 4516 -43.43 -54.93 -3.17
C VAL A 4516 -42.46 -55.64 -4.10
N GLN A 4517 -41.46 -54.91 -4.61
CA GLN A 4517 -40.47 -55.55 -5.48
C GLN A 4517 -39.68 -56.61 -4.73
N LYS A 4518 -39.24 -56.31 -3.50
CA LYS A 4518 -38.49 -57.28 -2.72
C LYS A 4518 -39.33 -58.49 -2.35
N PHE A 4519 -40.65 -58.38 -2.39
CA PHE A 4519 -41.50 -59.51 -2.06
C PHE A 4519 -41.79 -60.40 -3.28
N SER A 4520 -42.15 -59.80 -4.41
CA SER A 4520 -42.60 -60.56 -5.58
C SER A 4520 -41.70 -60.36 -6.79
N ASN A 4521 -41.42 -59.11 -7.17
CA ASN A 4521 -40.73 -58.84 -8.43
C ASN A 4521 -39.30 -59.36 -8.42
N GLU A 4522 -38.53 -59.02 -7.38
CA GLU A 4522 -37.14 -59.38 -7.14
C GLU A 4522 -36.17 -58.68 -8.10
N ASP A 4523 -36.66 -57.92 -9.08
CA ASP A 4523 -35.83 -57.18 -10.01
C ASP A 4523 -36.71 -56.26 -10.84
N ASN A 4524 -36.28 -55.02 -11.00
CA ASN A 4524 -37.00 -54.06 -11.84
C ASN A 4524 -36.05 -52.95 -12.23
N SER A 4525 -36.12 -52.54 -13.50
CA SER A 4525 -35.29 -51.48 -14.04
C SER A 4525 -36.11 -50.22 -14.36
N TYR A 4526 -37.41 -50.26 -14.10
CA TYR A 4526 -38.29 -49.13 -14.40
C TYR A 4526 -38.11 -48.06 -13.34
N SER A 4527 -37.46 -46.95 -13.73
CA SER A 4527 -37.20 -45.86 -12.82
C SER A 4527 -37.37 -44.52 -13.53
N VAL A 4528 -37.81 -43.49 -12.80
CA VAL A 4528 -38.14 -42.21 -13.40
C VAL A 4528 -37.92 -41.11 -12.37
N ASP A 4529 -37.48 -39.94 -12.86
CA ASP A 4529 -37.34 -38.76 -12.03
C ASP A 4529 -38.70 -38.11 -11.79
N ILE A 4530 -38.68 -36.97 -11.08
CA ILE A 4530 -39.91 -36.19 -10.86
C ILE A 4530 -40.16 -35.19 -11.98
N SER A 4531 -39.35 -35.20 -13.04
CA SER A 4531 -39.48 -34.21 -14.09
C SER A 4531 -40.58 -34.56 -15.09
N GLU A 4532 -41.16 -35.76 -14.99
CA GLU A 4532 -42.26 -36.17 -15.85
C GLU A 4532 -43.34 -36.87 -15.05
N VAL A 4533 -43.76 -36.24 -13.94
CA VAL A 4533 -44.84 -36.78 -13.12
C VAL A 4533 -46.17 -36.38 -13.75
N ALA A 4534 -47.01 -37.37 -14.04
CA ALA A 4534 -48.32 -37.16 -14.66
C ALA A 4534 -49.42 -37.45 -13.64
N ASP A 4535 -50.66 -37.36 -14.14
CA ASP A 4535 -51.81 -37.57 -13.26
C ASP A 4535 -51.95 -39.04 -12.84
N LEU A 4536 -51.79 -39.97 -13.78
CA LEU A 4536 -51.93 -41.39 -13.46
C LEU A 4536 -50.66 -42.01 -12.90
N HIS A 4537 -49.52 -41.32 -12.97
CA HIS A 4537 -48.26 -41.91 -12.55
C HIS A 4537 -48.24 -42.21 -11.05
N VAL A 4538 -48.90 -41.38 -10.25
CA VAL A 4538 -48.99 -41.61 -8.82
C VAL A 4538 -50.27 -42.35 -8.52
N ILE A 4539 -50.34 -42.95 -7.34
CA ILE A 4539 -51.52 -43.72 -6.94
C ILE A 4539 -52.66 -42.75 -6.67
N SER A 4540 -53.72 -42.84 -7.47
CA SER A 4540 -54.84 -41.92 -7.39
C SER A 4540 -56.14 -42.71 -7.41
N TYR A 4541 -56.81 -42.79 -6.26
CA TYR A 4541 -58.07 -43.49 -6.15
C TYR A 4541 -58.93 -42.85 -5.08
N GLU A 4542 -60.24 -43.03 -5.20
CA GLU A 4542 -61.20 -42.63 -4.17
C GLU A 4542 -61.71 -43.89 -3.48
N VAL A 4543 -61.67 -43.89 -2.16
CA VAL A 4543 -62.05 -45.09 -1.41
C VAL A 4543 -63.53 -45.42 -1.60
N GLU A 4544 -64.39 -44.40 -1.60
CA GLU A 4544 -65.82 -44.63 -1.68
C GLU A 4544 -66.26 -45.16 -3.04
N ARG A 4545 -65.40 -45.07 -4.06
CA ARG A 4545 -65.75 -45.52 -5.40
C ARG A 4545 -64.87 -46.63 -5.94
N ASP A 4546 -63.64 -46.77 -5.44
CA ASP A 4546 -62.70 -47.76 -5.98
C ASP A 4546 -62.38 -48.87 -4.98
N LEU A 4547 -61.89 -48.52 -3.78
CA LEU A 4547 -61.39 -49.54 -2.86
C LEU A 4547 -62.53 -50.37 -2.29
N ASN A 4548 -63.62 -49.72 -1.88
CA ASN A 4548 -64.72 -50.45 -1.25
C ASN A 4548 -65.30 -51.55 -2.13
N PRO A 4549 -65.64 -51.32 -3.40
CA PRO A 4549 -66.17 -52.43 -4.21
C PRO A 4549 -65.16 -53.54 -4.43
N LEU A 4550 -63.89 -53.19 -4.70
CA LEU A 4550 -62.90 -54.23 -4.98
C LEU A 4550 -62.63 -55.09 -3.76
N ILE A 4551 -62.75 -54.52 -2.55
CA ILE A 4551 -62.54 -55.33 -1.37
C ILE A 4551 -63.80 -56.11 -1.00
N LEU A 4552 -64.98 -55.53 -1.24
CA LEU A 4552 -66.21 -56.20 -0.87
C LEU A 4552 -66.57 -57.32 -1.84
N SER A 4553 -66.00 -57.31 -3.05
CA SER A 4553 -66.29 -58.36 -4.02
C SER A 4553 -65.72 -59.72 -3.63
N ASN A 4554 -64.86 -59.79 -2.62
CA ASN A 4554 -64.18 -61.03 -2.25
C ASN A 4554 -64.47 -61.42 -0.81
N CYS A 4555 -65.73 -61.36 -0.40
CA CYS A 4555 -66.17 -61.78 0.93
C CYS A 4555 -67.09 -62.99 0.76
N GLN A 4556 -66.48 -64.18 0.70
CA GLN A 4556 -67.26 -65.39 0.48
C GLN A 4556 -68.02 -65.79 1.74
N TYR A 4557 -69.20 -66.37 1.53
CA TYR A 4557 -70.06 -66.87 2.58
C TYR A 4557 -70.07 -68.39 2.52
N GLN A 4558 -69.87 -69.05 3.66
CA GLN A 4558 -69.88 -70.50 3.74
C GLN A 4558 -71.01 -70.96 4.64
N VAL A 4559 -71.72 -72.00 4.22
CA VAL A 4559 -72.85 -72.56 4.95
C VAL A 4559 -72.59 -74.05 5.16
N GLN A 4560 -73.24 -74.60 6.18
CA GLN A 4560 -73.09 -76.00 6.56
C GLN A 4560 -74.46 -76.68 6.55
N GLN A 4561 -74.43 -78.01 6.61
CA GLN A 4561 -75.67 -78.77 6.66
C GLN A 4561 -76.47 -78.47 7.92
N GLY A 4562 -75.78 -78.36 9.06
CA GLY A 4562 -76.48 -78.01 10.29
C GLY A 4562 -77.06 -76.61 10.26
N GLY A 4563 -76.39 -75.68 9.58
CA GLY A 4563 -76.89 -74.32 9.46
C GLY A 4563 -76.04 -73.30 10.17
N GLU A 4564 -75.19 -72.61 9.42
CA GLU A 4564 -74.35 -71.55 9.97
C GLU A 4564 -73.83 -70.72 8.80
N THR A 4565 -73.59 -69.43 9.07
CA THR A 4565 -73.13 -68.49 8.05
C THR A 4565 -71.77 -67.96 8.49
N SER A 4566 -70.71 -68.38 7.79
CA SER A 4566 -69.35 -68.01 8.13
C SER A 4566 -68.75 -67.11 7.06
N GLN A 4567 -68.01 -66.10 7.50
CA GLN A 4567 -67.34 -65.14 6.63
C GLN A 4567 -65.87 -65.54 6.49
N GLU A 4568 -65.43 -65.69 5.25
CA GLU A 4568 -64.05 -66.07 4.96
C GLU A 4568 -63.50 -65.17 3.87
N PHE A 4569 -62.20 -64.88 3.93
CA PHE A 4569 -61.52 -64.05 2.94
C PHE A 4569 -60.48 -64.89 2.23
N ASP A 4570 -60.49 -64.86 0.90
CA ASP A 4570 -59.44 -65.48 0.09
C ASP A 4570 -58.40 -64.40 -0.22
N LEU A 4571 -57.28 -64.45 0.52
CA LEU A 4571 -56.29 -63.38 0.41
C LEU A 4571 -55.65 -63.31 -0.97
N GLU A 4572 -55.47 -64.46 -1.63
CA GLU A 4572 -54.86 -64.46 -2.96
C GLU A 4572 -55.71 -63.68 -3.95
N LYS A 4573 -57.03 -63.86 -3.90
CA LYS A 4573 -57.92 -63.19 -4.84
C LYS A 4573 -57.81 -61.67 -4.73
N ILE A 4574 -57.96 -61.14 -3.51
CA ILE A 4574 -57.90 -59.70 -3.31
C ILE A 4574 -56.50 -59.16 -3.56
N GLN A 4575 -55.47 -59.96 -3.24
CA GLN A 4575 -54.09 -59.53 -3.51
C GLN A 4575 -53.86 -59.36 -5.00
N ARG A 4576 -54.31 -60.33 -5.80
CA ARG A 4576 -54.18 -60.22 -7.24
C ARG A 4576 -55.04 -59.10 -7.80
N GLN A 4577 -56.22 -58.88 -7.21
CA GLN A 4577 -57.07 -57.79 -7.67
C GLN A 4577 -56.41 -56.43 -7.45
N ILE A 4578 -55.95 -56.17 -6.23
CA ILE A 4578 -55.40 -54.86 -5.91
C ILE A 4578 -54.04 -54.66 -6.58
N SER A 4579 -53.26 -55.74 -6.71
CA SER A 4579 -51.94 -55.61 -7.32
C SER A 4579 -52.05 -55.28 -8.80
N SER A 4580 -52.95 -55.94 -9.52
CA SER A 4580 -53.08 -55.77 -10.96
C SER A 4580 -53.86 -54.53 -11.37
N ARG A 4581 -54.17 -53.63 -10.44
CA ARG A 4581 -54.91 -52.41 -10.75
C ARG A 4581 -54.09 -51.15 -10.57
N PHE A 4582 -53.53 -50.94 -9.37
CA PHE A 4582 -52.85 -49.69 -9.05
C PHE A 4582 -51.40 -49.88 -8.63
N LEU A 4583 -51.14 -50.80 -7.71
CA LEU A 4583 -49.85 -50.91 -7.05
C LEU A 4583 -48.75 -51.43 -7.97
N GLN A 4584 -49.10 -52.17 -9.02
CA GLN A 4584 -48.13 -52.66 -9.98
C GLN A 4584 -48.05 -51.67 -11.14
N GLY A 4585 -46.86 -51.54 -11.72
CA GLY A 4585 -46.61 -50.52 -12.72
C GLY A 4585 -46.09 -49.21 -12.16
N LYS A 4586 -45.95 -49.09 -10.84
CA LYS A 4586 -45.40 -47.89 -10.24
C LYS A 4586 -43.88 -48.00 -10.17
N PRO A 4587 -43.14 -47.11 -10.83
CA PRO A 4587 -41.68 -47.20 -10.81
C PRO A 4587 -41.05 -46.58 -9.57
N ARG A 4588 -39.73 -46.50 -9.55
CA ARG A 4588 -38.98 -45.99 -8.41
C ARG A 4588 -38.62 -44.52 -8.68
N LEU A 4589 -39.27 -43.61 -7.94
CA LEU A 4589 -39.00 -42.19 -8.10
C LEU A 4589 -37.68 -41.81 -7.44
N THR A 4590 -36.99 -40.85 -8.06
CA THR A 4590 -35.68 -40.41 -7.58
C THR A 4590 -35.76 -38.94 -7.20
N LEU A 4591 -34.90 -38.55 -6.26
CA LEU A 4591 -34.88 -37.20 -5.70
C LEU A 4591 -34.11 -36.21 -6.56
N LYS A 4592 -33.69 -36.61 -7.76
CA LYS A 4592 -32.86 -35.72 -8.58
C LYS A 4592 -33.60 -34.45 -8.99
N GLY A 4593 -34.87 -34.58 -9.39
CA GLY A 4593 -35.57 -33.47 -10.00
C GLY A 4593 -36.62 -32.82 -9.12
N ILE A 4594 -36.37 -32.73 -7.83
CA ILE A 4594 -37.29 -32.05 -6.93
C ILE A 4594 -37.08 -30.54 -7.04
N PRO A 4595 -38.13 -29.75 -7.27
CA PRO A 4595 -37.95 -28.29 -7.33
C PRO A 4595 -37.55 -27.73 -5.96
N THR A 4596 -36.57 -26.83 -5.99
CA THR A 4596 -36.05 -26.23 -4.76
C THR A 4596 -35.36 -24.91 -5.04
N LEU A 4597 -35.72 -23.87 -4.30
CA LEU A 4597 -35.06 -22.57 -4.45
C LEU A 4597 -33.66 -22.61 -3.86
N VAL A 4598 -32.74 -21.92 -4.51
CA VAL A 4598 -31.35 -21.84 -4.06
C VAL A 4598 -31.20 -20.63 -3.15
N TYR A 4599 -30.49 -20.80 -2.04
CA TYR A 4599 -30.40 -19.78 -1.00
C TYR A 4599 -28.99 -19.33 -0.70
N ARG A 4600 -28.02 -20.23 -0.63
CA ARG A 4600 -26.68 -19.89 -0.16
C ARG A 4600 -25.80 -19.49 -1.35
N ARG A 4601 -24.56 -19.09 -1.09
CA ARG A 4601 -23.68 -18.58 -2.12
C ARG A 4601 -22.34 -19.30 -2.02
N ASP A 4602 -21.54 -19.19 -3.09
CA ASP A 4602 -20.21 -19.77 -3.13
C ASP A 4602 -19.11 -18.72 -3.26
N TRP A 4603 -19.29 -17.55 -2.65
CA TRP A 4603 -18.31 -16.47 -2.70
C TRP A 4603 -17.08 -16.74 -1.84
N ASN A 4604 -17.11 -17.80 -1.02
CA ASN A 4604 -16.05 -18.02 -0.02
C ASN A 4604 -14.74 -18.44 -0.66
N TYR A 4605 -14.72 -18.77 -1.95
CA TYR A 4605 -13.52 -18.94 -2.76
C TYR A 4605 -12.72 -20.22 -2.52
N GLU A 4606 -13.06 -21.02 -1.52
CA GLU A 4606 -12.33 -22.26 -1.33
C GLU A 4606 -12.86 -23.35 -2.26
N HIS A 4607 -14.20 -23.49 -2.32
CA HIS A 4607 -14.80 -24.44 -3.25
C HIS A 4607 -14.30 -24.22 -4.67
N LEU A 4608 -14.05 -22.97 -5.04
CA LEU A 4608 -13.46 -22.68 -6.34
C LEU A 4608 -12.09 -23.34 -6.47
N PHE A 4609 -11.26 -23.21 -5.43
CA PHE A 4609 -9.91 -23.78 -5.47
C PHE A 4609 -9.95 -25.29 -5.57
N MET A 4610 -10.83 -25.94 -4.80
CA MET A 4610 -10.93 -27.40 -4.88
C MET A 4610 -11.53 -27.86 -6.21
N ASP A 4611 -12.43 -27.07 -6.80
CA ASP A 4611 -12.88 -27.38 -8.15
C ASP A 4611 -11.74 -27.30 -9.15
N ILE A 4612 -10.88 -26.28 -9.01
CA ILE A 4612 -9.70 -26.18 -9.86
C ILE A 4612 -8.81 -27.40 -9.69
N LYS A 4613 -8.58 -27.81 -8.45
CA LYS A 4613 -7.69 -28.96 -8.22
C LYS A 4613 -8.32 -30.26 -8.72
N ASN A 4614 -9.64 -30.36 -8.71
CA ASN A 4614 -10.30 -31.55 -9.25
C ASN A 4614 -10.21 -31.59 -10.77
N LYS A 4615 -10.50 -30.46 -11.42
CA LYS A 4615 -10.49 -30.43 -12.88
C LYS A 4615 -9.07 -30.48 -13.43
N MET A 4616 -8.14 -29.77 -12.80
CA MET A 4616 -6.80 -29.59 -13.33
C MET A 4616 -5.77 -30.04 -12.31
N ALA A 4617 -4.66 -30.58 -12.81
CA ALA A 4617 -3.52 -30.98 -11.97
C ALA A 4617 -2.64 -29.75 -11.76
N GLN A 4618 -2.93 -29.01 -10.70
CA GLN A 4618 -2.23 -27.76 -10.44
C GLN A 4618 -0.79 -28.03 -10.04
N SER A 4619 0.09 -27.08 -10.39
CA SER A 4619 1.52 -27.18 -10.09
C SER A 4619 2.03 -25.83 -9.60
N SER A 4620 3.25 -25.84 -9.06
CA SER A 4620 3.85 -24.64 -8.50
C SER A 4620 4.33 -23.71 -9.60
N LEU A 4621 4.39 -22.42 -9.27
CA LEU A 4621 4.82 -21.33 -10.12
C LEU A 4621 6.33 -21.37 -10.35
N PRO A 4622 6.79 -21.05 -11.55
CA PRO A 4622 8.23 -20.97 -11.79
C PRO A 4622 8.87 -19.80 -11.06
N ASN A 4623 10.12 -19.99 -10.64
CA ASN A 4623 10.84 -18.92 -9.97
C ASN A 4623 11.14 -17.76 -10.90
N LEU A 4624 11.54 -18.06 -12.13
CA LEU A 4624 11.79 -17.00 -13.11
C LEU A 4624 10.50 -16.27 -13.43
N ALA A 4625 9.40 -17.01 -13.60
CA ALA A 4625 8.11 -16.36 -13.89
C ALA A 4625 7.66 -15.47 -12.75
N ILE A 4626 7.81 -15.94 -11.50
CA ILE A 4626 7.39 -15.12 -10.37
C ILE A 4626 8.29 -13.89 -10.26
N SER A 4627 9.58 -14.02 -10.57
CA SER A 4627 10.46 -12.86 -10.56
C SER A 4627 10.04 -11.84 -11.61
N THR A 4628 9.73 -12.30 -12.83
CA THR A 4628 9.33 -11.38 -13.89
C THR A 4628 8.01 -10.70 -13.55
N ILE A 4629 7.04 -11.43 -13.00
CA ILE A 4629 5.76 -10.80 -12.69
C ILE A 4629 5.91 -9.84 -11.51
N SER A 4630 6.75 -10.17 -10.52
CA SER A 4630 6.96 -9.28 -9.40
C SER A 4630 7.64 -7.98 -9.83
N GLY A 4631 8.66 -8.08 -10.69
CA GLY A 4631 9.31 -6.88 -11.19
C GLY A 4631 8.44 -6.10 -12.16
N GLN A 4632 7.55 -6.79 -12.88
CA GLN A 4632 6.69 -6.14 -13.86
C GLN A 4632 5.53 -5.41 -13.18
N LEU A 4633 5.01 -5.98 -12.09
CA LEU A 4633 3.84 -5.45 -11.41
C LEU A 4633 4.20 -4.58 -10.21
N GLN A 4634 5.30 -3.82 -10.32
CA GLN A 4634 5.77 -3.04 -9.18
C GLN A 4634 4.81 -1.93 -8.78
N SER A 4635 3.98 -1.45 -9.71
CA SER A 4635 2.99 -0.43 -9.37
C SER A 4635 1.76 -1.07 -8.73
N TYR A 4636 0.98 -0.24 -8.05
CA TYR A 4636 -0.21 -0.74 -7.34
C TYR A 4636 -1.44 -0.85 -8.22
N SER A 4637 -1.66 0.11 -9.12
CA SER A 4637 -2.80 0.02 -10.03
C SER A 4637 -2.70 -1.21 -10.93
N ASP A 4638 -1.50 -1.50 -11.43
CA ASP A 4638 -1.30 -2.69 -12.23
C ASP A 4638 -1.62 -3.95 -11.45
N ALA A 4639 -1.23 -3.98 -10.17
CA ALA A 4639 -1.55 -5.13 -9.32
C ALA A 4639 -3.05 -5.29 -9.15
N CYS A 4640 -3.77 -4.19 -8.98
CA CYS A 4640 -5.22 -4.27 -8.83
C CYS A 4640 -5.87 -4.77 -10.12
N GLU A 4641 -5.44 -4.26 -11.27
CA GLU A 4641 -5.99 -4.73 -12.54
C GLU A 4641 -5.71 -6.22 -12.72
N ALA A 4642 -4.50 -6.66 -12.40
CA ALA A 4642 -4.18 -8.08 -12.50
C ALA A 4642 -5.04 -8.89 -11.55
N LEU A 4643 -5.29 -8.39 -10.34
CA LEU A 4643 -6.14 -9.11 -9.39
C LEU A 4643 -7.56 -9.25 -9.92
N SER A 4644 -8.11 -8.17 -10.47
CA SER A 4644 -9.47 -8.23 -10.99
C SER A 4644 -9.56 -9.22 -12.16
N ILE A 4645 -8.60 -9.15 -13.09
CA ILE A 4645 -8.64 -10.02 -14.25
C ILE A 4645 -8.46 -11.48 -13.84
N ILE A 4646 -7.52 -11.75 -12.93
CA ILE A 4646 -7.26 -13.11 -12.51
C ILE A 4646 -8.43 -13.65 -11.70
N GLU A 4647 -9.14 -12.80 -10.96
CA GLU A 4647 -10.33 -13.26 -10.25
C GLU A 4647 -11.46 -13.60 -11.24
N ILE A 4648 -11.59 -12.80 -12.30
CA ILE A 4648 -12.57 -13.11 -13.33
C ILE A 4648 -12.26 -14.47 -13.97
N THR A 4649 -10.98 -14.68 -14.32
CA THR A 4649 -10.60 -15.97 -14.90
C THR A 4649 -10.72 -17.12 -13.90
N LEU A 4650 -10.50 -16.86 -12.62
CA LEU A 4650 -10.67 -17.89 -11.60
C LEU A 4650 -12.13 -18.31 -11.50
N GLY A 4651 -13.05 -17.34 -11.49
CA GLY A 4651 -14.46 -17.67 -11.52
C GLY A 4651 -14.85 -18.40 -12.78
N PHE A 4652 -14.26 -18.03 -13.92
CA PHE A 4652 -14.52 -18.73 -15.17
C PHE A 4652 -14.08 -20.18 -15.09
N LEU A 4653 -12.88 -20.42 -14.55
CA LEU A 4653 -12.33 -21.78 -14.48
C LEU A 4653 -12.99 -22.63 -13.41
N SER A 4654 -13.59 -22.02 -12.38
CA SER A 4654 -14.24 -22.81 -11.33
C SER A 4654 -15.46 -23.54 -11.87
N THR A 4655 -16.18 -22.92 -12.81
CA THR A 4655 -17.44 -23.46 -13.30
C THR A 4655 -17.33 -23.91 -14.76
N ALA A 4656 -16.11 -24.10 -15.26
CA ALA A 4656 -15.91 -24.53 -16.63
C ALA A 4656 -14.57 -25.22 -16.74
N GLY A 4657 -14.29 -25.79 -17.91
CA GLY A 4657 -13.04 -26.46 -18.17
C GLY A 4657 -12.03 -25.56 -18.86
N GLY A 4658 -10.89 -26.16 -19.20
CA GLY A 4658 -9.82 -25.43 -19.84
C GLY A 4658 -8.66 -26.36 -20.12
N ASP A 4659 -7.58 -25.78 -20.66
CA ASP A 4659 -6.39 -26.57 -20.92
C ASP A 4659 -5.30 -26.21 -19.93
N PRO A 4660 -4.63 -27.20 -19.33
CA PRO A 4660 -3.52 -26.88 -18.41
C PRO A 4660 -2.44 -26.03 -19.06
N GLY A 4661 -2.18 -26.22 -20.35
CA GLY A 4661 -1.31 -25.31 -21.07
C GLY A 4661 -2.05 -24.04 -21.44
N MET A 4662 -1.82 -23.53 -22.65
CA MET A 4662 -2.57 -22.38 -23.18
C MET A 4662 -2.50 -21.20 -22.21
N ASP A 4663 -1.28 -20.64 -22.14
CA ASP A 4663 -0.95 -19.61 -21.16
C ASP A 4663 -1.97 -18.48 -21.16
N LEU A 4664 -2.00 -17.74 -20.05
CA LEU A 4664 -3.10 -16.83 -19.77
C LEU A 4664 -3.26 -15.75 -20.84
N ASN A 4665 -2.19 -15.43 -21.56
CA ASN A 4665 -2.27 -14.35 -22.54
C ASN A 4665 -3.24 -14.68 -23.67
N VAL A 4666 -3.05 -15.83 -24.32
CA VAL A 4666 -3.94 -16.22 -25.40
C VAL A 4666 -5.34 -16.53 -24.89
N TYR A 4667 -5.44 -17.11 -23.68
CA TYR A 4667 -6.73 -17.28 -23.03
C TYR A 4667 -7.48 -15.95 -22.97
N ILE A 4668 -6.83 -14.92 -22.44
CA ILE A 4668 -7.50 -13.63 -22.23
C ILE A 4668 -7.83 -12.97 -23.57
N GLU A 4669 -6.89 -12.99 -24.51
CA GLU A 4669 -7.03 -12.16 -25.70
C GLU A 4669 -8.22 -12.59 -26.57
N GLU A 4670 -8.40 -13.89 -26.78
CA GLU A 4670 -9.42 -14.35 -27.70
C GLU A 4670 -10.40 -15.39 -27.15
N VAL A 4671 -9.98 -16.25 -26.22
CA VAL A 4671 -10.86 -17.33 -25.79
C VAL A 4671 -12.10 -16.77 -25.10
N LEU A 4672 -11.90 -15.86 -24.14
CA LEU A 4672 -12.98 -15.03 -23.63
C LEU A 4672 -12.99 -13.66 -24.28
N ARG A 4673 -12.06 -13.41 -25.21
CA ARG A 4673 -12.01 -12.19 -26.01
C ARG A 4673 -12.08 -10.95 -25.12
N MET A 4674 -11.15 -10.88 -24.16
CA MET A 4674 -11.04 -9.71 -23.31
C MET A 4674 -10.02 -8.75 -23.92
N CYS A 4675 -10.50 -7.57 -24.30
CA CYS A 4675 -9.67 -6.60 -25.00
C CYS A 4675 -8.57 -6.07 -24.08
N ASP A 4676 -7.69 -5.24 -24.63
CA ASP A 4676 -6.51 -4.76 -23.93
C ASP A 4676 -6.86 -3.54 -23.09
N GLN A 4677 -6.60 -3.62 -21.79
CA GLN A 4677 -6.71 -2.46 -20.90
C GLN A 4677 -5.34 -1.79 -20.74
N THR A 4678 -4.37 -2.55 -20.22
CA THR A 4678 -2.98 -2.11 -20.14
C THR A 4678 -2.10 -3.23 -20.68
N ALA A 4679 -1.06 -2.85 -21.43
CA ALA A 4679 -0.16 -3.85 -21.99
C ALA A 4679 0.77 -4.42 -20.93
N GLN A 4680 0.95 -3.72 -19.81
CA GLN A 4680 1.87 -4.17 -18.79
C GLN A 4680 1.37 -5.43 -18.08
N VAL A 4681 0.07 -5.48 -17.77
CA VAL A 4681 -0.49 -6.69 -17.17
C VAL A 4681 -0.45 -7.84 -18.16
N LEU A 4682 -0.62 -7.55 -19.45
CA LEU A 4682 -0.50 -8.60 -20.47
C LEU A 4682 0.93 -9.13 -20.52
N LYS A 4683 1.92 -8.24 -20.42
CA LYS A 4683 3.31 -8.71 -20.37
C LYS A 4683 3.54 -9.57 -19.13
N ALA A 4684 2.93 -9.18 -18.00
CA ALA A 4684 3.04 -10.01 -16.80
C ALA A 4684 2.44 -11.40 -17.03
N PHE A 4685 1.28 -11.45 -17.67
CA PHE A 4685 0.61 -12.72 -17.93
C PHE A 4685 1.24 -13.51 -19.08
N SER A 4686 2.18 -12.91 -19.82
CA SER A 4686 2.80 -13.61 -20.93
C SER A 4686 3.45 -14.92 -20.50
N ARG A 4687 3.98 -14.99 -19.29
CA ARG A 4687 4.71 -16.17 -18.84
C ARG A 4687 4.07 -16.81 -17.60
N CYS A 4688 2.76 -17.02 -17.60
CA CYS A 4688 2.10 -17.79 -16.56
C CYS A 4688 1.13 -18.77 -17.21
N GLN A 4689 1.13 -20.00 -16.74
CA GLN A 4689 0.25 -21.03 -17.28
C GLN A 4689 -1.03 -21.08 -16.45
N LEU A 4690 -2.07 -21.68 -17.05
CA LEU A 4690 -3.31 -21.90 -16.33
C LEU A 4690 -3.16 -22.89 -15.19
N ARG A 4691 -2.22 -23.84 -15.32
CA ARG A 4691 -1.97 -24.86 -14.31
C ARG A 4691 -1.38 -24.30 -13.02
N HIS A 4692 -1.13 -22.98 -12.95
CA HIS A 4692 -0.72 -22.34 -11.71
C HIS A 4692 -1.70 -21.24 -11.31
N ILE A 4693 -2.85 -21.16 -11.97
CA ILE A 4693 -3.68 -19.96 -11.86
C ILE A 4693 -4.01 -19.64 -10.41
N ILE A 4694 -4.49 -20.62 -9.64
CA ILE A 4694 -4.83 -20.35 -8.25
C ILE A 4694 -3.62 -19.83 -7.50
N ALA A 4695 -2.47 -20.50 -7.66
CA ALA A 4695 -1.25 -20.01 -7.02
C ALA A 4695 -0.98 -18.57 -7.43
N LEU A 4696 -1.05 -18.29 -8.74
CA LEU A 4696 -0.85 -16.92 -9.18
C LEU A 4696 -1.72 -15.97 -8.40
N TRP A 4697 -3.02 -16.29 -8.29
CA TRP A 4697 -3.94 -15.42 -7.57
C TRP A 4697 -3.40 -15.12 -6.18
N GLN A 4698 -3.05 -16.16 -5.41
CA GLN A 4698 -2.63 -15.90 -4.04
C GLN A 4698 -1.43 -14.98 -4.03
N PHE A 4699 -0.42 -15.28 -4.88
CA PHE A 4699 0.75 -14.42 -4.91
C PHE A 4699 0.34 -12.99 -5.18
N LEU A 4700 -0.41 -12.77 -6.25
CA LEU A 4700 -0.75 -11.41 -6.63
C LEU A 4700 -1.57 -10.75 -5.53
N SER A 4701 -2.49 -11.50 -4.92
CA SER A 4701 -3.26 -10.93 -3.83
C SER A 4701 -2.33 -10.44 -2.73
N ALA A 4702 -1.43 -11.30 -2.27
CA ALA A 4702 -0.48 -10.87 -1.25
C ALA A 4702 0.28 -9.65 -1.73
N HIS A 4703 0.73 -9.67 -2.98
CA HIS A 4703 1.47 -8.55 -3.52
C HIS A 4703 0.71 -7.25 -3.30
N LYS A 4704 -0.57 -7.23 -3.66
CA LYS A 4704 -1.35 -6.01 -3.50
C LYS A 4704 -1.28 -5.50 -2.08
N SER A 4705 -1.59 -6.37 -1.11
CA SER A 4705 -1.60 -5.92 0.27
C SER A 4705 -0.20 -5.54 0.73
N GLU A 4706 0.82 -6.27 0.24
CA GLU A 4706 2.18 -5.91 0.57
C GLU A 4706 2.48 -4.50 0.09
N GLN A 4707 2.00 -4.16 -1.10
CA GLN A 4707 2.16 -2.80 -1.61
C GLN A 4707 1.46 -1.81 -0.69
N ARG A 4708 0.29 -2.17 -0.17
CA ARG A 4708 -0.42 -1.29 0.75
C ARG A 4708 0.40 -1.09 2.03
N LEU A 4709 1.21 -2.09 2.39
CA LEU A 4709 2.11 -1.93 3.53
C LEU A 4709 3.26 -0.99 3.19
N ARG A 4710 3.70 -1.00 1.93
CA ARG A 4710 4.88 -0.23 1.55
C ARG A 4710 4.65 1.27 1.73
N LEU A 4711 3.46 1.75 1.33
CA LEU A 4711 3.10 3.14 1.57
C LEU A 4711 2.33 3.28 2.87
N ASN A 4712 1.75 4.45 3.12
CA ASN A 4712 1.15 4.79 4.41
C ASN A 4712 -0.38 4.76 4.31
N LYS A 4713 -0.90 3.77 3.62
CA LYS A 4713 -2.35 3.60 3.47
C LYS A 4713 -2.82 2.37 4.25
N GLU A 4714 -4.00 2.49 4.84
CA GLU A 4714 -4.60 1.39 5.59
C GLU A 4714 -4.82 0.21 4.64
N LEU A 4715 -4.39 -0.99 5.07
CA LEU A 4715 -4.26 -2.12 4.16
C LEU A 4715 -5.47 -3.05 4.15
N PHE A 4716 -6.36 -2.97 5.13
CA PHE A 4716 -7.56 -3.81 5.12
C PHE A 4716 -8.84 -2.99 4.96
N ARG A 4717 -9.12 -2.07 5.88
CA ARG A 4717 -10.29 -1.19 5.83
C ARG A 4717 -11.62 -1.98 5.85
N GLU A 4718 -11.54 -3.30 6.03
CA GLU A 4718 -12.76 -4.10 6.01
C GLU A 4718 -12.83 -5.09 7.17
N ILE A 4719 -11.69 -5.52 7.68
CA ILE A 4719 -11.65 -6.58 8.68
C ILE A 4719 -12.05 -6.02 10.04
N ASP A 4720 -12.36 -6.93 10.98
CA ASP A 4720 -12.82 -6.52 12.30
C ASP A 4720 -11.71 -5.83 13.09
N VAL A 4721 -12.11 -4.94 14.00
CA VAL A 4721 -11.14 -4.25 14.84
C VAL A 4721 -10.56 -5.21 15.88
N GLN A 4722 -11.24 -6.33 16.14
CA GLN A 4722 -10.74 -7.29 17.12
C GLN A 4722 -9.45 -7.96 16.68
N TYR A 4723 -9.11 -7.88 15.39
CA TYR A 4723 -7.88 -8.44 14.87
C TYR A 4723 -6.85 -7.38 14.51
N LYS A 4724 -7.17 -6.10 14.68
CA LYS A 4724 -6.25 -5.01 14.36
C LYS A 4724 -5.67 -4.44 15.65
N GLU A 4725 -4.62 -5.08 16.14
CA GLU A 4725 -3.87 -4.57 17.27
C GLU A 4725 -2.42 -5.03 17.17
N GLU A 4726 -1.53 -4.27 17.79
CA GLU A 4726 -0.10 -4.48 17.67
C GLU A 4726 0.36 -5.64 18.54
N LEU A 4727 1.52 -6.19 18.18
CA LEU A 4727 2.10 -7.32 18.87
C LEU A 4727 2.91 -6.87 20.09
N SER A 4728 3.18 -7.81 20.98
CA SER A 4728 3.96 -7.54 22.18
C SER A 4728 5.45 -7.53 21.85
N THR A 4729 6.25 -7.07 22.82
CA THR A 4729 7.70 -6.99 22.61
C THR A 4729 8.34 -8.37 22.57
N GLN A 4730 8.02 -9.22 23.55
CA GLN A 4730 8.56 -10.58 23.55
C GLN A 4730 8.08 -11.36 22.34
N HIS A 4731 6.80 -11.18 21.97
CA HIS A 4731 6.28 -11.85 20.79
C HIS A 4731 6.94 -11.31 19.52
N GLN A 4732 7.27 -10.01 19.51
CA GLN A 4732 8.02 -9.46 18.39
C GLN A 4732 9.40 -10.09 18.28
N ARG A 4733 10.08 -10.27 19.41
CA ARG A 4733 11.37 -10.95 19.39
C ARG A 4733 11.23 -12.39 18.89
N LEU A 4734 10.19 -13.08 19.34
CA LEU A 4734 9.95 -14.45 18.89
C LEU A 4734 9.70 -14.51 17.39
N LEU A 4735 8.88 -13.60 16.87
CA LEU A 4735 8.61 -13.58 15.43
C LEU A 4735 9.86 -13.22 14.64
N GLY A 4736 10.69 -12.32 15.18
CA GLY A 4736 11.93 -11.99 14.50
C GLY A 4736 12.88 -13.17 14.46
N THR A 4737 13.01 -13.91 15.57
CA THR A 4737 13.85 -15.10 15.56
C THR A 4737 13.30 -16.17 14.63
N PHE A 4738 11.98 -16.22 14.46
CA PHE A 4738 11.41 -17.13 13.47
C PHE A 4738 11.77 -16.69 12.05
N LEU A 4739 11.58 -15.40 11.76
CA LEU A 4739 11.88 -14.87 10.43
C LEU A 4739 13.37 -14.93 10.12
N ASN A 4740 14.21 -15.08 11.14
CA ASN A 4740 15.65 -15.16 10.92
C ASN A 4740 16.00 -16.31 9.98
N GLU A 4741 15.42 -17.49 10.21
CA GLU A 4741 15.62 -18.65 9.34
C GLU A 4741 14.23 -19.18 9.02
N ALA A 4742 13.78 -18.97 7.78
CA ALA A 4742 12.49 -19.43 7.30
C ALA A 4742 12.35 -19.03 5.83
N GLY A 4743 11.41 -19.70 5.16
CA GLY A 4743 11.02 -19.33 3.81
C GLY A 4743 10.00 -18.22 3.81
N LEU A 4744 10.46 -16.98 4.03
CA LEU A 4744 9.54 -15.88 4.34
C LEU A 4744 8.52 -15.67 3.23
N ASP A 4745 8.92 -15.87 1.97
CA ASP A 4745 8.00 -15.64 0.87
C ASP A 4745 6.78 -16.56 0.97
N ALA A 4746 7.02 -17.86 1.10
CA ALA A 4746 5.93 -18.82 1.22
C ALA A 4746 5.12 -18.62 2.49
N PHE A 4747 5.78 -18.32 3.61
CA PHE A 4747 5.06 -18.09 4.85
C PHE A 4747 4.09 -16.91 4.72
N LEU A 4748 4.59 -15.77 4.22
CA LEU A 4748 3.73 -14.61 4.04
C LEU A 4748 2.64 -14.85 3.00
N LEU A 4749 2.94 -15.64 1.96
CA LEU A 4749 1.92 -15.99 0.98
C LEU A 4749 0.78 -16.77 1.62
N GLU A 4750 1.12 -17.79 2.41
CA GLU A 4750 0.09 -18.57 3.09
C GLU A 4750 -0.68 -17.70 4.09
N LEU A 4751 0.02 -16.82 4.79
CA LEU A 4751 -0.64 -15.96 5.78
C LEU A 4751 -1.66 -15.05 5.10
N HIS A 4752 -1.28 -14.42 3.98
CA HIS A 4752 -2.24 -13.55 3.30
C HIS A 4752 -3.37 -14.37 2.68
N GLU A 4753 -3.07 -15.57 2.20
CA GLU A 4753 -4.13 -16.44 1.70
C GLU A 4753 -5.15 -16.73 2.79
N MET A 4754 -4.67 -16.88 4.03
CA MET A 4754 -5.57 -17.09 5.15
C MET A 4754 -6.38 -15.84 5.47
N ILE A 4755 -5.69 -14.73 5.74
CA ILE A 4755 -6.31 -13.55 6.38
C ILE A 4755 -7.44 -12.96 5.53
N VAL A 4756 -7.20 -12.80 4.24
CA VAL A 4756 -8.11 -12.03 3.39
C VAL A 4756 -9.40 -12.79 3.12
N LEU A 4757 -9.44 -14.08 3.50
CA LEU A 4757 -10.56 -14.92 3.10
C LEU A 4757 -11.68 -14.92 4.14
N LYS A 4758 -11.35 -14.91 5.43
CA LYS A 4758 -12.33 -15.17 6.47
C LYS A 4758 -12.37 -14.11 7.56
N LEU A 4759 -11.31 -13.32 7.70
CA LEU A 4759 -11.29 -12.23 8.66
C LEU A 4759 -12.05 -11.04 8.09
N LYS A 4760 -13.35 -11.18 7.91
CA LYS A 4760 -14.11 -10.19 7.14
C LYS A 4760 -14.89 -9.23 8.02
N GLY A 4761 -14.74 -9.29 9.34
CA GLY A 4761 -15.36 -8.32 10.21
C GLY A 4761 -16.41 -8.92 11.12
N PRO A 4762 -17.65 -8.46 10.99
CA PRO A 4762 -18.74 -9.03 11.80
C PRO A 4762 -18.94 -10.50 11.51
N ARG A 4763 -19.23 -11.26 12.57
CA ARG A 4763 -19.41 -12.71 12.51
C ARG A 4763 -18.19 -13.40 11.90
N ALA A 4764 -17.01 -12.87 12.21
CA ALA A 4764 -15.76 -13.55 11.95
C ALA A 4764 -15.20 -14.22 13.19
N ALA A 4765 -15.86 -14.07 14.34
CA ALA A 4765 -15.46 -14.69 15.59
C ALA A 4765 -16.41 -15.81 16.00
N ASN A 4766 -17.08 -16.44 15.03
CA ASN A 4766 -17.94 -17.58 15.34
C ASN A 4766 -17.14 -18.69 16.01
N SER A 4767 -15.97 -19.00 15.46
CA SER A 4767 -15.04 -19.92 16.10
C SER A 4767 -13.67 -19.29 16.30
N PHE A 4768 -13.34 -18.26 15.53
CA PHE A 4768 -12.04 -17.60 15.58
C PHE A 4768 -11.92 -16.73 16.82
N ASN A 4769 -11.88 -17.36 17.98
CA ASN A 4769 -11.72 -16.64 19.23
C ASN A 4769 -10.29 -16.10 19.30
N PRO A 4770 -10.09 -14.83 19.63
CA PRO A 4770 -8.73 -14.26 19.58
C PRO A 4770 -7.86 -14.64 20.78
N ASN A 4771 -7.60 -15.94 20.95
CA ASN A 4771 -6.66 -16.40 21.96
C ASN A 4771 -5.81 -17.57 21.50
N TRP A 4772 -5.83 -17.89 20.20
CA TRP A 4772 -5.15 -19.06 19.67
C TRP A 4772 -3.71 -18.76 19.27
N SER A 4773 -3.09 -19.65 18.53
CA SER A 4773 -1.73 -19.47 18.03
C SER A 4773 -1.72 -19.59 16.52
N LEU A 4774 -0.66 -19.05 15.91
CA LEU A 4774 -0.55 -19.07 14.44
C LEU A 4774 -0.21 -20.47 13.94
N LYS A 4775 0.62 -21.20 14.68
CA LYS A 4775 1.01 -22.54 14.26
C LYS A 4775 -0.19 -23.47 14.20
N ASP A 4776 -1.04 -23.43 15.24
CA ASP A 4776 -2.19 -24.32 15.31
C ASP A 4776 -3.14 -24.08 14.14
N THR A 4777 -3.53 -22.83 13.93
CA THR A 4777 -4.48 -22.52 12.86
C THR A 4777 -3.85 -22.71 11.48
N LEU A 4778 -2.55 -22.46 11.35
CA LEU A 4778 -1.88 -22.67 10.07
C LEU A 4778 -1.86 -24.14 9.69
N VAL A 4779 -1.55 -25.02 10.65
CA VAL A 4779 -1.57 -26.44 10.34
C VAL A 4779 -3.00 -26.97 10.24
N SER A 4780 -3.97 -26.28 10.83
CA SER A 4780 -5.37 -26.68 10.62
C SER A 4780 -5.81 -26.37 9.20
N TYR A 4781 -5.39 -25.23 8.66
CA TYR A 4781 -5.74 -24.89 7.28
C TYR A 4781 -4.95 -25.73 6.28
N MET A 4782 -3.64 -25.89 6.51
CA MET A 4782 -2.74 -26.31 5.44
C MET A 4782 -3.11 -27.66 4.85
N GLU A 4783 -3.83 -28.49 5.59
CA GLU A 4783 -4.16 -29.83 5.12
C GLU A 4783 -5.36 -29.86 4.18
N THR A 4784 -5.99 -28.70 3.90
CA THR A 4784 -7.20 -28.69 3.09
C THR A 4784 -6.89 -28.89 1.60
N LYS A 4785 -6.12 -27.97 1.01
CA LYS A 4785 -5.84 -28.04 -0.42
C LYS A 4785 -4.35 -27.93 -0.72
N ASP A 4786 -3.63 -27.20 0.13
CA ASP A 4786 -2.23 -26.88 -0.17
C ASP A 4786 -1.31 -27.98 0.36
N SER A 4787 -0.11 -28.05 -0.23
CA SER A 4787 0.91 -29.03 0.15
C SER A 4787 2.28 -28.39 0.16
N ASP A 4788 2.40 -27.20 0.75
CA ASP A 4788 3.65 -26.46 0.74
C ASP A 4788 4.61 -27.01 1.81
N ILE A 4789 5.70 -26.29 2.05
CA ILE A 4789 6.69 -26.72 3.03
C ILE A 4789 6.06 -26.76 4.42
N LEU A 4790 6.40 -27.80 5.18
CA LEU A 4790 5.72 -28.06 6.44
C LEU A 4790 6.58 -27.79 7.67
N SER A 4791 7.73 -28.47 7.81
CA SER A 4791 8.42 -28.54 9.09
C SER A 4791 8.82 -27.17 9.61
N GLU A 4792 9.09 -26.22 8.70
CA GLU A 4792 9.59 -24.92 9.10
C GLU A 4792 8.61 -24.18 10.01
N VAL A 4793 7.32 -24.49 9.90
CA VAL A 4793 6.36 -23.86 10.80
C VAL A 4793 5.86 -24.85 11.84
N GLU A 4794 6.06 -26.15 11.62
CA GLU A 4794 5.65 -27.13 12.63
C GLU A 4794 6.58 -27.12 13.84
N SER A 4795 7.89 -26.99 13.60
CA SER A 4795 8.87 -27.17 14.66
C SER A 4795 9.62 -25.91 15.04
N GLN A 4796 9.39 -24.79 14.36
CA GLN A 4796 10.17 -23.59 14.63
C GLN A 4796 9.31 -22.41 15.06
N PHE A 4797 8.09 -22.32 14.56
CA PHE A 4797 7.25 -21.16 14.83
C PHE A 4797 6.88 -21.12 16.31
N PRO A 4798 7.03 -19.95 16.94
CA PRO A 4798 6.70 -19.83 18.37
C PRO A 4798 5.23 -20.11 18.65
N GLU A 4799 4.96 -20.69 19.82
CA GLU A 4799 3.62 -21.11 20.20
C GLU A 4799 2.80 -20.00 20.86
N GLU A 4800 3.43 -19.05 21.53
CA GLU A 4800 2.75 -18.00 22.27
C GLU A 4800 2.66 -16.75 21.40
N ILE A 4801 1.73 -16.77 20.43
CA ILE A 4801 1.65 -15.65 19.49
C ILE A 4801 0.41 -14.77 19.69
N LEU A 4802 -0.60 -15.24 20.43
CA LEU A 4802 -1.81 -14.45 20.68
C LEU A 4802 -2.50 -14.06 19.37
N MET A 4803 -3.16 -15.08 18.79
CA MET A 4803 -3.90 -15.01 17.53
C MET A 4803 -4.59 -13.67 17.31
N SER A 4804 -5.15 -13.09 18.38
CA SER A 4804 -5.73 -11.75 18.31
C SER A 4804 -4.91 -10.79 17.45
N SER A 4805 -3.62 -10.65 17.76
CA SER A 4805 -2.70 -9.82 16.98
C SER A 4805 -1.92 -10.74 16.05
N CYS A 4806 -2.53 -11.06 14.90
CA CYS A 4806 -1.90 -11.94 13.92
C CYS A 4806 -1.69 -11.24 12.59
N ILE A 4807 -2.49 -10.21 12.31
CA ILE A 4807 -2.19 -9.36 11.15
C ILE A 4807 -0.94 -8.54 11.43
N SER A 4808 -0.61 -8.33 12.70
CA SER A 4808 0.67 -7.74 13.06
C SER A 4808 1.83 -8.61 12.62
N VAL A 4809 1.69 -9.93 12.73
CA VAL A 4809 2.72 -10.84 12.24
C VAL A 4809 2.91 -10.69 10.74
N TRP A 4810 1.80 -10.59 10.00
CA TRP A 4810 1.90 -10.37 8.56
C TRP A 4810 2.56 -9.04 8.25
N LYS A 4811 2.23 -7.99 9.02
CA LYS A 4811 2.87 -6.70 8.81
C LYS A 4811 4.38 -6.79 9.02
N ILE A 4812 4.81 -7.46 10.10
CA ILE A 4812 6.23 -7.58 10.39
C ILE A 4812 6.93 -8.37 9.28
N ALA A 4813 6.32 -9.48 8.85
CA ALA A 4813 6.91 -10.28 7.80
C ALA A 4813 7.02 -9.50 6.48
N ALA A 4814 5.97 -8.76 6.13
CA ALA A 4814 6.00 -7.98 4.90
C ALA A 4814 7.04 -6.88 4.95
N THR A 4815 7.16 -6.19 6.09
CA THR A 4815 8.18 -5.15 6.22
C THR A 4815 9.59 -5.74 6.17
N ARG A 4816 9.81 -6.89 6.80
CA ARG A 4816 11.13 -7.52 6.71
C ARG A 4816 11.43 -7.95 5.28
N LYS A 4817 10.43 -8.47 4.57
CA LYS A 4817 10.64 -8.84 3.17
C LYS A 4817 10.95 -7.61 2.31
N TRP A 4818 10.31 -6.48 2.62
CA TRP A 4818 10.63 -5.22 1.95
C TRP A 4818 12.08 -4.83 2.21
N ASP A 4819 12.53 -4.98 3.46
CA ASP A 4819 13.92 -4.68 3.78
C ASP A 4819 14.88 -5.62 3.04
N ARG A 4820 14.47 -6.89 2.89
CA ARG A 4820 15.24 -7.84 2.10
C ARG A 4820 15.39 -7.38 0.66
N GLN A 4821 14.25 -7.06 0.03
CA GLN A 4821 14.24 -6.82 -1.41
C GLN A 4821 14.86 -5.47 -1.76
N SER A 4822 14.52 -4.41 -1.02
CA SER A 4822 14.93 -3.06 -1.37
C SER A 4822 16.28 -2.68 -0.76
N ARG A 4823 16.41 -2.80 0.56
CA ARG A 4823 17.65 -2.41 1.21
C ARG A 4823 18.80 -3.33 0.82
N GLY A 4824 18.50 -4.61 0.57
CA GLY A 4824 19.54 -5.53 0.13
C GLY A 4824 20.05 -5.20 -1.26
N GLY A 4825 19.15 -4.83 -2.17
CA GLY A 4825 19.53 -4.49 -3.53
C GLY A 4825 19.13 -3.10 -3.94
N SER B 12 -18.10 -29.71 4.20
CA SER B 12 -17.44 -29.65 2.90
C SER B 12 -16.33 -30.69 2.80
N MET B 13 -16.00 -31.10 1.57
CA MET B 13 -14.98 -32.13 1.40
C MET B 13 -13.59 -31.61 1.77
N ALA B 14 -13.42 -30.28 1.79
CA ALA B 14 -12.16 -29.71 2.25
C ALA B 14 -11.85 -30.17 3.67
N ALA B 15 -12.85 -30.16 4.54
CA ALA B 15 -12.70 -30.73 5.87
C ALA B 15 -12.46 -32.24 5.80
N SER B 16 -13.24 -32.94 5.00
CA SER B 16 -13.19 -34.41 5.02
C SER B 16 -11.82 -34.92 4.60
N ARG B 17 -11.07 -34.12 3.83
CA ARG B 17 -9.69 -34.49 3.54
C ARG B 17 -8.85 -34.54 4.81
N ARG B 18 -9.02 -33.54 5.70
CA ARG B 18 -8.25 -33.57 6.95
C ARG B 18 -8.74 -34.67 7.87
N LEU B 19 -10.06 -34.92 7.92
CA LEU B 19 -10.52 -36.07 8.69
C LEU B 19 -9.99 -37.38 8.11
N MET B 20 -9.84 -37.46 6.79
CA MET B 20 -9.22 -38.63 6.18
C MET B 20 -7.77 -38.80 6.63
N LYS B 21 -7.02 -37.70 6.63
CA LYS B 21 -5.64 -37.75 7.12
C LYS B 21 -5.59 -38.17 8.59
N GLU B 22 -6.52 -37.64 9.40
CA GLU B 22 -6.58 -37.99 10.81
C GLU B 22 -6.87 -39.47 10.99
N LEU B 23 -7.83 -40.00 10.21
CA LEU B 23 -8.16 -41.41 10.34
C LEU B 23 -6.97 -42.28 9.93
N GLU B 24 -6.27 -41.91 8.86
CA GLU B 24 -5.09 -42.67 8.45
C GLU B 24 -4.03 -42.68 9.55
N GLU B 25 -3.73 -41.50 10.12
CA GLU B 25 -2.66 -41.45 11.11
C GLU B 25 -3.06 -42.19 12.38
N ILE B 26 -4.33 -42.11 12.78
CA ILE B 26 -4.77 -42.80 13.99
C ILE B 26 -4.77 -44.31 13.77
N ARG B 27 -5.17 -44.75 12.57
CA ARG B 27 -5.17 -46.18 12.28
C ARG B 27 -3.76 -46.74 12.19
N LYS B 28 -2.81 -45.99 11.64
CA LYS B 28 -1.45 -46.51 11.57
C LYS B 28 -0.76 -46.45 12.93
N SER B 29 -1.06 -45.43 13.75
CA SER B 29 -0.40 -45.31 15.05
C SER B 29 -0.96 -46.32 16.04
N GLY B 30 -2.27 -46.51 16.07
CA GLY B 30 -2.89 -47.40 17.03
C GLY B 30 -3.02 -46.77 18.41
N MET B 31 -4.12 -47.10 19.08
CA MET B 31 -4.39 -46.58 20.42
C MET B 31 -4.52 -47.65 21.49
N LYS B 32 -4.83 -48.90 21.13
CA LYS B 32 -4.99 -50.03 22.03
C LYS B 32 -6.18 -49.88 22.99
N ASN B 33 -6.98 -48.82 22.85
CA ASN B 33 -8.18 -48.66 23.66
C ASN B 33 -9.42 -48.24 22.89
N PHE B 34 -9.27 -47.72 21.67
CA PHE B 34 -10.41 -47.31 20.85
C PHE B 34 -10.35 -48.11 19.55
N ARG B 35 -11.09 -49.21 19.50
CA ARG B 35 -10.97 -50.19 18.43
C ARG B 35 -12.24 -50.21 17.58
N ASN B 36 -12.15 -50.92 16.46
CA ASN B 36 -13.28 -51.14 15.56
C ASN B 36 -13.89 -49.83 15.08
N ILE B 37 -13.05 -48.87 14.72
CA ILE B 37 -13.53 -47.63 14.14
C ILE B 37 -14.00 -47.91 12.71
N GLN B 38 -15.14 -47.33 12.35
CA GLN B 38 -15.71 -47.48 11.02
C GLN B 38 -16.28 -46.15 10.57
N VAL B 39 -16.31 -45.92 9.26
CA VAL B 39 -16.82 -44.69 8.67
C VAL B 39 -17.32 -45.00 7.27
N ASP B 40 -18.29 -44.21 6.79
CA ASP B 40 -18.74 -44.35 5.41
C ASP B 40 -18.02 -43.35 4.53
N GLU B 41 -17.48 -43.83 3.41
CA GLU B 41 -16.62 -42.99 2.57
C GLU B 41 -17.43 -41.88 1.89
N ALA B 42 -18.72 -42.09 1.68
CA ALA B 42 -19.56 -41.06 1.06
C ALA B 42 -19.86 -39.90 2.00
N ASN B 43 -19.63 -40.07 3.31
CA ASN B 43 -19.84 -39.00 4.29
C ASN B 43 -18.84 -39.21 5.43
N LEU B 44 -17.74 -38.46 5.37
CA LEU B 44 -16.73 -38.53 6.41
C LEU B 44 -17.13 -37.81 7.70
N LEU B 45 -18.23 -37.06 7.67
CA LEU B 45 -18.60 -36.23 8.81
C LEU B 45 -19.30 -37.01 9.93
N THR B 46 -19.27 -38.34 9.89
CA THR B 46 -19.86 -39.18 10.92
C THR B 46 -18.96 -40.38 11.17
N TRP B 47 -18.33 -40.42 12.33
CA TRP B 47 -17.47 -41.52 12.74
C TRP B 47 -18.17 -42.35 13.81
N GLN B 48 -17.97 -43.66 13.75
CA GLN B 48 -18.47 -44.57 14.77
C GLN B 48 -17.31 -45.37 15.34
N GLY B 49 -17.30 -45.52 16.66
CA GLY B 49 -16.19 -46.19 17.31
C GLY B 49 -16.62 -46.91 18.55
N LEU B 50 -15.70 -47.69 19.11
CA LEU B 50 -15.94 -48.50 20.29
C LEU B 50 -14.94 -48.13 21.38
N ILE B 51 -15.41 -47.43 22.42
CA ILE B 51 -14.60 -47.15 23.60
C ILE B 51 -14.44 -48.44 24.38
N VAL B 52 -13.19 -48.80 24.66
CA VAL B 52 -12.86 -49.94 25.51
C VAL B 52 -12.09 -49.41 26.71
N PRO B 53 -12.75 -49.24 27.86
CA PRO B 53 -12.05 -48.73 29.04
C PRO B 53 -11.13 -49.78 29.64
N ASP B 54 -10.26 -49.32 30.54
CA ASP B 54 -9.30 -50.19 31.20
C ASP B 54 -9.47 -50.27 32.70
N ASN B 55 -10.02 -49.22 33.33
CA ASN B 55 -10.10 -49.17 34.78
C ASN B 55 -11.48 -49.62 35.26
N PRO B 56 -11.56 -50.23 36.44
CA PRO B 56 -12.87 -50.60 37.00
C PRO B 56 -13.62 -49.37 37.47
N PRO B 57 -14.95 -49.45 37.61
CA PRO B 57 -15.83 -50.60 37.38
C PRO B 57 -16.29 -50.70 35.93
N TYR B 58 -15.56 -50.06 35.01
CA TYR B 58 -15.92 -50.02 33.61
C TYR B 58 -15.06 -50.94 32.75
N ASP B 59 -14.47 -51.99 33.34
CA ASP B 59 -13.61 -52.91 32.62
C ASP B 59 -14.36 -54.15 32.13
N LYS B 60 -15.68 -54.19 32.29
CA LYS B 60 -16.45 -55.37 31.92
C LYS B 60 -17.18 -55.24 30.60
N GLY B 61 -17.15 -54.06 29.95
CA GLY B 61 -17.86 -53.87 28.70
C GLY B 61 -17.29 -52.71 27.91
N ALA B 62 -17.65 -52.69 26.63
CA ALA B 62 -17.27 -51.62 25.72
C ALA B 62 -18.52 -50.85 25.31
N PHE B 63 -18.31 -49.63 24.82
CA PHE B 63 -19.43 -48.71 24.57
C PHE B 63 -19.29 -48.10 23.18
N ARG B 64 -20.34 -48.17 22.38
CA ARG B 64 -20.32 -47.59 21.04
C ARG B 64 -20.61 -46.10 21.11
N ILE B 65 -19.83 -45.31 20.37
CA ILE B 65 -20.00 -43.86 20.31
C ILE B 65 -20.02 -43.41 18.86
N GLU B 66 -20.68 -42.27 18.63
CA GLU B 66 -20.74 -41.65 17.31
C GLU B 66 -20.37 -40.19 17.43
N ILE B 67 -19.40 -39.77 16.63
CA ILE B 67 -18.94 -38.39 16.59
C ILE B 67 -19.34 -37.79 15.25
N ASN B 68 -20.13 -36.74 15.28
CA ASN B 68 -20.51 -36.02 14.06
C ASN B 68 -19.67 -34.75 13.97
N PHE B 69 -19.11 -34.50 12.81
CA PHE B 69 -18.28 -33.34 12.56
C PHE B 69 -19.07 -32.31 11.75
N PRO B 70 -19.28 -31.11 12.28
CA PRO B 70 -19.95 -30.07 11.49
C PRO B 70 -19.12 -29.70 10.27
N ALA B 71 -19.81 -29.20 9.25
CA ALA B 71 -19.14 -28.83 8.00
C ALA B 71 -18.14 -27.70 8.21
N GLU B 72 -18.22 -27.00 9.33
CA GLU B 72 -17.26 -25.95 9.65
C GLU B 72 -16.02 -26.47 10.36
N TYR B 73 -15.94 -27.77 10.62
CA TYR B 73 -14.71 -28.36 11.12
C TYR B 73 -13.60 -28.14 10.09
N PRO B 74 -12.33 -27.98 10.50
CA PRO B 74 -11.73 -28.09 11.84
C PRO B 74 -12.21 -27.08 12.86
N PHE B 75 -12.90 -26.03 12.41
CA PHE B 75 -13.12 -24.85 13.23
C PHE B 75 -14.28 -25.00 14.20
N LYS B 76 -15.42 -25.52 13.75
CA LYS B 76 -16.52 -25.80 14.67
C LYS B 76 -16.29 -27.15 15.33
N PRO B 77 -16.30 -27.21 16.65
CA PRO B 77 -15.97 -28.45 17.36
C PRO B 77 -16.93 -29.57 16.98
N PRO B 78 -16.42 -30.81 16.91
CA PRO B 78 -17.31 -31.95 16.68
C PRO B 78 -18.17 -32.25 17.90
N LYS B 79 -19.28 -32.93 17.66
CA LYS B 79 -20.20 -33.30 18.72
C LYS B 79 -20.24 -34.81 18.88
N ILE B 80 -20.04 -35.27 20.11
CA ILE B 80 -19.91 -36.70 20.42
C ILE B 80 -21.15 -37.14 21.19
N THR B 81 -21.75 -38.24 20.73
CA THR B 81 -22.90 -38.83 21.40
C THR B 81 -22.63 -40.31 21.66
N PHE B 82 -23.25 -40.83 22.71
CA PHE B 82 -23.04 -42.21 23.13
C PHE B 82 -24.21 -43.05 22.63
N LYS B 83 -23.92 -44.04 21.79
CA LYS B 83 -24.94 -44.96 21.30
C LYS B 83 -25.18 -46.15 22.22
N THR B 84 -24.35 -46.33 23.23
CA THR B 84 -24.52 -47.41 24.20
C THR B 84 -24.80 -46.82 25.58
N LYS B 85 -25.82 -47.34 26.25
CA LYS B 85 -26.16 -46.86 27.57
C LYS B 85 -25.03 -47.16 28.55
N ILE B 86 -24.67 -46.15 29.35
CA ILE B 86 -23.53 -46.25 30.26
C ILE B 86 -23.83 -45.46 31.51
N TYR B 87 -23.37 -45.98 32.66
CA TYR B 87 -23.68 -45.41 33.97
C TYR B 87 -22.56 -44.44 34.34
N HIS B 88 -22.71 -43.17 33.93
CA HIS B 88 -21.77 -42.11 34.29
C HIS B 88 -22.51 -40.93 34.90
N PRO B 89 -21.91 -40.25 35.88
CA PRO B 89 -22.47 -38.97 36.32
C PRO B 89 -22.30 -37.87 35.30
N ASN B 90 -21.46 -38.06 34.27
CA ASN B 90 -21.14 -37.03 33.31
C ASN B 90 -21.88 -37.19 31.98
N ILE B 91 -22.58 -38.30 31.77
CA ILE B 91 -23.29 -38.57 30.52
C ILE B 91 -24.73 -38.93 30.85
N ASP B 92 -25.68 -38.29 30.15
CA ASP B 92 -27.10 -38.53 30.33
C ASP B 92 -27.56 -39.79 29.61
N GLU B 93 -28.86 -40.08 29.73
CA GLU B 93 -29.50 -41.15 28.98
C GLU B 93 -29.50 -40.89 27.48
N LYS B 94 -29.39 -39.63 27.06
CA LYS B 94 -29.35 -39.28 25.64
C LYS B 94 -27.98 -39.52 25.02
N GLY B 95 -26.97 -39.81 25.84
CA GLY B 95 -25.63 -40.07 25.34
C GLY B 95 -24.73 -38.87 25.20
N GLN B 96 -25.26 -37.65 25.39
CA GLN B 96 -24.46 -36.46 25.25
C GLN B 96 -23.39 -36.38 26.34
N VAL B 97 -22.19 -35.96 25.95
CA VAL B 97 -21.05 -35.87 26.85
C VAL B 97 -20.44 -34.48 26.75
N CYS B 98 -20.15 -33.89 27.90
CA CYS B 98 -19.55 -32.57 27.98
C CYS B 98 -18.05 -32.73 28.19
N LEU B 99 -17.27 -32.37 27.16
CA LEU B 99 -15.81 -32.37 27.24
C LEU B 99 -15.31 -30.93 27.13
N PRO B 100 -14.65 -30.40 28.17
CA PRO B 100 -14.20 -29.00 28.10
C PRO B 100 -13.23 -28.72 26.96
N VAL B 101 -12.41 -29.70 26.58
CA VAL B 101 -11.46 -29.50 25.50
C VAL B 101 -12.17 -29.37 24.16
N ILE B 102 -13.46 -29.65 24.11
CA ILE B 102 -14.27 -29.55 22.88
C ILE B 102 -15.30 -28.44 22.97
N SER B 103 -15.51 -27.87 24.17
CA SER B 103 -16.45 -26.77 24.33
C SER B 103 -16.06 -25.61 23.43
N ALA B 104 -17.09 -24.91 22.91
CA ALA B 104 -16.86 -23.87 21.92
C ALA B 104 -15.98 -22.77 22.46
N GLU B 105 -16.07 -22.48 23.76
CA GLU B 105 -15.28 -21.42 24.36
C GLU B 105 -13.84 -21.85 24.67
N ASN B 106 -13.54 -23.14 24.54
CA ASN B 106 -12.20 -23.64 24.81
C ASN B 106 -11.59 -24.38 23.63
N TRP B 107 -12.27 -24.38 22.48
CA TRP B 107 -11.80 -25.14 21.33
C TRP B 107 -10.67 -24.43 20.60
N LYS B 108 -9.70 -25.20 20.12
CA LYS B 108 -8.67 -24.72 19.21
C LYS B 108 -8.45 -25.73 18.09
N PRO B 109 -8.12 -25.28 16.88
CA PRO B 109 -8.03 -26.21 15.74
C PRO B 109 -6.99 -27.29 15.90
N ALA B 110 -5.88 -27.02 16.59
CA ALA B 110 -4.79 -27.99 16.67
C ALA B 110 -5.15 -29.21 17.48
N THR B 111 -6.23 -29.16 18.25
CA THR B 111 -6.63 -30.32 19.04
C THR B 111 -7.07 -31.45 18.12
N LYS B 112 -6.22 -32.46 17.97
CA LYS B 112 -6.46 -33.57 17.08
C LYS B 112 -7.40 -34.58 17.74
N THR B 113 -8.00 -35.44 16.92
CA THR B 113 -9.05 -36.32 17.42
C THR B 113 -8.50 -37.35 18.41
N ASP B 114 -7.21 -37.69 18.30
CA ASP B 114 -6.65 -38.65 19.23
C ASP B 114 -6.53 -38.08 20.64
N GLN B 115 -6.25 -36.78 20.75
CA GLN B 115 -6.23 -36.15 22.07
C GLN B 115 -7.61 -36.12 22.68
N VAL B 116 -8.63 -35.86 21.84
CA VAL B 116 -10.01 -35.92 22.31
C VAL B 116 -10.35 -37.31 22.81
N ILE B 117 -9.99 -38.33 22.05
CA ILE B 117 -10.30 -39.70 22.43
C ILE B 117 -9.60 -40.06 23.75
N GLN B 118 -8.32 -39.71 23.87
CA GLN B 118 -7.58 -39.99 25.09
C GLN B 118 -8.21 -39.29 26.28
N SER B 119 -8.56 -38.00 26.13
CA SER B 119 -9.13 -37.25 27.24
C SER B 119 -10.49 -37.82 27.65
N LEU B 120 -11.34 -38.17 26.69
CA LEU B 120 -12.65 -38.70 27.05
C LEU B 120 -12.53 -40.08 27.67
N ILE B 121 -11.59 -40.90 27.21
CA ILE B 121 -11.39 -42.22 27.82
C ILE B 121 -10.87 -42.05 29.25
N ALA B 122 -9.96 -41.11 29.47
CA ALA B 122 -9.47 -40.85 30.82
C ALA B 122 -10.59 -40.36 31.73
N LEU B 123 -11.48 -39.51 31.20
CA LEU B 123 -12.63 -39.06 31.97
C LEU B 123 -13.57 -40.22 32.30
N VAL B 124 -13.75 -41.14 31.36
CA VAL B 124 -14.57 -42.32 31.60
C VAL B 124 -13.97 -43.17 32.72
N ASN B 125 -12.66 -43.37 32.68
CA ASN B 125 -12.02 -44.20 33.71
C ASN B 125 -11.99 -43.50 35.07
N ASP B 126 -11.97 -42.17 35.09
CA ASP B 126 -11.95 -41.40 36.33
C ASP B 126 -12.96 -40.27 36.21
N PRO B 127 -14.16 -40.45 36.74
CA PRO B 127 -15.20 -39.41 36.60
C PRO B 127 -14.87 -38.15 37.39
N GLN B 128 -15.49 -37.04 36.98
CA GLN B 128 -15.40 -35.76 37.67
C GLN B 128 -16.78 -35.39 38.17
N PRO B 129 -16.97 -35.32 39.50
CA PRO B 129 -18.32 -35.05 40.03
C PRO B 129 -18.69 -33.59 40.06
N GLU B 130 -17.70 -32.69 40.11
CA GLU B 130 -17.99 -31.26 40.28
C GLU B 130 -18.75 -30.66 39.11
N HIS B 131 -18.63 -31.25 37.92
CA HIS B 131 -19.35 -30.79 36.73
C HIS B 131 -20.09 -31.99 36.13
N PRO B 132 -21.18 -32.40 36.77
CA PRO B 132 -21.92 -33.57 36.29
C PRO B 132 -23.07 -33.21 35.36
N LEU B 133 -23.44 -34.17 34.52
CA LEU B 133 -24.64 -34.05 33.71
C LEU B 133 -25.80 -34.85 34.30
N ARG B 134 -25.51 -35.83 35.16
CA ARG B 134 -26.51 -36.53 35.98
C ARG B 134 -26.21 -36.17 37.43
N ALA B 135 -27.04 -35.29 38.00
CA ALA B 135 -26.80 -34.84 39.37
C ALA B 135 -26.95 -35.97 40.38
N ASP B 136 -27.96 -36.82 40.22
CA ASP B 136 -28.21 -37.88 41.19
C ASP B 136 -27.04 -38.85 41.27
N LEU B 137 -26.42 -39.18 40.13
CA LEU B 137 -25.26 -40.06 40.14
C LEU B 137 -24.07 -39.38 40.82
N ALA B 138 -23.95 -38.05 40.66
CA ALA B 138 -22.90 -37.33 41.37
C ALA B 138 -23.10 -37.40 42.88
N GLU B 139 -24.34 -37.21 43.34
CA GLU B 139 -24.62 -37.35 44.77
C GLU B 139 -24.35 -38.77 45.24
N GLU B 140 -24.72 -39.77 44.43
CA GLU B 140 -24.48 -41.16 44.80
C GLU B 140 -22.99 -41.44 44.93
N TYR B 141 -22.17 -40.92 44.01
CA TYR B 141 -20.73 -41.12 44.12
C TYR B 141 -20.19 -40.42 45.35
N SER B 142 -20.64 -39.19 45.62
CA SER B 142 -20.05 -38.40 46.70
C SER B 142 -20.42 -38.95 48.07
N LYS B 143 -21.67 -39.34 48.26
CA LYS B 143 -22.14 -39.72 49.60
C LYS B 143 -21.92 -41.20 49.92
N ASP B 144 -21.96 -42.09 48.93
CA ASP B 144 -21.67 -43.49 49.18
C ASP B 144 -21.02 -44.15 47.96
N ARG B 145 -19.71 -44.32 48.02
CA ARG B 145 -18.97 -44.88 46.88
C ARG B 145 -19.39 -46.31 46.56
N LYS B 146 -19.69 -47.10 47.60
CA LYS B 146 -20.05 -48.50 47.37
C LYS B 146 -21.32 -48.63 46.52
N LYS B 147 -22.32 -47.79 46.80
CA LYS B 147 -23.56 -47.84 46.03
C LYS B 147 -23.31 -47.53 44.57
N PHE B 148 -22.50 -46.50 44.30
CA PHE B 148 -22.14 -46.18 42.92
C PHE B 148 -21.38 -47.33 42.27
N SER B 149 -20.47 -47.96 43.01
CA SER B 149 -19.71 -49.07 42.45
C SER B 149 -20.63 -50.21 42.01
N LYS B 150 -21.52 -50.64 42.92
CA LYS B 150 -22.43 -51.73 42.57
C LYS B 150 -23.39 -51.34 41.45
N ASN B 151 -23.91 -50.11 41.49
CA ASN B 151 -24.86 -49.69 40.46
C ASN B 151 -24.20 -49.64 39.09
N ALA B 152 -23.01 -49.05 39.00
CA ALA B 152 -22.30 -48.98 37.72
C ALA B 152 -21.92 -50.37 37.23
N GLU B 153 -21.44 -51.23 38.13
CA GLU B 153 -21.06 -52.58 37.72
C GLU B 153 -22.26 -53.36 37.20
N GLU B 154 -23.40 -53.24 37.88
CA GLU B 154 -24.61 -53.94 37.45
C GLU B 154 -25.12 -53.37 36.13
N PHE B 155 -25.07 -52.06 35.96
CA PHE B 155 -25.47 -51.44 34.70
C PHE B 155 -24.60 -51.91 33.55
N THR B 156 -23.29 -51.98 33.77
CA THR B 156 -22.38 -52.46 32.74
C THR B 156 -22.64 -53.93 32.43
N LYS B 157 -22.95 -54.72 33.46
CA LYS B 157 -23.26 -56.13 33.23
C LYS B 157 -24.53 -56.29 32.39
N LYS B 158 -25.57 -55.52 32.69
CA LYS B 158 -26.87 -55.78 32.06
C LYS B 158 -26.97 -55.14 30.68
N TYR B 159 -26.43 -53.93 30.51
CA TYR B 159 -26.57 -53.21 29.25
C TYR B 159 -25.29 -53.08 28.46
N GLY B 160 -24.13 -53.42 29.05
CA GLY B 160 -22.87 -53.24 28.35
C GLY B 160 -22.74 -54.15 27.16
N GLU B 161 -22.01 -53.66 26.14
CA GLU B 161 -21.77 -54.44 24.93
C GLU B 161 -20.74 -55.54 25.19
N LYS B 162 -20.69 -56.49 24.27
CA LYS B 162 -19.71 -57.57 24.35
C LYS B 162 -18.34 -57.04 23.96
N ARG B 163 -17.33 -57.36 24.77
CA ARG B 163 -15.99 -56.88 24.52
C ARG B 163 -15.37 -57.62 23.33
N PRO B 164 -14.53 -56.94 22.52
CA PRO B 164 -13.83 -57.55 21.38
C PRO B 164 -12.92 -58.70 21.80
#